data_8F8T
#
_entry.id   8F8T
#
_cell.length_a   1.00
_cell.length_b   1.00
_cell.length_c   1.00
_cell.angle_alpha   90.00
_cell.angle_beta   90.00
_cell.angle_gamma   90.00
#
_symmetry.space_group_name_H-M   'P 1'
#
loop_
_entity.id
_entity.type
_entity.pdbx_description
1 polymer 'Actin, alpha skeletal muscle'
2 polymer Tropomodulin-1
3 non-polymer "ADENOSINE-5'-DIPHOSPHATE"
4 non-polymer 'MAGNESIUM ION'
#
loop_
_entity_poly.entity_id
_entity_poly.type
_entity_poly.pdbx_seq_one_letter_code
_entity_poly.pdbx_strand_id
1 'polypeptide(L)'
;MCDEDETTALVCDNGSGLVKAGFAGDDAPRAVFPSIVGRPRHQGVMVGMGQKDSYVGDEAQSKRGILTLKYPIE(HIC)G
IITNWDDMEKIWHHTFYNELRVAPEEHPTLLTEAPLNPKANREKMTQIMFETFNVPAMYVAIQAVLSLYASGRTTGIVLD
SGDGVTHNVPIYEGYALPHAIMRLDLAGRDLTDYLMKILTERGYSFVTTAEREIVRDIKEKLCYVALDFENEMATAASSS
SLEKSYELPDGQVITIGNERFRCPETLFQPSFIGMESAGIHETTYNSIMKCDIDIRKDLYANNVMSGGTTMYPGIADRMQ
KEITALAPSTMKIKIIAPPERKYSVWIGGSILASLSTFQQMWITKQEYDEAGPSIVHRKCF
;
A,B,C,D,E,F,G
2 'polypeptide(L)'
;MSYRRELEKYRDLDEDEILGALTEEELRTLENELDELDPDNALLPAGLRQKDQTTKAPTGPFKREELLDHLEKQAKEFKD
REDLVPYTGEKRGKVWVPKQKPLDPVLESVTLEPELEEALANASDAELCDIAAILGMHTLMSNQQYYQALSSSSIMNKEG
LNSVIKPTQYKPVPDEEPNSTDVEETLERIKNNDPKLEEVNLNNIRNIPIPTLKAYAEALKENSYVKKFSIVGTRSNDPV
AYALAEMLKENKVLKTLNVESNFISGAGILRLVEALPYNTSLVEMKIDNQSQPLGNKVEMEIVSMLEKNATLLKFGYHFT
QQGPRLRASNAMMNNNDLVRKRRLADLTGPIIPKCRSGV
;
T
#
loop_
_chem_comp.id
_chem_comp.type
_chem_comp.name
_chem_comp.formula
ADP non-polymer ADENOSINE-5'-DIPHOSPHATE 'C10 H15 N5 O10 P2'
MG non-polymer 'MAGNESIUM ION' 'Mg 2'
#
# COMPACT_ATOMS: atom_id res chain seq x y z
N THR A 7 11.63 -49.36 67.47
CA THR A 7 11.61 -50.06 66.20
C THR A 7 12.88 -49.79 65.40
N THR A 8 13.65 -50.86 65.16
CA THR A 8 14.95 -50.76 64.50
C THR A 8 14.85 -51.38 63.13
N ALA A 9 15.32 -50.65 62.11
CA ALA A 9 15.33 -51.15 60.76
C ALA A 9 16.58 -51.98 60.49
N LEU A 10 16.45 -52.92 59.55
CA LEU A 10 17.57 -53.72 59.10
C LEU A 10 18.06 -53.22 57.75
N VAL A 11 19.36 -53.38 57.50
CA VAL A 11 19.95 -53.07 56.21
C VAL A 11 20.69 -54.30 55.72
N CYS A 12 20.30 -54.81 54.56
CA CYS A 12 20.93 -55.96 53.93
C CYS A 12 21.40 -55.53 52.55
N ASP A 13 22.70 -55.58 52.33
CA ASP A 13 23.33 -55.26 51.05
C ASP A 13 23.86 -56.56 50.47
N ASN A 14 23.14 -57.12 49.51
CA ASN A 14 23.51 -58.41 48.95
C ASN A 14 24.35 -58.12 47.72
N GLY A 15 25.59 -58.59 47.74
CA GLY A 15 26.50 -58.44 46.62
C GLY A 15 26.88 -59.78 46.00
N SER A 16 27.67 -59.67 44.92
CA SER A 16 28.09 -60.85 44.18
C SER A 16 28.98 -61.73 45.04
N GLY A 17 29.85 -61.12 45.84
CA GLY A 17 30.77 -61.90 46.65
C GLY A 17 30.40 -61.96 48.11
N LEU A 18 29.92 -60.87 48.69
CA LEU A 18 29.70 -60.80 50.14
C LEU A 18 28.33 -60.20 50.45
N VAL A 19 27.63 -60.80 51.40
CA VAL A 19 26.47 -60.18 52.04
C VAL A 19 26.99 -59.31 53.18
N LYS A 20 26.51 -58.06 53.24
CA LYS A 20 26.71 -57.18 54.38
C LYS A 20 25.35 -56.86 55.00
N ALA A 21 25.15 -57.26 56.25
CA ALA A 21 23.85 -57.08 56.87
C ALA A 21 24.01 -56.60 58.31
N GLY A 22 23.05 -55.80 58.75
CA GLY A 22 23.11 -55.26 60.09
C GLY A 22 21.92 -54.38 60.40
N PHE A 23 22.10 -53.54 61.41
CA PHE A 23 21.04 -52.70 61.96
C PHE A 23 21.27 -51.24 61.59
N ALA A 24 20.21 -50.60 61.09
CA ALA A 24 20.20 -49.17 60.78
C ALA A 24 20.57 -48.34 62.00
N GLY A 25 21.45 -47.35 61.80
CA GLY A 25 21.95 -46.53 62.86
C GLY A 25 23.35 -46.88 63.32
N ASP A 26 23.80 -48.10 63.04
CA ASP A 26 25.16 -48.50 63.37
C ASP A 26 26.13 -48.00 62.32
N ASP A 27 27.39 -47.84 62.72
CA ASP A 27 28.42 -47.31 61.85
C ASP A 27 29.14 -48.36 61.01
N ALA A 28 28.81 -49.64 61.16
CA ALA A 28 29.42 -50.71 60.37
C ALA A 28 28.48 -51.90 60.36
N PRO A 29 28.53 -52.76 59.33
CA PRO A 29 27.70 -53.97 59.34
C PRO A 29 28.11 -54.95 60.43
N ARG A 30 27.11 -55.52 61.11
CA ARG A 30 27.41 -56.50 62.14
C ARG A 30 27.72 -57.87 61.56
N ALA A 31 27.20 -58.19 60.38
CA ALA A 31 27.43 -59.50 59.76
C ALA A 31 27.95 -59.30 58.34
N VAL A 32 29.12 -59.87 58.06
CA VAL A 32 29.71 -59.86 56.73
C VAL A 32 30.13 -61.28 56.40
N PHE A 33 29.62 -61.83 55.30
CA PHE A 33 29.86 -63.25 55.05
C PHE A 33 29.63 -63.54 53.58
N PRO A 34 30.40 -64.46 52.98
CA PRO A 34 30.29 -64.76 51.53
C PRO A 34 28.92 -65.22 51.05
N SER A 35 28.71 -65.05 49.75
CA SER A 35 27.46 -65.42 49.07
C SER A 35 27.68 -66.75 48.35
N ILE A 36 27.70 -67.84 49.10
CA ILE A 36 27.99 -69.16 48.54
C ILE A 36 27.05 -70.20 49.14
N VAL A 37 26.15 -70.73 48.33
CA VAL A 37 25.30 -71.84 48.78
C VAL A 37 26.06 -73.13 48.50
N GLY A 38 26.28 -73.93 49.53
CA GLY A 38 27.06 -75.14 49.40
C GLY A 38 26.31 -76.44 49.58
N ARG A 39 26.27 -77.25 48.52
CA ARG A 39 25.47 -78.47 48.58
C ARG A 39 26.38 -79.69 48.65
N PRO A 40 25.96 -80.75 49.37
CA PRO A 40 26.69 -82.03 49.36
C PRO A 40 27.08 -82.55 47.98
N ARG A 41 28.31 -83.05 47.88
CA ARG A 41 28.81 -83.65 46.65
C ARG A 41 28.58 -85.16 46.65
N HIS A 42 29.08 -85.81 45.59
CA HIS A 42 28.95 -87.24 45.40
C HIS A 42 30.26 -87.99 45.60
N GLN A 43 31.10 -87.55 46.54
CA GLN A 43 32.36 -88.26 46.83
C GLN A 43 32.10 -89.68 47.34
N GLY A 44 31.01 -89.87 48.11
CA GLY A 44 30.65 -91.14 48.71
C GLY A 44 29.32 -91.62 48.19
N VAL A 45 28.29 -91.35 48.99
CA VAL A 45 26.91 -91.69 48.68
C VAL A 45 26.14 -90.41 48.36
N MET A 46 24.87 -90.53 47.97
CA MET A 46 24.00 -89.39 47.64
C MET A 46 23.70 -88.45 48.80
N VAL A 47 22.88 -87.42 48.54
CA VAL A 47 22.48 -86.42 49.53
C VAL A 47 21.72 -87.08 50.68
N GLY A 48 22.34 -87.12 51.85
CA GLY A 48 21.76 -87.67 53.05
C GLY A 48 20.55 -86.91 53.55
N MET A 49 19.47 -87.63 53.83
CA MET A 49 18.27 -86.98 54.33
C MET A 49 18.38 -86.70 55.82
N GLY A 50 17.93 -85.50 56.20
CA GLY A 50 17.94 -84.98 57.55
C GLY A 50 19.14 -84.12 57.87
N GLN A 51 20.30 -84.41 57.27
CA GLN A 51 21.49 -83.60 57.49
C GLN A 51 21.27 -82.32 56.70
N LYS A 52 21.75 -81.18 57.24
CA LYS A 52 21.64 -79.84 56.62
C LYS A 52 21.90 -79.78 55.12
N ASP A 53 20.85 -79.55 54.33
CA ASP A 53 20.94 -79.67 52.88
C ASP A 53 21.65 -78.52 52.19
N SER A 54 22.14 -77.53 52.93
CA SER A 54 22.85 -76.38 52.38
C SER A 54 23.63 -75.67 53.46
N TYR A 55 24.66 -74.93 53.04
CA TYR A 55 25.48 -74.16 53.96
C TYR A 55 25.75 -72.82 53.28
N VAL A 56 25.91 -71.78 54.11
CA VAL A 56 26.10 -70.41 53.67
C VAL A 56 27.35 -69.84 54.35
N GLY A 57 28.11 -69.03 53.61
CA GLY A 57 29.22 -68.28 54.18
C GLY A 57 30.36 -69.14 54.68
N ASP A 58 30.77 -68.85 55.94
CA ASP A 58 31.95 -69.44 56.58
C ASP A 58 31.94 -70.96 56.56
N GLU A 59 30.79 -71.57 56.90
CA GLU A 59 30.68 -73.03 56.91
C GLU A 59 30.91 -73.61 55.53
N ALA A 60 30.39 -72.94 54.49
CA ALA A 60 30.59 -73.38 53.12
C ALA A 60 32.01 -73.11 52.63
N GLN A 61 32.71 -72.16 53.26
CA GLN A 61 34.10 -71.86 52.94
C GLN A 61 35.08 -72.67 53.77
N SER A 62 34.57 -73.57 54.62
CA SER A 62 35.37 -74.43 55.46
C SER A 62 35.39 -75.87 54.96
N LYS A 63 34.21 -76.48 54.87
CA LYS A 63 33.99 -77.83 54.33
C LYS A 63 33.91 -77.86 52.81
N ARG A 64 34.52 -76.87 52.14
CA ARG A 64 34.58 -76.65 50.69
C ARG A 64 34.89 -77.88 49.84
N GLY A 65 35.80 -78.74 50.33
CA GLY A 65 36.26 -79.91 49.58
C GLY A 65 35.16 -80.89 49.17
N ILE A 66 34.07 -80.95 49.93
CA ILE A 66 33.00 -81.92 49.67
C ILE A 66 31.68 -81.22 49.37
N LEU A 67 31.73 -79.93 49.06
CA LEU A 67 30.53 -79.13 48.86
C LEU A 67 30.64 -78.38 47.54
N THR A 68 29.68 -78.59 46.64
CA THR A 68 29.63 -77.77 45.44
C THR A 68 29.15 -76.38 45.85
N LEU A 69 29.96 -75.37 45.55
CA LEU A 69 29.67 -74.00 45.93
C LEU A 69 28.99 -73.27 44.79
N LYS A 70 27.97 -72.48 45.11
CA LYS A 70 27.26 -71.74 44.07
C LYS A 70 27.21 -70.28 44.49
N TYR A 71 26.99 -69.43 43.49
CA TYR A 71 26.85 -67.99 43.65
C TYR A 71 25.47 -67.57 43.16
N PRO A 72 24.45 -67.57 44.06
CA PRO A 72 23.05 -67.21 43.68
C PRO A 72 22.90 -65.90 42.93
N ILE A 73 23.71 -64.92 43.28
CA ILE A 73 23.76 -63.65 42.58
C ILE A 73 24.95 -63.70 41.63
N GLU A 74 24.69 -63.45 40.35
CA GLU A 74 25.74 -63.47 39.34
C GLU A 74 25.81 -62.12 38.63
N HIC A 75 26.93 -61.43 38.83
CA HIC A 75 27.21 -60.10 38.30
C HIC A 75 26.16 -59.08 38.72
O HIC A 75 25.65 -58.22 37.99
CB HIC A 75 27.34 -60.04 36.75
CG HIC A 75 28.07 -61.20 36.23
ND1 HIC A 75 29.34 -61.62 36.67
CD2 HIC A 75 27.62 -62.07 35.21
CE1 HIC A 75 29.65 -62.70 35.93
NE2 HIC A 75 28.63 -63.02 35.03
CZ HIC A 75 28.61 -64.09 34.10
N GLY A 76 25.84 -59.19 40.00
CA GLY A 76 24.87 -58.35 40.68
C GLY A 76 23.39 -58.61 40.48
N ILE A 77 23.03 -59.50 39.56
CA ILE A 77 21.63 -59.80 39.30
C ILE A 77 21.27 -61.13 39.97
N ILE A 78 20.16 -61.13 40.70
CA ILE A 78 19.62 -62.36 41.30
C ILE A 78 19.12 -63.27 40.19
N THR A 79 19.68 -64.48 40.11
CA THR A 79 19.28 -65.44 39.10
C THR A 79 18.71 -66.74 39.66
N ASN A 80 19.09 -67.14 40.86
CA ASN A 80 18.54 -68.32 41.54
C ASN A 80 17.71 -67.81 42.72
N TRP A 81 16.39 -67.74 42.53
CA TRP A 81 15.53 -67.10 43.53
C TRP A 81 15.38 -67.98 44.78
N ASP A 82 15.39 -69.30 44.60
CA ASP A 82 15.32 -70.24 45.72
C ASP A 82 16.55 -70.08 46.61
N ASP A 83 17.73 -70.03 45.99
CA ASP A 83 18.96 -69.90 46.75
C ASP A 83 19.11 -68.49 47.29
N MET A 84 18.51 -67.49 46.61
CA MET A 84 18.48 -66.13 47.15
C MET A 84 17.68 -66.13 48.44
N GLU A 85 16.46 -66.71 48.39
CA GLU A 85 15.56 -66.77 49.55
C GLU A 85 16.23 -67.52 50.70
N LYS A 86 17.12 -68.46 50.35
CA LYS A 86 17.89 -69.24 51.30
C LYS A 86 18.86 -68.31 52.03
N ILE A 87 19.73 -67.61 51.25
CA ILE A 87 20.66 -66.57 51.76
C ILE A 87 19.93 -65.59 52.69
N TRP A 88 18.69 -65.22 52.34
CA TRP A 88 17.96 -64.20 53.09
C TRP A 88 17.47 -64.78 54.42
N HIS A 89 16.94 -66.01 54.38
CA HIS A 89 16.47 -66.73 55.56
C HIS A 89 17.62 -66.89 56.55
N HIS A 90 18.78 -67.34 56.04
CA HIS A 90 19.96 -67.56 56.87
C HIS A 90 20.44 -66.23 57.47
N THR A 91 20.41 -65.17 56.66
CA THR A 91 20.81 -63.83 57.09
C THR A 91 19.96 -63.36 58.27
N PHE A 92 18.63 -63.47 58.13
CA PHE A 92 17.72 -63.05 59.20
C PHE A 92 17.89 -63.90 60.45
N TYR A 93 17.75 -65.21 60.32
CA TYR A 93 17.59 -66.09 61.47
C TYR A 93 18.90 -66.52 62.11
N ASN A 94 19.98 -66.65 61.33
CA ASN A 94 21.19 -67.32 61.78
C ASN A 94 22.39 -66.40 61.88
N GLU A 95 22.31 -65.18 61.37
CA GLU A 95 23.41 -64.22 61.46
C GLU A 95 23.02 -63.01 62.30
N LEU A 96 21.95 -62.32 61.94
CA LEU A 96 21.51 -61.19 62.75
C LEU A 96 20.75 -61.63 63.99
N ARG A 97 20.19 -62.86 63.97
CA ARG A 97 19.40 -63.47 65.04
C ARG A 97 18.21 -62.60 65.46
N VAL A 98 17.37 -62.29 64.48
CA VAL A 98 16.16 -61.50 64.71
C VAL A 98 14.96 -62.23 64.12
N ALA A 99 13.77 -61.78 64.55
CA ALA A 99 12.52 -62.20 63.96
C ALA A 99 12.16 -61.17 62.90
N PRO A 100 12.18 -61.53 61.60
CA PRO A 100 11.99 -60.52 60.52
C PRO A 100 10.67 -59.76 60.55
N GLU A 101 9.58 -60.35 61.06
CA GLU A 101 8.29 -59.69 61.09
C GLU A 101 8.22 -58.48 62.03
N GLU A 102 9.23 -58.28 62.89
CA GLU A 102 9.26 -57.14 63.80
C GLU A 102 10.09 -55.98 63.27
N HIS A 103 10.74 -56.14 62.11
CA HIS A 103 11.72 -55.15 61.66
C HIS A 103 11.58 -54.80 60.18
N PRO A 104 11.38 -53.52 59.85
CA PRO A 104 11.56 -53.06 58.46
C PRO A 104 12.95 -53.41 57.93
N THR A 105 12.99 -53.81 56.66
CA THR A 105 14.22 -54.33 56.07
C THR A 105 14.50 -53.60 54.77
N LEU A 106 15.65 -52.94 54.70
CA LEU A 106 16.09 -52.22 53.51
C LEU A 106 17.05 -53.09 52.73
N LEU A 107 16.74 -53.30 51.45
CA LEU A 107 17.55 -54.08 50.54
C LEU A 107 18.18 -53.20 49.48
N THR A 108 19.23 -53.72 48.86
CA THR A 108 19.91 -53.07 47.75
C THR A 108 19.80 -53.92 46.48
N GLU A 109 20.00 -53.26 45.35
CA GLU A 109 19.89 -53.90 44.05
C GLU A 109 20.97 -53.35 43.13
N ALA A 110 21.28 -54.12 42.09
CA ALA A 110 22.25 -53.69 41.10
C ALA A 110 21.68 -52.58 40.22
N PRO A 111 22.55 -51.71 39.67
CA PRO A 111 22.14 -50.84 38.56
C PRO A 111 21.54 -51.62 37.39
N LEU A 112 20.43 -51.07 36.86
CA LEU A 112 19.67 -51.59 35.71
C LEU A 112 19.06 -52.97 35.97
N ASN A 113 18.85 -53.30 37.25
CA ASN A 113 18.11 -54.49 37.66
C ASN A 113 16.74 -54.53 36.98
N PRO A 114 16.37 -55.66 36.35
CA PRO A 114 15.07 -55.75 35.64
C PRO A 114 13.90 -55.61 36.59
N LYS A 115 12.78 -55.08 36.04
CA LYS A 115 11.55 -54.80 36.77
C LYS A 115 11.02 -56.03 37.51
N ALA A 116 11.08 -57.19 36.83
CA ALA A 116 10.52 -58.43 37.35
C ALA A 116 11.29 -58.91 38.57
N ASN A 117 12.59 -58.62 38.62
CA ASN A 117 13.41 -58.98 39.77
C ASN A 117 13.01 -58.17 41.00
N ARG A 118 12.78 -56.85 40.82
CA ARG A 118 12.31 -56.01 41.92
C ARG A 118 10.95 -56.46 42.42
N GLU A 119 10.06 -56.86 41.49
CA GLU A 119 8.75 -57.39 41.87
C GLU A 119 8.88 -58.69 42.64
N LYS A 120 9.79 -59.58 42.21
CA LYS A 120 9.92 -60.88 42.85
C LYS A 120 10.55 -60.74 44.23
N MET A 121 11.55 -59.86 44.35
CA MET A 121 12.14 -59.48 45.63
C MET A 121 11.09 -58.97 46.61
N THR A 122 10.21 -58.08 46.13
CA THR A 122 9.13 -57.52 46.95
C THR A 122 8.18 -58.62 47.41
N GLN A 123 7.80 -59.50 46.47
CA GLN A 123 6.87 -60.59 46.72
C GLN A 123 7.44 -61.53 47.78
N ILE A 124 8.74 -61.84 47.69
CA ILE A 124 9.37 -62.75 48.63
C ILE A 124 9.42 -62.11 50.02
N MET A 125 9.80 -60.83 50.09
CA MET A 125 9.89 -60.12 51.38
C MET A 125 8.55 -60.05 52.10
N PHE A 126 7.47 -59.79 51.37
CA PHE A 126 6.17 -59.70 52.04
C PHE A 126 5.55 -61.08 52.30
N GLU A 127 5.61 -61.99 51.33
CA GLU A 127 4.86 -63.24 51.44
C GLU A 127 5.59 -64.34 52.22
N THR A 128 6.91 -64.47 52.04
CA THR A 128 7.63 -65.48 52.81
C THR A 128 7.94 -65.02 54.23
N PHE A 129 8.56 -63.86 54.40
CA PHE A 129 9.07 -63.49 55.72
C PHE A 129 8.14 -62.60 56.53
N ASN A 130 7.05 -62.11 55.91
CA ASN A 130 5.98 -61.32 56.57
C ASN A 130 6.55 -60.07 57.27
N VAL A 131 7.55 -59.44 56.66
CA VAL A 131 8.15 -58.20 57.17
C VAL A 131 7.11 -57.08 57.26
N PRO A 132 7.23 -56.14 58.20
CA PRO A 132 6.24 -55.06 58.28
C PRO A 132 6.40 -53.99 57.22
N ALA A 133 7.59 -53.86 56.62
CA ALA A 133 7.88 -52.84 55.62
C ALA A 133 9.20 -53.17 54.94
N MET A 134 9.37 -52.65 53.73
CA MET A 134 10.62 -52.83 53.00
C MET A 134 10.77 -51.71 51.97
N TYR A 135 11.99 -51.60 51.45
CA TYR A 135 12.37 -50.61 50.46
C TYR A 135 13.55 -51.18 49.70
N VAL A 136 13.69 -50.78 48.44
CA VAL A 136 14.82 -51.22 47.61
C VAL A 136 15.50 -49.99 47.06
N ALA A 137 16.77 -49.81 47.38
CA ALA A 137 17.54 -48.67 46.91
C ALA A 137 18.69 -49.13 46.01
N ILE A 138 19.03 -48.28 45.06
CA ILE A 138 20.09 -48.57 44.10
C ILE A 138 21.43 -48.33 44.78
N GLN A 139 22.31 -49.35 44.75
CA GLN A 139 23.64 -49.39 45.38
C GLN A 139 24.44 -48.10 45.19
N ALA A 140 24.73 -47.77 43.91
CA ALA A 140 25.54 -46.59 43.56
C ALA A 140 24.95 -45.32 44.15
N VAL A 141 23.61 -45.20 44.09
CA VAL A 141 22.92 -44.01 44.60
C VAL A 141 23.15 -43.91 46.09
N LEU A 142 23.12 -45.07 46.77
CA LEU A 142 23.32 -45.12 48.22
C LEU A 142 24.74 -44.67 48.56
N SER A 143 25.70 -45.05 47.71
CA SER A 143 27.10 -44.67 47.92
C SER A 143 27.28 -43.16 47.80
N LEU A 144 26.65 -42.58 46.78
CA LEU A 144 26.72 -41.12 46.60
C LEU A 144 25.99 -40.39 47.73
N TYR A 145 24.89 -40.98 48.22
CA TYR A 145 24.15 -40.45 49.35
C TYR A 145 25.04 -40.40 50.59
N ALA A 146 25.74 -41.52 50.86
CA ALA A 146 26.66 -41.64 51.98
C ALA A 146 27.79 -40.63 51.88
N SER A 147 28.29 -40.41 50.66
CA SER A 147 29.36 -39.44 50.40
C SER A 147 28.94 -38.00 50.69
N GLY A 148 27.64 -37.72 50.77
CA GLY A 148 27.14 -36.41 51.11
C GLY A 148 26.85 -35.52 49.92
N ARG A 149 26.76 -36.07 48.72
CA ARG A 149 26.55 -35.31 47.51
C ARG A 149 25.27 -35.79 46.82
N THR A 150 24.77 -34.93 45.93
CA THR A 150 23.60 -35.21 45.11
C THR A 150 23.97 -35.32 43.63
N THR A 151 25.25 -35.26 43.30
CA THR A 151 25.70 -35.25 41.92
C THR A 151 27.08 -35.89 41.85
N GLY A 152 27.23 -36.87 40.98
CA GLY A 152 28.52 -37.48 40.75
C GLY A 152 28.38 -38.68 39.85
N ILE A 153 29.52 -39.28 39.55
CA ILE A 153 29.54 -40.56 38.84
C ILE A 153 30.17 -41.57 39.77
N VAL A 154 29.46 -42.64 40.04
CA VAL A 154 29.94 -43.67 40.95
C VAL A 154 30.67 -44.73 40.14
N LEU A 155 31.85 -45.11 40.61
CA LEU A 155 32.54 -46.33 40.20
C LEU A 155 32.35 -47.34 41.32
N ASP A 156 31.49 -48.33 41.10
CA ASP A 156 31.21 -49.35 42.10
C ASP A 156 31.81 -50.65 41.61
N SER A 157 32.78 -51.18 42.34
CA SER A 157 33.52 -52.35 41.89
C SER A 157 33.70 -53.28 43.08
N GLY A 158 33.08 -54.45 43.01
CA GLY A 158 33.09 -55.38 44.11
C GLY A 158 33.82 -56.66 43.78
N ASP A 159 33.21 -57.81 44.08
CA ASP A 159 33.83 -59.08 43.78
C ASP A 159 33.44 -59.64 42.42
N GLY A 160 32.29 -59.25 41.88
CA GLY A 160 31.82 -59.85 40.64
C GLY A 160 31.53 -58.93 39.46
N VAL A 161 31.24 -57.66 39.72
CA VAL A 161 30.84 -56.74 38.66
C VAL A 161 31.34 -55.34 39.00
N THR A 162 31.63 -54.56 37.96
CA THR A 162 31.95 -53.14 38.09
C THR A 162 30.92 -52.33 37.30
N HIS A 163 30.38 -51.27 37.91
CA HIS A 163 29.49 -50.35 37.21
C HIS A 163 30.02 -48.92 37.31
N ASN A 164 29.81 -48.16 36.23
CA ASN A 164 29.80 -46.70 36.24
C ASN A 164 28.36 -46.20 36.16
N VAL A 165 27.92 -45.46 37.18
CA VAL A 165 26.58 -44.92 37.24
C VAL A 165 26.65 -43.41 37.41
N PRO A 166 26.43 -42.64 36.34
CA PRO A 166 26.34 -41.18 36.48
C PRO A 166 24.99 -40.74 37.01
N ILE A 167 25.04 -39.80 37.96
CA ILE A 167 23.86 -39.29 38.66
C ILE A 167 23.97 -37.77 38.67
N TYR A 168 22.88 -37.08 38.33
CA TYR A 168 22.83 -35.62 38.41
C TYR A 168 21.54 -35.19 39.06
N GLU A 169 21.68 -34.36 40.10
CA GLU A 169 20.64 -33.72 40.92
C GLU A 169 19.43 -34.61 41.15
N GLY A 170 19.72 -35.78 41.72
CA GLY A 170 18.69 -36.72 42.09
C GLY A 170 18.18 -37.60 40.95
N TYR A 171 18.51 -37.29 39.71
CA TYR A 171 18.01 -38.02 38.53
C TYR A 171 19.16 -38.79 37.87
N ALA A 172 19.21 -40.10 38.16
CA ALA A 172 20.18 -40.98 37.52
C ALA A 172 19.91 -41.10 36.01
N LEU A 173 20.91 -41.58 35.28
CA LEU A 173 20.84 -41.62 33.82
C LEU A 173 21.02 -43.04 33.32
N PRO A 174 19.91 -43.79 33.09
CA PRO A 174 20.02 -45.22 32.72
C PRO A 174 20.82 -45.51 31.46
N HIS A 175 20.70 -44.62 30.46
CA HIS A 175 21.33 -44.81 29.15
C HIS A 175 22.85 -44.75 29.20
N ALA A 176 23.43 -44.18 30.25
CA ALA A 176 24.86 -43.96 30.34
C ALA A 176 25.56 -44.88 31.32
N ILE A 177 24.83 -45.80 31.94
CA ILE A 177 25.43 -46.73 32.89
C ILE A 177 26.29 -47.72 32.11
N MET A 178 27.49 -48.01 32.62
CA MET A 178 28.36 -48.99 32.02
C MET A 178 28.61 -50.15 32.97
N ARG A 179 28.54 -51.37 32.45
CA ARG A 179 28.83 -52.57 33.22
C ARG A 179 30.05 -53.25 32.62
N LEU A 180 30.99 -53.62 33.48
CA LEU A 180 32.18 -54.38 33.11
C LEU A 180 32.24 -55.60 34.02
N ASP A 181 32.26 -56.80 33.42
CA ASP A 181 32.36 -58.05 34.17
C ASP A 181 33.82 -58.37 34.49
N LEU A 182 34.43 -57.52 35.29
CA LEU A 182 35.81 -57.69 35.76
C LEU A 182 35.86 -57.05 37.14
N ALA A 183 36.25 -57.85 38.13
CA ALA A 183 36.25 -57.42 39.52
C ALA A 183 37.16 -58.36 40.31
N GLY A 184 36.96 -58.38 41.64
CA GLY A 184 37.88 -59.01 42.58
C GLY A 184 38.18 -60.49 42.31
N ARG A 185 37.17 -61.26 41.89
CA ARG A 185 37.35 -62.69 41.66
C ARG A 185 38.29 -62.95 40.49
N ASP A 186 38.19 -62.12 39.44
CA ASP A 186 39.10 -62.21 38.30
C ASP A 186 40.52 -61.84 38.72
N LEU A 187 40.64 -60.89 39.65
CA LEU A 187 41.94 -60.44 40.12
C LEU A 187 42.60 -61.51 40.98
N THR A 188 41.78 -62.21 41.78
CA THR A 188 42.24 -63.37 42.54
C THR A 188 42.74 -64.47 41.61
N ASP A 189 41.97 -64.77 40.55
CA ASP A 189 42.36 -65.78 39.56
C ASP A 189 43.69 -65.41 38.89
N TYR A 190 43.86 -64.13 38.57
CA TYR A 190 45.04 -63.67 37.86
C TYR A 190 46.27 -63.73 38.77
N LEU A 191 46.12 -63.25 40.02
CA LEU A 191 47.17 -63.34 41.02
C LEU A 191 47.59 -64.78 41.26
N MET A 192 46.60 -65.70 41.34
CA MET A 192 46.86 -67.13 41.48
C MET A 192 47.71 -67.65 40.32
N LYS A 193 47.35 -67.23 39.09
CA LYS A 193 48.06 -67.63 37.88
C LYS A 193 49.51 -67.16 37.90
N ILE A 194 49.73 -65.89 38.27
CA ILE A 194 51.11 -65.39 38.19
C ILE A 194 51.96 -65.84 39.38
N LEU A 195 51.35 -66.14 40.54
CA LEU A 195 52.07 -66.83 41.59
C LEU A 195 52.46 -68.24 41.16
N THR A 196 51.57 -68.94 40.45
CA THR A 196 51.89 -70.25 39.90
C THR A 196 53.05 -70.14 38.92
N GLU A 197 53.03 -69.08 38.09
CA GLU A 197 54.11 -68.77 37.17
C GLU A 197 55.45 -68.60 37.89
N ARG A 198 55.42 -67.97 39.08
CA ARG A 198 56.66 -67.76 39.83
C ARG A 198 57.07 -69.02 40.61
N GLY A 199 56.18 -70.00 40.72
CA GLY A 199 56.56 -71.25 41.34
C GLY A 199 55.82 -71.53 42.64
N TYR A 200 54.79 -70.75 42.91
CA TYR A 200 53.95 -70.91 44.09
C TYR A 200 52.59 -71.33 43.55
N SER A 201 52.34 -72.64 43.52
CA SER A 201 51.17 -73.18 42.80
C SER A 201 49.97 -73.29 43.74
N PHE A 202 49.25 -72.18 43.86
CA PHE A 202 48.14 -72.08 44.81
C PHE A 202 46.82 -72.41 44.10
N VAL A 203 46.71 -73.64 43.59
CA VAL A 203 45.56 -73.97 42.75
C VAL A 203 44.46 -74.73 43.50
N THR A 204 44.67 -75.05 44.77
CA THR A 204 43.61 -75.67 45.54
C THR A 204 42.64 -74.64 46.08
N THR A 205 41.40 -75.09 46.35
CA THR A 205 40.38 -74.24 46.98
C THR A 205 40.77 -73.82 48.39
N ALA A 206 41.62 -74.61 49.06
CA ALA A 206 42.16 -74.31 50.37
C ALA A 206 43.06 -73.09 50.32
N GLU A 207 43.94 -73.04 49.31
CA GLU A 207 44.90 -71.97 49.12
C GLU A 207 44.27 -70.66 48.71
N ARG A 208 43.06 -70.73 48.09
CA ARG A 208 42.32 -69.55 47.59
C ARG A 208 42.21 -68.44 48.63
N GLU A 209 41.93 -68.82 49.89
CA GLU A 209 41.81 -67.88 51.00
C GLU A 209 43.10 -67.09 51.18
N ILE A 210 44.22 -67.84 51.34
CA ILE A 210 45.60 -67.31 51.40
C ILE A 210 45.84 -66.29 50.29
N VAL A 211 45.41 -66.64 49.06
CA VAL A 211 45.63 -65.78 47.89
C VAL A 211 44.86 -64.48 48.04
N ARG A 212 43.59 -64.59 48.49
CA ARG A 212 42.75 -63.42 48.75
C ARG A 212 43.38 -62.53 49.82
N ASP A 213 43.98 -63.16 50.85
CA ASP A 213 44.60 -62.41 51.93
C ASP A 213 45.83 -61.65 51.44
N ILE A 214 46.67 -62.30 50.61
CA ILE A 214 47.82 -61.65 49.97
C ILE A 214 47.36 -60.45 49.16
N LYS A 215 46.26 -60.63 48.40
CA LYS A 215 45.67 -59.57 47.58
C LYS A 215 45.28 -58.37 48.43
N GLU A 216 44.55 -58.64 49.53
CA GLU A 216 44.01 -57.54 50.33
C GLU A 216 45.08 -56.86 51.18
N LYS A 217 46.22 -57.51 51.42
CA LYS A 217 47.21 -56.94 52.33
C LYS A 217 48.42 -56.35 51.63
N LEU A 218 48.85 -56.87 50.48
CA LEU A 218 50.14 -56.50 49.93
C LEU A 218 50.08 -55.88 48.54
N CYS A 219 48.95 -55.95 47.84
CA CYS A 219 48.84 -55.43 46.49
C CYS A 219 48.59 -53.93 46.50
N TYR A 220 48.97 -53.26 45.43
CA TYR A 220 48.73 -51.83 45.27
C TYR A 220 48.74 -51.51 43.78
N VAL A 221 48.15 -50.37 43.43
CA VAL A 221 48.14 -49.91 42.05
C VAL A 221 49.32 -48.98 41.83
N ALA A 222 50.16 -49.30 40.85
CA ALA A 222 51.29 -48.43 40.51
C ALA A 222 50.80 -47.19 39.77
N LEU A 223 51.45 -46.06 40.06
CA LEU A 223 51.08 -44.82 39.36
C LEU A 223 51.55 -44.83 37.91
N ASP A 224 52.75 -45.34 37.66
CA ASP A 224 53.27 -45.55 36.30
C ASP A 224 53.76 -46.99 36.23
N PHE A 225 52.97 -47.86 35.60
CA PHE A 225 53.16 -49.31 35.61
C PHE A 225 54.53 -49.74 35.08
N GLU A 226 54.89 -49.31 33.87
CA GLU A 226 56.12 -49.78 33.23
C GLU A 226 57.39 -49.33 33.97
N ASN A 227 57.37 -48.11 34.53
CA ASN A 227 58.42 -47.67 35.45
C ASN A 227 58.52 -48.58 36.66
N GLU A 228 57.37 -48.91 37.27
CA GLU A 228 57.34 -49.83 38.42
C GLU A 228 57.92 -51.19 38.04
N MET A 229 57.61 -51.67 36.82
CA MET A 229 58.10 -52.96 36.36
C MET A 229 59.61 -52.92 36.20
N ALA A 230 60.14 -51.79 35.71
CA ALA A 230 61.58 -51.62 35.57
C ALA A 230 62.26 -51.58 36.93
N THR A 231 61.64 -50.89 37.89
CA THR A 231 62.15 -50.84 39.26
C THR A 231 62.17 -52.24 39.87
N ALA A 232 61.09 -53.00 39.68
CA ALA A 232 60.98 -54.35 40.24
C ALA A 232 61.98 -55.29 39.59
N ALA A 233 62.33 -55.04 38.32
CA ALA A 233 63.28 -55.88 37.62
C ALA A 233 64.72 -55.49 37.95
N SER A 234 64.93 -54.26 38.39
CA SER A 234 66.28 -53.72 38.56
C SER A 234 66.78 -53.82 39.99
N SER A 235 65.91 -54.19 40.93
CA SER A 235 66.21 -54.16 42.35
C SER A 235 65.15 -54.99 43.08
N SER A 236 65.43 -55.29 44.34
CA SER A 236 64.47 -55.96 45.20
C SER A 236 63.67 -55.00 46.08
N SER A 237 63.70 -53.70 45.76
CA SER A 237 63.20 -52.65 46.66
C SER A 237 61.68 -52.68 46.84
N LEU A 238 60.94 -53.37 45.96
CA LEU A 238 59.49 -53.39 46.02
C LEU A 238 58.96 -54.73 46.51
N GLU A 239 59.84 -55.68 46.84
CA GLU A 239 59.42 -57.01 47.24
C GLU A 239 58.91 -57.00 48.67
N LYS A 240 58.02 -57.95 48.97
CA LYS A 240 57.51 -58.13 50.32
C LYS A 240 57.54 -59.60 50.69
N SER A 241 57.83 -59.88 51.95
CA SER A 241 57.67 -61.20 52.50
C SER A 241 56.26 -61.37 53.05
N TYR A 242 55.79 -62.61 53.02
CA TYR A 242 54.48 -62.96 53.54
C TYR A 242 54.58 -64.26 54.29
N GLU A 243 54.11 -64.27 55.53
CA GLU A 243 54.17 -65.46 56.36
C GLU A 243 52.89 -66.25 56.14
N LEU A 244 53.03 -67.50 55.73
CA LEU A 244 51.89 -68.37 55.49
C LEU A 244 51.36 -68.91 56.82
N PRO A 245 50.12 -69.44 56.87
CA PRO A 245 49.57 -69.96 58.14
C PRO A 245 50.37 -71.08 58.81
N ASP A 246 51.25 -71.78 58.08
CA ASP A 246 52.05 -72.86 58.62
C ASP A 246 53.46 -72.41 58.99
N GLY A 247 53.72 -71.11 58.98
CA GLY A 247 55.00 -70.55 59.34
C GLY A 247 55.98 -70.32 58.21
N GLN A 248 55.74 -70.94 57.06
CA GLN A 248 56.56 -70.66 55.87
C GLN A 248 56.45 -69.21 55.44
N VAL A 249 57.56 -68.66 54.96
CA VAL A 249 57.64 -67.27 54.51
C VAL A 249 58.00 -67.26 53.02
N ILE A 250 57.18 -66.60 52.22
CA ILE A 250 57.43 -66.47 50.79
C ILE A 250 57.77 -65.02 50.48
N THR A 251 58.38 -64.81 49.32
CA THR A 251 58.72 -63.49 48.84
C THR A 251 57.98 -63.26 47.53
N ILE A 252 57.30 -62.12 47.43
CA ILE A 252 56.61 -61.70 46.22
C ILE A 252 57.11 -60.35 45.77
N GLY A 253 57.13 -60.15 44.45
CA GLY A 253 57.69 -58.96 43.84
C GLY A 253 56.65 -58.24 43.01
N ASN A 254 56.79 -58.23 41.69
CA ASN A 254 55.95 -57.42 40.80
C ASN A 254 54.48 -57.86 40.73
N GLU A 255 54.14 -59.02 41.32
CA GLU A 255 52.76 -59.50 41.43
C GLU A 255 51.88 -58.55 42.22
N ARG A 256 52.49 -57.79 43.14
CA ARG A 256 51.79 -56.79 43.94
C ARG A 256 51.08 -55.78 43.03
N PHE A 257 51.74 -55.35 41.95
CA PHE A 257 51.13 -54.32 41.12
C PHE A 257 50.73 -54.80 39.73
N ARG A 258 51.23 -55.95 39.26
CA ARG A 258 50.68 -56.56 38.04
C ARG A 258 49.22 -56.92 38.21
N CYS A 259 48.85 -57.44 39.39
CA CYS A 259 47.49 -57.95 39.65
C CYS A 259 46.39 -56.89 39.48
N PRO A 260 46.37 -55.75 40.21
CA PRO A 260 45.26 -54.80 39.99
C PRO A 260 45.36 -54.00 38.71
N GLU A 261 46.51 -54.05 38.00
CA GLU A 261 46.70 -53.42 36.69
C GLU A 261 45.68 -53.93 35.67
N THR A 262 45.20 -55.18 35.85
CA THR A 262 44.17 -55.80 35.04
C THR A 262 42.90 -54.94 34.97
N LEU A 263 42.57 -54.24 36.06
CA LEU A 263 41.43 -53.31 36.07
C LEU A 263 41.59 -52.22 35.00
N PHE A 264 42.82 -51.75 34.79
CA PHE A 264 43.13 -50.74 33.79
C PHE A 264 43.49 -51.34 32.44
N GLN A 265 43.98 -52.59 32.42
CA GLN A 265 44.37 -53.29 31.18
C GLN A 265 43.79 -54.70 31.16
N PRO A 266 42.49 -54.84 30.80
CA PRO A 266 41.83 -56.17 30.88
C PRO A 266 42.38 -57.26 29.97
N SER A 267 43.20 -56.92 28.97
CA SER A 267 43.83 -57.93 28.10
C SER A 267 44.75 -58.89 28.84
N PHE A 268 45.19 -58.52 30.06
CA PHE A 268 46.00 -59.41 30.90
C PHE A 268 45.26 -60.71 31.23
N ILE A 269 43.92 -60.67 31.28
CA ILE A 269 43.13 -61.87 31.54
C ILE A 269 42.35 -62.27 30.30
N GLY A 270 42.70 -61.71 29.14
CA GLY A 270 42.11 -62.04 27.88
C GLY A 270 41.01 -61.09 27.41
N MET A 271 39.97 -60.92 28.24
CA MET A 271 38.77 -60.09 28.06
C MET A 271 39.03 -58.78 27.34
N GLU A 272 38.41 -58.61 26.16
CA GLU A 272 38.65 -57.41 25.37
C GLU A 272 37.63 -56.32 25.63
N SER A 273 37.61 -55.80 26.83
CA SER A 273 36.78 -54.69 27.22
C SER A 273 37.68 -53.53 27.61
N ALA A 274 37.08 -52.35 27.69
CA ALA A 274 37.83 -51.19 28.11
C ALA A 274 38.10 -51.26 29.62
N GLY A 275 39.16 -50.56 30.05
CA GLY A 275 39.46 -50.51 31.46
C GLY A 275 38.56 -49.52 32.17
N ILE A 276 38.63 -49.53 33.51
CA ILE A 276 37.69 -48.75 34.31
C ILE A 276 37.87 -47.24 34.11
N HIS A 277 39.07 -46.81 33.71
CA HIS A 277 39.29 -45.40 33.38
C HIS A 277 38.61 -45.07 32.05
N GLU A 278 38.69 -45.99 31.09
CA GLU A 278 38.09 -45.78 29.78
C GLU A 278 36.58 -45.89 29.85
N THR A 279 36.05 -46.80 30.67
CA THR A 279 34.61 -46.92 30.80
C THR A 279 34.05 -45.73 31.56
N THR A 280 34.82 -45.22 32.53
CA THR A 280 34.48 -43.99 33.24
C THR A 280 34.35 -42.82 32.27
N TYR A 281 35.37 -42.64 31.42
CA TYR A 281 35.37 -41.57 30.41
C TYR A 281 34.21 -41.74 29.42
N ASN A 282 33.99 -42.97 28.93
CA ASN A 282 32.93 -43.24 27.97
C ASN A 282 31.56 -42.99 28.58
N SER A 283 31.39 -43.35 29.86
CA SER A 283 30.16 -43.09 30.60
C SER A 283 29.90 -41.58 30.70
N ILE A 284 30.93 -40.81 31.06
CA ILE A 284 30.81 -39.35 31.11
C ILE A 284 30.44 -38.79 29.73
N MET A 285 31.04 -39.34 28.67
CA MET A 285 30.82 -38.81 27.32
C MET A 285 29.44 -39.16 26.77
N LYS A 286 28.74 -40.13 27.36
CA LYS A 286 27.37 -40.41 26.98
C LYS A 286 26.37 -39.47 27.64
N CYS A 287 26.83 -38.67 28.60
CA CYS A 287 26.00 -37.74 29.33
C CYS A 287 26.08 -36.39 28.65
N ASP A 288 25.00 -35.61 28.76
CA ASP A 288 24.85 -34.34 28.06
C ASP A 288 25.99 -33.37 28.40
N ILE A 289 26.39 -32.59 27.40
CA ILE A 289 27.48 -31.60 27.42
C ILE A 289 27.48 -30.70 28.66
N ASP A 290 26.29 -30.26 29.10
CA ASP A 290 26.15 -29.33 30.21
C ASP A 290 26.57 -29.92 31.56
N ILE A 291 26.05 -31.09 31.91
CA ILE A 291 26.31 -31.65 33.24
C ILE A 291 27.65 -32.34 33.39
N ARG A 292 28.37 -32.56 32.28
CA ARG A 292 29.66 -33.28 32.24
C ARG A 292 30.67 -32.74 33.26
N LYS A 293 30.82 -31.40 33.31
CA LYS A 293 31.77 -30.71 34.18
C LYS A 293 31.64 -31.13 35.63
N ASP A 294 30.38 -31.33 36.07
CA ASP A 294 30.09 -31.66 37.46
C ASP A 294 30.52 -33.08 37.72
N LEU A 295 30.25 -33.95 36.74
CA LEU A 295 30.60 -35.37 36.83
C LEU A 295 32.10 -35.49 37.09
N TYR A 296 32.92 -34.71 36.34
CA TYR A 296 34.38 -34.72 36.46
C TYR A 296 34.85 -34.41 37.88
N ALA A 297 34.16 -33.51 38.57
CA ALA A 297 34.54 -33.04 39.90
C ALA A 297 34.06 -33.95 41.04
N ASN A 298 33.34 -35.03 40.75
CA ASN A 298 32.76 -35.88 41.80
C ASN A 298 32.82 -37.37 41.42
N ASN A 299 34.03 -37.85 41.15
CA ASN A 299 34.26 -39.27 40.91
C ASN A 299 34.37 -39.99 42.25
N VAL A 300 33.32 -40.69 42.64
CA VAL A 300 33.25 -41.34 43.95
C VAL A 300 33.51 -42.83 43.78
N MET A 301 34.50 -43.35 44.51
CA MET A 301 34.84 -44.77 44.47
C MET A 301 34.13 -45.52 45.60
N SER A 302 33.49 -46.63 45.24
CA SER A 302 32.81 -47.48 46.21
C SER A 302 33.15 -48.94 45.93
N GLY A 303 33.14 -49.75 46.98
CA GLY A 303 33.38 -51.16 46.84
C GLY A 303 34.80 -51.56 47.22
N GLY A 304 34.94 -52.83 47.62
CA GLY A 304 36.20 -53.37 48.10
C GLY A 304 37.33 -53.39 47.09
N THR A 305 37.01 -53.48 45.80
CA THR A 305 38.06 -53.57 44.80
C THR A 305 38.64 -52.19 44.48
N THR A 306 38.07 -51.13 45.04
CA THR A 306 38.67 -49.82 45.01
C THR A 306 39.59 -49.59 46.21
N MET A 307 39.85 -50.61 47.03
CA MET A 307 40.60 -50.38 48.26
C MET A 307 42.11 -50.36 48.11
N TYR A 308 42.64 -50.80 46.96
CA TYR A 308 44.08 -50.81 46.68
C TYR A 308 44.70 -49.42 46.89
N PRO A 309 45.77 -49.33 47.67
CA PRO A 309 46.55 -48.07 47.73
C PRO A 309 47.03 -47.61 46.36
N GLY A 310 46.99 -46.30 46.12
CA GLY A 310 47.44 -45.74 44.87
C GLY A 310 46.44 -45.68 43.75
N ILE A 311 45.25 -46.28 43.91
CA ILE A 311 44.27 -46.33 42.82
C ILE A 311 43.70 -44.94 42.52
N ALA A 312 43.53 -44.09 43.55
CA ALA A 312 43.01 -42.74 43.37
C ALA A 312 43.95 -41.88 42.53
N ASP A 313 45.26 -41.91 42.83
CA ASP A 313 46.24 -41.13 42.06
C ASP A 313 46.31 -41.60 40.61
N ARG A 314 46.21 -42.92 40.40
CA ARG A 314 46.26 -43.47 39.05
C ARG A 314 45.02 -43.08 38.25
N MET A 315 43.84 -43.15 38.89
CA MET A 315 42.59 -42.73 38.27
C MET A 315 42.63 -41.24 37.93
N GLN A 316 43.15 -40.43 38.86
CA GLN A 316 43.31 -39.00 38.67
C GLN A 316 44.16 -38.71 37.44
N LYS A 317 45.29 -39.43 37.31
CA LYS A 317 46.19 -39.29 36.16
C LYS A 317 45.51 -39.65 34.84
N GLU A 318 44.84 -40.81 34.81
CA GLU A 318 44.24 -41.29 33.55
C GLU A 318 43.07 -40.40 33.11
N ILE A 319 42.20 -40.00 34.06
CA ILE A 319 41.08 -39.14 33.71
C ILE A 319 41.60 -37.77 33.29
N THR A 320 42.63 -37.27 34.00
CA THR A 320 43.26 -35.98 33.74
C THR A 320 43.78 -35.92 32.31
N ALA A 321 44.51 -36.96 31.89
CA ALA A 321 45.07 -36.98 30.55
C ALA A 321 44.02 -37.32 29.50
N LEU A 322 42.90 -37.91 29.89
CA LEU A 322 41.88 -38.29 28.92
C LEU A 322 40.85 -37.20 28.63
N ALA A 323 40.71 -36.23 29.52
CA ALA A 323 39.73 -35.14 29.49
C ALA A 323 40.38 -33.84 29.05
N PRO A 324 39.58 -32.84 28.61
CA PRO A 324 40.13 -31.51 28.31
C PRO A 324 40.83 -30.92 29.53
N SER A 325 42.00 -30.28 29.27
CA SER A 325 42.89 -29.75 30.31
C SER A 325 42.19 -28.82 31.28
N THR A 326 41.31 -27.93 30.78
CA THR A 326 40.61 -26.92 31.57
C THR A 326 39.76 -27.49 32.74
N MET A 327 39.50 -28.80 32.76
CA MET A 327 38.68 -29.44 33.76
C MET A 327 39.34 -29.54 35.12
N LYS A 328 38.57 -29.30 36.17
CA LYS A 328 38.98 -29.61 37.53
C LYS A 328 38.61 -31.07 37.79
N ILE A 329 39.61 -31.93 37.91
CA ILE A 329 39.42 -33.35 38.16
C ILE A 329 39.63 -33.60 39.65
N LYS A 330 38.68 -34.28 40.28
CA LYS A 330 38.83 -34.66 41.68
C LYS A 330 38.29 -36.06 41.89
N ILE A 331 39.07 -36.90 42.56
CA ILE A 331 38.71 -38.27 42.88
C ILE A 331 38.46 -38.32 44.38
N ILE A 332 37.31 -38.83 44.78
CA ILE A 332 36.95 -38.93 46.19
C ILE A 332 36.95 -40.40 46.57
N ALA A 333 37.80 -40.76 47.53
CA ALA A 333 37.96 -42.14 47.96
C ALA A 333 37.95 -42.21 49.48
N PRO A 334 36.77 -42.27 50.10
CA PRO A 334 36.67 -42.35 51.58
C PRO A 334 37.30 -43.64 52.09
N PRO A 335 38.00 -43.61 53.23
CA PRO A 335 38.60 -44.85 53.78
C PRO A 335 37.60 -45.95 54.09
N GLU A 336 36.36 -45.61 54.45
CA GLU A 336 35.33 -46.55 54.82
C GLU A 336 34.51 -47.08 53.63
N ARG A 337 34.96 -46.81 52.38
CA ARG A 337 34.21 -47.14 51.16
C ARG A 337 33.88 -48.62 50.96
N LYS A 338 34.64 -49.54 51.59
CA LYS A 338 34.41 -51.00 51.57
C LYS A 338 32.98 -51.42 51.93
N TYR A 339 32.31 -50.64 52.78
CA TYR A 339 30.97 -50.96 53.25
C TYR A 339 30.09 -49.73 53.11
N SER A 340 30.55 -48.74 52.32
CA SER A 340 29.86 -47.46 52.10
C SER A 340 28.39 -47.59 51.69
N VAL A 341 28.09 -48.60 50.85
CA VAL A 341 26.70 -48.89 50.42
C VAL A 341 25.85 -49.16 51.65
N TRP A 342 26.32 -50.07 52.51
CA TRP A 342 25.64 -50.42 53.75
C TRP A 342 25.50 -49.19 54.62
N ILE A 343 26.60 -48.40 54.70
CA ILE A 343 26.65 -47.19 55.49
C ILE A 343 25.61 -46.21 54.97
N GLY A 344 25.50 -46.08 53.63
CA GLY A 344 24.44 -45.27 53.03
C GLY A 344 23.06 -45.69 53.46
N GLY A 345 22.85 -47.02 53.54
CA GLY A 345 21.58 -47.56 54.00
C GLY A 345 21.34 -47.21 55.45
N SER A 346 22.41 -47.28 56.26
CA SER A 346 22.35 -46.91 57.67
C SER A 346 21.93 -45.46 57.83
N ILE A 347 22.47 -44.56 56.99
CA ILE A 347 22.02 -43.17 57.07
C ILE A 347 20.59 -43.06 56.56
N LEU A 348 20.26 -43.84 55.51
CA LEU A 348 18.97 -43.79 54.83
C LEU A 348 17.79 -44.02 55.77
N ALA A 349 17.74 -45.20 56.39
CA ALA A 349 16.61 -45.57 57.24
C ALA A 349 16.50 -44.72 58.49
N SER A 350 17.65 -44.25 59.03
CA SER A 350 17.70 -43.48 60.27
C SER A 350 17.05 -42.09 60.19
N LEU A 351 16.65 -41.63 59.00
CA LEU A 351 16.09 -40.29 58.89
C LEU A 351 14.64 -40.25 59.32
N SER A 352 14.26 -39.16 60.01
CA SER A 352 12.88 -38.91 60.42
C SER A 352 11.91 -38.89 59.24
N THR A 353 12.37 -38.50 58.06
CA THR A 353 11.57 -38.35 56.85
C THR A 353 11.36 -39.68 56.12
N PHE A 354 12.03 -40.75 56.54
CA PHE A 354 11.98 -42.00 55.79
C PHE A 354 10.73 -42.81 56.10
N GLN A 355 10.04 -42.47 57.20
CA GLN A 355 8.90 -43.24 57.72
C GLN A 355 7.78 -43.43 56.69
N GLN A 356 7.49 -42.39 55.91
CA GLN A 356 6.40 -42.46 54.95
C GLN A 356 6.84 -43.03 53.60
N MET A 357 8.12 -43.35 53.45
CA MET A 357 8.64 -43.87 52.19
C MET A 357 8.54 -45.37 52.04
N TRP A 358 8.52 -46.11 53.16
CA TRP A 358 8.39 -47.56 53.15
C TRP A 358 7.14 -48.01 52.40
N ILE A 359 7.24 -49.14 51.71
CA ILE A 359 6.06 -49.89 51.31
C ILE A 359 5.59 -50.67 52.53
N THR A 360 4.36 -50.42 52.96
CA THR A 360 3.81 -51.16 54.07
C THR A 360 3.14 -52.44 53.57
N LYS A 361 2.96 -53.38 54.51
CA LYS A 361 2.26 -54.65 54.23
C LYS A 361 0.86 -54.41 53.67
N GLN A 362 0.13 -53.43 54.23
CA GLN A 362 -1.23 -53.12 53.78
C GLN A 362 -1.22 -52.62 52.34
N GLU A 363 -0.26 -51.74 52.00
CA GLU A 363 -0.11 -51.23 50.63
C GLU A 363 0.16 -52.36 49.65
N TYR A 364 1.01 -53.32 50.04
CA TYR A 364 1.25 -54.50 49.22
C TYR A 364 -0.02 -55.32 49.05
N ASP A 365 -0.75 -55.57 50.15
CA ASP A 365 -1.96 -56.41 50.10
C ASP A 365 -3.05 -55.78 49.24
N GLU A 366 -3.05 -54.44 49.12
CA GLU A 366 -4.01 -53.73 48.28
C GLU A 366 -3.57 -53.61 46.83
N ALA A 367 -2.28 -53.33 46.59
CA ALA A 367 -1.79 -53.01 45.25
C ALA A 367 -1.07 -54.15 44.51
N GLY A 368 -0.40 -55.07 45.21
CA GLY A 368 0.33 -56.12 44.56
C GLY A 368 1.71 -55.64 44.20
N PRO A 369 2.52 -56.52 43.51
CA PRO A 369 3.85 -56.14 42.98
C PRO A 369 4.09 -54.74 42.40
N SER A 370 3.06 -54.19 41.74
CA SER A 370 3.04 -52.88 41.10
C SER A 370 3.67 -51.72 41.90
N ILE A 371 3.34 -51.65 43.20
CA ILE A 371 3.73 -50.56 44.11
C ILE A 371 5.23 -50.26 44.15
N VAL A 372 6.10 -51.27 43.95
CA VAL A 372 7.56 -51.10 44.02
C VAL A 372 8.01 -50.06 42.98
N HIS A 373 7.48 -50.16 41.74
CA HIS A 373 7.77 -49.15 40.76
C HIS A 373 6.87 -47.94 41.01
N ARG A 374 5.60 -48.19 41.35
CA ARG A 374 4.64 -47.12 41.59
C ARG A 374 4.72 -46.57 43.02
N LYS A 375 5.91 -46.23 43.49
CA LYS A 375 6.10 -45.63 44.80
C LYS A 375 7.18 -44.56 44.74
N CYS A 376 8.44 -44.97 44.86
CA CYS A 376 9.57 -44.05 44.75
C CYS A 376 10.43 -44.31 43.53
N PHE A 377 9.97 -45.17 42.61
CA PHE A 377 10.64 -45.56 41.35
C PHE A 377 12.08 -46.05 41.52
N GLU B 6 30.94 -47.28 -24.63
CA GLU B 6 31.54 -48.61 -24.53
C GLU B 6 31.93 -48.90 -23.09
N THR B 7 32.32 -47.85 -22.36
CA THR B 7 32.76 -48.00 -20.98
C THR B 7 31.53 -48.12 -20.07
N THR B 8 31.48 -49.21 -19.31
CA THR B 8 30.36 -49.43 -18.40
C THR B 8 30.57 -48.62 -17.12
N ALA B 9 29.49 -48.03 -16.62
CA ALA B 9 29.54 -47.20 -15.43
C ALA B 9 29.40 -48.04 -14.18
N LEU B 10 30.04 -47.60 -13.11
CA LEU B 10 29.97 -48.27 -11.82
C LEU B 10 29.02 -47.52 -10.90
N VAL B 11 28.26 -48.28 -10.10
CA VAL B 11 27.37 -47.72 -9.10
C VAL B 11 27.78 -48.28 -7.75
N CYS B 12 28.18 -47.39 -6.84
CA CYS B 12 28.64 -47.79 -5.52
C CYS B 12 27.90 -46.98 -4.48
N ASP B 13 27.30 -47.68 -3.51
CA ASP B 13 26.56 -47.08 -2.42
C ASP B 13 27.28 -47.46 -1.13
N ASN B 14 27.90 -46.47 -0.50
CA ASN B 14 28.67 -46.64 0.73
C ASN B 14 27.83 -46.07 1.86
N GLY B 15 27.05 -46.93 2.51
CA GLY B 15 26.27 -46.54 3.66
C GLY B 15 27.09 -46.63 4.94
N SER B 16 26.41 -46.43 6.06
CA SER B 16 27.08 -46.53 7.36
C SER B 16 27.43 -47.96 7.71
N GLY B 17 26.66 -48.94 7.23
CA GLY B 17 26.88 -50.31 7.63
C GLY B 17 27.27 -51.26 6.52
N LEU B 18 26.78 -51.04 5.31
CA LEU B 18 26.98 -51.97 4.22
C LEU B 18 27.40 -51.21 2.97
N VAL B 19 28.13 -51.91 2.10
CA VAL B 19 28.53 -51.41 0.79
C VAL B 19 27.81 -52.23 -0.27
N LYS B 20 27.10 -51.55 -1.17
CA LYS B 20 26.39 -52.18 -2.28
C LYS B 20 27.00 -51.64 -3.57
N ALA B 21 27.79 -52.45 -4.25
CA ALA B 21 28.52 -52.02 -5.43
C ALA B 21 28.20 -52.93 -6.61
N GLY B 22 28.21 -52.36 -7.80
CA GLY B 22 27.93 -53.15 -8.99
C GLY B 22 28.04 -52.31 -10.25
N PHE B 23 27.51 -52.87 -11.33
CA PHE B 23 27.58 -52.26 -12.65
C PHE B 23 26.23 -51.67 -13.04
N ALA B 24 26.29 -50.52 -13.70
CA ALA B 24 25.08 -49.84 -14.15
C ALA B 24 24.38 -50.62 -15.25
N GLY B 25 23.06 -50.51 -15.28
CA GLY B 25 22.23 -51.28 -16.19
C GLY B 25 21.75 -52.61 -15.65
N ASP B 26 22.16 -53.00 -14.45
CA ASP B 26 21.74 -54.25 -13.87
C ASP B 26 20.47 -54.06 -13.04
N ASP B 27 20.01 -55.14 -12.43
CA ASP B 27 18.83 -55.12 -11.57
C ASP B 27 19.17 -55.21 -10.09
N ALA B 28 20.25 -55.90 -9.74
CA ALA B 28 20.67 -56.05 -8.36
C ALA B 28 22.16 -55.81 -8.25
N PRO B 29 22.63 -55.29 -7.10
CA PRO B 29 24.08 -55.09 -6.92
C PRO B 29 24.86 -56.40 -6.91
N ARG B 30 26.06 -56.35 -7.48
CA ARG B 30 26.90 -57.54 -7.55
C ARG B 30 27.50 -57.88 -6.19
N ALA B 31 27.98 -56.88 -5.47
CA ALA B 31 28.70 -57.11 -4.21
C ALA B 31 28.01 -56.33 -3.10
N VAL B 32 27.45 -57.07 -2.14
CA VAL B 32 26.83 -56.49 -0.95
C VAL B 32 27.60 -57.05 0.23
N PHE B 33 28.38 -56.21 0.89
CA PHE B 33 29.19 -56.72 1.98
C PHE B 33 29.24 -55.71 3.12
N PRO B 34 29.41 -56.15 4.38
CA PRO B 34 29.45 -55.22 5.50
C PRO B 34 30.63 -54.25 5.44
N SER B 35 30.38 -53.01 5.84
CA SER B 35 31.38 -51.95 5.77
C SER B 35 32.13 -51.86 7.09
N ILE B 36 33.00 -52.85 7.30
CA ILE B 36 33.79 -52.95 8.52
C ILE B 36 35.23 -53.24 8.12
N VAL B 37 36.15 -52.81 8.97
CA VAL B 37 37.56 -53.16 8.85
C VAL B 37 37.97 -53.80 10.16
N GLY B 38 38.58 -54.98 10.09
CA GLY B 38 38.98 -55.72 11.26
C GLY B 38 40.50 -55.69 11.37
N ARG B 39 40.98 -55.54 12.58
CA ARG B 39 42.39 -55.37 12.88
C ARG B 39 42.75 -56.41 13.94
N PRO B 40 44.05 -56.74 14.12
CA PRO B 40 44.41 -57.79 15.08
C PRO B 40 44.06 -57.45 16.51
N ARG B 41 43.70 -58.48 17.27
CA ARG B 41 43.25 -58.33 18.64
C ARG B 41 44.49 -58.07 19.48
N HIS B 42 44.34 -57.47 20.66
CA HIS B 42 45.59 -57.26 21.38
C HIS B 42 45.97 -58.44 22.26
N GLN B 43 45.05 -59.37 22.51
CA GLN B 43 45.36 -60.64 23.15
C GLN B 43 46.39 -61.38 22.32
N GLY B 44 47.55 -61.73 22.88
CA GLY B 44 48.41 -62.53 22.03
C GLY B 44 48.03 -64.00 21.80
N VAL B 45 46.77 -64.30 21.44
CA VAL B 45 46.36 -65.66 21.11
C VAL B 45 46.90 -66.10 19.76
N MET B 46 46.52 -65.38 18.71
CA MET B 46 46.96 -65.64 17.34
C MET B 46 47.89 -64.56 16.82
N VAL B 47 49.17 -64.91 16.73
CA VAL B 47 50.18 -64.04 16.12
C VAL B 47 50.72 -64.65 14.84
N GLY B 48 50.42 -65.93 14.58
CA GLY B 48 50.93 -66.63 13.42
C GLY B 48 50.40 -66.15 12.08
N MET B 49 49.28 -65.44 12.07
CA MET B 49 48.72 -64.99 10.80
C MET B 49 49.52 -63.83 10.23
N GLY B 50 50.42 -64.14 9.31
CA GLY B 50 51.24 -63.13 8.68
C GLY B 50 50.58 -62.25 7.63
N GLN B 51 49.62 -61.42 8.01
CA GLN B 51 48.91 -60.60 7.03
C GLN B 51 49.66 -59.29 6.82
N LYS B 52 48.93 -58.28 6.36
CA LYS B 52 49.52 -56.96 6.27
C LYS B 52 49.15 -56.30 7.59
N ASP B 53 47.93 -55.75 7.67
CA ASP B 53 47.50 -55.09 8.90
C ASP B 53 45.99 -55.06 9.05
N SER B 54 45.22 -55.65 8.14
CA SER B 54 43.78 -55.57 8.23
C SER B 54 43.12 -56.80 7.63
N TYR B 55 41.81 -56.88 7.83
CA TYR B 55 40.88 -57.66 7.03
C TYR B 55 39.65 -56.80 6.81
N VAL B 56 39.07 -56.89 5.61
CA VAL B 56 37.99 -56.00 5.18
C VAL B 56 36.83 -56.86 4.69
N GLY B 57 35.64 -56.60 5.20
CA GLY B 57 34.43 -57.11 4.58
C GLY B 57 34.10 -58.49 5.13
N ASP B 58 33.84 -59.44 4.21
CA ASP B 58 33.49 -60.79 4.58
C ASP B 58 34.65 -61.51 5.25
N GLU B 59 35.88 -61.20 4.84
CA GLU B 59 37.07 -61.82 5.43
C GLU B 59 37.23 -61.43 6.91
N ALA B 60 36.91 -60.17 7.23
CA ALA B 60 36.95 -59.74 8.62
C ALA B 60 35.84 -60.39 9.45
N GLN B 61 34.66 -60.54 8.84
CA GLN B 61 33.52 -61.17 9.51
C GLN B 61 33.75 -62.66 9.75
N SER B 62 34.43 -63.34 8.84
CA SER B 62 34.70 -64.76 9.00
C SER B 62 35.73 -65.04 10.07
N LYS B 63 36.70 -64.14 10.24
CA LYS B 63 37.78 -64.29 11.19
C LYS B 63 37.60 -63.43 12.43
N ARG B 64 36.35 -63.08 12.77
CA ARG B 64 36.07 -62.09 13.82
C ARG B 64 36.42 -62.55 15.23
N GLY B 65 36.70 -63.85 15.44
CA GLY B 65 37.02 -64.34 16.76
C GLY B 65 38.38 -63.89 17.27
N ILE B 66 39.26 -63.45 16.39
CA ILE B 66 40.59 -62.94 16.75
C ILE B 66 40.79 -61.51 16.26
N LEU B 67 39.72 -60.80 15.89
CA LEU B 67 39.83 -59.45 15.35
C LEU B 67 39.00 -58.47 16.15
N THR B 68 39.42 -57.21 16.12
CA THR B 68 38.62 -56.08 16.56
C THR B 68 38.04 -55.39 15.32
N LEU B 69 36.73 -55.19 15.31
CA LEU B 69 36.03 -54.66 14.15
C LEU B 69 35.68 -53.20 14.37
N LYS B 70 36.05 -52.36 13.40
CA LYS B 70 35.76 -50.94 13.42
C LYS B 70 34.92 -50.57 12.21
N TYR B 71 33.95 -49.68 12.43
CA TYR B 71 33.16 -49.10 11.35
C TYR B 71 33.80 -47.79 10.91
N PRO B 72 34.25 -47.66 9.66
CA PRO B 72 34.83 -46.39 9.19
C PRO B 72 33.86 -45.23 9.15
N ILE B 73 32.55 -45.47 9.10
CA ILE B 73 31.55 -44.43 8.98
C ILE B 73 30.67 -44.47 10.22
N GLU B 74 30.54 -43.33 10.89
CA GLU B 74 29.67 -43.22 12.06
C GLU B 74 28.67 -42.10 11.86
N HIC B 75 27.39 -42.47 11.90
CA HIC B 75 26.23 -41.61 11.73
C HIC B 75 26.28 -40.86 10.41
O HIC B 75 26.12 -39.65 10.27
CB HIC B 75 26.04 -40.54 12.84
CG HIC B 75 26.15 -41.16 14.17
ND1 HIC B 75 27.11 -40.85 15.14
CD2 HIC B 75 25.31 -42.18 14.66
CE1 HIC B 75 26.86 -41.64 16.19
NE2 HIC B 75 25.76 -42.48 15.94
CZ HIC B 75 25.21 -43.46 16.82
N GLY B 76 26.53 -41.65 9.37
CA GLY B 76 26.56 -41.17 8.00
C GLY B 76 27.73 -40.29 7.62
N ILE B 77 28.73 -40.19 8.49
CA ILE B 77 29.89 -39.33 8.28
C ILE B 77 31.13 -40.22 8.26
N ILE B 78 31.96 -40.05 7.25
CA ILE B 78 33.19 -40.83 7.14
C ILE B 78 34.18 -40.25 8.15
N THR B 79 34.50 -41.02 9.18
CA THR B 79 35.40 -40.55 10.22
C THR B 79 36.85 -40.94 10.00
N ASN B 80 37.11 -42.11 9.41
CA ASN B 80 38.46 -42.57 9.10
C ASN B 80 38.54 -42.78 7.61
N TRP B 81 39.56 -42.18 6.99
CA TRP B 81 39.66 -42.18 5.53
C TRP B 81 40.57 -43.28 4.98
N ASP B 82 41.59 -43.70 5.74
CA ASP B 82 42.41 -44.83 5.34
C ASP B 82 41.60 -46.13 5.30
N ASP B 83 40.73 -46.34 6.30
CA ASP B 83 39.84 -47.50 6.29
C ASP B 83 38.85 -47.40 5.14
N MET B 84 38.43 -46.19 4.78
CA MET B 84 37.55 -45.97 3.64
C MET B 84 38.26 -46.31 2.34
N GLU B 85 39.55 -45.95 2.25
CA GLU B 85 40.38 -46.36 1.12
C GLU B 85 40.51 -47.87 1.03
N LYS B 86 40.63 -48.54 2.19
CA LYS B 86 40.65 -50.01 2.22
C LYS B 86 39.34 -50.59 1.68
N ILE B 87 38.21 -50.01 2.09
CA ILE B 87 36.89 -50.47 1.64
C ILE B 87 36.76 -50.29 0.13
N TRP B 88 37.18 -49.13 -0.39
CA TRP B 88 37.07 -48.87 -1.83
C TRP B 88 38.02 -49.76 -2.64
N HIS B 89 39.24 -49.99 -2.12
CA HIS B 89 40.18 -50.90 -2.77
C HIS B 89 39.65 -52.33 -2.80
N HIS B 90 39.04 -52.77 -1.69
CA HIS B 90 38.42 -54.09 -1.62
C HIS B 90 37.26 -54.23 -2.60
N THR B 91 36.41 -53.20 -2.69
CA THR B 91 35.25 -53.31 -3.56
C THR B 91 35.61 -53.09 -5.03
N PHE B 92 36.79 -52.54 -5.33
CA PHE B 92 37.19 -52.42 -6.72
C PHE B 92 37.96 -53.64 -7.19
N TYR B 93 38.97 -54.08 -6.42
CA TYR B 93 39.88 -55.11 -6.89
C TYR B 93 39.51 -56.51 -6.44
N ASN B 94 38.88 -56.67 -5.28
CA ASN B 94 38.62 -58.00 -4.73
C ASN B 94 37.19 -58.48 -4.97
N GLU B 95 36.20 -57.59 -4.86
CA GLU B 95 34.80 -57.99 -5.02
C GLU B 95 34.31 -57.87 -6.46
N LEU B 96 34.37 -56.66 -7.03
CA LEU B 96 33.91 -56.47 -8.40
C LEU B 96 34.90 -57.00 -9.45
N ARG B 97 36.17 -57.21 -9.06
CA ARG B 97 37.23 -57.76 -9.90
C ARG B 97 37.44 -56.92 -11.16
N VAL B 98 37.52 -55.61 -10.97
CA VAL B 98 37.56 -54.66 -12.07
C VAL B 98 38.71 -53.67 -11.84
N ALA B 99 39.15 -53.05 -12.93
CA ALA B 99 40.19 -52.03 -12.87
C ALA B 99 39.55 -50.66 -12.96
N PRO B 100 39.74 -49.79 -11.95
CA PRO B 100 38.96 -48.55 -11.85
C PRO B 100 39.26 -47.49 -12.92
N GLU B 101 40.37 -47.60 -13.66
CA GLU B 101 40.79 -46.50 -14.54
C GLU B 101 39.97 -46.40 -15.82
N GLU B 102 39.11 -47.37 -16.11
CA GLU B 102 38.30 -47.37 -17.33
C GLU B 102 36.81 -47.45 -17.03
N HIS B 103 36.39 -47.07 -15.82
CA HIS B 103 34.98 -47.10 -15.48
C HIS B 103 34.57 -45.86 -14.69
N PRO B 104 33.59 -45.10 -15.18
CA PRO B 104 33.02 -44.01 -14.37
C PRO B 104 32.28 -44.53 -13.15
N THR B 105 32.27 -43.73 -12.09
CA THR B 105 31.77 -44.16 -10.79
C THR B 105 30.70 -43.20 -10.31
N LEU B 106 29.60 -43.76 -9.79
CA LEU B 106 28.52 -42.99 -9.18
C LEU B 106 28.50 -43.31 -7.68
N LEU B 107 28.60 -42.28 -6.86
CA LEU B 107 28.59 -42.42 -5.41
C LEU B 107 27.38 -41.69 -4.84
N THR B 108 27.04 -42.06 -3.60
CA THR B 108 25.85 -41.56 -2.92
C THR B 108 26.26 -40.86 -1.63
N GLU B 109 25.41 -39.95 -1.18
CA GLU B 109 25.67 -39.26 0.08
C GLU B 109 24.34 -38.85 0.70
N ALA B 110 24.28 -38.91 2.02
CA ALA B 110 23.09 -38.50 2.74
C ALA B 110 22.99 -36.98 2.77
N PRO B 111 21.79 -36.42 2.89
CA PRO B 111 21.64 -34.96 3.01
C PRO B 111 22.19 -34.45 4.33
N LEU B 112 22.55 -33.16 4.33
CA LEU B 112 23.02 -32.38 5.48
C LEU B 112 24.30 -32.97 6.07
N ASN B 113 25.13 -33.53 5.21
CA ASN B 113 26.46 -34.02 5.49
C ASN B 113 27.46 -32.87 5.36
N PRO B 114 28.66 -32.98 5.94
CA PRO B 114 29.69 -31.98 5.68
C PRO B 114 30.13 -31.93 4.23
N LYS B 115 30.50 -30.73 3.78
CA LYS B 115 30.98 -30.54 2.42
C LYS B 115 32.34 -31.20 2.21
N ALA B 116 33.14 -31.26 3.28
CA ALA B 116 34.50 -31.81 3.23
C ALA B 116 34.47 -33.29 2.89
N ASN B 117 33.41 -33.99 3.31
CA ASN B 117 33.21 -35.40 3.01
C ASN B 117 33.10 -35.63 1.50
N ARG B 118 32.25 -34.82 0.83
CA ARG B 118 32.08 -34.89 -0.62
C ARG B 118 33.36 -34.50 -1.34
N GLU B 119 34.04 -33.45 -0.86
CA GLU B 119 35.30 -33.00 -1.46
C GLU B 119 36.37 -34.09 -1.39
N LYS B 120 36.51 -34.74 -0.23
CA LYS B 120 37.51 -35.78 -0.08
C LYS B 120 37.14 -37.04 -0.83
N MET B 121 35.84 -37.33 -0.99
CA MET B 121 35.42 -38.43 -1.86
C MET B 121 35.86 -38.19 -3.30
N THR B 122 35.66 -36.96 -3.80
CA THR B 122 36.11 -36.60 -5.15
C THR B 122 37.63 -36.70 -5.27
N GLN B 123 38.34 -36.19 -4.25
CA GLN B 123 39.81 -36.21 -4.24
C GLN B 123 40.38 -37.63 -4.21
N ILE B 124 39.79 -38.52 -3.39
CA ILE B 124 40.27 -39.90 -3.31
C ILE B 124 39.96 -40.66 -4.61
N MET B 125 38.74 -40.46 -5.15
CA MET B 125 38.37 -41.15 -6.40
C MET B 125 39.18 -40.65 -7.59
N PHE B 126 39.70 -39.42 -7.55
CA PHE B 126 40.46 -38.91 -8.68
C PHE B 126 41.97 -39.00 -8.52
N GLU B 127 42.49 -39.19 -7.30
CA GLU B 127 43.93 -39.20 -7.12
C GLU B 127 44.49 -40.52 -6.62
N THR B 128 43.67 -41.45 -6.15
CA THR B 128 44.17 -42.73 -5.69
C THR B 128 43.58 -43.90 -6.46
N PHE B 129 42.29 -43.87 -6.78
CA PHE B 129 41.62 -44.90 -7.56
C PHE B 129 41.16 -44.37 -8.90
N ASN B 130 42.04 -43.58 -9.57
CA ASN B 130 41.72 -42.55 -10.57
C ASN B 130 40.77 -43.02 -11.66
N VAL B 131 39.60 -42.39 -11.69
CA VAL B 131 38.49 -42.76 -12.58
C VAL B 131 38.41 -41.74 -13.71
N PRO B 132 37.90 -42.11 -14.89
CA PRO B 132 37.65 -41.10 -15.94
C PRO B 132 36.65 -40.04 -15.51
N ALA B 133 35.64 -40.41 -14.72
CA ALA B 133 34.62 -39.49 -14.25
C ALA B 133 33.98 -40.07 -12.99
N MET B 134 33.44 -39.18 -12.17
CA MET B 134 32.69 -39.60 -10.99
C MET B 134 31.57 -38.60 -10.75
N TYR B 135 30.51 -39.06 -10.09
CA TYR B 135 29.38 -38.19 -9.79
C TYR B 135 28.79 -38.58 -8.45
N VAL B 136 28.50 -37.58 -7.63
CA VAL B 136 27.92 -37.79 -6.29
C VAL B 136 26.47 -37.34 -6.31
N ALA B 137 25.58 -38.19 -5.78
CA ALA B 137 24.15 -37.94 -5.81
C ALA B 137 23.56 -38.11 -4.42
N ILE B 138 22.42 -37.48 -4.20
CA ILE B 138 21.66 -37.61 -2.95
C ILE B 138 20.88 -38.91 -2.98
N GLN B 139 20.81 -39.59 -1.83
CA GLN B 139 20.25 -40.95 -1.76
C GLN B 139 18.74 -40.94 -1.95
N ALA B 140 18.05 -39.95 -1.37
CA ALA B 140 16.59 -39.90 -1.43
C ALA B 140 16.09 -39.64 -2.85
N VAL B 141 16.84 -38.85 -3.62
CA VAL B 141 16.52 -38.63 -5.03
C VAL B 141 16.62 -39.93 -5.80
N LEU B 142 17.64 -40.75 -5.49
CA LEU B 142 17.76 -42.07 -6.12
C LEU B 142 16.64 -43.01 -5.70
N SER B 143 16.21 -42.93 -4.44
CA SER B 143 15.09 -43.76 -3.97
C SER B 143 13.80 -43.38 -4.69
N LEU B 144 13.59 -42.08 -4.92
CA LEU B 144 12.46 -41.62 -5.69
C LEU B 144 12.57 -42.00 -7.16
N TYR B 145 13.80 -42.03 -7.70
CA TYR B 145 14.03 -42.52 -9.06
C TYR B 145 13.64 -43.99 -9.18
N ALA B 146 14.02 -44.80 -8.19
CA ALA B 146 13.71 -46.22 -8.22
C ALA B 146 12.23 -46.48 -7.98
N SER B 147 11.55 -45.58 -7.26
CA SER B 147 10.12 -45.75 -7.05
C SER B 147 9.29 -45.40 -8.27
N GLY B 148 9.88 -44.77 -9.29
CA GLY B 148 9.21 -44.48 -10.52
C GLY B 148 8.45 -43.16 -10.58
N ARG B 149 8.35 -42.44 -9.48
CA ARG B 149 7.58 -41.21 -9.44
C ARG B 149 8.47 -40.00 -9.20
N THR B 150 7.86 -38.82 -9.29
CA THR B 150 8.55 -37.55 -9.18
C THR B 150 8.25 -36.79 -7.89
N THR B 151 7.04 -36.91 -7.36
CA THR B 151 6.64 -36.23 -6.14
C THR B 151 6.53 -37.22 -5.00
N GLY B 152 7.07 -36.86 -3.84
CA GLY B 152 6.99 -37.72 -2.68
C GLY B 152 7.96 -37.30 -1.62
N ILE B 153 7.74 -37.84 -0.42
CA ILE B 153 8.61 -37.61 0.71
C ILE B 153 9.25 -38.95 1.07
N VAL B 154 10.57 -38.97 1.07
CA VAL B 154 11.35 -40.19 1.26
C VAL B 154 11.85 -40.23 2.69
N LEU B 155 11.55 -41.33 3.37
CA LEU B 155 12.11 -41.64 4.69
C LEU B 155 13.18 -42.69 4.45
N ASP B 156 14.43 -42.29 4.52
CA ASP B 156 15.55 -43.17 4.29
C ASP B 156 16.21 -43.42 5.64
N SER B 157 16.18 -44.67 6.08
CA SER B 157 16.78 -45.06 7.36
C SER B 157 17.74 -46.21 7.09
N GLY B 158 19.00 -46.02 7.46
CA GLY B 158 20.00 -47.04 7.24
C GLY B 158 20.65 -47.54 8.50
N ASP B 159 21.98 -47.49 8.54
CA ASP B 159 22.71 -47.95 9.71
C ASP B 159 23.18 -46.82 10.62
N GLY B 160 23.26 -45.59 10.11
CA GLY B 160 23.71 -44.49 10.95
C GLY B 160 22.76 -43.32 11.08
N VAL B 161 21.94 -43.06 10.06
CA VAL B 161 21.06 -41.89 10.03
C VAL B 161 19.66 -42.30 9.59
N THR B 162 18.70 -41.44 9.91
CA THR B 162 17.32 -41.57 9.45
C THR B 162 16.88 -40.18 9.01
N HIS B 163 16.71 -39.98 7.72
CA HIS B 163 16.42 -38.64 7.20
C HIS B 163 15.17 -38.64 6.33
N ASN B 164 14.41 -37.55 6.46
CA ASN B 164 13.21 -37.31 5.67
C ASN B 164 13.52 -36.19 4.69
N VAL B 165 13.28 -36.43 3.41
CA VAL B 165 13.43 -35.43 2.36
C VAL B 165 12.16 -35.36 1.52
N PRO B 166 11.49 -34.21 1.47
CA PRO B 166 10.35 -34.06 0.55
C PRO B 166 10.71 -33.42 -0.79
N ILE B 167 10.18 -33.94 -1.89
CA ILE B 167 10.44 -33.46 -3.23
C ILE B 167 9.10 -33.32 -3.93
N TYR B 168 8.86 -32.17 -4.57
CA TYR B 168 7.64 -31.91 -5.31
C TYR B 168 7.96 -31.50 -6.74
N GLU B 169 7.57 -32.34 -7.71
CA GLU B 169 7.78 -32.13 -9.15
C GLU B 169 9.25 -31.92 -9.50
N GLY B 170 10.12 -32.64 -8.82
CA GLY B 170 11.54 -32.57 -9.09
C GLY B 170 12.29 -31.49 -8.37
N TYR B 171 11.60 -30.66 -7.58
CA TYR B 171 12.25 -29.62 -6.80
C TYR B 171 12.30 -30.07 -5.34
N ALA B 172 13.49 -30.00 -4.75
CA ALA B 172 13.65 -30.36 -3.35
C ALA B 172 13.54 -29.13 -2.48
N LEU B 173 13.13 -29.34 -1.23
CA LEU B 173 12.98 -28.26 -0.25
C LEU B 173 13.97 -28.51 0.88
N PRO B 174 15.18 -27.94 0.80
CA PRO B 174 16.21 -28.24 1.81
C PRO B 174 15.91 -27.74 3.21
N HIS B 175 15.04 -26.74 3.37
CA HIS B 175 14.71 -26.25 4.70
C HIS B 175 13.79 -27.18 5.46
N ALA B 176 13.14 -28.12 4.78
CA ALA B 176 12.26 -29.10 5.42
C ALA B 176 12.90 -30.48 5.52
N ILE B 177 14.18 -30.60 5.20
CA ILE B 177 14.89 -31.87 5.32
C ILE B 177 15.18 -32.11 6.80
N MET B 178 14.78 -33.27 7.29
CA MET B 178 14.93 -33.59 8.70
C MET B 178 15.91 -34.75 8.85
N ARG B 179 16.66 -34.74 9.94
CA ARG B 179 17.67 -35.75 10.19
C ARG B 179 17.63 -36.16 11.66
N LEU B 180 17.60 -37.48 11.88
CA LEU B 180 17.59 -38.09 13.21
C LEU B 180 18.71 -39.11 13.29
N ASP B 181 19.57 -38.98 14.30
CA ASP B 181 20.69 -39.89 14.51
C ASP B 181 20.26 -41.13 15.29
N LEU B 182 19.33 -41.89 14.70
CA LEU B 182 18.81 -43.10 15.30
C LEU B 182 18.52 -44.07 14.16
N ALA B 183 19.27 -45.17 14.14
CA ALA B 183 19.18 -46.11 13.02
C ALA B 183 19.46 -47.51 13.54
N GLY B 184 19.88 -48.39 12.63
CA GLY B 184 19.99 -49.82 12.94
C GLY B 184 21.01 -50.16 14.01
N ARG B 185 22.14 -49.44 14.03
CA ARG B 185 23.20 -49.73 15.00
C ARG B 185 22.76 -49.41 16.42
N ASP B 186 21.98 -48.33 16.59
CA ASP B 186 21.40 -47.99 17.88
C ASP B 186 20.42 -49.06 18.34
N LEU B 187 19.63 -49.59 17.42
CA LEU B 187 18.71 -50.69 17.73
C LEU B 187 19.46 -51.95 18.11
N THR B 188 20.60 -52.20 17.46
CA THR B 188 21.47 -53.33 17.82
C THR B 188 22.01 -53.18 19.23
N ASP B 189 22.48 -51.96 19.58
CA ASP B 189 22.98 -51.70 20.92
C ASP B 189 21.88 -51.82 21.97
N TYR B 190 20.67 -51.35 21.65
CA TYR B 190 19.54 -51.49 22.57
C TYR B 190 19.15 -52.93 22.76
N LEU B 191 19.20 -53.74 21.68
CA LEU B 191 18.93 -55.17 21.81
C LEU B 191 19.98 -55.87 22.65
N MET B 192 21.26 -55.47 22.50
CA MET B 192 22.33 -55.99 23.37
C MET B 192 22.08 -55.63 24.83
N LYS B 193 21.60 -54.41 25.08
CA LYS B 193 21.30 -53.98 26.44
C LYS B 193 20.14 -54.78 27.03
N ILE B 194 19.08 -55.00 26.25
CA ILE B 194 17.88 -55.63 26.81
C ILE B 194 17.90 -57.15 26.79
N LEU B 195 18.88 -57.78 26.10
CA LEU B 195 19.00 -59.22 26.25
C LEU B 195 19.65 -59.64 27.56
N THR B 196 20.24 -58.71 28.31
CA THR B 196 20.78 -59.01 29.63
C THR B 196 19.69 -59.26 30.67
N GLU B 197 18.44 -58.90 30.38
CA GLU B 197 17.34 -59.16 31.29
C GLU B 197 17.00 -60.64 31.39
N ARG B 198 17.26 -61.41 30.34
CA ARG B 198 17.00 -62.84 30.35
C ARG B 198 18.25 -63.66 30.64
N GLY B 199 19.35 -63.01 30.99
CA GLY B 199 20.55 -63.68 31.42
C GLY B 199 21.58 -63.92 30.32
N TYR B 200 21.30 -63.47 29.10
CA TYR B 200 22.23 -63.64 28.00
C TYR B 200 23.15 -62.43 27.98
N SER B 201 24.45 -62.67 27.87
CA SER B 201 25.42 -61.59 27.90
C SER B 201 26.19 -61.56 26.58
N PHE B 202 25.91 -60.55 25.77
CA PHE B 202 26.68 -60.28 24.55
C PHE B 202 27.41 -58.96 24.75
N VAL B 203 28.73 -58.99 24.65
CA VAL B 203 29.57 -57.86 25.03
C VAL B 203 30.51 -57.52 23.88
N THR B 204 31.23 -58.52 23.39
CA THR B 204 32.25 -58.31 22.37
C THR B 204 31.62 -57.98 21.02
N THR B 205 32.44 -57.40 20.15
CA THR B 205 32.01 -57.00 18.81
C THR B 205 31.66 -58.18 17.92
N ALA B 206 32.21 -59.37 18.20
CA ALA B 206 31.80 -60.56 17.46
C ALA B 206 30.38 -60.97 17.80
N GLU B 207 29.96 -60.76 19.05
CA GLU B 207 28.60 -61.06 19.46
C GLU B 207 27.60 -59.98 19.02
N ARG B 208 28.10 -58.78 18.70
CA ARG B 208 27.24 -57.74 18.14
C ARG B 208 26.66 -58.15 16.79
N GLU B 209 27.43 -58.87 15.98
CA GLU B 209 26.93 -59.39 14.72
C GLU B 209 25.87 -60.46 14.94
N ILE B 210 26.04 -61.28 15.98
CA ILE B 210 25.03 -62.28 16.36
C ILE B 210 23.73 -61.60 16.76
N VAL B 211 23.82 -60.53 17.56
CA VAL B 211 22.64 -59.77 17.98
C VAL B 211 21.99 -59.08 16.78
N ARG B 212 22.81 -58.61 15.84
CA ARG B 212 22.32 -58.01 14.59
C ARG B 212 21.54 -59.03 13.76
N ASP B 213 22.06 -60.27 13.70
CA ASP B 213 21.36 -61.35 13.00
C ASP B 213 20.03 -61.69 13.66
N ILE B 214 20.00 -61.69 15.01
CA ILE B 214 18.76 -61.90 15.77
C ILE B 214 17.75 -60.82 15.42
N LYS B 215 18.21 -59.56 15.36
CA LYS B 215 17.34 -58.44 15.03
C LYS B 215 16.80 -58.54 13.61
N GLU B 216 17.66 -58.92 12.65
CA GLU B 216 17.21 -59.05 11.26
C GLU B 216 16.25 -60.22 11.05
N LYS B 217 16.38 -61.29 11.83
CA LYS B 217 15.54 -62.45 11.59
C LYS B 217 14.27 -62.50 12.42
N LEU B 218 14.25 -61.98 13.64
CA LEU B 218 13.16 -62.24 14.56
C LEU B 218 12.38 -61.01 15.02
N CYS B 219 12.82 -59.80 14.73
CA CYS B 219 12.16 -58.61 15.22
C CYS B 219 11.10 -58.11 14.24
N TYR B 220 10.11 -57.40 14.78
CA TYR B 220 9.00 -56.87 14.00
C TYR B 220 8.39 -55.70 14.79
N VAL B 221 7.60 -54.90 14.09
CA VAL B 221 6.99 -53.71 14.67
C VAL B 221 5.53 -53.99 14.99
N ALA B 222 5.14 -53.75 16.23
CA ALA B 222 3.78 -53.97 16.68
C ALA B 222 2.87 -52.84 16.20
N LEU B 223 1.62 -53.19 15.88
CA LEU B 223 0.64 -52.16 15.51
C LEU B 223 0.19 -51.37 16.73
N ASP B 224 0.01 -52.04 17.86
CA ASP B 224 -0.27 -51.39 19.13
C ASP B 224 0.73 -51.94 20.14
N PHE B 225 1.49 -51.06 20.77
CA PHE B 225 2.58 -51.50 21.63
C PHE B 225 2.08 -52.07 22.96
N GLU B 226 1.13 -51.38 23.60
CA GLU B 226 0.63 -51.81 24.91
C GLU B 226 -0.15 -53.11 24.85
N ASN B 227 -0.98 -53.27 23.80
CA ASN B 227 -1.74 -54.51 23.62
C ASN B 227 -0.82 -55.70 23.37
N GLU B 228 0.24 -55.50 22.57
CA GLU B 228 1.18 -56.59 22.32
C GLU B 228 2.03 -56.90 23.54
N MET B 229 2.36 -55.88 24.36
CA MET B 229 3.04 -56.14 25.63
C MET B 229 2.16 -56.94 26.58
N ALA B 230 0.87 -56.61 26.65
CA ALA B 230 -0.07 -57.36 27.48
C ALA B 230 -0.23 -58.79 26.98
N THR B 231 -0.30 -58.96 25.65
CA THR B 231 -0.40 -60.29 25.05
C THR B 231 0.85 -61.13 25.34
N ALA B 232 2.03 -60.52 25.25
CA ALA B 232 3.28 -61.20 25.59
C ALA B 232 3.34 -61.56 27.06
N ALA B 233 2.85 -60.66 27.93
CA ALA B 233 2.81 -60.92 29.37
C ALA B 233 1.81 -62.02 29.71
N SER B 234 0.76 -62.19 28.89
CA SER B 234 -0.26 -63.19 29.18
C SER B 234 0.20 -64.58 28.79
N SER B 235 0.51 -64.80 27.51
CA SER B 235 0.81 -66.13 27.00
C SER B 235 2.15 -66.12 26.27
N SER B 236 2.75 -67.29 26.17
CA SER B 236 4.02 -67.47 25.46
C SER B 236 3.79 -67.91 24.02
N SER B 237 3.00 -67.12 23.29
CA SER B 237 2.76 -67.38 21.88
C SER B 237 3.65 -66.54 20.97
N LEU B 238 4.21 -65.45 21.48
CA LEU B 238 5.09 -64.56 20.74
C LEU B 238 6.55 -64.90 20.92
N GLU B 239 6.86 -65.99 21.61
CA GLU B 239 8.24 -66.35 21.94
C GLU B 239 8.82 -67.21 20.82
N LYS B 240 10.06 -66.88 20.43
CA LYS B 240 10.77 -67.60 19.38
C LYS B 240 12.14 -68.02 19.89
N SER B 241 12.66 -69.10 19.31
CA SER B 241 13.93 -69.66 19.71
C SER B 241 14.97 -69.41 18.62
N TYR B 242 16.20 -69.14 19.05
CA TYR B 242 17.32 -68.86 18.17
C TYR B 242 18.51 -69.69 18.61
N GLU B 243 19.20 -70.31 17.66
CA GLU B 243 20.34 -71.16 17.96
C GLU B 243 21.63 -70.37 17.78
N LEU B 244 22.45 -70.32 18.83
CA LEU B 244 23.70 -69.60 18.79
C LEU B 244 24.73 -70.39 17.98
N PRO B 245 25.83 -69.75 17.53
CA PRO B 245 26.87 -70.49 16.78
C PRO B 245 27.53 -71.65 17.53
N ASP B 246 27.53 -71.63 18.85
CA ASP B 246 28.11 -72.72 19.64
C ASP B 246 27.08 -73.75 20.07
N GLY B 247 25.89 -73.73 19.50
CA GLY B 247 24.86 -74.70 19.78
C GLY B 247 23.87 -74.36 20.88
N GLN B 248 24.10 -73.27 21.61
CA GLN B 248 23.15 -72.87 22.64
C GLN B 248 21.88 -72.31 22.02
N VAL B 249 20.75 -72.55 22.69
CA VAL B 249 19.44 -72.12 22.20
C VAL B 249 18.89 -71.11 23.20
N ILE B 250 18.49 -69.95 22.68
CA ILE B 250 17.91 -68.88 23.48
C ILE B 250 16.46 -68.66 23.03
N THR B 251 15.65 -68.14 23.95
CA THR B 251 14.25 -67.85 23.67
C THR B 251 14.00 -66.38 23.99
N ILE B 252 13.33 -65.67 23.08
CA ILE B 252 13.00 -64.26 23.27
C ILE B 252 11.50 -64.05 23.07
N GLY B 253 10.95 -63.14 23.85
CA GLY B 253 9.54 -62.82 23.81
C GLY B 253 9.23 -61.41 23.36
N ASN B 254 8.96 -60.52 24.33
CA ASN B 254 8.63 -59.12 24.03
C ASN B 254 9.79 -58.33 23.40
N GLU B 255 11.03 -58.80 23.56
CA GLU B 255 12.22 -58.18 22.97
C GLU B 255 12.18 -58.15 21.44
N ARG B 256 11.33 -58.98 20.82
CA ARG B 256 11.13 -58.93 19.37
C ARG B 256 10.55 -57.59 18.94
N PHE B 257 9.61 -57.04 19.72
CA PHE B 257 8.99 -55.78 19.31
C PHE B 257 9.41 -54.58 20.16
N ARG B 258 10.08 -54.79 21.29
CA ARG B 258 10.59 -53.66 22.04
C ARG B 258 11.76 -52.99 21.34
N CYS B 259 12.56 -53.78 20.59
CA CYS B 259 13.73 -53.23 19.91
C CYS B 259 13.39 -52.22 18.80
N PRO B 260 12.51 -52.48 17.82
CA PRO B 260 12.26 -51.44 16.80
C PRO B 260 11.36 -50.32 17.28
N GLU B 261 10.69 -50.48 18.44
CA GLU B 261 9.84 -49.44 19.01
C GLU B 261 10.62 -48.18 19.42
N THR B 262 11.94 -48.27 19.52
CA THR B 262 12.79 -47.12 19.73
C THR B 262 12.71 -46.13 18.57
N LEU B 263 12.42 -46.62 17.36
CA LEU B 263 12.20 -45.75 16.20
C LEU B 263 10.98 -44.84 16.35
N PHE B 264 10.01 -45.23 17.20
CA PHE B 264 8.83 -44.43 17.46
C PHE B 264 8.84 -43.80 18.85
N GLN B 265 9.61 -44.36 19.79
CA GLN B 265 9.80 -43.78 21.11
C GLN B 265 11.30 -43.72 21.40
N PRO B 266 11.99 -42.67 20.93
CA PRO B 266 13.46 -42.57 21.15
C PRO B 266 13.88 -42.46 22.60
N SER B 267 12.97 -42.08 23.53
CA SER B 267 13.28 -41.95 24.94
C SER B 267 13.65 -43.27 25.63
N PHE B 268 13.40 -44.41 24.96
CA PHE B 268 13.90 -45.70 25.43
C PHE B 268 15.42 -45.73 25.52
N ILE B 269 16.11 -44.99 24.65
CA ILE B 269 17.56 -44.92 24.72
C ILE B 269 18.04 -43.54 25.19
N GLY B 270 17.16 -42.75 25.80
CA GLY B 270 17.56 -41.50 26.41
C GLY B 270 17.60 -40.30 25.50
N MET B 271 17.06 -40.38 24.30
CA MET B 271 17.09 -39.25 23.38
C MET B 271 15.84 -38.40 23.58
N GLU B 272 16.02 -37.08 23.44
CA GLU B 272 14.93 -36.15 23.66
C GLU B 272 14.07 -35.96 22.41
N SER B 273 14.47 -36.54 21.28
CA SER B 273 13.82 -36.28 20.01
C SER B 273 12.47 -37.00 19.93
N ALA B 274 11.78 -36.76 18.82
CA ALA B 274 10.51 -37.39 18.52
C ALA B 274 10.70 -38.59 17.60
N GLY B 275 9.64 -39.39 17.48
CA GLY B 275 9.67 -40.57 16.63
C GLY B 275 9.67 -40.23 15.15
N ILE B 276 9.81 -41.27 14.33
CA ILE B 276 9.89 -41.09 12.88
C ILE B 276 8.58 -40.59 12.30
N HIS B 277 7.44 -41.00 12.86
CA HIS B 277 6.15 -40.50 12.39
C HIS B 277 5.97 -39.02 12.68
N GLU B 278 6.36 -38.58 13.89
CA GLU B 278 6.31 -37.16 14.24
C GLU B 278 7.28 -36.34 13.41
N THR B 279 8.46 -36.91 13.13
CA THR B 279 9.45 -36.23 12.30
C THR B 279 8.97 -36.08 10.87
N THR B 280 8.30 -37.12 10.34
CA THR B 280 7.72 -37.06 9.00
C THR B 280 6.60 -36.03 8.93
N TYR B 281 5.74 -36.00 9.96
CA TYR B 281 4.66 -35.01 10.02
C TYR B 281 5.20 -33.59 10.13
N ASN B 282 6.28 -33.41 10.89
CA ASN B 282 6.92 -32.10 11.01
C ASN B 282 7.57 -31.67 9.70
N SER B 283 8.13 -32.63 8.96
CA SER B 283 8.70 -32.33 7.65
C SER B 283 7.60 -31.95 6.65
N ILE B 284 6.44 -32.60 6.75
CA ILE B 284 5.31 -32.24 5.89
C ILE B 284 4.80 -30.84 6.25
N MET B 285 4.72 -30.52 7.55
CA MET B 285 4.20 -29.22 7.97
C MET B 285 5.16 -28.06 7.69
N LYS B 286 6.43 -28.33 7.44
CA LYS B 286 7.36 -27.25 7.12
C LYS B 286 7.37 -26.90 5.65
N CYS B 287 6.60 -27.59 4.82
CA CYS B 287 6.54 -27.29 3.40
C CYS B 287 5.35 -26.38 3.13
N ASP B 288 5.18 -26.02 1.87
CA ASP B 288 4.06 -25.16 1.49
C ASP B 288 2.75 -25.94 1.55
N ILE B 289 1.66 -25.21 1.76
CA ILE B 289 0.35 -25.82 2.02
C ILE B 289 -0.18 -26.55 0.78
N ASP B 290 0.14 -26.07 -0.42
CA ASP B 290 -0.42 -26.63 -1.64
C ASP B 290 0.21 -27.94 -2.09
N ILE B 291 1.29 -28.39 -1.46
CA ILE B 291 1.95 -29.64 -1.85
C ILE B 291 1.83 -30.74 -0.81
N ARG B 292 1.27 -30.45 0.37
CA ARG B 292 1.21 -31.41 1.47
C ARG B 292 0.32 -32.60 1.14
N LYS B 293 -0.76 -32.35 0.39
CA LYS B 293 -1.67 -33.41 -0.06
C LYS B 293 -0.94 -34.41 -0.93
N ASP B 294 -0.09 -33.89 -1.84
CA ASP B 294 0.66 -34.78 -2.71
C ASP B 294 1.75 -35.49 -1.92
N LEU B 295 2.25 -34.87 -0.87
CA LEU B 295 3.22 -35.58 -0.03
C LEU B 295 2.54 -36.66 0.79
N TYR B 296 1.26 -36.44 1.17
CA TYR B 296 0.52 -37.39 2.00
C TYR B 296 0.31 -38.71 1.28
N ALA B 297 -0.02 -38.65 -0.01
CA ALA B 297 -0.28 -39.88 -0.73
C ALA B 297 0.99 -40.57 -1.17
N ASN B 298 2.17 -39.97 -0.97
CA ASN B 298 3.41 -40.50 -1.54
C ASN B 298 4.51 -40.64 -0.50
N ASN B 299 4.21 -41.27 0.63
CA ASN B 299 5.24 -41.61 1.60
C ASN B 299 6.03 -42.81 1.10
N VAL B 300 7.31 -42.61 0.79
CA VAL B 300 8.17 -43.63 0.21
C VAL B 300 9.18 -44.07 1.26
N MET B 301 9.24 -45.38 1.52
CA MET B 301 10.15 -45.95 2.50
C MET B 301 11.33 -46.60 1.78
N SER B 302 12.54 -46.31 2.24
CA SER B 302 13.75 -46.91 1.68
C SER B 302 14.76 -47.14 2.80
N GLY B 303 15.65 -48.09 2.56
CA GLY B 303 16.69 -48.44 3.49
C GLY B 303 16.43 -49.78 4.16
N GLY B 304 17.50 -50.35 4.72
CA GLY B 304 17.40 -51.65 5.36
C GLY B 304 16.72 -51.64 6.70
N THR B 305 16.67 -50.49 7.37
CA THR B 305 15.98 -50.39 8.66
C THR B 305 14.46 -50.35 8.50
N THR B 306 13.97 -50.12 7.28
CA THR B 306 12.54 -50.17 6.98
C THR B 306 12.04 -51.55 6.61
N MET B 307 12.80 -52.61 6.88
CA MET B 307 12.46 -53.96 6.45
C MET B 307 11.73 -54.79 7.50
N TYR B 308 11.41 -54.21 8.66
CA TYR B 308 10.62 -54.93 9.66
C TYR B 308 9.21 -55.18 9.12
N PRO B 309 8.63 -56.36 9.36
CA PRO B 309 7.30 -56.64 8.82
C PRO B 309 6.15 -56.13 9.67
N GLY B 310 6.24 -54.90 10.19
CA GLY B 310 5.08 -54.25 10.77
C GLY B 310 5.10 -52.74 10.62
N ILE B 311 6.05 -52.21 9.87
CA ILE B 311 6.39 -50.80 9.98
C ILE B 311 5.52 -49.91 9.10
N ALA B 312 5.04 -50.42 7.95
CA ALA B 312 4.21 -49.62 7.05
C ALA B 312 2.83 -49.37 7.65
N ASP B 313 2.20 -50.40 8.22
CA ASP B 313 0.89 -50.25 8.85
C ASP B 313 0.96 -49.35 10.08
N ARG B 314 2.02 -49.49 10.87
CA ARG B 314 2.22 -48.65 12.06
C ARG B 314 2.42 -47.19 11.67
N MET B 315 3.23 -46.94 10.63
CA MET B 315 3.46 -45.58 10.15
C MET B 315 2.18 -44.97 9.59
N GLN B 316 1.39 -45.77 8.85
CA GLN B 316 0.12 -45.30 8.31
C GLN B 316 -0.85 -44.94 9.43
N LYS B 317 -0.94 -45.78 10.47
CA LYS B 317 -1.80 -45.52 11.61
C LYS B 317 -1.42 -44.24 12.34
N GLU B 318 -0.11 -44.06 12.58
CA GLU B 318 0.38 -42.89 13.31
C GLU B 318 0.18 -41.60 12.52
N ILE B 319 0.53 -41.62 11.22
CA ILE B 319 0.41 -40.43 10.39
C ILE B 319 -1.07 -40.07 10.17
N THR B 320 -1.93 -41.09 10.00
CA THR B 320 -3.38 -40.85 9.89
C THR B 320 -3.95 -40.30 11.19
N ALA B 321 -3.39 -40.71 12.34
CA ALA B 321 -3.77 -40.10 13.61
C ALA B 321 -3.33 -38.63 13.68
N LEU B 322 -2.16 -38.31 13.14
CA LEU B 322 -1.69 -36.92 13.20
C LEU B 322 -2.31 -36.03 12.12
N ALA B 323 -2.52 -36.57 10.91
CA ALA B 323 -3.02 -35.76 9.81
C ALA B 323 -4.53 -35.58 9.91
N PRO B 324 -5.08 -34.54 9.24
CA PRO B 324 -6.54 -34.38 9.19
C PRO B 324 -7.22 -35.57 8.52
N SER B 325 -8.46 -35.83 8.95
CA SER B 325 -9.21 -37.02 8.55
C SER B 325 -9.65 -37.02 7.09
N THR B 326 -9.57 -35.88 6.39
CA THR B 326 -9.98 -35.81 5.00
C THR B 326 -8.82 -36.00 4.03
N MET B 327 -7.79 -36.74 4.45
CA MET B 327 -6.59 -36.93 3.64
C MET B 327 -6.30 -38.41 3.44
N LYS B 328 -5.79 -38.75 2.27
CA LYS B 328 -5.42 -40.12 1.93
C LYS B 328 -3.94 -40.31 2.22
N ILE B 329 -3.64 -41.08 3.26
CA ILE B 329 -2.27 -41.38 3.66
C ILE B 329 -1.92 -42.75 3.09
N LYS B 330 -0.89 -42.80 2.25
CA LYS B 330 -0.47 -44.02 1.58
C LYS B 330 1.02 -44.23 1.80
N ILE B 331 1.37 -45.38 2.37
CA ILE B 331 2.76 -45.76 2.58
C ILE B 331 3.16 -46.71 1.44
N ILE B 332 4.27 -46.40 0.78
CA ILE B 332 4.77 -47.17 -0.35
C ILE B 332 5.98 -47.95 0.10
N ALA B 333 5.83 -49.25 0.30
CA ALA B 333 6.89 -50.12 0.79
C ALA B 333 7.11 -51.28 -0.16
N PRO B 334 7.92 -51.11 -1.20
CA PRO B 334 8.14 -52.20 -2.17
C PRO B 334 8.99 -53.31 -1.54
N PRO B 335 8.91 -54.54 -2.06
CA PRO B 335 9.73 -55.62 -1.47
C PRO B 335 11.24 -55.46 -1.64
N GLU B 336 11.69 -54.75 -2.67
CA GLU B 336 13.11 -54.59 -2.96
C GLU B 336 13.64 -53.24 -2.50
N ARG B 337 13.03 -52.66 -1.46
CA ARG B 337 13.40 -51.32 -1.03
C ARG B 337 14.73 -51.21 -0.30
N LYS B 338 15.36 -52.35 0.05
CA LYS B 338 16.67 -52.35 0.71
C LYS B 338 17.76 -51.85 -0.22
N TYR B 339 17.58 -52.03 -1.51
CA TYR B 339 18.60 -51.66 -2.47
C TYR B 339 18.06 -50.60 -3.41
N SER B 340 17.07 -49.80 -2.94
CA SER B 340 16.43 -48.80 -3.80
C SER B 340 17.39 -47.73 -4.28
N VAL B 341 18.33 -47.34 -3.41
CA VAL B 341 19.30 -46.30 -3.74
C VAL B 341 20.17 -46.77 -4.89
N TRP B 342 20.62 -48.04 -4.80
CA TRP B 342 21.45 -48.63 -5.85
C TRP B 342 20.66 -48.77 -7.13
N ILE B 343 19.38 -49.15 -7.01
CA ILE B 343 18.51 -49.31 -8.18
C ILE B 343 18.32 -47.97 -8.86
N GLY B 344 18.14 -46.91 -8.05
CA GLY B 344 18.02 -45.57 -8.58
C GLY B 344 19.31 -45.12 -9.26
N GLY B 345 20.45 -45.50 -8.67
CA GLY B 345 21.73 -45.18 -9.27
C GLY B 345 21.92 -45.86 -10.61
N SER B 346 21.44 -47.11 -10.71
CA SER B 346 21.50 -47.82 -11.98
C SER B 346 20.56 -47.20 -12.98
N ILE B 347 19.41 -46.70 -12.51
CA ILE B 347 18.51 -45.97 -13.38
C ILE B 347 19.15 -44.68 -13.85
N LEU B 348 19.78 -43.94 -12.91
CA LEU B 348 20.35 -42.62 -13.22
C LEU B 348 21.54 -42.75 -14.16
N ALA B 349 22.39 -43.75 -13.92
CA ALA B 349 23.57 -43.94 -14.74
C ALA B 349 23.22 -44.50 -16.12
N SER B 350 21.98 -44.96 -16.34
CA SER B 350 21.61 -45.46 -17.65
C SER B 350 20.94 -44.44 -18.55
N LEU B 351 20.67 -43.23 -18.06
CA LEU B 351 20.00 -42.23 -18.88
C LEU B 351 20.95 -41.65 -19.92
N SER B 352 20.44 -41.41 -21.13
CA SER B 352 21.22 -40.75 -22.15
C SER B 352 21.40 -39.26 -21.90
N THR B 353 20.51 -38.65 -21.13
CA THR B 353 20.57 -37.24 -20.76
C THR B 353 21.47 -36.95 -19.59
N PHE B 354 22.06 -37.98 -18.98
CA PHE B 354 22.95 -37.80 -17.84
C PHE B 354 24.43 -37.78 -18.22
N GLN B 355 24.79 -38.29 -19.40
CA GLN B 355 26.19 -38.49 -19.80
C GLN B 355 26.98 -37.19 -19.96
N GLN B 356 26.31 -36.04 -20.05
CA GLN B 356 26.98 -34.75 -20.12
C GLN B 356 27.14 -34.09 -18.76
N MET B 357 26.69 -34.74 -17.69
CA MET B 357 26.78 -34.20 -16.34
C MET B 357 27.90 -34.81 -15.53
N TRP B 358 28.73 -35.67 -16.14
CA TRP B 358 29.88 -36.21 -15.43
C TRP B 358 30.93 -35.13 -15.18
N ILE B 359 31.80 -35.40 -14.23
CA ILE B 359 32.95 -34.55 -13.91
C ILE B 359 34.19 -35.26 -14.42
N THR B 360 34.72 -34.82 -15.56
CA THR B 360 35.89 -35.46 -16.13
C THR B 360 37.14 -35.06 -15.34
N LYS B 361 38.22 -35.80 -15.60
CA LYS B 361 39.50 -35.57 -14.93
C LYS B 361 40.11 -34.22 -15.30
N GLN B 362 39.89 -33.77 -16.54
CA GLN B 362 40.40 -32.48 -16.98
C GLN B 362 39.75 -31.33 -16.20
N GLU B 363 38.43 -31.42 -15.97
CA GLU B 363 37.71 -30.43 -15.17
C GLU B 363 38.19 -30.42 -13.73
N TYR B 364 38.46 -31.61 -13.16
CA TYR B 364 38.97 -31.68 -11.80
C TYR B 364 40.37 -31.10 -11.70
N ASP B 365 41.21 -31.33 -12.72
CA ASP B 365 42.54 -30.74 -12.75
C ASP B 365 42.46 -29.21 -12.85
N GLU B 366 41.54 -28.71 -13.69
CA GLU B 366 41.44 -27.27 -13.91
C GLU B 366 40.83 -26.54 -12.71
N ALA B 367 39.85 -27.15 -12.05
CA ALA B 367 39.12 -26.46 -11.00
C ALA B 367 39.49 -26.88 -9.59
N GLY B 368 39.93 -28.11 -9.38
CA GLY B 368 40.25 -28.60 -8.06
C GLY B 368 39.11 -29.34 -7.41
N PRO B 369 39.24 -29.64 -6.10
CA PRO B 369 38.16 -30.35 -5.40
C PRO B 369 37.07 -29.43 -4.87
N SER B 370 36.61 -28.47 -5.68
CA SER B 370 35.49 -27.62 -5.34
C SER B 370 34.42 -27.59 -6.41
N ILE B 371 34.66 -28.18 -7.58
CA ILE B 371 33.67 -28.28 -8.65
C ILE B 371 32.51 -29.22 -8.31
N VAL B 372 32.65 -30.04 -7.25
CA VAL B 372 31.59 -30.94 -6.82
C VAL B 372 30.38 -30.22 -6.23
N HIS B 373 30.50 -28.93 -5.89
CA HIS B 373 29.34 -28.16 -5.47
C HIS B 373 28.66 -27.48 -6.64
N ARG B 374 29.42 -27.07 -7.65
CA ARG B 374 28.84 -26.45 -8.82
C ARG B 374 28.32 -27.46 -9.83
N LYS B 375 28.66 -28.74 -9.68
CA LYS B 375 28.22 -29.77 -10.62
C LYS B 375 27.25 -30.77 -10.02
N CYS B 376 27.36 -31.07 -8.73
CA CYS B 376 26.54 -32.07 -8.08
C CYS B 376 25.62 -31.41 -7.06
N PHE B 377 24.40 -31.89 -7.00
CA PHE B 377 23.40 -31.34 -6.08
C PHE B 377 23.47 -32.05 -4.72
N GLU C 6 1.00 1.30 48.30
CA GLU C 6 2.12 1.98 47.64
C GLU C 6 1.69 2.51 46.28
N THR C 7 0.97 1.64 45.54
CA THR C 7 0.41 1.90 44.20
C THR C 7 1.47 2.36 43.21
N THR C 8 2.64 1.73 43.26
CA THR C 8 3.70 1.97 42.29
C THR C 8 3.58 0.93 41.19
N ALA C 9 3.09 1.38 40.02
CA ALA C 9 2.77 0.56 38.85
C ALA C 9 3.90 -0.40 38.46
N LEU C 10 3.50 -1.56 37.95
CA LEU C 10 4.44 -2.57 37.48
C LEU C 10 4.53 -2.51 35.95
N VAL C 11 5.73 -2.72 35.44
CA VAL C 11 5.96 -2.80 34.00
C VAL C 11 6.58 -4.16 33.71
N CYS C 12 5.88 -4.96 32.91
CA CYS C 12 6.32 -6.30 32.58
C CYS C 12 6.28 -6.47 31.07
N ASP C 13 7.40 -6.92 30.50
CA ASP C 13 7.54 -7.16 29.07
C ASP C 13 7.81 -8.64 28.89
N ASN C 14 6.84 -9.36 28.34
CA ASN C 14 6.92 -10.79 28.12
C ASN C 14 7.14 -10.99 26.63
N GLY C 15 8.39 -11.09 26.22
CA GLY C 15 8.73 -11.37 24.84
C GLY C 15 8.74 -12.86 24.57
N SER C 16 9.17 -13.21 23.36
CA SER C 16 9.27 -14.61 22.99
C SER C 16 10.42 -15.32 23.71
N GLY C 17 11.47 -14.59 24.07
CA GLY C 17 12.62 -15.25 24.67
C GLY C 17 12.94 -14.86 26.09
N LEU C 18 12.68 -13.62 26.47
CA LEU C 18 13.09 -13.11 27.78
C LEU C 18 11.93 -12.37 28.42
N VAL C 19 11.92 -12.33 29.75
CA VAL C 19 10.97 -11.55 30.53
C VAL C 19 11.73 -10.44 31.23
N LYS C 20 11.28 -9.20 31.03
CA LYS C 20 11.86 -8.02 31.66
C LYS C 20 10.78 -7.36 32.52
N ALA C 21 10.88 -7.51 33.83
CA ALA C 21 9.85 -7.01 34.73
C ALA C 21 10.48 -6.09 35.77
N GLY C 22 9.70 -5.09 36.19
CA GLY C 22 10.18 -4.17 37.19
C GLY C 22 9.14 -3.15 37.56
N PHE C 23 9.60 -2.09 38.22
CA PHE C 23 8.75 -1.05 38.76
C PHE C 23 8.85 0.20 37.90
N ALA C 24 7.73 0.87 37.71
CA ALA C 24 7.65 2.11 36.94
C ALA C 24 8.40 3.25 37.61
N GLY C 25 8.96 4.12 36.79
CA GLY C 25 9.81 5.19 37.28
C GLY C 25 11.28 4.88 37.36
N ASP C 26 11.68 3.65 37.07
CA ASP C 26 13.09 3.27 37.13
C ASP C 26 13.75 3.49 35.78
N ASP C 27 15.04 3.15 35.70
CA ASP C 27 15.82 3.25 34.48
C ASP C 27 16.08 1.90 33.82
N ALA C 28 16.20 0.84 34.60
CA ALA C 28 16.46 -0.49 34.09
C ALA C 28 15.52 -1.48 34.76
N PRO C 29 15.11 -2.55 34.07
CA PRO C 29 14.27 -3.57 34.70
C PRO C 29 14.96 -4.29 35.85
N ARG C 30 14.17 -4.61 36.88
CA ARG C 30 14.72 -5.27 38.06
C ARG C 30 15.04 -6.73 37.78
N ALA C 31 14.14 -7.43 37.08
CA ALA C 31 14.27 -8.87 36.87
C ALA C 31 14.27 -9.14 35.37
N VAL C 32 15.38 -9.63 34.85
CA VAL C 32 15.52 -10.03 33.45
C VAL C 32 15.88 -11.50 33.47
N PHE C 33 14.95 -12.36 33.05
CA PHE C 33 15.23 -13.79 33.12
C PHE C 33 14.64 -14.49 31.90
N PRO C 34 15.24 -15.61 31.47
CA PRO C 34 14.72 -16.33 30.29
C PRO C 34 13.32 -16.89 30.49
N SER C 35 12.52 -16.83 29.43
CA SER C 35 11.11 -17.24 29.47
C SER C 35 10.98 -18.71 29.04
N ILE C 36 11.42 -19.60 29.92
CA ILE C 36 11.41 -21.03 29.65
C ILE C 36 10.82 -21.75 30.86
N VAL C 37 10.22 -22.90 30.61
CA VAL C 37 9.78 -23.83 31.65
C VAL C 37 10.45 -25.17 31.38
N GLY C 38 11.12 -25.71 32.38
CA GLY C 38 11.84 -26.97 32.26
C GLY C 38 11.14 -28.06 33.04
N ARG C 39 11.07 -29.24 32.46
CA ARG C 39 10.51 -30.38 33.15
C ARG C 39 11.44 -31.58 33.04
N PRO C 40 11.59 -32.38 34.11
CA PRO C 40 12.55 -33.49 34.07
C PRO C 40 12.14 -34.57 33.10
N ARG C 41 13.14 -35.20 32.49
CA ARG C 41 12.91 -36.25 31.52
C ARG C 41 13.48 -37.59 31.91
N HIS C 42 14.26 -37.66 32.99
CA HIS C 42 14.91 -38.88 33.43
C HIS C 42 14.27 -39.37 34.72
N GLN C 43 14.82 -40.46 35.26
CA GLN C 43 14.23 -41.12 36.43
C GLN C 43 14.90 -40.60 37.68
N GLY C 44 14.10 -40.13 38.64
CA GLY C 44 14.63 -39.64 39.90
C GLY C 44 14.84 -40.73 40.93
N VAL C 45 16.02 -40.72 41.57
CA VAL C 45 16.38 -41.77 42.50
C VAL C 45 16.70 -41.27 43.90
N MET C 46 17.03 -39.99 44.08
CA MET C 46 17.36 -39.44 45.40
C MET C 46 16.18 -38.64 45.93
N VAL C 47 15.69 -39.04 47.10
CA VAL C 47 14.45 -38.50 47.64
C VAL C 47 14.70 -37.13 48.26
N GLY C 48 13.70 -36.26 48.19
CA GLY C 48 13.77 -34.94 48.77
C GLY C 48 14.61 -33.97 47.99
N MET C 49 15.71 -33.47 48.61
CA MET C 49 16.74 -32.56 48.04
C MET C 49 16.15 -31.37 47.26
N GLY C 50 14.95 -30.94 47.64
CA GLY C 50 14.25 -29.78 47.08
C GLY C 50 13.97 -29.94 45.60
N GLN C 51 13.62 -31.16 45.18
CA GLN C 51 13.29 -31.42 43.80
C GLN C 51 11.92 -30.86 43.45
N LYS C 52 11.83 -30.15 42.34
CA LYS C 52 10.61 -29.56 41.87
C LYS C 52 10.12 -30.31 40.64
N ASP C 53 8.81 -30.29 40.41
CA ASP C 53 8.28 -30.98 39.24
C ASP C 53 8.44 -30.16 37.98
N SER C 54 8.74 -28.87 38.13
CA SER C 54 8.92 -27.94 37.02
C SER C 54 9.89 -26.86 37.49
N TYR C 55 10.62 -26.28 36.55
CA TYR C 55 11.57 -25.22 36.88
C TYR C 55 11.39 -24.07 35.90
N VAL C 56 11.53 -22.84 36.42
CA VAL C 56 11.23 -21.62 35.70
C VAL C 56 12.41 -20.67 35.80
N GLY C 57 12.86 -20.16 34.65
CA GLY C 57 13.76 -19.03 34.63
C GLY C 57 15.22 -19.43 34.72
N ASP C 58 15.95 -18.76 35.61
CA ASP C 58 17.39 -19.02 35.77
C ASP C 58 17.66 -20.41 36.34
N GLU C 59 16.78 -20.92 37.20
CA GLU C 59 16.96 -22.26 37.76
C GLU C 59 16.84 -23.33 36.69
N ALA C 60 15.93 -23.14 35.73
CA ALA C 60 15.80 -24.07 34.62
C ALA C 60 17.01 -24.00 33.69
N GLN C 61 17.54 -22.79 33.47
CA GLN C 61 18.72 -22.61 32.62
C GLN C 61 19.97 -23.21 33.26
N SER C 62 20.09 -23.12 34.59
CA SER C 62 21.25 -23.67 35.28
C SER C 62 21.23 -25.19 35.30
N LYS C 63 20.05 -25.79 35.38
CA LYS C 63 19.88 -27.23 35.45
C LYS C 63 19.43 -27.85 34.14
N ARG C 64 19.74 -27.21 33.01
CA ARG C 64 19.20 -27.59 31.71
C ARG C 64 19.71 -28.93 31.18
N GLY C 65 20.76 -29.49 31.78
CA GLY C 65 21.32 -30.75 31.32
C GLY C 65 20.45 -31.96 31.56
N ILE C 66 19.49 -31.86 32.48
CA ILE C 66 18.55 -32.93 32.79
C ILE C 66 17.11 -32.50 32.58
N LEU C 67 16.87 -31.41 31.88
CA LEU C 67 15.52 -30.89 31.69
C LEU C 67 15.19 -30.77 30.21
N THR C 68 13.89 -30.83 29.92
CA THR C 68 13.36 -30.43 28.63
C THR C 68 12.77 -29.04 28.79
N LEU C 69 13.19 -28.12 27.94
CA LEU C 69 12.82 -26.71 28.03
C LEU C 69 11.78 -26.37 26.99
N LYS C 70 10.69 -25.76 27.42
CA LYS C 70 9.64 -25.33 26.53
C LYS C 70 9.48 -23.82 26.65
N TYR C 71 9.27 -23.17 25.52
CA TYR C 71 8.95 -21.76 25.47
C TYR C 71 7.44 -21.59 25.44
N PRO C 72 6.83 -20.92 26.44
CA PRO C 72 5.37 -20.70 26.41
C PRO C 72 4.89 -19.81 25.28
N ILE C 73 5.76 -18.98 24.70
CA ILE C 73 5.39 -18.03 23.66
C ILE C 73 6.14 -18.40 22.40
N GLU C 74 5.41 -18.57 21.30
CA GLU C 74 5.99 -18.85 20.00
C GLU C 74 5.51 -17.84 18.97
N HIC C 75 6.46 -17.05 18.45
CA HIC C 75 6.25 -16.00 17.45
C HIC C 75 5.27 -14.95 17.97
O HIC C 75 4.35 -14.47 17.31
CB HIC C 75 5.73 -16.45 16.07
CG HIC C 75 6.46 -17.62 15.55
ND1 HIC C 75 5.88 -18.86 15.27
CD2 HIC C 75 7.84 -17.65 15.25
CE1 HIC C 75 6.88 -19.63 14.81
NE2 HIC C 75 8.10 -18.93 14.78
CZ HIC C 75 9.36 -19.43 14.36
N GLY C 76 5.49 -14.59 19.22
CA GLY C 76 4.71 -13.57 19.90
C GLY C 76 3.30 -13.99 20.32
N ILE C 77 3.01 -15.28 20.21
CA ILE C 77 1.69 -15.81 20.53
C ILE C 77 1.87 -16.83 21.65
N ILE C 78 1.04 -16.70 22.69
CA ILE C 78 1.09 -17.61 23.84
C ILE C 78 0.45 -18.93 23.43
N THR C 79 1.25 -19.99 23.36
CA THR C 79 0.75 -21.29 22.95
C THR C 79 0.34 -22.17 24.11
N ASN C 80 1.04 -22.08 25.25
CA ASN C 80 0.70 -22.83 26.45
C ASN C 80 0.40 -21.84 27.57
N TRP C 81 -0.74 -22.01 28.22
CA TRP C 81 -1.20 -21.03 29.21
C TRP C 81 -0.87 -21.39 30.64
N ASP C 82 -0.76 -22.68 30.97
CA ASP C 82 -0.31 -23.08 32.29
C ASP C 82 1.13 -22.67 32.55
N ASP C 83 2.00 -22.85 31.54
CA ASP C 83 3.38 -22.39 31.65
C ASP C 83 3.46 -20.87 31.73
N MET C 84 2.56 -20.16 31.05
CA MET C 84 2.51 -18.70 31.14
C MET C 84 2.10 -18.25 32.54
N GLU C 85 1.14 -18.97 33.14
CA GLU C 85 0.77 -18.71 34.54
C GLU C 85 1.94 -18.96 35.47
N LYS C 86 2.74 -20.00 35.20
CA LYS C 86 3.95 -20.27 35.98
C LYS C 86 4.96 -19.12 35.87
N ILE C 87 5.15 -18.61 34.64
CA ILE C 87 6.08 -17.49 34.41
C ILE C 87 5.61 -16.24 35.15
N TRP C 88 4.31 -15.95 35.07
CA TRP C 88 3.77 -14.75 35.73
C TRP C 88 3.80 -14.88 37.25
N HIS C 89 3.52 -16.08 37.79
CA HIS C 89 3.64 -16.33 39.22
C HIS C 89 5.07 -16.18 39.71
N HIS C 90 6.03 -16.68 38.92
CA HIS C 90 7.45 -16.55 39.24
C HIS C 90 7.89 -15.08 39.23
N THR C 91 7.45 -14.32 38.22
CA THR C 91 7.88 -12.94 38.12
C THR C 91 7.16 -12.02 39.09
N PHE C 92 6.03 -12.46 39.67
CA PHE C 92 5.36 -11.65 40.67
C PHE C 92 5.84 -11.97 42.07
N TYR C 93 5.89 -13.26 42.43
CA TYR C 93 6.14 -13.64 43.81
C TYR C 93 7.60 -13.96 44.10
N ASN C 94 8.35 -14.46 43.13
CA ASN C 94 9.73 -14.91 43.38
C ASN C 94 10.78 -13.90 42.96
N GLU C 95 10.60 -13.21 41.84
CA GLU C 95 11.61 -12.28 41.35
C GLU C 95 11.37 -10.85 41.87
N LEU C 96 10.20 -10.28 41.57
CA LEU C 96 9.92 -8.93 42.03
C LEU C 96 9.59 -8.86 43.52
N ARG C 97 9.21 -9.99 44.13
CA ARG C 97 8.90 -10.13 45.55
C ARG C 97 7.78 -9.19 45.99
N VAL C 98 6.70 -9.16 45.20
CA VAL C 98 5.63 -8.21 45.40
C VAL C 98 4.29 -8.96 45.36
N ALA C 99 3.28 -8.34 45.94
CA ALA C 99 1.93 -8.88 45.94
C ALA C 99 1.11 -8.18 44.87
N PRO C 100 0.58 -8.92 43.88
CA PRO C 100 -0.01 -8.28 42.68
C PRO C 100 -1.31 -7.52 42.93
N GLU C 101 -1.98 -7.70 44.06
CA GLU C 101 -3.32 -7.14 44.24
C GLU C 101 -3.32 -5.64 44.53
N GLU C 102 -2.15 -5.04 44.75
CA GLU C 102 -2.04 -3.62 45.06
C GLU C 102 -1.13 -2.88 44.08
N HIS C 103 -0.92 -3.44 42.89
CA HIS C 103 -0.09 -2.79 41.87
C HIS C 103 -0.71 -2.91 40.48
N PRO C 104 -0.97 -1.79 39.81
CA PRO C 104 -1.37 -1.86 38.39
C PRO C 104 -0.25 -2.38 37.50
N THR C 105 -0.64 -3.05 36.42
CA THR C 105 0.30 -3.76 35.57
C THR C 105 0.18 -3.30 34.12
N LEU C 106 1.33 -3.08 33.48
CA LEU C 106 1.43 -2.74 32.07
C LEU C 106 2.08 -3.90 31.34
N LEU C 107 1.39 -4.43 30.33
CA LEU C 107 1.88 -5.54 29.53
C LEU C 107 2.03 -5.09 28.08
N THR C 108 2.80 -5.86 27.31
CA THR C 108 3.13 -5.51 25.94
C THR C 108 2.66 -6.61 25.00
N GLU C 109 2.42 -6.24 23.75
CA GLU C 109 2.02 -7.20 22.73
C GLU C 109 2.46 -6.72 21.36
N ALA C 110 2.85 -7.67 20.51
CA ALA C 110 3.26 -7.36 19.15
C ALA C 110 2.03 -7.02 18.31
N PRO C 111 2.20 -6.23 17.24
CA PRO C 111 1.06 -5.95 16.34
C PRO C 111 0.63 -7.18 15.57
N LEU C 112 -0.64 -7.15 15.12
CA LEU C 112 -1.28 -8.17 14.27
C LEU C 112 -1.29 -9.55 14.93
N ASN C 113 -1.44 -9.57 16.24
CA ASN C 113 -1.64 -10.78 17.02
C ASN C 113 -3.11 -11.14 17.05
N PRO C 114 -3.45 -12.41 17.36
CA PRO C 114 -4.86 -12.77 17.57
C PRO C 114 -5.48 -12.05 18.76
N LYS C 115 -6.79 -11.77 18.65
CA LYS C 115 -7.53 -11.11 19.72
C LYS C 115 -7.67 -11.99 20.95
N ALA C 116 -7.73 -13.32 20.76
CA ALA C 116 -7.93 -14.26 21.86
C ALA C 116 -6.78 -14.24 22.85
N ASN C 117 -5.57 -13.96 22.36
CA ASN C 117 -4.38 -13.86 23.20
C ASN C 117 -4.53 -12.71 24.20
N ARG C 118 -4.91 -11.53 23.70
CA ARG C 118 -5.14 -10.37 24.54
C ARG C 118 -6.30 -10.57 25.51
N GLU C 119 -7.39 -11.19 25.02
CA GLU C 119 -8.55 -11.47 25.87
C GLU C 119 -8.19 -12.41 27.03
N LYS C 120 -7.45 -13.47 26.74
CA LYS C 120 -7.07 -14.40 27.80
C LYS C 120 -6.02 -13.82 28.72
N MET C 121 -5.14 -12.93 28.23
CA MET C 121 -4.22 -12.20 29.12
C MET C 121 -4.99 -11.33 30.10
N THR C 122 -6.01 -10.62 29.61
CA THR C 122 -6.86 -9.80 30.48
C THR C 122 -7.59 -10.66 31.52
N GLN C 123 -8.14 -11.81 31.07
CA GLN C 123 -8.87 -12.71 31.94
C GLN C 123 -7.97 -13.30 33.04
N ILE C 124 -6.74 -13.70 32.67
CA ILE C 124 -5.81 -14.26 33.66
C ILE C 124 -5.34 -13.18 34.65
N MET C 125 -5.02 -11.97 34.15
CA MET C 125 -4.58 -10.90 35.03
C MET C 125 -5.69 -10.40 35.96
N PHE C 126 -6.95 -10.55 35.57
CA PHE C 126 -8.04 -10.08 36.42
C PHE C 126 -8.70 -11.17 37.26
N GLU C 127 -8.51 -12.45 36.94
CA GLU C 127 -9.18 -13.50 37.68
C GLU C 127 -8.26 -14.43 38.45
N THR C 128 -6.96 -14.42 38.20
CA THR C 128 -6.05 -15.28 38.94
C THR C 128 -5.00 -14.51 39.72
N PHE C 129 -4.43 -13.46 39.15
CA PHE C 129 -3.44 -12.63 39.82
C PHE C 129 -3.98 -11.22 40.04
N ASN C 130 -5.25 -11.13 40.48
CA ASN C 130 -6.18 -10.00 40.30
C ASN C 130 -5.59 -8.64 40.67
N VAL C 131 -5.47 -7.79 39.66
CA VAL C 131 -4.83 -6.48 39.79
C VAL C 131 -5.91 -5.40 39.83
N PRO C 132 -5.65 -4.25 40.45
CA PRO C 132 -6.61 -3.13 40.36
C PRO C 132 -6.82 -2.64 38.94
N ALA C 133 -5.77 -2.68 38.11
CA ALA C 133 -5.86 -2.22 36.73
C ALA C 133 -4.73 -2.84 35.92
N MET C 134 -4.97 -2.97 34.61
CA MET C 134 -3.96 -3.44 33.69
C MET C 134 -4.14 -2.75 32.36
N TYR C 135 -3.04 -2.65 31.61
CA TYR C 135 -3.08 -2.00 30.30
C TYR C 135 -2.12 -2.72 29.36
N VAL C 136 -2.57 -2.97 28.13
CA VAL C 136 -1.76 -3.65 27.12
C VAL C 136 -1.35 -2.61 26.08
N ALA C 137 -0.07 -2.59 25.73
CA ALA C 137 0.47 -1.60 24.82
C ALA C 137 1.27 -2.27 23.72
N ILE C 138 1.40 -1.56 22.61
CA ILE C 138 2.22 -2.00 21.49
C ILE C 138 3.68 -1.70 21.80
N GLN C 139 4.58 -2.61 21.41
CA GLN C 139 5.98 -2.53 21.81
C GLN C 139 6.71 -1.39 21.09
N ALA C 140 6.38 -1.18 19.80
CA ALA C 140 7.07 -0.16 19.01
C ALA C 140 6.75 1.25 19.48
N VAL C 141 5.53 1.47 19.97
CA VAL C 141 5.15 2.75 20.56
C VAL C 141 5.98 3.02 21.81
N LEU C 142 6.22 1.99 22.62
CA LEU C 142 7.09 2.12 23.79
C LEU C 142 8.53 2.38 23.39
N SER C 143 9.00 1.75 22.30
CA SER C 143 10.35 1.99 21.81
C SER C 143 10.51 3.43 21.35
N LEU C 144 9.49 3.98 20.71
CA LEU C 144 9.51 5.39 20.33
C LEU C 144 9.42 6.31 21.55
N TYR C 145 8.69 5.88 22.59
CA TYR C 145 8.63 6.60 23.85
C TYR C 145 9.99 6.71 24.52
N ALA C 146 10.75 5.61 24.52
CA ALA C 146 12.07 5.62 25.16
C ALA C 146 13.09 6.43 24.37
N SER C 147 12.94 6.51 23.05
CA SER C 147 13.87 7.28 22.22
C SER C 147 13.75 8.79 22.41
N GLY C 148 12.70 9.28 23.08
CA GLY C 148 12.56 10.68 23.38
C GLY C 148 11.88 11.51 22.32
N ARG C 149 11.57 10.94 21.16
CA ARG C 149 10.97 11.70 20.06
C ARG C 149 9.56 11.21 19.78
N THR C 150 8.88 11.93 18.89
CA THR C 150 7.49 11.66 18.56
C THR C 150 7.29 11.07 17.16
N THR C 151 8.12 11.45 16.20
CA THR C 151 8.00 10.96 14.83
C THR C 151 9.13 10.00 14.52
N GLY C 152 8.78 8.88 13.89
CA GLY C 152 9.78 7.90 13.51
C GLY C 152 9.13 6.59 13.15
N ILE C 153 9.93 5.74 12.52
CA ILE C 153 9.51 4.40 12.15
C ILE C 153 10.36 3.42 12.95
N VAL C 154 9.70 2.57 13.72
CA VAL C 154 10.37 1.66 14.65
C VAL C 154 10.43 0.28 14.03
N LEU C 155 11.64 -0.27 13.96
CA LEU C 155 11.89 -1.66 13.60
C LEU C 155 12.20 -2.39 14.89
N ASP C 156 11.25 -3.17 15.38
CA ASP C 156 11.43 -3.91 16.62
C ASP C 156 11.56 -5.39 16.25
N SER C 157 12.73 -5.96 16.52
CA SER C 157 13.00 -7.37 16.24
C SER C 157 13.47 -8.02 17.52
N GLY C 158 12.76 -9.07 17.95
CA GLY C 158 13.13 -9.75 19.17
C GLY C 158 13.46 -11.21 18.97
N ASP C 159 12.78 -12.08 19.71
CA ASP C 159 13.03 -13.52 19.60
C ASP C 159 11.99 -14.23 18.75
N GLY C 160 10.80 -13.65 18.56
CA GLY C 160 9.80 -14.32 17.76
C GLY C 160 9.27 -13.57 16.56
N VAL C 161 9.24 -12.23 16.61
CA VAL C 161 8.65 -11.41 15.56
C VAL C 161 9.58 -10.27 15.21
N THR C 162 9.36 -9.70 14.02
CA THR C 162 10.06 -8.50 13.57
C THR C 162 9.03 -7.59 12.93
N HIS C 163 8.71 -6.47 13.57
CA HIS C 163 7.64 -5.62 13.08
C HIS C 163 8.09 -4.18 12.91
N ASN C 164 7.59 -3.55 11.85
CA ASN C 164 7.83 -2.15 11.55
C ASN C 164 6.54 -1.38 11.78
N VAL C 165 6.62 -0.33 12.60
CA VAL C 165 5.49 0.55 12.85
C VAL C 165 5.92 2.00 12.62
N PRO C 166 5.32 2.72 11.67
CA PRO C 166 5.61 4.16 11.54
C PRO C 166 4.63 5.06 12.27
N ILE C 167 5.13 6.10 12.94
CA ILE C 167 4.30 7.03 13.70
C ILE C 167 4.75 8.44 13.33
N TYR C 168 3.80 9.31 13.00
CA TYR C 168 4.10 10.70 12.66
C TYR C 168 3.26 11.62 13.55
N GLU C 169 3.96 12.40 14.39
CA GLU C 169 3.37 13.37 15.34
C GLU C 169 2.36 12.73 16.28
N GLY C 170 2.64 11.50 16.69
CA GLY C 170 1.80 10.80 17.63
C GLY C 170 0.66 10.03 17.02
N TYR C 171 0.49 10.08 15.70
CA TYR C 171 -0.55 9.34 15.01
C TYR C 171 0.09 8.13 14.32
N ALA C 172 -0.48 6.96 14.54
CA ALA C 172 0.01 5.75 13.92
C ALA C 172 -0.76 5.46 12.65
N LEU C 173 -0.11 4.75 11.73
CA LEU C 173 -0.71 4.38 10.45
C LEU C 173 -0.81 2.87 10.41
N PRO C 174 -1.95 2.29 10.81
CA PRO C 174 -2.06 0.83 10.90
C PRO C 174 -1.99 0.09 9.56
N HIS C 175 -2.29 0.76 8.45
CA HIS C 175 -2.23 0.10 7.15
C HIS C 175 -0.80 -0.11 6.66
N ALA C 176 0.17 0.59 7.25
CA ALA C 176 1.57 0.44 6.89
C ALA C 176 2.37 -0.34 7.91
N ILE C 177 1.70 -0.95 8.90
CA ILE C 177 2.40 -1.77 9.89
C ILE C 177 2.75 -3.10 9.24
N MET C 178 4.03 -3.47 9.32
CA MET C 178 4.50 -4.69 8.69
C MET C 178 4.97 -5.66 9.75
N ARG C 179 4.78 -6.96 9.50
CA ARG C 179 5.16 -8.00 10.44
C ARG C 179 5.78 -9.16 9.70
N LEU C 180 6.95 -9.60 10.15
CA LEU C 180 7.67 -10.72 9.59
C LEU C 180 8.01 -11.70 10.70
N ASP C 181 7.61 -12.96 10.53
CA ASP C 181 7.86 -14.00 11.53
C ASP C 181 9.25 -14.60 11.36
N LEU C 182 10.26 -13.75 11.51
CA LEU C 182 11.67 -14.15 11.38
C LEU C 182 12.45 -13.32 12.39
N ALA C 183 13.01 -13.99 13.39
CA ALA C 183 13.66 -13.29 14.49
C ALA C 183 14.79 -14.19 15.01
N GLY C 184 15.19 -13.95 16.27
CA GLY C 184 16.39 -14.57 16.83
C GLY C 184 16.33 -16.08 16.92
N ARG C 185 15.16 -16.65 17.24
CA ARG C 185 15.04 -18.09 17.39
C ARG C 185 15.21 -18.81 16.06
N ASP C 186 14.71 -18.20 14.97
CA ASP C 186 14.92 -18.74 13.63
C ASP C 186 16.40 -18.71 13.26
N LEU C 187 17.10 -17.64 13.64
CA LEU C 187 18.54 -17.56 13.40
C LEU C 187 19.30 -18.59 14.22
N THR C 188 18.82 -18.87 15.44
CA THR C 188 19.40 -19.93 16.26
C THR C 188 19.23 -21.29 15.61
N ASP C 189 18.03 -21.56 15.07
CA ASP C 189 17.76 -22.82 14.38
C ASP C 189 18.61 -22.95 13.11
N TYR C 190 18.77 -21.84 12.38
CA TYR C 190 19.60 -21.85 11.18
C TYR C 190 21.06 -22.07 11.51
N LEU C 191 21.54 -21.50 12.63
CA LEU C 191 22.91 -21.74 13.07
C LEU C 191 23.10 -23.20 13.49
N MET C 192 22.09 -23.79 14.14
CA MET C 192 22.12 -25.23 14.46
C MET C 192 22.19 -26.07 13.20
N LYS C 193 21.44 -25.67 12.15
CA LYS C 193 21.46 -26.39 10.89
C LYS C 193 22.83 -26.28 10.22
N ILE C 194 23.43 -25.09 10.21
CA ILE C 194 24.66 -24.90 9.44
C ILE C 194 25.93 -25.27 10.22
N LEU C 195 25.84 -25.51 11.53
CA LEU C 195 27.00 -26.04 12.21
C LEU C 195 27.22 -27.52 11.94
N THR C 196 26.24 -28.22 11.34
CA THR C 196 26.44 -29.61 10.94
C THR C 196 27.38 -29.74 9.75
N GLU C 197 27.65 -28.63 9.04
CA GLU C 197 28.60 -28.64 7.93
C GLU C 197 30.02 -28.84 8.43
N ARG C 198 30.31 -28.40 9.65
CA ARG C 198 31.63 -28.58 10.23
C ARG C 198 31.70 -29.78 11.16
N GLY C 199 30.66 -30.60 11.21
CA GLY C 199 30.69 -31.84 11.95
C GLY C 199 30.13 -31.77 13.35
N TYR C 200 29.67 -30.60 13.78
CA TYR C 200 29.12 -30.45 15.13
C TYR C 200 27.63 -30.75 15.09
N SER C 201 27.16 -31.56 16.04
CA SER C 201 25.77 -31.98 16.09
C SER C 201 25.15 -31.49 17.40
N PHE C 202 24.28 -30.50 17.27
CA PHE C 202 23.47 -29.99 18.37
C PHE C 202 22.01 -30.33 18.05
N VAL C 203 21.36 -31.07 18.94
CA VAL C 203 20.05 -31.64 18.65
C VAL C 203 19.07 -31.26 19.76
N THR C 204 19.43 -31.53 21.01
CA THR C 204 18.54 -31.33 22.12
C THR C 204 18.34 -29.84 22.42
N THR C 205 17.24 -29.54 23.14
CA THR C 205 16.90 -28.17 23.49
C THR C 205 17.88 -27.52 24.45
N ALA C 206 18.63 -28.32 25.22
CA ALA C 206 19.69 -27.77 26.06
C ALA C 206 20.86 -27.24 25.23
N GLU C 207 21.14 -27.88 24.09
CA GLU C 207 22.20 -27.41 23.19
C GLU C 207 21.78 -26.20 22.37
N ARG C 208 20.48 -25.96 22.24
CA ARG C 208 19.98 -24.75 21.56
C ARG C 208 20.40 -23.50 22.31
N GLU C 209 20.44 -23.55 23.64
CA GLU C 209 20.92 -22.42 24.44
C GLU C 209 22.42 -22.19 24.22
N ILE C 210 23.18 -23.28 24.06
CA ILE C 210 24.60 -23.18 23.75
C ILE C 210 24.82 -22.50 22.40
N VAL C 211 24.02 -22.89 21.40
CA VAL C 211 24.10 -22.28 20.06
C VAL C 211 23.68 -20.80 20.12
N ARG C 212 22.68 -20.49 20.96
CA ARG C 212 22.24 -19.11 21.16
C ARG C 212 23.36 -18.27 21.78
N ASP C 213 24.09 -18.84 22.75
CA ASP C 213 25.22 -18.16 23.36
C ASP C 213 26.34 -17.91 22.35
N ILE C 214 26.61 -18.91 21.48
CA ILE C 214 27.60 -18.77 20.40
C ILE C 214 27.20 -17.62 19.47
N LYS C 215 25.90 -17.56 19.12
CA LYS C 215 25.39 -16.50 18.25
C LYS C 215 25.53 -15.13 18.89
N GLU C 216 25.22 -15.02 20.19
CA GLU C 216 25.32 -13.74 20.88
C GLU C 216 26.77 -13.28 21.04
N LYS C 217 27.72 -14.22 21.15
CA LYS C 217 29.10 -13.80 21.39
C LYS C 217 29.94 -13.63 20.14
N LEU C 218 29.71 -14.42 19.08
CA LEU C 218 30.65 -14.48 17.97
C LEU C 218 30.10 -14.04 16.62
N CYS C 219 28.80 -13.84 16.47
CA CYS C 219 28.23 -13.50 15.17
C CYS C 219 28.16 -12.00 14.96
N TYR C 220 28.18 -11.61 13.68
CA TYR C 220 28.16 -10.21 13.27
C TYR C 220 27.62 -10.13 11.85
N VAL C 221 27.22 -8.94 11.44
CA VAL C 221 26.63 -8.70 10.13
C VAL C 221 27.68 -8.07 9.23
N ALA C 222 27.91 -8.69 8.07
CA ALA C 222 28.88 -8.19 7.12
C ALA C 222 28.31 -6.99 6.36
N LEU C 223 29.18 -6.03 6.04
CA LEU C 223 28.75 -4.90 5.24
C LEU C 223 28.54 -5.29 3.78
N ASP C 224 29.40 -6.17 3.24
CA ASP C 224 29.21 -6.74 1.93
C ASP C 224 29.34 -8.25 2.08
N PHE C 225 28.31 -8.98 1.66
CA PHE C 225 28.27 -10.42 1.90
C PHE C 225 29.23 -11.19 1.00
N GLU C 226 29.25 -10.86 -0.30
CA GLU C 226 30.09 -11.60 -1.25
C GLU C 226 31.58 -11.38 -1.02
N ASN C 227 31.96 -10.14 -0.70
CA ASN C 227 33.37 -9.83 -0.40
C ASN C 227 33.84 -10.54 0.86
N GLU C 228 32.99 -10.58 1.89
CA GLU C 228 33.37 -11.28 3.12
C GLU C 228 33.39 -12.79 2.94
N MET C 229 32.51 -13.34 2.09
CA MET C 229 32.58 -14.77 1.76
C MET C 229 33.86 -15.10 1.02
N ALA C 230 34.27 -14.25 0.08
CA ALA C 230 35.53 -14.45 -0.64
C ALA C 230 36.73 -14.34 0.29
N THR C 231 36.69 -13.37 1.22
CA THR C 231 37.76 -13.20 2.20
C THR C 231 37.86 -14.40 3.14
N ALA C 232 36.71 -14.93 3.58
CA ALA C 232 36.68 -16.13 4.41
C ALA C 232 37.20 -17.35 3.66
N ALA C 233 36.85 -17.46 2.36
CA ALA C 233 37.33 -18.56 1.54
C ALA C 233 38.83 -18.46 1.28
N SER C 234 39.39 -17.24 1.28
CA SER C 234 40.81 -17.07 0.99
C SER C 234 41.67 -17.42 2.20
N SER C 235 41.48 -16.71 3.31
CA SER C 235 42.34 -16.84 4.47
C SER C 235 41.52 -17.12 5.72
N SER C 236 42.17 -17.69 6.72
CA SER C 236 41.54 -18.00 8.01
C SER C 236 41.79 -16.89 9.02
N SER C 237 41.40 -15.67 8.65
CA SER C 237 41.51 -14.52 9.55
C SER C 237 40.18 -14.20 10.23
N LEU C 238 39.07 -14.70 9.71
CA LEU C 238 37.74 -14.49 10.25
C LEU C 238 37.29 -15.61 11.18
N GLU C 239 38.17 -16.57 11.47
CA GLU C 239 37.80 -17.75 12.25
C GLU C 239 38.00 -17.46 13.73
N LYS C 240 37.01 -17.85 14.53
CA LYS C 240 37.05 -17.67 15.97
C LYS C 240 36.79 -18.99 16.67
N SER C 241 37.32 -19.11 17.88
CA SER C 241 37.22 -20.32 18.67
C SER C 241 36.29 -20.09 19.85
N TYR C 242 35.53 -21.11 20.19
CA TYR C 242 34.58 -21.08 21.28
C TYR C 242 34.76 -22.33 22.12
N GLU C 243 34.74 -22.16 23.44
CA GLU C 243 34.94 -23.26 24.36
C GLU C 243 33.57 -23.74 24.83
N LEU C 244 33.32 -25.02 24.62
CA LEU C 244 32.06 -25.65 24.99
C LEU C 244 32.02 -25.88 26.50
N PRO C 245 30.83 -26.12 27.08
CA PRO C 245 30.75 -26.39 28.53
C PRO C 245 31.54 -27.61 29.01
N ASP C 246 31.80 -28.60 28.15
CA ASP C 246 32.57 -29.77 28.52
C ASP C 246 34.04 -29.65 28.18
N GLY C 247 34.53 -28.45 27.86
CA GLY C 247 35.93 -28.23 27.58
C GLY C 247 36.36 -28.36 26.15
N GLN C 248 35.48 -28.82 25.26
CA GLN C 248 35.81 -28.93 23.85
C GLN C 248 35.88 -27.55 23.21
N VAL C 249 36.77 -27.40 22.23
CA VAL C 249 36.99 -26.13 21.56
C VAL C 249 36.58 -26.32 20.10
N ILE C 250 35.71 -25.43 19.62
CA ILE C 250 35.26 -25.45 18.23
C ILE C 250 35.73 -24.17 17.55
N THR C 251 35.86 -24.24 16.23
CA THR C 251 36.28 -23.10 15.42
C THR C 251 35.23 -22.88 14.35
N ILE C 252 34.82 -21.62 14.17
CA ILE C 252 33.82 -21.25 13.16
C ILE C 252 34.39 -20.12 12.31
N GLY C 253 34.04 -20.14 11.02
CA GLY C 253 34.50 -19.17 10.06
C GLY C 253 33.41 -18.30 9.48
N ASN C 254 32.95 -18.63 8.27
CA ASN C 254 31.90 -17.87 7.59
C ASN C 254 30.54 -17.95 8.28
N GLU C 255 30.31 -18.96 9.14
CA GLU C 255 29.08 -19.10 9.91
C GLU C 255 28.82 -17.93 10.87
N ARG C 256 29.85 -17.14 11.18
CA ARG C 256 29.67 -15.92 11.97
C ARG C 256 28.77 -14.94 11.24
N PHE C 257 28.93 -14.79 9.92
CA PHE C 257 28.12 -13.82 9.21
C PHE C 257 27.05 -14.43 8.31
N ARG C 258 27.10 -15.74 8.07
CA ARG C 258 26.02 -16.37 7.31
C ARG C 258 24.73 -16.45 8.11
N CYS C 259 24.84 -16.58 9.44
CA CYS C 259 23.64 -16.69 10.29
C CYS C 259 22.77 -15.42 10.30
N PRO C 260 23.28 -14.20 10.56
CA PRO C 260 22.35 -13.06 10.55
C PRO C 260 21.95 -12.58 9.17
N GLU C 261 22.62 -13.06 8.11
CA GLU C 261 22.29 -12.71 6.72
C GLU C 261 20.90 -13.19 6.31
N THR C 262 20.31 -14.13 7.06
CA THR C 262 18.92 -14.55 6.85
C THR C 262 17.95 -13.38 7.07
N LEU C 263 18.32 -12.42 7.93
CA LEU C 263 17.50 -11.21 8.13
C LEU C 263 17.42 -10.34 6.89
N PHE C 264 18.40 -10.45 5.97
CA PHE C 264 18.39 -9.72 4.73
C PHE C 264 18.10 -10.60 3.52
N GLN C 265 18.32 -11.91 3.64
CA GLN C 265 17.98 -12.88 2.61
C GLN C 265 17.20 -14.03 3.25
N PRO C 266 15.87 -13.87 3.42
CA PRO C 266 15.07 -14.93 4.06
C PRO C 266 15.02 -16.25 3.31
N SER C 267 15.36 -16.26 2.01
CA SER C 267 15.36 -17.48 1.19
C SER C 267 16.38 -18.53 1.64
N PHE C 268 17.33 -18.15 2.51
CA PHE C 268 18.22 -19.13 3.14
C PHE C 268 17.46 -20.15 3.96
N ILE C 269 16.31 -19.77 4.54
CA ILE C 269 15.49 -20.72 5.28
C ILE C 269 14.19 -21.03 4.55
N GLY C 270 14.12 -20.73 3.25
CA GLY C 270 12.99 -21.12 2.45
C GLY C 270 11.80 -20.18 2.47
N MET C 271 11.94 -18.98 3.00
CA MET C 271 10.83 -18.04 3.05
C MET C 271 10.81 -17.18 1.80
N GLU C 272 9.61 -16.86 1.33
CA GLU C 272 9.44 -16.09 0.11
C GLU C 272 9.51 -14.59 0.35
N SER C 273 9.57 -14.15 1.61
CA SER C 273 9.48 -12.74 1.93
C SER C 273 10.78 -12.00 1.57
N ALA C 274 10.75 -10.70 1.77
CA ALA C 274 11.89 -9.82 1.55
C ALA C 274 12.62 -9.55 2.86
N GLY C 275 13.83 -8.98 2.72
CA GLY C 275 14.63 -8.65 3.88
C GLY C 275 14.07 -7.48 4.68
N ILE C 276 14.73 -7.20 5.81
CA ILE C 276 14.27 -6.15 6.71
C ILE C 276 14.41 -4.76 6.09
N HIS C 277 15.45 -4.55 5.28
CA HIS C 277 15.62 -3.26 4.60
C HIS C 277 14.51 -3.03 3.58
N GLU C 278 14.18 -4.06 2.79
CA GLU C 278 13.10 -3.98 1.82
C GLU C 278 11.74 -3.80 2.51
N THR C 279 11.55 -4.48 3.64
CA THR C 279 10.32 -4.35 4.42
C THR C 279 10.17 -2.94 4.99
N THR C 280 11.27 -2.37 5.49
CA THR C 280 11.28 -1.01 6.00
C THR C 280 10.98 0.00 4.89
N TYR C 281 11.59 -0.20 3.71
CA TYR C 281 11.35 0.68 2.56
C TYR C 281 9.90 0.57 2.08
N ASN C 282 9.34 -0.64 2.08
CA ASN C 282 7.95 -0.83 1.70
C ASN C 282 7.00 -0.20 2.70
N SER C 283 7.35 -0.26 3.99
CA SER C 283 6.54 0.41 5.01
C SER C 283 6.59 1.92 4.87
N ILE C 284 7.76 2.45 4.49
CA ILE C 284 7.88 3.90 4.25
C ILE C 284 7.06 4.30 3.02
N MET C 285 7.10 3.49 1.95
CA MET C 285 6.39 3.83 0.72
C MET C 285 4.88 3.69 0.83
N LYS C 286 4.37 2.98 1.83
CA LYS C 286 2.93 2.85 2.01
C LYS C 286 2.33 4.00 2.81
N CYS C 287 3.15 4.93 3.29
CA CYS C 287 2.65 6.06 4.05
C CYS C 287 2.46 7.24 3.10
N ASP C 288 2.01 8.37 3.64
CA ASP C 288 1.81 9.56 2.82
C ASP C 288 3.15 10.17 2.43
N ILE C 289 3.14 10.87 1.30
CA ILE C 289 4.37 11.39 0.70
C ILE C 289 5.01 12.49 1.55
N ASP C 290 4.21 13.28 2.26
CA ASP C 290 4.74 14.42 3.00
C ASP C 290 5.41 14.06 4.32
N ILE C 291 5.34 12.79 4.76
CA ILE C 291 5.96 12.39 6.02
C ILE C 291 7.13 11.44 5.84
N ARG C 292 7.42 10.99 4.61
CA ARG C 292 8.46 10.00 4.35
C ARG C 292 9.84 10.53 4.68
N LYS C 293 10.07 11.82 4.43
CA LYS C 293 11.34 12.47 4.75
C LYS C 293 11.61 12.42 6.25
N ASP C 294 10.56 12.65 7.06
CA ASP C 294 10.73 12.59 8.50
C ASP C 294 10.90 11.15 8.95
N LEU C 295 10.32 10.20 8.22
CA LEU C 295 10.56 8.82 8.57
C LEU C 295 11.97 8.39 8.20
N TYR C 296 12.53 8.99 7.13
CA TYR C 296 13.87 8.63 6.65
C TYR C 296 14.94 8.98 7.67
N ALA C 297 14.82 10.15 8.29
CA ALA C 297 15.83 10.56 9.24
C ALA C 297 15.64 9.90 10.61
N ASN C 298 14.55 9.15 10.82
CA ASN C 298 14.22 8.66 12.15
C ASN C 298 13.96 7.16 12.17
N ASN C 299 14.88 6.38 11.60
CA ASN C 299 14.82 4.92 11.72
C ASN C 299 15.30 4.52 13.11
N VAL C 300 14.41 3.95 13.92
CA VAL C 300 14.70 3.59 15.30
C VAL C 300 14.77 2.07 15.41
N MET C 301 15.89 1.56 15.91
CA MET C 301 16.11 0.13 16.08
C MET C 301 15.95 -0.24 17.55
N SER C 302 15.21 -1.31 17.82
CA SER C 302 15.03 -1.80 19.18
C SER C 302 14.95 -3.31 19.16
N GLY C 303 15.30 -3.92 20.28
CA GLY C 303 15.28 -5.36 20.41
C GLY C 303 16.68 -5.95 20.43
N GLY C 304 16.77 -7.19 20.92
CA GLY C 304 18.05 -7.86 21.02
C GLY C 304 18.59 -8.36 19.70
N THR C 305 17.74 -8.54 18.70
CA THR C 305 18.21 -8.98 17.40
C THR C 305 18.90 -7.86 16.64
N THR C 306 18.74 -6.61 17.09
CA THR C 306 19.45 -5.49 16.52
C THR C 306 20.80 -5.27 17.21
N MET C 307 21.28 -6.24 18.00
CA MET C 307 22.51 -6.02 18.77
C MET C 307 23.77 -6.55 18.09
N TYR C 308 23.67 -7.06 16.87
CA TYR C 308 24.86 -7.48 16.13
C TYR C 308 25.72 -6.26 15.80
N PRO C 309 27.04 -6.35 15.90
CA PRO C 309 27.88 -5.17 15.63
C PRO C 309 28.20 -4.94 14.16
N GLY C 310 27.23 -5.08 13.27
CA GLY C 310 27.39 -4.61 11.91
C GLY C 310 26.10 -4.16 11.27
N ILE C 311 25.02 -4.10 12.05
CA ILE C 311 23.68 -4.07 11.46
C ILE C 311 23.22 -2.65 11.10
N ALA C 312 23.68 -1.63 11.85
CA ALA C 312 23.27 -0.26 11.57
C ALA C 312 23.86 0.25 10.27
N ASP C 313 25.16 0.02 10.05
CA ASP C 313 25.83 0.43 8.81
C ASP C 313 25.27 -0.30 7.60
N ARG C 314 25.00 -1.59 7.74
CA ARG C 314 24.42 -2.39 6.66
C ARG C 314 23.01 -1.91 6.31
N MET C 315 22.19 -1.63 7.33
CA MET C 315 20.84 -1.11 7.11
C MET C 315 20.87 0.25 6.45
N GLN C 316 21.80 1.12 6.88
CA GLN C 316 21.95 2.45 6.28
C GLN C 316 22.35 2.35 4.81
N LYS C 317 23.32 1.47 4.51
CA LYS C 317 23.77 1.25 3.13
C LYS C 317 22.64 0.73 2.24
N GLU C 318 21.88 -0.25 2.73
CA GLU C 318 20.80 -0.85 1.93
C GLU C 318 19.66 0.15 1.69
N ILE C 319 19.24 0.86 2.74
CA ILE C 319 18.13 1.80 2.61
C ILE C 319 18.54 3.00 1.74
N THR C 320 19.80 3.46 1.88
CA THR C 320 20.32 4.52 1.02
C THR C 320 20.43 4.07 -0.44
N ALA C 321 20.70 2.78 -0.66
CA ALA C 321 20.66 2.23 -2.01
C ALA C 321 19.22 2.22 -2.56
N LEU C 322 18.24 1.93 -1.70
CA LEU C 322 16.86 1.89 -2.18
C LEU C 322 16.22 3.26 -2.28
N ALA C 323 16.53 4.17 -1.35
CA ALA C 323 15.90 5.47 -1.32
C ALA C 323 16.54 6.41 -2.34
N PRO C 324 15.83 7.48 -2.75
CA PRO C 324 16.44 8.50 -3.62
C PRO C 324 17.66 9.15 -2.98
N SER C 325 18.61 9.56 -3.84
CA SER C 325 19.91 10.06 -3.40
C SER C 325 19.85 11.42 -2.72
N THR C 326 18.73 12.13 -2.80
CA THR C 326 18.60 13.45 -2.19
C THR C 326 17.96 13.38 -0.80
N MET C 327 18.12 12.25 -0.10
CA MET C 327 17.50 12.04 1.19
C MET C 327 18.54 11.67 2.24
N LYS C 328 18.33 12.15 3.45
CA LYS C 328 19.21 11.85 4.58
C LYS C 328 18.64 10.64 5.34
N ILE C 329 19.31 9.51 5.24
CA ILE C 329 18.91 8.28 5.92
C ILE C 329 19.76 8.17 7.18
N LYS C 330 19.11 8.14 8.33
CA LYS C 330 19.78 8.09 9.62
C LYS C 330 19.23 6.93 10.43
N ILE C 331 20.11 6.04 10.85
CA ILE C 331 19.74 4.91 11.70
C ILE C 331 20.10 5.27 13.14
N ILE C 332 19.13 5.13 14.04
CA ILE C 332 19.29 5.46 15.44
C ILE C 332 19.36 4.16 16.23
N ALA C 333 20.57 3.81 16.68
CA ALA C 333 20.82 2.57 17.40
C ALA C 333 21.48 2.88 18.74
N PRO C 334 20.69 3.17 19.77
CA PRO C 334 21.27 3.51 21.09
C PRO C 334 21.91 2.28 21.74
N PRO C 335 22.85 2.47 22.68
CA PRO C 335 23.47 1.31 23.33
C PRO C 335 22.53 0.48 24.20
N GLU C 336 21.48 1.09 24.74
CA GLU C 336 20.56 0.41 25.64
C GLU C 336 19.28 -0.03 24.95
N ARG C 337 19.35 -0.31 23.65
CA ARG C 337 18.16 -0.63 22.86
C ARG C 337 17.60 -2.03 23.12
N LYS C 338 18.29 -2.88 23.89
CA LYS C 338 17.71 -4.18 24.22
C LYS C 338 16.53 -4.04 25.19
N TYR C 339 16.49 -2.98 26.01
CA TYR C 339 15.43 -2.83 26.99
C TYR C 339 14.61 -1.56 26.77
N SER C 340 14.57 -1.09 25.51
CA SER C 340 13.89 0.18 25.17
C SER C 340 12.40 0.11 25.42
N VAL C 341 11.80 -1.06 25.18
CA VAL C 341 10.37 -1.28 25.35
C VAL C 341 10.01 -1.10 26.82
N TRP C 342 10.85 -1.69 27.70
CA TRP C 342 10.61 -1.57 29.13
C TRP C 342 10.80 -0.15 29.59
N ILE C 343 11.80 0.54 29.03
CA ILE C 343 12.08 1.94 29.38
C ILE C 343 10.90 2.80 28.98
N GLY C 344 10.35 2.53 27.78
CA GLY C 344 9.17 3.24 27.34
C GLY C 344 7.96 2.97 28.22
N GLY C 345 7.85 1.72 28.69
CA GLY C 345 6.76 1.37 29.58
C GLY C 345 6.87 2.09 30.91
N SER C 346 8.12 2.26 31.39
CA SER C 346 8.34 3.01 32.62
C SER C 346 8.04 4.48 32.40
N ILE C 347 8.34 4.97 31.21
CA ILE C 347 7.98 6.35 30.88
C ILE C 347 6.47 6.49 30.82
N LEU C 348 5.79 5.53 30.15
CA LEU C 348 4.34 5.62 29.93
C LEU C 348 3.58 5.48 31.24
N ALA C 349 4.01 4.57 32.10
CA ALA C 349 3.31 4.36 33.36
C ALA C 349 3.56 5.48 34.35
N SER C 350 4.54 6.36 34.10
CA SER C 350 4.79 7.48 35.01
C SER C 350 4.09 8.77 34.61
N LEU C 351 3.42 8.82 33.47
CA LEU C 351 2.77 10.05 33.04
C LEU C 351 1.49 10.30 33.83
N SER C 352 1.25 11.58 34.15
CA SER C 352 0.02 11.96 34.82
C SER C 352 -1.19 11.92 33.89
N THR C 353 -0.97 12.01 32.58
CA THR C 353 -2.03 11.96 31.58
C THR C 353 -2.43 10.54 31.22
N PHE C 354 -1.76 9.53 31.78
CA PHE C 354 -2.09 8.14 31.47
C PHE C 354 -3.00 7.50 32.50
N GLN C 355 -3.11 8.08 33.71
CA GLN C 355 -3.82 7.46 34.83
C GLN C 355 -5.33 7.31 34.61
N GLN C 356 -5.90 8.00 33.62
CA GLN C 356 -7.31 7.84 33.28
C GLN C 356 -7.53 6.83 32.17
N MET C 357 -6.47 6.22 31.64
CA MET C 357 -6.57 5.24 30.57
C MET C 357 -6.44 3.81 31.06
N TRP C 358 -6.35 3.59 32.36
CA TRP C 358 -6.31 2.24 32.90
C TRP C 358 -7.67 1.55 32.73
N ILE C 359 -7.66 0.23 32.82
CA ILE C 359 -8.87 -0.57 32.80
C ILE C 359 -9.07 -1.07 34.23
N THR C 360 -9.97 -0.45 34.97
CA THR C 360 -10.20 -0.84 36.35
C THR C 360 -11.01 -2.14 36.40
N LYS C 361 -11.02 -2.74 37.61
CA LYS C 361 -11.74 -4.00 37.83
C LYS C 361 -13.25 -3.85 37.67
N GLN C 362 -13.79 -2.68 38.04
CA GLN C 362 -15.23 -2.43 37.90
C GLN C 362 -15.64 -2.42 36.42
N GLU C 363 -14.82 -1.80 35.57
CA GLU C 363 -15.08 -1.79 34.13
C GLU C 363 -15.00 -3.20 33.54
N TYR C 364 -14.04 -4.00 34.00
CA TYR C 364 -13.92 -5.38 33.54
C TYR C 364 -15.11 -6.22 33.99
N ASP C 365 -15.59 -5.99 35.22
CA ASP C 365 -16.78 -6.68 35.70
C ASP C 365 -18.01 -6.30 34.88
N GLU C 366 -18.13 -5.02 34.55
CA GLU C 366 -19.32 -4.54 33.82
C GLU C 366 -19.30 -4.99 32.36
N ALA C 367 -18.13 -5.02 31.73
CA ALA C 367 -18.03 -5.28 30.30
C ALA C 367 -17.54 -6.68 29.93
N GLY C 368 -16.74 -7.32 30.78
CA GLY C 368 -16.21 -8.64 30.45
C GLY C 368 -14.83 -8.54 29.83
N PRO C 369 -14.33 -9.67 29.29
CA PRO C 369 -13.01 -9.65 28.65
C PRO C 369 -13.03 -9.20 27.20
N SER C 370 -13.76 -8.13 26.90
CA SER C 370 -13.77 -7.54 25.57
C SER C 370 -13.49 -6.04 25.56
N ILE C 371 -13.44 -5.39 26.73
CA ILE C 371 -13.11 -3.98 26.82
C ILE C 371 -11.66 -3.67 26.47
N VAL C 372 -10.80 -4.70 26.41
CA VAL C 372 -9.39 -4.52 26.03
C VAL C 372 -9.23 -4.15 24.56
N HIS C 373 -10.26 -4.32 23.73
CA HIS C 373 -10.26 -3.86 22.36
C HIS C 373 -10.82 -2.45 22.23
N ARG C 374 -11.78 -2.08 23.08
CA ARG C 374 -12.35 -0.75 23.07
C ARG C 374 -11.51 0.26 23.82
N LYS C 375 -10.52 -0.21 24.60
CA LYS C 375 -9.68 0.68 25.40
C LYS C 375 -8.28 0.75 24.83
N CYS C 376 -7.61 -0.39 24.65
CA CYS C 376 -6.25 -0.43 24.16
C CYS C 376 -6.27 -0.68 22.65
N PHE C 377 -5.17 -0.33 22.00
CA PHE C 377 -5.03 -0.63 20.58
C PHE C 377 -4.59 -2.09 20.49
N GLU D 6 -8.95 -16.44 -43.24
CA GLU D 6 -10.20 -16.51 -42.52
C GLU D 6 -10.68 -15.13 -42.12
N THR D 7 -9.72 -14.34 -41.58
CA THR D 7 -9.90 -12.94 -41.13
C THR D 7 -11.04 -12.79 -40.13
N THR D 8 -11.15 -13.74 -39.20
CA THR D 8 -12.10 -13.66 -38.10
C THR D 8 -11.39 -13.03 -36.91
N ALA D 9 -11.74 -11.76 -36.63
CA ALA D 9 -11.12 -10.90 -35.62
C ALA D 9 -11.01 -11.57 -34.25
N LEU D 10 -9.96 -11.22 -33.52
CA LEU D 10 -9.71 -11.71 -32.18
C LEU D 10 -10.12 -10.65 -31.17
N VAL D 11 -10.69 -11.07 -30.05
CA VAL D 11 -11.03 -10.19 -28.96
C VAL D 11 -10.30 -10.66 -27.72
N CYS D 12 -9.43 -9.81 -27.18
CA CYS D 12 -8.63 -10.14 -26.01
C CYS D 12 -8.79 -9.05 -24.98
N ASP D 13 -9.13 -9.44 -23.75
CA ASP D 13 -9.29 -8.53 -22.63
C ASP D 13 -8.25 -8.91 -21.59
N ASN D 14 -7.27 -8.04 -21.40
CA ASN D 14 -6.18 -8.24 -20.45
C ASN D 14 -6.43 -7.33 -19.27
N GLY D 15 -7.09 -7.86 -18.25
CA GLY D 15 -7.31 -7.12 -17.02
C GLY D 15 -6.13 -7.25 -16.07
N SER D 16 -6.31 -6.71 -14.86
CA SER D 16 -5.27 -6.82 -13.85
C SER D 16 -5.13 -8.23 -13.30
N GLY D 17 -6.21 -9.01 -13.31
CA GLY D 17 -6.16 -10.33 -12.70
C GLY D 17 -6.36 -11.50 -13.63
N LEU D 18 -7.18 -11.35 -14.66
CA LEU D 18 -7.56 -12.45 -15.53
C LEU D 18 -7.43 -12.02 -16.98
N VAL D 19 -7.21 -13.00 -17.85
CA VAL D 19 -7.19 -12.79 -19.30
C VAL D 19 -8.37 -13.53 -19.90
N LYS D 20 -9.20 -12.80 -20.66
CA LYS D 20 -10.36 -13.37 -21.35
C LYS D 20 -10.15 -13.16 -22.85
N ALA D 21 -9.83 -14.23 -23.57
CA ALA D 21 -9.51 -14.14 -24.98
C ALA D 21 -10.40 -15.08 -25.77
N GLY D 22 -10.71 -14.68 -26.99
CA GLY D 22 -11.54 -15.51 -27.85
C GLY D 22 -11.74 -14.87 -29.21
N PHE D 23 -12.72 -15.40 -29.93
CA PHE D 23 -13.01 -14.99 -31.29
C PHE D 23 -14.25 -14.12 -31.32
N ALA D 24 -14.22 -13.10 -32.17
CA ALA D 24 -15.34 -12.18 -32.34
C ALA D 24 -16.54 -12.87 -32.97
N GLY D 25 -17.73 -12.43 -32.58
CA GLY D 25 -18.96 -13.05 -33.01
C GLY D 25 -19.48 -14.15 -32.10
N ASP D 26 -18.75 -14.50 -31.04
CA ASP D 26 -19.18 -15.54 -30.13
C ASP D 26 -19.99 -14.94 -28.99
N ASP D 27 -20.40 -15.81 -28.06
CA ASP D 27 -21.16 -15.40 -26.88
C ASP D 27 -20.33 -15.39 -25.62
N ALA D 28 -19.36 -16.30 -25.49
CA ALA D 28 -18.51 -16.39 -24.32
C ALA D 28 -17.06 -16.52 -24.75
N PRO D 29 -16.12 -16.00 -23.95
CA PRO D 29 -14.70 -16.15 -24.29
C PRO D 29 -14.24 -17.60 -24.27
N ARG D 30 -13.33 -17.92 -25.20
CA ARG D 30 -12.83 -19.29 -25.29
C ARG D 30 -11.85 -19.60 -24.17
N ALA D 31 -10.95 -18.68 -23.85
CA ALA D 31 -9.89 -18.92 -22.89
C ALA D 31 -9.95 -17.88 -21.80
N VAL D 32 -10.25 -18.33 -20.58
CA VAL D 32 -10.27 -17.48 -19.39
C VAL D 32 -9.23 -18.04 -18.43
N PHE D 33 -8.12 -17.35 -18.26
CA PHE D 33 -7.08 -17.90 -17.40
C PHE D 33 -6.43 -16.79 -16.58
N PRO D 34 -5.91 -17.10 -15.38
CA PRO D 34 -5.27 -16.07 -14.54
C PRO D 34 -4.02 -15.46 -15.18
N SER D 35 -3.85 -14.17 -14.98
CA SER D 35 -2.75 -13.40 -15.58
C SER D 35 -1.56 -13.35 -14.62
N ILE D 36 -0.90 -14.49 -14.49
CA ILE D 36 0.24 -14.63 -13.59
C ILE D 36 1.37 -15.34 -14.34
N VAL D 37 2.60 -15.06 -13.92
CA VAL D 37 3.78 -15.77 -14.39
C VAL D 37 4.48 -16.33 -13.16
N GLY D 38 4.76 -17.63 -13.16
CA GLY D 38 5.40 -18.29 -12.04
C GLY D 38 6.82 -18.70 -12.39
N ARG D 39 7.72 -18.54 -11.43
CA ARG D 39 9.10 -18.97 -11.59
C ARG D 39 9.55 -19.77 -10.37
N PRO D 40 10.33 -20.84 -10.57
CA PRO D 40 10.69 -21.71 -9.43
C PRO D 40 11.61 -21.01 -8.43
N ARG D 41 11.44 -21.38 -7.16
CA ARG D 41 12.23 -20.78 -6.09
C ARG D 41 13.09 -21.78 -5.34
N HIS D 42 12.93 -23.07 -5.57
CA HIS D 42 13.68 -24.11 -4.87
C HIS D 42 14.69 -24.75 -5.81
N GLN D 43 15.39 -25.75 -5.30
CA GLN D 43 16.48 -26.38 -6.02
C GLN D 43 15.97 -27.61 -6.76
N GLY D 44 16.25 -27.68 -8.06
CA GLY D 44 15.86 -28.82 -8.86
C GLY D 44 16.88 -29.93 -8.77
N VAL D 45 16.41 -31.16 -8.55
CA VAL D 45 17.29 -32.29 -8.32
C VAL D 45 17.11 -33.41 -9.33
N MET D 46 15.99 -33.49 -10.04
CA MET D 46 15.72 -34.55 -11.01
C MET D 46 15.94 -34.04 -12.42
N VAL D 47 16.82 -34.70 -13.15
CA VAL D 47 17.31 -34.21 -14.44
C VAL D 47 16.26 -34.47 -15.52
N GLY D 48 16.19 -33.57 -16.50
CA GLY D 48 15.28 -33.67 -17.61
C GLY D 48 13.85 -33.34 -17.24
N MET D 49 12.96 -34.35 -17.36
CA MET D 49 11.51 -34.35 -17.00
C MET D 49 10.72 -33.11 -17.46
N GLY D 50 11.17 -32.47 -18.53
CA GLY D 50 10.47 -31.34 -19.14
C GLY D 50 10.30 -30.14 -18.24
N GLN D 51 11.30 -29.84 -17.42
CA GLN D 51 11.22 -28.69 -16.53
C GLN D 51 11.41 -27.40 -17.30
N LYS D 52 10.54 -26.44 -17.04
CA LYS D 52 10.55 -25.14 -17.69
C LYS D 52 11.02 -24.08 -16.70
N ASP D 53 11.61 -23.02 -17.24
CA ASP D 53 12.10 -21.94 -16.38
C ASP D 53 10.99 -20.99 -15.96
N SER D 54 9.84 -21.05 -16.62
CA SER D 54 8.70 -20.19 -16.30
C SER D 54 7.42 -20.91 -16.67
N TYR D 55 6.34 -20.55 -15.96
CA TYR D 55 5.02 -21.13 -16.18
C TYR D 55 4.01 -20.00 -16.23
N VAL D 56 3.02 -20.15 -17.11
CA VAL D 56 2.06 -19.09 -17.43
C VAL D 56 0.65 -19.65 -17.31
N GLY D 57 -0.21 -18.97 -16.55
CA GLY D 57 -1.63 -19.23 -16.62
C GLY D 57 -2.07 -20.32 -15.66
N ASP D 58 -2.85 -21.28 -16.18
CA ASP D 58 -3.35 -22.37 -15.36
C ASP D 58 -2.25 -23.30 -14.89
N GLU D 59 -1.20 -23.48 -15.69
CA GLU D 59 -0.08 -24.33 -15.30
C GLU D 59 0.67 -23.75 -14.12
N ALA D 60 0.82 -22.42 -14.08
CA ALA D 60 1.45 -21.76 -12.94
C ALA D 60 0.59 -21.86 -11.70
N GLN D 61 -0.73 -21.74 -11.86
CA GLN D 61 -1.65 -21.85 -10.72
C GLN D 61 -1.69 -23.27 -10.16
N SER D 62 -1.58 -24.27 -11.03
CA SER D 62 -1.62 -25.66 -10.57
C SER D 62 -0.34 -26.05 -9.84
N LYS D 63 0.80 -25.49 -10.24
CA LYS D 63 2.09 -25.81 -9.67
C LYS D 63 2.60 -24.73 -8.71
N ARG D 64 1.69 -23.94 -8.12
CA ARG D 64 2.07 -22.75 -7.34
C ARG D 64 2.79 -23.06 -6.04
N GLY D 65 2.79 -24.31 -5.59
CA GLY D 65 3.44 -24.68 -4.33
C GLY D 65 4.96 -24.61 -4.38
N ILE D 66 5.55 -24.63 -5.56
CA ILE D 66 6.99 -24.50 -5.72
C ILE D 66 7.37 -23.31 -6.58
N LEU D 67 6.43 -22.39 -6.81
CA LEU D 67 6.65 -21.24 -7.67
C LEU D 67 6.40 -19.94 -6.91
N THR D 68 7.04 -18.88 -7.37
CA THR D 68 6.71 -17.52 -7.01
C THR D 68 5.91 -16.93 -8.16
N LEU D 69 4.74 -16.38 -7.84
CA LEU D 69 3.79 -15.88 -8.84
C LEU D 69 3.84 -14.36 -8.87
N LYS D 70 4.01 -13.81 -10.07
CA LYS D 70 4.04 -12.37 -10.27
C LYS D 70 2.92 -11.98 -11.22
N TYR D 71 2.26 -10.87 -10.91
CA TYR D 71 1.28 -10.27 -11.80
C TYR D 71 1.95 -9.24 -12.70
N PRO D 72 1.93 -9.40 -14.02
CA PRO D 72 2.53 -8.40 -14.92
C PRO D 72 1.84 -7.04 -14.90
N ILE D 73 0.56 -6.97 -14.49
CA ILE D 73 -0.20 -5.73 -14.52
C ILE D 73 -0.59 -5.37 -13.09
N GLU D 74 -0.27 -4.14 -12.69
CA GLU D 74 -0.64 -3.63 -11.38
C GLU D 74 -1.42 -2.34 -11.51
N HIC D 75 -2.66 -2.35 -11.00
CA HIC D 75 -3.60 -1.24 -11.01
C HIC D 75 -3.89 -0.77 -12.43
O HIC D 75 -3.96 0.42 -12.77
CB HIC D 75 -3.19 0.02 -10.21
CG HIC D 75 -2.77 -0.25 -8.83
ND1 HIC D 75 -1.49 0.02 -8.32
CD2 HIC D 75 -3.56 -0.84 -7.83
CE1 HIC D 75 -1.51 -0.38 -7.03
NE2 HIC D 75 -2.76 -0.92 -6.69
CZ HIC D 75 -3.14 -1.44 -5.43
N GLY D 76 -4.04 -1.76 -13.30
CA GLY D 76 -4.37 -1.52 -14.70
C GLY D 76 -3.22 -1.03 -15.56
N ILE D 77 -2.01 -1.06 -15.01
CA ILE D 77 -0.81 -0.57 -15.70
C ILE D 77 0.16 -1.75 -15.82
N ILE D 78 0.67 -1.95 -17.03
CA ILE D 78 1.61 -3.03 -17.30
C ILE D 78 2.98 -2.64 -16.73
N THR D 79 3.43 -3.35 -15.71
CA THR D 79 4.70 -3.03 -15.05
C THR D 79 5.87 -3.82 -15.61
N ASN D 80 5.65 -5.06 -16.02
CA ASN D 80 6.70 -5.89 -16.62
C ASN D 80 6.25 -6.28 -18.02
N TRP D 81 7.11 -6.05 -19.01
CA TRP D 81 6.74 -6.24 -20.40
C TRP D 81 7.16 -7.58 -20.97
N ASP D 82 8.25 -8.18 -20.47
CA ASP D 82 8.63 -9.52 -20.88
C ASP D 82 7.58 -10.55 -20.44
N ASP D 83 7.07 -10.42 -19.21
CA ASP D 83 5.99 -11.29 -18.74
C ASP D 83 4.71 -11.05 -19.52
N MET D 84 4.45 -9.81 -19.94
CA MET D 84 3.28 -9.51 -20.77
C MET D 84 3.41 -10.16 -22.15
N GLU D 85 4.62 -10.15 -22.71
CA GLU D 85 4.89 -10.87 -23.95
C GLU D 85 4.67 -12.37 -23.79
N LYS D 86 5.06 -12.91 -22.62
CA LYS D 86 4.79 -14.33 -22.32
C LYS D 86 3.30 -14.63 -22.27
N ILE D 87 2.52 -13.74 -21.62
CA ILE D 87 1.06 -13.90 -21.52
C ILE D 87 0.42 -13.87 -22.90
N TRP D 88 0.84 -12.91 -23.75
CA TRP D 88 0.27 -12.78 -25.08
C TRP D 88 0.65 -13.96 -25.99
N HIS D 89 1.91 -14.43 -25.87
CA HIS D 89 2.34 -15.61 -26.62
C HIS D 89 1.55 -16.86 -26.20
N HIS D 90 1.32 -17.02 -24.89
CA HIS D 90 0.52 -18.13 -24.38
C HIS D 90 -0.91 -18.06 -24.87
N THR D 91 -1.52 -16.87 -24.85
CA THR D 91 -2.92 -16.75 -25.24
C THR D 91 -3.11 -16.77 -26.75
N PHE D 92 -2.04 -16.58 -27.53
CA PHE D 92 -2.17 -16.70 -28.98
C PHE D 92 -1.89 -18.11 -29.46
N TYR D 93 -0.79 -18.71 -29.02
CA TYR D 93 -0.35 -19.99 -29.58
C TYR D 93 -0.82 -21.20 -28.81
N ASN D 94 -1.00 -21.10 -27.49
CA ASN D 94 -1.31 -22.26 -26.67
C ASN D 94 -2.79 -22.38 -26.32
N GLU D 95 -3.47 -21.28 -26.04
CA GLU D 95 -4.88 -21.33 -25.65
C GLU D 95 -5.83 -21.22 -26.84
N LEU D 96 -5.74 -20.13 -27.59
CA LEU D 96 -6.61 -19.95 -28.75
C LEU D 96 -6.20 -20.80 -29.95
N ARG D 97 -4.95 -21.29 -29.97
CA ARG D 97 -4.39 -22.17 -31.01
C ARG D 97 -4.47 -21.52 -32.40
N VAL D 98 -4.06 -20.26 -32.48
CA VAL D 98 -4.22 -19.48 -33.69
C VAL D 98 -2.90 -18.80 -34.02
N ALA D 99 -2.76 -18.44 -35.30
CA ALA D 99 -1.59 -17.71 -35.77
C ALA D 99 -1.93 -16.23 -35.88
N PRO D 100 -1.23 -15.34 -35.16
CA PRO D 100 -1.68 -13.94 -35.05
C PRO D 100 -1.57 -13.12 -36.33
N GLU D 101 -0.84 -13.57 -37.34
CA GLU D 101 -0.55 -12.71 -38.48
C GLU D 101 -1.73 -12.56 -39.45
N GLU D 102 -2.81 -13.31 -39.26
CA GLU D 102 -3.96 -13.25 -40.15
C GLU D 102 -5.25 -12.94 -39.37
N HIS D 103 -5.14 -12.34 -38.19
CA HIS D 103 -6.31 -11.98 -37.41
C HIS D 103 -6.17 -10.59 -36.77
N PRO D 104 -7.08 -9.66 -37.05
CA PRO D 104 -7.10 -8.39 -36.31
C PRO D 104 -7.45 -8.59 -34.84
N THR D 105 -6.92 -7.72 -33.99
CA THR D 105 -7.00 -7.88 -32.55
C THR D 105 -7.61 -6.64 -31.90
N LEU D 106 -8.54 -6.85 -30.97
CA LEU D 106 -9.13 -5.80 -30.18
C LEU D 106 -8.68 -5.95 -28.73
N LEU D 107 -8.07 -4.92 -28.18
CA LEU D 107 -7.59 -4.89 -26.81
C LEU D 107 -8.32 -3.81 -26.02
N THR D 108 -8.25 -3.91 -24.69
CA THR D 108 -8.99 -3.03 -23.80
C THR D 108 -8.02 -2.30 -22.88
N GLU D 109 -8.45 -1.13 -22.40
CA GLU D 109 -7.66 -0.34 -21.47
C GLU D 109 -8.57 0.49 -20.59
N ALA D 110 -8.18 0.65 -19.32
CA ALA D 110 -8.92 1.45 -18.38
C ALA D 110 -8.73 2.93 -18.67
N PRO D 111 -9.68 3.79 -18.29
CA PRO D 111 -9.49 5.24 -18.48
C PRO D 111 -8.41 5.79 -17.56
N LEU D 112 -7.85 6.93 -17.98
CA LEU D 112 -6.84 7.71 -17.24
C LEU D 112 -5.57 6.91 -16.97
N ASN D 113 -5.21 6.04 -17.91
CA ASN D 113 -3.97 5.29 -17.92
C ASN D 113 -2.87 6.13 -18.57
N PRO D 114 -1.60 5.81 -18.32
CA PRO D 114 -0.51 6.46 -19.06
C PRO D 114 -0.55 6.17 -20.56
N LYS D 115 -0.10 7.16 -21.34
CA LYS D 115 -0.05 7.03 -22.79
C LYS D 115 0.99 5.99 -23.22
N ALA D 116 2.08 5.87 -22.44
CA ALA D 116 3.18 4.96 -22.79
C ALA D 116 2.73 3.51 -22.80
N ASN D 117 1.75 3.17 -21.95
CA ASN D 117 1.19 1.82 -21.90
C ASN D 117 0.52 1.46 -23.22
N ARG D 118 -0.34 2.36 -23.72
CA ARG D 118 -1.01 2.16 -25.01
C ARG D 118 -0.02 2.14 -26.17
N GLU D 119 0.99 3.03 -26.13
CA GLU D 119 2.01 3.08 -27.19
C GLU D 119 2.80 1.78 -27.25
N LYS D 120 3.22 1.26 -26.08
CA LYS D 120 3.98 0.03 -26.08
C LYS D 120 3.13 -1.19 -26.40
N MET D 121 1.83 -1.16 -26.06
CA MET D 121 0.92 -2.21 -26.51
C MET D 121 0.83 -2.25 -28.03
N THR D 122 0.68 -1.08 -28.66
CA THR D 122 0.66 -0.98 -30.12
C THR D 122 1.96 -1.48 -30.73
N GLN D 123 3.10 -1.06 -30.15
CA GLN D 123 4.42 -1.47 -30.65
C GLN D 123 4.63 -2.98 -30.56
N ILE D 124 4.22 -3.59 -29.43
CA ILE D 124 4.39 -5.04 -29.26
C ILE D 124 3.46 -5.79 -30.20
N MET D 125 2.20 -5.36 -30.34
CA MET D 125 1.27 -6.04 -31.23
C MET D 125 1.65 -5.90 -32.71
N PHE D 126 2.38 -4.84 -33.08
CA PHE D 126 2.76 -4.68 -34.48
C PHE D 126 4.17 -5.14 -34.81
N GLU D 127 5.04 -5.32 -33.83
CA GLU D 127 6.42 -5.68 -34.12
C GLU D 127 6.86 -7.05 -33.62
N THR D 128 6.10 -7.69 -32.75
CA THR D 128 6.48 -9.01 -32.27
C THR D 128 5.44 -10.08 -32.59
N PHE D 129 4.16 -9.77 -32.45
CA PHE D 129 3.07 -10.70 -32.77
C PHE D 129 2.25 -10.18 -33.95
N ASN D 130 2.95 -9.68 -34.99
CA ASN D 130 2.50 -8.70 -35.98
C ASN D 130 1.13 -9.01 -36.60
N VAL D 131 0.17 -8.13 -36.33
CA VAL D 131 -1.22 -8.32 -36.72
C VAL D 131 -1.52 -7.41 -37.92
N PRO D 132 -2.49 -7.78 -38.78
CA PRO D 132 -2.93 -6.84 -39.84
C PRO D 132 -3.50 -5.54 -39.30
N ALA D 133 -4.19 -5.59 -38.16
CA ALA D 133 -4.78 -4.41 -37.56
C ALA D 133 -5.02 -4.67 -36.08
N MET D 134 -5.07 -3.59 -35.30
CA MET D 134 -5.38 -3.68 -33.88
C MET D 134 -6.15 -2.43 -33.46
N TYR D 135 -6.95 -2.57 -32.41
CA TYR D 135 -7.72 -1.45 -31.91
C TYR D 135 -7.83 -1.55 -30.39
N VAL D 136 -7.64 -0.42 -29.72
CA VAL D 136 -7.70 -0.35 -28.25
C VAL D 136 -8.97 0.40 -27.89
N ALA D 137 -9.74 -0.15 -26.96
CA ALA D 137 -11.03 0.40 -26.58
C ALA D 137 -11.12 0.55 -25.06
N ILE D 138 -12.01 1.44 -24.64
CA ILE D 138 -12.30 1.65 -23.23
C ILE D 138 -13.27 0.56 -22.77
N GLN D 139 -13.08 0.06 -21.55
CA GLN D 139 -13.80 -1.10 -21.07
C GLN D 139 -15.27 -0.78 -20.79
N ALA D 140 -15.54 0.41 -20.24
CA ALA D 140 -16.90 0.78 -19.86
C ALA D 140 -17.81 0.97 -21.08
N VAL D 141 -17.25 1.46 -22.19
CA VAL D 141 -18.00 1.56 -23.44
C VAL D 141 -18.41 0.19 -23.93
N LEU D 142 -17.51 -0.80 -23.81
CA LEU D 142 -17.83 -2.18 -24.15
C LEU D 142 -18.90 -2.77 -23.22
N SER D 143 -18.83 -2.41 -21.93
CA SER D 143 -19.83 -2.87 -20.98
C SER D 143 -21.21 -2.32 -21.32
N LEU D 144 -21.26 -1.05 -21.74
CA LEU D 144 -22.52 -0.47 -22.20
C LEU D 144 -22.98 -1.08 -23.51
N TYR D 145 -22.04 -1.47 -24.39
CA TYR D 145 -22.38 -2.18 -25.62
C TYR D 145 -23.05 -3.52 -25.35
N ALA D 146 -22.52 -4.27 -24.36
CA ALA D 146 -23.10 -5.58 -24.05
C ALA D 146 -24.46 -5.47 -23.37
N SER D 147 -24.70 -4.39 -22.61
CA SER D 147 -25.98 -4.20 -21.94
C SER D 147 -27.13 -3.89 -22.88
N GLY D 148 -26.86 -3.60 -24.15
CA GLY D 148 -27.90 -3.40 -25.15
C GLY D 148 -28.43 -1.98 -25.25
N ARG D 149 -28.02 -1.08 -24.37
CA ARG D 149 -28.55 0.28 -24.37
C ARG D 149 -27.45 1.28 -24.73
N THR D 150 -27.88 2.52 -24.88
CA THR D 150 -27.00 3.61 -25.30
C THR D 150 -26.70 4.62 -24.20
N THR D 151 -27.64 4.86 -23.29
CA THR D 151 -27.46 5.81 -22.21
C THR D 151 -27.30 5.08 -20.89
N GLY D 152 -26.32 5.51 -20.10
CA GLY D 152 -26.08 4.91 -18.80
C GLY D 152 -24.74 5.29 -18.26
N ILE D 153 -24.57 5.04 -16.97
CA ILE D 153 -23.31 5.26 -16.28
C ILE D 153 -22.79 3.90 -15.84
N VAL D 154 -21.58 3.57 -16.28
CA VAL D 154 -21.00 2.25 -16.07
C VAL D 154 -20.02 2.34 -14.92
N LEU D 155 -20.22 1.48 -13.92
CA LEU D 155 -19.26 1.26 -12.84
C LEU D 155 -18.56 -0.05 -13.13
N ASP D 156 -17.32 0.03 -13.58
CA ASP D 156 -16.54 -1.16 -13.91
C ASP D 156 -15.48 -1.30 -12.83
N SER D 157 -15.55 -2.39 -12.07
CA SER D 157 -14.60 -2.67 -11.00
C SER D 157 -14.02 -4.05 -11.25
N GLY D 158 -12.70 -4.13 -11.38
CA GLY D 158 -12.07 -5.40 -11.62
C GLY D 158 -11.08 -5.81 -10.56
N ASP D 159 -9.85 -6.11 -10.97
CA ASP D 159 -8.81 -6.53 -10.04
C ASP D 159 -7.85 -5.41 -9.68
N GLY D 160 -7.75 -4.37 -10.51
CA GLY D 160 -6.83 -3.29 -10.20
C GLY D 160 -7.43 -1.91 -10.09
N VAL D 161 -8.51 -1.62 -10.81
CA VAL D 161 -9.10 -0.29 -10.87
C VAL D 161 -10.61 -0.38 -10.71
N THR D 162 -11.21 0.75 -10.35
CA THR D 162 -12.66 0.89 -10.29
C THR D 162 -13.00 2.24 -10.92
N HIS D 163 -13.62 2.23 -12.09
CA HIS D 163 -13.86 3.47 -12.81
C HIS D 163 -15.32 3.62 -13.20
N ASN D 164 -15.79 4.86 -13.11
CA ASN D 164 -17.14 5.26 -13.50
C ASN D 164 -17.05 6.10 -14.77
N VAL D 165 -17.80 5.70 -15.80
CA VAL D 165 -17.89 6.45 -17.04
C VAL D 165 -19.36 6.67 -17.39
N PRO D 166 -19.82 7.92 -17.48
CA PRO D 166 -21.20 8.16 -17.95
C PRO D 166 -21.29 8.48 -19.44
N ILE D 167 -22.30 7.91 -20.12
CA ILE D 167 -22.50 8.10 -21.56
C ILE D 167 -23.97 8.41 -21.77
N TYR D 168 -24.26 9.46 -22.53
CA TYR D 168 -25.62 9.86 -22.86
C TYR D 168 -25.78 9.95 -24.37
N GLU D 169 -26.63 9.07 -24.93
CA GLU D 169 -26.94 8.98 -26.37
C GLU D 169 -25.69 8.80 -27.22
N GLY D 170 -24.74 8.03 -26.72
CA GLY D 170 -23.53 7.73 -27.45
C GLY D 170 -22.42 8.73 -27.29
N TYR D 171 -22.65 9.81 -26.55
CA TYR D 171 -21.62 10.81 -26.28
C TYR D 171 -21.11 10.64 -24.86
N ALA D 172 -19.79 10.57 -24.73
CA ALA D 172 -19.16 10.43 -23.43
C ALA D 172 -18.78 11.80 -22.88
N LEU D 173 -18.71 11.89 -21.57
CA LEU D 173 -18.34 13.13 -20.86
C LEU D 173 -17.04 12.86 -20.13
N PRO D 174 -15.88 13.15 -20.74
CA PRO D 174 -14.60 12.80 -20.11
C PRO D 174 -14.28 13.57 -18.84
N HIS D 175 -14.90 14.73 -18.61
CA HIS D 175 -14.62 15.48 -17.39
C HIS D 175 -15.28 14.86 -16.16
N ALA D 176 -16.27 13.98 -16.36
CA ALA D 176 -16.95 13.31 -15.26
C ALA D 176 -16.51 11.86 -15.09
N ILE D 177 -15.48 11.42 -15.80
CA ILE D 177 -14.97 10.06 -15.66
C ILE D 177 -14.17 9.99 -14.37
N MET D 178 -14.50 9.04 -13.50
CA MET D 178 -13.86 8.91 -12.22
C MET D 178 -13.10 7.60 -12.14
N ARG D 179 -11.98 7.61 -11.43
CA ARG D 179 -11.13 6.44 -11.29
C ARG D 179 -10.65 6.33 -9.86
N LEU D 180 -10.81 5.15 -9.26
CA LEU D 180 -10.38 4.86 -7.91
C LEU D 180 -9.53 3.61 -7.94
N ASP D 181 -8.31 3.70 -7.39
CA ASP D 181 -7.38 2.58 -7.35
C ASP D 181 -7.66 1.67 -6.15
N LEU D 182 -8.86 1.09 -6.14
CA LEU D 182 -9.30 0.19 -5.08
C LEU D 182 -10.18 -0.87 -5.73
N ALA D 183 -9.72 -2.11 -5.72
CA ALA D 183 -10.40 -3.19 -6.43
C ALA D 183 -10.16 -4.49 -5.68
N GLY D 184 -10.31 -5.62 -6.40
CA GLY D 184 -10.32 -6.94 -5.77
C GLY D 184 -9.02 -7.32 -5.08
N ARG D 185 -7.88 -6.94 -5.64
CA ARG D 185 -6.59 -7.31 -5.06
C ARG D 185 -6.36 -6.61 -3.72
N ASP D 186 -6.81 -5.35 -3.62
CA ASP D 186 -6.76 -4.63 -2.35
C ASP D 186 -7.63 -5.29 -1.30
N LEU D 187 -8.81 -5.79 -1.70
CA LEU D 187 -9.69 -6.51 -0.80
C LEU D 187 -9.06 -7.84 -0.37
N THR D 188 -8.33 -8.49 -1.29
CA THR D 188 -7.59 -9.70 -0.95
C THR D 188 -6.50 -9.43 0.09
N ASP D 189 -5.76 -8.33 -0.08
CA ASP D 189 -4.73 -7.94 0.87
C ASP D 189 -5.33 -7.59 2.23
N TYR D 190 -6.47 -6.90 2.22
CA TYR D 190 -7.15 -6.55 3.47
C TYR D 190 -7.68 -7.79 4.18
N LEU D 191 -8.17 -8.76 3.42
CA LEU D 191 -8.62 -10.03 4.00
C LEU D 191 -7.45 -10.80 4.61
N MET D 192 -6.29 -10.79 3.93
CA MET D 192 -5.07 -11.38 4.49
C MET D 192 -4.68 -10.70 5.80
N LYS D 193 -4.80 -9.38 5.86
CA LYS D 193 -4.49 -8.64 7.09
C LYS D 193 -5.45 -8.99 8.21
N ILE D 194 -6.76 -9.07 7.92
CA ILE D 194 -7.74 -9.25 8.99
C ILE D 194 -7.99 -10.70 9.36
N LEU D 195 -7.49 -11.67 8.59
CA LEU D 195 -7.57 -13.06 9.05
C LEU D 195 -6.55 -13.39 10.14
N THR D 196 -5.59 -12.51 10.41
CA THR D 196 -4.65 -12.69 11.51
C THR D 196 -5.30 -12.49 12.87
N GLU D 197 -6.50 -11.91 12.94
CA GLU D 197 -7.20 -11.75 14.21
C GLU D 197 -7.69 -13.09 14.76
N ARG D 198 -7.97 -14.05 13.88
CA ARG D 198 -8.40 -15.37 14.31
C ARG D 198 -7.28 -16.39 14.31
N GLY D 199 -6.03 -15.95 14.11
CA GLY D 199 -4.88 -16.81 14.22
C GLY D 199 -4.40 -17.44 12.94
N TYR D 200 -5.02 -17.15 11.81
CA TYR D 200 -4.60 -17.71 10.53
C TYR D 200 -3.56 -16.79 9.90
N SER D 201 -2.46 -17.38 9.44
CA SER D 201 -1.36 -16.62 8.86
C SER D 201 -1.16 -17.04 7.42
N PHE D 202 -1.51 -16.16 6.49
CA PHE D 202 -1.24 -16.33 5.07
C PHE D 202 -0.25 -15.26 4.65
N VAL D 203 0.89 -15.67 4.11
CA VAL D 203 2.01 -14.76 3.88
C VAL D 203 2.47 -14.86 2.44
N THR D 204 2.75 -16.08 1.99
CA THR D 204 3.32 -16.30 0.66
C THR D 204 2.28 -16.04 -0.43
N THR D 205 2.78 -15.82 -1.65
CA THR D 205 1.94 -15.53 -2.81
C THR D 205 1.07 -16.71 -3.22
N ALA D 206 1.46 -17.94 -2.88
CA ALA D 206 0.60 -19.09 -3.13
C ALA D 206 -0.63 -19.07 -2.23
N GLU D 207 -0.49 -18.58 -1.00
CA GLU D 207 -1.62 -18.46 -0.08
C GLU D 207 -2.53 -17.28 -0.40
N ARG D 208 -2.04 -16.29 -1.16
CA ARG D 208 -2.87 -15.19 -1.60
C ARG D 208 -4.00 -15.67 -2.53
N GLU D 209 -3.71 -16.68 -3.35
CA GLU D 209 -4.74 -17.28 -4.20
C GLU D 209 -5.78 -18.03 -3.35
N ILE D 210 -5.33 -18.67 -2.27
CA ILE D 210 -6.25 -19.33 -1.33
C ILE D 210 -7.18 -18.31 -0.69
N VAL D 211 -6.63 -17.16 -0.26
CA VAL D 211 -7.42 -16.09 0.35
C VAL D 211 -8.39 -15.50 -0.68
N ARG D 212 -7.95 -15.40 -1.94
CA ARG D 212 -8.80 -14.93 -3.03
C ARG D 212 -9.98 -15.89 -3.26
N ASP D 213 -9.71 -17.20 -3.19
CA ASP D 213 -10.77 -18.20 -3.31
C ASP D 213 -11.76 -18.11 -2.16
N ILE D 214 -11.26 -17.90 -0.93
CA ILE D 214 -12.10 -17.69 0.26
C ILE D 214 -13.02 -16.49 0.06
N LYS D 215 -12.45 -15.38 -0.46
CA LYS D 215 -13.21 -14.16 -0.72
C LYS D 215 -14.29 -14.40 -1.79
N GLU D 216 -13.95 -15.12 -2.85
CA GLU D 216 -14.92 -15.39 -3.91
C GLU D 216 -16.04 -16.31 -3.45
N LYS D 217 -15.76 -17.22 -2.51
CA LYS D 217 -16.80 -18.19 -2.14
C LYS D 217 -17.64 -17.77 -0.93
N LEU D 218 -17.08 -17.03 0.03
CA LEU D 218 -17.76 -16.85 1.31
C LEU D 218 -18.11 -15.40 1.67
N CYS D 219 -17.61 -14.41 0.94
CA CYS D 219 -17.83 -13.02 1.29
C CYS D 219 -19.08 -12.46 0.62
N TYR D 220 -19.67 -11.45 1.26
CA TYR D 220 -20.88 -10.80 0.78
C TYR D 220 -20.95 -9.40 1.36
N VAL D 221 -21.80 -8.57 0.78
CA VAL D 221 -21.95 -7.18 1.18
C VAL D 221 -23.21 -7.04 2.02
N ALA D 222 -23.05 -6.47 3.22
CA ALA D 222 -24.17 -6.26 4.12
C ALA D 222 -25.01 -5.06 3.68
N LEU D 223 -26.33 -5.16 3.89
CA LEU D 223 -27.20 -4.04 3.60
C LEU D 223 -27.05 -2.93 4.64
N ASP D 224 -26.89 -3.30 5.90
CA ASP D 224 -26.58 -2.34 6.97
C ASP D 224 -25.38 -2.90 7.72
N PHE D 225 -24.31 -2.11 7.80
CA PHE D 225 -23.06 -2.62 8.37
C PHE D 225 -23.13 -2.77 9.89
N GLU D 226 -23.67 -1.76 10.58
CA GLU D 226 -23.71 -1.77 12.05
C GLU D 226 -24.64 -2.85 12.59
N ASN D 227 -25.81 -3.03 11.95
CA ASN D 227 -26.75 -4.07 12.35
C ASN D 227 -26.15 -5.46 12.17
N GLU D 228 -25.45 -5.68 11.05
CA GLU D 228 -24.82 -6.97 10.81
C GLU D 228 -23.64 -7.20 11.75
N MET D 229 -22.90 -6.15 12.12
CA MET D 229 -21.85 -6.28 13.13
C MET D 229 -22.44 -6.68 14.49
N ALA D 230 -23.56 -6.05 14.86
CA ALA D 230 -24.24 -6.41 16.11
C ALA D 230 -24.77 -7.84 16.08
N THR D 231 -25.32 -8.26 14.93
CA THR D 231 -25.82 -9.62 14.76
C THR D 231 -24.68 -10.64 14.86
N ALA D 232 -23.53 -10.33 14.23
CA ALA D 232 -22.35 -11.20 14.33
C ALA D 232 -21.82 -11.26 15.75
N ALA D 233 -21.83 -10.12 16.46
CA ALA D 233 -21.39 -10.08 17.86
C ALA D 233 -22.34 -10.85 18.77
N SER D 234 -23.62 -10.93 18.41
CA SER D 234 -24.61 -11.60 19.25
C SER D 234 -24.51 -13.11 19.13
N SER D 235 -24.73 -13.64 17.93
CA SER D 235 -24.83 -15.08 17.73
C SER D 235 -23.86 -15.52 16.63
N SER D 236 -23.52 -16.80 16.66
CA SER D 236 -22.64 -17.40 15.65
C SER D 236 -23.45 -18.06 14.54
N SER D 237 -24.33 -17.27 13.93
CA SER D 237 -25.13 -17.73 12.80
C SER D 237 -24.56 -17.31 11.45
N LEU D 238 -23.68 -16.32 11.43
CA LEU D 238 -23.06 -15.82 10.22
C LEU D 238 -21.70 -16.46 9.93
N GLU D 239 -21.30 -17.45 10.72
CA GLU D 239 -19.98 -18.05 10.58
C GLU D 239 -20.02 -19.20 9.58
N LYS D 240 -19.04 -19.24 8.69
CA LYS D 240 -18.94 -20.27 7.67
C LYS D 240 -17.57 -20.91 7.73
N SER D 241 -17.50 -22.17 7.30
CA SER D 241 -16.27 -22.95 7.33
C SER D 241 -15.74 -23.18 5.92
N TYR D 242 -14.42 -23.16 5.80
CA TYR D 242 -13.71 -23.36 4.55
C TYR D 242 -12.58 -24.35 4.78
N GLU D 243 -12.42 -25.29 3.84
CA GLU D 243 -11.41 -26.33 3.96
C GLU D 243 -10.18 -25.92 3.15
N LEU D 244 -9.04 -25.87 3.81
CA LEU D 244 -7.77 -25.50 3.19
C LEU D 244 -7.24 -26.65 2.34
N PRO D 245 -6.30 -26.38 1.41
CA PRO D 245 -5.72 -27.47 0.60
C PRO D 245 -5.02 -28.58 1.38
N ASP D 246 -4.53 -28.32 2.59
CA ASP D 246 -3.88 -29.35 3.39
C ASP D 246 -4.83 -30.01 4.38
N GLY D 247 -6.14 -29.83 4.22
CA GLY D 247 -7.13 -30.48 5.05
C GLY D 247 -7.57 -29.71 6.28
N GLN D 248 -6.92 -28.59 6.59
CA GLN D 248 -7.33 -27.78 7.73
C GLN D 248 -8.63 -27.06 7.43
N VAL D 249 -9.45 -26.88 8.47
CA VAL D 249 -10.76 -26.26 8.36
C VAL D 249 -10.71 -24.98 9.17
N ILE D 250 -11.08 -23.86 8.55
CA ILE D 250 -11.12 -22.57 9.20
C ILE D 250 -12.57 -22.08 9.23
N THR D 251 -12.86 -21.23 10.21
CA THR D 251 -14.18 -20.64 10.40
C THR D 251 -14.02 -19.13 10.41
N ILE D 252 -14.88 -18.44 9.65
CA ILE D 252 -14.85 -16.99 9.59
C ILE D 252 -16.25 -16.45 9.88
N GLY D 253 -16.28 -15.30 10.56
CA GLY D 253 -17.51 -14.66 10.95
C GLY D 253 -17.75 -13.31 10.29
N ASN D 254 -17.45 -12.23 11.03
CA ASN D 254 -17.64 -10.88 10.52
C ASN D 254 -16.72 -10.53 9.34
N GLU D 255 -15.60 -11.27 9.17
CA GLU D 255 -14.67 -11.07 8.04
C GLU D 255 -15.32 -11.30 6.69
N ARG D 256 -16.46 -12.00 6.64
CA ARG D 256 -17.22 -12.17 5.42
C ARG D 256 -17.70 -10.82 4.88
N PHE D 257 -18.17 -9.94 5.77
CA PHE D 257 -18.68 -8.66 5.29
C PHE D 257 -17.79 -7.46 5.59
N ARG D 258 -16.78 -7.62 6.45
CA ARG D 258 -15.85 -6.52 6.66
C ARG D 258 -14.94 -6.30 5.46
N CYS D 259 -14.62 -7.37 4.72
CA CYS D 259 -13.74 -7.25 3.56
C CYS D 259 -14.32 -6.43 2.41
N PRO D 260 -15.54 -6.67 1.88
CA PRO D 260 -16.00 -5.81 0.77
C PRO D 260 -16.48 -4.44 1.21
N GLU D 261 -16.66 -4.21 2.52
CA GLU D 261 -17.07 -2.91 3.05
C GLU D 261 -16.03 -1.81 2.81
N THR D 262 -14.78 -2.19 2.49
CA THR D 262 -13.75 -1.25 2.09
C THR D 262 -14.13 -0.52 0.81
N LEU D 263 -14.94 -1.15 -0.06
CA LEU D 263 -15.44 -0.49 -1.26
C LEU D 263 -16.37 0.68 -0.95
N PHE D 264 -16.98 0.70 0.22
CA PHE D 264 -17.85 1.79 0.64
C PHE D 264 -17.23 2.66 1.72
N GLN D 265 -16.26 2.14 2.46
CA GLN D 265 -15.48 2.89 3.45
C GLN D 265 -14.00 2.64 3.20
N PRO D 266 -13.39 3.40 2.28
CA PRO D 266 -11.96 3.20 1.96
C PRO D 266 -10.99 3.46 3.12
N SER D 267 -11.41 4.20 4.16
CA SER D 267 -10.58 4.50 5.31
C SER D 267 -10.18 3.27 6.12
N PHE D 268 -10.82 2.11 5.89
CA PHE D 268 -10.37 0.85 6.48
C PHE D 268 -8.94 0.50 6.05
N ILE D 269 -8.53 0.90 4.84
CA ILE D 269 -7.17 0.66 4.40
C ILE D 269 -6.36 1.95 4.32
N GLY D 270 -6.83 3.02 4.98
CA GLY D 270 -6.06 4.23 5.07
C GLY D 270 -6.20 5.20 3.92
N MET D 271 -7.17 5.01 3.03
CA MET D 271 -7.34 5.90 1.90
C MET D 271 -8.28 7.04 2.26
N GLU D 272 -7.99 8.22 1.73
CA GLU D 272 -8.77 9.41 2.03
C GLU D 272 -10.00 9.53 1.14
N SER D 273 -10.13 8.67 0.13
CA SER D 273 -11.17 8.82 -0.87
C SER D 273 -12.54 8.43 -0.31
N ALA D 274 -13.55 8.59 -1.14
CA ALA D 274 -14.92 8.23 -0.81
C ALA D 274 -15.26 6.86 -1.40
N GLY D 275 -16.39 6.32 -0.94
CA GLY D 275 -16.85 5.03 -1.40
C GLY D 275 -17.37 5.08 -2.84
N ILE D 276 -17.71 3.89 -3.35
CA ILE D 276 -18.17 3.77 -4.74
C ILE D 276 -19.51 4.45 -4.96
N HIS D 277 -20.40 4.42 -3.96
CA HIS D 277 -21.69 5.11 -4.08
C HIS D 277 -21.51 6.62 -4.14
N GLU D 278 -20.64 7.16 -3.29
CA GLU D 278 -20.33 8.59 -3.31
C GLU D 278 -19.64 8.99 -4.59
N THR D 279 -18.74 8.14 -5.10
CA THR D 279 -18.05 8.41 -6.36
C THR D 279 -19.02 8.41 -7.53
N THR D 280 -19.97 7.47 -7.53
CA THR D 280 -21.01 7.43 -8.57
C THR D 280 -21.90 8.66 -8.51
N TYR D 281 -22.30 9.06 -7.30
CA TYR D 281 -23.12 10.27 -7.14
C TYR D 281 -22.38 11.52 -7.56
N ASN D 282 -21.08 11.60 -7.24
CA ASN D 282 -20.27 12.74 -7.65
C ASN D 282 -20.08 12.78 -9.16
N SER D 283 -19.97 11.62 -9.79
CA SER D 283 -19.89 11.56 -11.25
C SER D 283 -21.20 11.98 -11.89
N ILE D 284 -22.32 11.62 -11.27
CA ILE D 284 -23.63 12.06 -11.77
C ILE D 284 -23.80 13.57 -11.63
N MET D 285 -23.35 14.13 -10.49
CA MET D 285 -23.52 15.56 -10.26
C MET D 285 -22.59 16.43 -11.10
N LYS D 286 -21.53 15.87 -11.68
CA LYS D 286 -20.64 16.64 -12.54
C LYS D 286 -21.11 16.69 -13.98
N CYS D 287 -22.21 16.03 -14.31
CA CYS D 287 -22.73 16.06 -15.67
C CYS D 287 -23.78 17.15 -15.78
N ASP D 288 -24.36 17.30 -16.96
CA ASP D 288 -25.38 18.31 -17.17
C ASP D 288 -26.69 17.88 -16.49
N ILE D 289 -27.49 18.88 -16.12
CA ILE D 289 -28.69 18.65 -15.31
C ILE D 289 -29.76 17.87 -16.06
N ASP D 290 -29.85 18.02 -17.38
CA ASP D 290 -30.91 17.40 -18.15
C ASP D 290 -30.71 15.92 -18.43
N ILE D 291 -29.55 15.35 -18.10
CA ILE D 291 -29.29 13.94 -18.36
C ILE D 291 -29.16 13.10 -17.09
N ARG D 292 -29.19 13.73 -15.90
CA ARG D 292 -28.97 13.03 -14.63
C ARG D 292 -30.08 12.02 -14.35
N LYS D 293 -31.32 12.36 -14.72
CA LYS D 293 -32.46 11.46 -14.56
C LYS D 293 -32.26 10.19 -15.36
N ASP D 294 -31.75 10.34 -16.59
CA ASP D 294 -31.49 9.17 -17.42
C ASP D 294 -30.31 8.39 -16.90
N LEU D 295 -29.36 9.07 -16.25
CA LEU D 295 -28.26 8.33 -15.64
C LEU D 295 -28.73 7.58 -14.41
N TYR D 296 -29.73 8.15 -13.68
CA TYR D 296 -30.24 7.55 -12.45
C TYR D 296 -30.90 6.21 -12.72
N ALA D 297 -31.67 6.12 -13.79
CA ALA D 297 -32.37 4.89 -14.09
C ALA D 297 -31.47 3.85 -14.75
N ASN D 298 -30.22 4.20 -15.10
CA ASN D 298 -29.40 3.31 -15.90
C ASN D 298 -28.02 3.09 -15.30
N ASN D 299 -27.97 2.74 -14.01
CA ASN D 299 -26.71 2.34 -13.39
C ASN D 299 -26.36 0.91 -13.80
N VAL D 300 -25.26 0.75 -14.53
CA VAL D 300 -24.84 -0.53 -15.08
C VAL D 300 -23.59 -1.01 -14.34
N MET D 301 -23.66 -2.21 -13.79
CA MET D 301 -22.56 -2.81 -13.04
C MET D 301 -21.86 -3.85 -13.90
N SER D 302 -20.53 -3.81 -13.93
CA SER D 302 -19.74 -4.78 -14.68
C SER D 302 -18.45 -5.06 -13.92
N GLY D 303 -17.89 -6.24 -14.16
CA GLY D 303 -16.67 -6.66 -13.52
C GLY D 303 -16.91 -7.73 -12.47
N GLY D 304 -15.82 -8.43 -12.12
CA GLY D 304 -15.92 -9.49 -11.13
C GLY D 304 -16.06 -9.01 -9.71
N THR D 305 -15.64 -7.76 -9.44
CA THR D 305 -15.79 -7.23 -8.09
C THR D 305 -17.23 -6.85 -7.78
N THR D 306 -18.08 -6.78 -8.80
CA THR D 306 -19.50 -6.56 -8.60
C THR D 306 -20.25 -7.88 -8.41
N MET D 307 -19.56 -9.00 -8.15
CA MET D 307 -20.24 -10.29 -8.07
C MET D 307 -20.59 -10.72 -6.66
N TYR D 308 -20.36 -9.88 -5.65
CA TYR D 308 -20.79 -10.19 -4.30
C TYR D 308 -22.32 -10.19 -4.22
N PRO D 309 -22.92 -11.14 -3.50
CA PRO D 309 -24.39 -11.19 -3.45
C PRO D 309 -25.02 -10.27 -2.43
N GLY D 310 -24.56 -9.02 -2.31
CA GLY D 310 -25.29 -8.01 -1.57
C GLY D 310 -25.10 -6.61 -2.11
N ILE D 311 -24.44 -6.47 -3.26
CA ILE D 311 -23.87 -5.19 -3.63
C ILE D 311 -24.89 -4.30 -4.37
N ALA D 312 -25.82 -4.88 -5.12
CA ALA D 312 -26.81 -4.11 -5.86
C ALA D 312 -27.79 -3.41 -4.93
N ASP D 313 -28.31 -4.14 -3.93
CA ASP D 313 -29.25 -3.56 -2.96
C ASP D 313 -28.58 -2.48 -2.11
N ARG D 314 -27.32 -2.72 -1.69
CA ARG D 314 -26.59 -1.73 -0.92
C ARG D 314 -26.32 -0.46 -1.72
N MET D 315 -25.92 -0.62 -3.00
CA MET D 315 -25.69 0.52 -3.87
C MET D 315 -26.98 1.30 -4.13
N GLN D 316 -28.09 0.58 -4.33
CA GLN D 316 -29.39 1.23 -4.54
C GLN D 316 -29.82 2.02 -3.30
N LYS D 317 -29.65 1.42 -2.11
CA LYS D 317 -30.00 2.09 -0.85
C LYS D 317 -29.17 3.35 -0.65
N GLU D 318 -27.85 3.27 -0.90
CA GLU D 318 -26.96 4.41 -0.68
C GLU D 318 -27.23 5.54 -1.68
N ILE D 319 -27.40 5.19 -2.97
CA ILE D 319 -27.65 6.22 -3.98
C ILE D 319 -29.02 6.85 -3.78
N THR D 320 -30.04 6.05 -3.41
CA THR D 320 -31.36 6.59 -3.08
C THR D 320 -31.32 7.50 -1.85
N ALA D 321 -30.45 7.18 -0.89
CA ALA D 321 -30.21 8.07 0.24
C ALA D 321 -29.57 9.39 -0.21
N LEU D 322 -28.66 9.33 -1.17
CA LEU D 322 -27.98 10.55 -1.60
C LEU D 322 -28.82 11.36 -2.61
N ALA D 323 -29.56 10.69 -3.48
CA ALA D 323 -30.31 11.37 -4.52
C ALA D 323 -31.63 11.92 -3.97
N PRO D 324 -32.22 12.92 -4.64
CA PRO D 324 -33.56 13.39 -4.24
C PRO D 324 -34.61 12.28 -4.31
N SER D 325 -35.61 12.39 -3.44
CA SER D 325 -36.62 11.35 -3.25
C SER D 325 -37.59 11.20 -4.43
N THR D 326 -37.61 12.14 -5.37
CA THR D 326 -38.50 12.07 -6.52
C THR D 326 -37.83 11.46 -7.74
N MET D 327 -36.85 10.58 -7.52
CA MET D 327 -36.08 9.98 -8.61
C MET D 327 -36.12 8.46 -8.52
N LYS D 328 -36.14 7.83 -9.69
CA LYS D 328 -36.12 6.38 -9.81
C LYS D 328 -34.68 5.92 -10.00
N ILE D 329 -34.13 5.29 -8.97
CA ILE D 329 -32.77 4.77 -8.99
C ILE D 329 -32.86 3.28 -9.30
N LYS D 330 -32.24 2.86 -10.40
CA LYS D 330 -32.30 1.48 -10.85
C LYS D 330 -30.88 0.98 -11.09
N ILE D 331 -30.52 -0.11 -10.42
CA ILE D 331 -29.23 -0.76 -10.59
C ILE D 331 -29.43 -1.96 -11.52
N ILE D 332 -28.62 -2.03 -12.57
CA ILE D 332 -28.71 -3.09 -13.57
C ILE D 332 -27.52 -4.01 -13.38
N ALA D 333 -27.79 -5.20 -12.83
CA ALA D 333 -26.75 -6.19 -12.53
C ALA D 333 -27.09 -7.51 -13.19
N PRO D 334 -26.72 -7.68 -14.46
CA PRO D 334 -27.05 -8.93 -15.18
C PRO D 334 -26.24 -10.11 -14.65
N PRO D 335 -26.70 -11.35 -14.84
CA PRO D 335 -25.94 -12.50 -14.33
C PRO D 335 -24.60 -12.73 -15.01
N GLU D 336 -24.43 -12.29 -16.26
CA GLU D 336 -23.22 -12.51 -17.02
C GLU D 336 -22.30 -11.30 -17.03
N ARG D 337 -22.38 -10.46 -15.99
CA ARG D 337 -21.63 -9.21 -15.96
C ARG D 337 -20.14 -9.38 -15.73
N LYS D 338 -19.65 -10.58 -15.40
CA LYS D 338 -18.21 -10.77 -15.27
C LYS D 338 -17.49 -10.70 -16.61
N TYR D 339 -18.17 -11.02 -17.72
CA TYR D 339 -17.53 -11.02 -19.03
C TYR D 339 -18.19 -10.05 -19.99
N SER D 340 -18.82 -8.98 -19.45
CA SER D 340 -19.56 -8.00 -20.26
C SER D 340 -18.66 -7.26 -21.23
N VAL D 341 -17.43 -6.96 -20.79
CA VAL D 341 -16.47 -6.21 -21.60
C VAL D 341 -16.13 -7.01 -22.83
N TRP D 342 -15.90 -8.33 -22.64
CA TRP D 342 -15.57 -9.21 -23.76
C TRP D 342 -16.77 -9.34 -24.69
N ILE D 343 -17.97 -9.41 -24.11
CA ILE D 343 -19.20 -9.53 -24.90
C ILE D 343 -19.38 -8.29 -25.75
N GLY D 344 -19.11 -7.11 -25.15
CA GLY D 344 -19.17 -5.86 -25.89
C GLY D 344 -18.13 -5.80 -26.99
N GLY D 345 -16.94 -6.35 -26.72
CA GLY D 345 -15.90 -6.39 -27.73
C GLY D 345 -16.28 -7.27 -28.90
N SER D 346 -16.97 -8.39 -28.60
CA SER D 346 -17.46 -9.27 -29.66
C SER D 346 -18.56 -8.59 -30.43
N ILE D 347 -19.38 -7.80 -29.74
CA ILE D 347 -20.40 -7.01 -30.43
C ILE D 347 -19.74 -5.96 -31.31
N LEU D 348 -18.72 -5.26 -30.76
CA LEU D 348 -18.09 -4.13 -31.47
C LEU D 348 -17.32 -4.62 -32.68
N ALA D 349 -16.61 -5.73 -32.54
CA ALA D 349 -15.81 -6.24 -33.65
C ALA D 349 -16.68 -6.87 -34.73
N SER D 350 -17.98 -7.11 -34.48
CA SER D 350 -18.84 -7.67 -35.50
C SER D 350 -19.61 -6.63 -36.30
N LEU D 351 -19.50 -5.35 -35.95
CA LEU D 351 -20.26 -4.33 -36.66
C LEU D 351 -19.64 -4.03 -38.02
N SER D 352 -20.50 -3.80 -39.02
CA SER D 352 -20.02 -3.40 -40.34
C SER D 352 -19.54 -1.96 -40.37
N THR D 353 -20.00 -1.13 -39.45
CA THR D 353 -19.59 0.27 -39.35
C THR D 353 -18.29 0.46 -38.58
N PHE D 354 -17.70 -0.61 -38.05
CA PHE D 354 -16.46 -0.52 -37.31
C PHE D 354 -15.23 -0.85 -38.15
N GLN D 355 -15.42 -1.54 -39.29
CA GLN D 355 -14.32 -2.07 -40.09
C GLN D 355 -13.44 -1.00 -40.73
N GLN D 356 -13.88 0.25 -40.77
CA GLN D 356 -13.08 1.35 -41.27
C GLN D 356 -12.33 2.08 -40.15
N MET D 357 -12.51 1.66 -38.90
CA MET D 357 -11.86 2.28 -37.75
C MET D 357 -10.65 1.52 -37.25
N TRP D 358 -10.25 0.44 -37.92
CA TRP D 358 -9.06 -0.29 -37.54
C TRP D 358 -7.81 0.54 -37.83
N ILE D 359 -6.71 0.17 -37.18
CA ILE D 359 -5.41 0.78 -37.44
C ILE D 359 -4.60 -0.25 -38.22
N THR D 360 -4.49 -0.06 -39.52
CA THR D 360 -3.76 -0.97 -40.38
C THR D 360 -2.26 -0.82 -40.20
N LYS D 361 -1.52 -1.80 -40.72
CA LYS D 361 -0.06 -1.80 -40.63
C LYS D 361 0.57 -0.66 -41.43
N GLN D 362 -0.05 -0.27 -42.55
CA GLN D 362 0.46 0.83 -43.37
C GLN D 362 0.41 2.15 -42.60
N GLU D 363 -0.70 2.38 -41.87
CA GLU D 363 -0.83 3.58 -41.04
C GLU D 363 0.20 3.60 -39.91
N TYR D 364 0.45 2.45 -39.30
CA TYR D 364 1.45 2.36 -38.23
C TYR D 364 2.85 2.58 -38.78
N ASP D 365 3.13 2.07 -39.98
CA ASP D 365 4.42 2.32 -40.63
C ASP D 365 4.61 3.79 -40.95
N GLU D 366 3.55 4.45 -41.44
CA GLU D 366 3.67 5.84 -41.84
C GLU D 366 3.76 6.77 -40.63
N ALA D 367 3.03 6.47 -39.55
CA ALA D 367 2.93 7.39 -38.42
C ALA D 367 3.75 6.98 -37.19
N GLY D 368 4.00 5.70 -36.99
CA GLY D 368 4.71 5.25 -35.82
C GLY D 368 3.76 4.85 -34.72
N PRO D 369 4.28 4.63 -33.51
CA PRO D 369 3.40 4.26 -32.39
C PRO D 369 2.75 5.44 -31.67
N SER D 370 2.24 6.42 -32.43
CA SER D 370 1.51 7.53 -31.86
C SER D 370 0.14 7.77 -32.48
N ILE D 371 -0.20 7.09 -33.58
CA ILE D 371 -1.52 7.21 -34.20
C ILE D 371 -2.64 6.60 -33.34
N VAL D 372 -2.29 5.80 -32.31
CA VAL D 372 -3.27 5.22 -31.41
C VAL D 372 -3.94 6.26 -30.52
N HIS D 373 -3.40 7.47 -30.43
CA HIS D 373 -4.03 8.58 -29.73
C HIS D 373 -4.92 9.39 -30.65
N ARG D 374 -4.54 9.51 -31.92
CA ARG D 374 -5.33 10.24 -32.90
C ARG D 374 -6.47 9.41 -33.47
N LYS D 375 -6.46 8.09 -33.22
CA LYS D 375 -7.47 7.21 -33.77
C LYS D 375 -8.41 6.71 -32.66
N CYS D 376 -7.86 6.11 -31.61
CA CYS D 376 -8.66 5.58 -30.51
C CYS D 376 -8.73 6.61 -29.39
N PHE D 377 -9.73 6.46 -28.54
CA PHE D 377 -9.83 7.31 -27.36
C PHE D 377 -8.88 6.72 -26.32
N GLU E 6 -7.46 52.60 20.18
CA GLU E 6 -6.57 52.90 19.06
C GLU E 6 -7.39 53.23 17.81
N THR E 7 -8.43 52.40 17.59
CA THR E 7 -9.40 52.52 16.48
C THR E 7 -8.72 52.55 15.10
N THR E 8 -7.70 51.71 14.94
CA THR E 8 -7.05 51.54 13.65
C THR E 8 -7.71 50.37 12.93
N ALA E 9 -8.51 50.70 11.91
CA ALA E 9 -9.34 49.77 11.13
C ALA E 9 -8.58 48.55 10.64
N LEU E 10 -9.29 47.42 10.56
CA LEU E 10 -8.73 46.17 10.06
C LEU E 10 -9.19 45.94 8.63
N VAL E 11 -8.30 45.40 7.81
CA VAL E 11 -8.64 45.02 6.44
C VAL E 11 -8.38 43.54 6.29
N CYS E 12 -9.43 42.79 5.98
CA CYS E 12 -9.34 41.34 5.85
C CYS E 12 -9.96 40.94 4.52
N ASP E 13 -9.22 40.18 3.73
CA ASP E 13 -9.67 39.68 2.44
C ASP E 13 -9.69 38.15 2.54
N ASN E 14 -10.89 37.58 2.54
CA ASN E 14 -11.09 36.14 2.65
C ASN E 14 -11.48 35.63 1.26
N GLY E 15 -10.48 35.18 0.51
CA GLY E 15 -10.72 34.57 -0.78
C GLY E 15 -11.03 33.10 -0.65
N SER E 16 -11.13 32.43 -1.81
CA SER E 16 -11.37 31.00 -1.82
C SER E 16 -10.15 30.21 -1.35
N GLY E 17 -8.95 30.74 -1.56
CA GLY E 17 -7.74 29.99 -1.26
C GLY E 17 -6.87 30.57 -0.17
N LEU E 18 -6.81 31.89 -0.05
CA LEU E 18 -5.89 32.54 0.86
C LEU E 18 -6.63 33.61 1.65
N VAL E 19 -6.11 33.89 2.85
CA VAL E 19 -6.59 34.97 3.70
C VAL E 19 -5.47 36.01 3.80
N LYS E 20 -5.80 37.26 3.47
CA LYS E 20 -4.86 38.37 3.57
C LYS E 20 -5.44 39.37 4.57
N ALA E 21 -4.87 39.44 5.76
CA ALA E 21 -5.39 40.28 6.82
C ALA E 21 -4.30 41.22 7.33
N GLY E 22 -4.71 42.40 7.75
CA GLY E 22 -3.78 43.37 8.28
C GLY E 22 -4.47 44.63 8.73
N PHE E 23 -3.66 45.67 8.93
CA PHE E 23 -4.13 46.94 9.45
C PHE E 23 -4.20 47.97 8.34
N ALA E 24 -5.23 48.80 8.39
CA ALA E 24 -5.43 49.85 7.40
C ALA E 24 -4.35 50.92 7.50
N GLY E 25 -4.02 51.51 6.35
CA GLY E 25 -2.94 52.46 6.25
C GLY E 25 -1.58 51.87 5.92
N ASP E 26 -1.47 50.55 5.82
CA ASP E 26 -0.21 49.91 5.51
C ASP E 26 -0.06 49.73 4.01
N ASP E 27 1.05 49.13 3.60
CA ASP E 27 1.33 48.84 2.20
C ASP E 27 1.14 47.38 1.83
N ALA E 28 1.41 46.46 2.75
CA ALA E 28 1.28 45.04 2.50
C ALA E 28 0.54 44.40 3.67
N PRO E 29 -0.21 43.32 3.41
CA PRO E 29 -0.90 42.61 4.51
C PRO E 29 0.07 41.98 5.49
N ARG E 30 -0.32 42.00 6.77
CA ARG E 30 0.53 41.44 7.81
C ARG E 30 0.51 39.93 7.79
N ALA E 31 -0.66 39.32 7.62
CA ALA E 31 -0.83 37.88 7.72
C ALA E 31 -1.44 37.37 6.42
N VAL E 32 -0.68 36.58 5.68
CA VAL E 32 -1.14 35.93 4.46
C VAL E 32 -1.01 34.43 4.68
N PHE E 33 -2.14 33.75 4.83
CA PHE E 33 -2.05 32.33 5.12
C PHE E 33 -3.14 31.56 4.39
N PRO E 34 -2.92 30.28 4.04
CA PRO E 34 -3.94 29.50 3.32
C PRO E 34 -5.22 29.31 4.13
N SER E 35 -6.34 29.34 3.43
CA SER E 35 -7.66 29.26 4.05
C SER E 35 -8.15 27.81 4.06
N ILE E 36 -7.53 27.02 4.95
CA ILE E 36 -7.83 25.60 5.08
C ILE E 36 -7.99 25.28 6.56
N VAL E 37 -8.79 24.25 6.83
CA VAL E 37 -8.93 23.67 8.17
C VAL E 37 -8.59 22.19 8.05
N GLY E 38 -7.67 21.72 8.88
CA GLY E 38 -7.24 20.33 8.85
C GLY E 38 -7.73 19.59 10.08
N ARG E 39 -8.16 18.34 9.87
CA ARG E 39 -8.57 17.49 10.96
C ARG E 39 -7.92 16.12 10.83
N PRO E 40 -7.48 15.51 11.94
CA PRO E 40 -6.74 14.24 11.85
C PRO E 40 -7.60 13.09 11.34
N ARG E 41 -6.97 12.18 10.62
CA ARG E 41 -7.66 11.04 10.05
C ARG E 41 -7.16 9.69 10.55
N HIS E 42 -6.07 9.66 11.29
CA HIS E 42 -5.50 8.41 11.77
C HIS E 42 -5.69 8.31 13.28
N GLN E 43 -5.16 7.23 13.84
CA GLN E 43 -5.38 6.91 15.26
C GLN E 43 -4.21 7.46 16.07
N GLY E 44 -4.52 8.22 17.12
CA GLY E 44 -3.49 8.76 17.99
C GLY E 44 -3.12 7.76 19.06
N VAL E 45 -1.82 7.59 19.26
CA VAL E 45 -1.31 6.56 20.17
C VAL E 45 -0.45 7.13 21.30
N MET E 46 0.08 8.34 21.18
CA MET E 46 0.92 8.92 22.22
C MET E 46 0.09 9.91 23.02
N VAL E 47 0.02 9.68 24.33
CA VAL E 47 -0.92 10.39 25.20
C VAL E 47 -0.38 11.79 25.52
N GLY E 48 -1.30 12.74 25.68
CA GLY E 48 -0.96 14.11 26.02
C GLY E 48 -0.39 14.87 24.85
N MET E 49 0.88 15.29 24.99
CA MET E 49 1.74 16.00 23.98
C MET E 49 1.05 17.15 23.21
N GLY E 50 0.05 17.79 23.81
CA GLY E 50 -0.61 18.96 23.26
C GLY E 50 -1.27 18.75 21.91
N GLN E 51 -1.87 17.59 21.70
CA GLN E 51 -2.56 17.30 20.45
C GLN E 51 -3.88 18.05 20.38
N LYS E 52 -4.13 18.67 19.23
CA LYS E 52 -5.34 19.45 18.99
C LYS E 52 -6.25 18.70 18.02
N ASP E 53 -7.55 18.96 18.14
CA ASP E 53 -8.52 18.31 17.28
C ASP E 53 -8.64 18.96 15.91
N SER E 54 -8.11 20.17 15.74
CA SER E 54 -8.18 20.85 14.46
C SER E 54 -6.98 21.77 14.32
N TYR E 55 -6.58 22.02 13.08
CA TYR E 55 -5.46 22.91 12.78
C TYR E 55 -5.87 23.85 11.66
N VAL E 56 -5.41 25.10 11.76
CA VAL E 56 -5.84 26.18 10.89
C VAL E 56 -4.60 26.86 10.32
N GLY E 57 -4.56 27.02 9.00
CA GLY E 57 -3.60 27.92 8.38
C GLY E 57 -2.28 27.24 8.08
N ASP E 58 -1.19 27.89 8.47
CA ASP E 58 0.16 27.36 8.23
C ASP E 58 0.44 26.09 9.01
N GLU E 59 -0.13 25.97 10.21
CA GLU E 59 0.07 24.76 11.02
C GLU E 59 -0.57 23.55 10.37
N ALA E 60 -1.75 23.74 9.75
CA ALA E 60 -2.40 22.66 9.02
C ALA E 60 -1.62 22.28 7.77
N GLN E 61 -1.05 23.26 7.09
CA GLN E 61 -0.25 23.01 5.88
C GLN E 61 1.06 22.29 6.22
N SER E 62 1.66 22.62 7.36
CA SER E 62 2.91 21.97 7.75
C SER E 62 2.70 20.52 8.17
N LYS E 63 1.56 20.22 8.79
CA LYS E 63 1.25 18.89 9.28
C LYS E 63 0.27 18.14 8.39
N ARG E 64 0.21 18.47 7.10
CA ARG E 64 -0.83 17.97 6.20
C ARG E 64 -0.72 16.48 5.89
N GLY E 65 0.39 15.82 6.23
CA GLY E 65 0.56 14.42 5.95
C GLY E 65 -0.30 13.49 6.79
N ILE E 66 -0.83 13.97 7.92
CA ILE E 66 -1.72 13.18 8.75
C ILE E 66 -3.07 13.87 8.94
N LEU E 67 -3.38 14.85 8.10
CA LEU E 67 -4.60 15.62 8.21
C LEU E 67 -5.40 15.54 6.91
N THR E 68 -6.71 15.72 7.04
CA THR E 68 -7.59 15.99 5.92
C THR E 68 -7.88 17.49 5.91
N LEU E 69 -7.65 18.12 4.77
CA LEU E 69 -7.75 19.57 4.62
C LEU E 69 -9.04 19.93 3.90
N LYS E 70 -9.81 20.84 4.48
CA LYS E 70 -11.05 21.31 3.88
C LYS E 70 -10.96 22.81 3.68
N TYR E 71 -11.47 23.27 2.53
CA TYR E 71 -11.60 24.69 2.27
C TYR E 71 -12.98 25.16 2.69
N PRO E 72 -13.10 26.10 3.63
CA PRO E 72 -14.42 26.61 4.03
C PRO E 72 -15.17 27.37 2.95
N ILE E 73 -14.49 27.90 1.94
CA ILE E 73 -15.11 28.72 0.90
C ILE E 73 -14.94 28.01 -0.43
N GLU E 74 -16.04 27.80 -1.14
CA GLU E 74 -16.02 27.20 -2.47
C GLU E 74 -16.74 28.10 -3.47
N HIC E 75 -15.97 28.56 -4.47
CA HIC E 75 -16.43 29.44 -5.54
C HIC E 75 -16.97 30.75 -4.98
O HIC E 75 -18.00 31.30 -5.38
CB HIC E 75 -17.51 28.89 -6.49
CG HIC E 75 -17.20 27.56 -7.04
ND1 HIC E 75 -17.97 26.41 -6.82
CD2 HIC E 75 -16.10 27.24 -7.86
CE1 HIC E 75 -17.36 25.42 -7.49
NE2 HIC E 75 -16.21 25.88 -8.14
CZ HIC E 75 -15.32 25.11 -8.93
N GLY E 76 -16.24 31.26 -4.00
CA GLY E 76 -16.56 32.52 -3.37
C GLY E 76 -17.73 32.48 -2.41
N ILE E 77 -18.22 31.29 -2.10
CA ILE E 77 -19.38 31.10 -1.22
C ILE E 77 -18.92 30.28 -0.02
N ILE E 78 -19.26 30.76 1.18
CA ILE E 78 -18.92 30.09 2.42
C ILE E 78 -19.84 28.90 2.60
N THR E 79 -19.28 27.68 2.54
CA THR E 79 -20.09 26.48 2.65
C THR E 79 -20.16 25.94 4.08
N ASN E 80 -19.09 26.10 4.86
CA ASN E 80 -19.06 25.66 6.25
C ASN E 80 -18.78 26.88 7.11
N TRP E 81 -19.63 27.10 8.13
CA TRP E 81 -19.54 28.31 8.92
C TRP E 81 -18.76 28.15 10.21
N ASP E 82 -18.74 26.95 10.79
CA ASP E 82 -17.90 26.68 11.95
C ASP E 82 -16.41 26.80 11.60
N ASP E 83 -16.03 26.26 10.44
CA ASP E 83 -14.65 26.41 9.96
C ASP E 83 -14.33 27.87 9.64
N MET E 84 -15.31 28.63 9.15
CA MET E 84 -15.12 30.05 8.89
C MET E 84 -14.90 30.82 10.18
N GLU E 85 -15.65 30.45 11.24
CA GLU E 85 -15.43 31.03 12.56
C GLU E 85 -14.03 30.70 13.07
N LYS E 86 -13.57 29.46 12.81
CA LYS E 86 -12.20 29.07 13.19
C LYS E 86 -11.15 29.93 12.46
N ILE E 87 -11.35 30.16 11.15
CA ILE E 87 -10.43 30.97 10.35
C ILE E 87 -10.39 32.41 10.87
N TRP E 88 -11.57 32.98 11.16
CA TRP E 88 -11.65 34.34 11.65
C TRP E 88 -11.06 34.49 13.05
N HIS E 89 -11.30 33.49 13.92
CA HIS E 89 -10.70 33.47 15.25
C HIS E 89 -9.18 33.40 15.18
N HIS E 90 -8.65 32.55 14.29
CA HIS E 90 -7.21 32.45 14.09
C HIS E 90 -6.62 33.75 13.57
N THR E 91 -7.29 34.40 12.60
CA THR E 91 -6.73 35.60 12.02
C THR E 91 -6.93 36.82 12.91
N PHE E 92 -7.81 36.74 13.92
CA PHE E 92 -7.96 37.86 14.85
C PHE E 92 -7.05 37.71 16.05
N TYR E 93 -7.04 36.53 16.69
CA TYR E 93 -6.33 36.38 17.96
C TYR E 93 -4.92 35.82 17.83
N ASN E 94 -4.66 34.99 16.82
CA ASN E 94 -3.37 34.31 16.70
C ASN E 94 -2.42 34.96 15.71
N GLU E 95 -2.93 35.45 14.57
CA GLU E 95 -2.07 36.03 13.55
C GLU E 95 -1.88 37.53 13.73
N LEU E 96 -2.97 38.29 13.74
CA LEU E 96 -2.87 39.73 13.91
C LEU E 96 -2.58 40.15 15.35
N ARG E 97 -2.85 39.25 16.31
CA ARG E 97 -2.60 39.44 17.75
C ARG E 97 -3.32 40.67 18.29
N VAL E 98 -4.60 40.79 17.93
CA VAL E 98 -5.40 41.97 18.23
C VAL E 98 -6.73 41.53 18.84
N ALA E 99 -7.36 42.45 19.57
CA ALA E 99 -8.66 42.22 20.15
C ALA E 99 -9.73 42.86 19.28
N PRO E 100 -10.68 42.08 18.74
CA PRO E 100 -11.59 42.59 17.69
C PRO E 100 -12.59 43.65 18.15
N GLU E 101 -12.80 43.83 19.45
CA GLU E 101 -13.90 44.68 19.92
C GLU E 101 -13.60 46.17 19.79
N GLU E 102 -12.37 46.56 19.46
CA GLU E 102 -11.99 47.95 19.34
C GLU E 102 -11.42 48.29 17.96
N HIS E 103 -11.74 47.48 16.94
CA HIS E 103 -11.27 47.75 15.59
C HIS E 103 -12.38 47.51 14.56
N PRO E 104 -12.72 48.51 13.76
CA PRO E 104 -13.63 48.28 12.63
C PRO E 104 -13.00 47.40 11.56
N THR E 105 -13.85 46.64 10.87
CA THR E 105 -13.40 45.60 9.95
C THR E 105 -13.98 45.81 8.56
N LEU E 106 -13.13 45.66 7.55
CA LEU E 106 -13.53 45.72 6.14
C LEU E 106 -13.35 44.33 5.55
N LEU E 107 -14.43 43.79 4.98
CA LEU E 107 -14.44 42.48 4.35
C LEU E 107 -14.78 42.62 2.87
N THR E 108 -14.47 41.58 2.10
CA THR E 108 -14.63 41.61 0.65
C THR E 108 -15.57 40.49 0.22
N GLU E 109 -16.21 40.68 -0.93
CA GLU E 109 -17.10 39.67 -1.48
C GLU E 109 -17.14 39.78 -3.00
N ALA E 110 -17.24 38.64 -3.66
CA ALA E 110 -17.33 38.61 -5.11
C ALA E 110 -18.72 39.05 -5.56
N PRO E 111 -18.85 39.59 -6.78
CA PRO E 111 -20.18 39.95 -7.29
C PRO E 111 -21.04 38.72 -7.55
N LEU E 112 -22.36 38.95 -7.55
CA LEU E 112 -23.39 37.95 -7.86
C LEU E 112 -23.36 36.76 -6.90
N ASN E 113 -23.00 37.01 -5.66
CA ASN E 113 -23.05 36.06 -4.57
C ASN E 113 -24.45 36.03 -3.95
N PRO E 114 -24.80 34.95 -3.24
CA PRO E 114 -26.06 34.95 -2.48
C PRO E 114 -26.10 36.01 -1.40
N LYS E 115 -27.30 36.52 -1.13
CA LYS E 115 -27.49 37.51 -0.08
C LYS E 115 -27.27 36.92 1.30
N ALA E 116 -27.58 35.63 1.47
CA ALA E 116 -27.48 34.97 2.77
C ALA E 116 -26.04 34.91 3.27
N ASN E 117 -25.08 34.83 2.34
CA ASN E 117 -23.66 34.84 2.68
C ASN E 117 -23.26 36.14 3.35
N ARG E 118 -23.65 37.27 2.74
CA ARG E 118 -23.38 38.60 3.31
C ARG E 118 -24.12 38.81 4.63
N GLU E 119 -25.38 38.35 4.71
CA GLU E 119 -26.16 38.48 5.95
C GLU E 119 -25.52 37.71 7.09
N LYS E 120 -25.09 36.48 6.84
CA LYS E 120 -24.48 35.68 7.90
C LYS E 120 -23.08 36.18 8.24
N MET E 121 -22.34 36.75 7.28
CA MET E 121 -21.07 37.41 7.61
C MET E 121 -21.29 38.59 8.55
N THR E 122 -22.31 39.41 8.28
CA THR E 122 -22.64 40.53 9.17
C THR E 122 -23.05 40.03 10.56
N GLN E 123 -23.88 38.98 10.60
CA GLN E 123 -24.35 38.42 11.87
C GLN E 123 -23.20 37.85 12.70
N ILE E 124 -22.27 37.13 12.06
CA ILE E 124 -21.13 36.57 12.78
C ILE E 124 -20.19 37.67 13.27
N MET E 125 -19.91 38.68 12.42
CA MET E 125 -19.03 39.77 12.81
C MET E 125 -19.62 40.65 13.91
N PHE E 126 -20.96 40.70 14.02
CA PHE E 126 -21.57 41.53 15.04
C PHE E 126 -22.00 40.78 16.29
N GLU E 127 -22.13 39.46 16.25
CA GLU E 127 -22.62 38.72 17.39
C GLU E 127 -21.61 37.75 18.00
N THR E 128 -20.50 37.45 17.33
CA THR E 128 -19.53 36.54 17.92
C THR E 128 -18.16 37.18 18.10
N PHE E 129 -17.71 37.97 17.14
CA PHE E 129 -16.43 38.68 17.22
C PHE E 129 -16.64 40.18 17.27
N ASN E 130 -17.64 40.61 18.09
CA ASN E 130 -18.39 41.87 17.96
C ASN E 130 -17.53 43.12 17.77
N VAL E 131 -17.69 43.73 16.62
CA VAL E 131 -16.88 44.87 16.18
C VAL E 131 -17.70 46.15 16.31
N PRO E 132 -17.07 47.32 16.50
CA PRO E 132 -17.82 48.59 16.46
C PRO E 132 -18.48 48.84 15.12
N ALA E 133 -17.85 48.44 14.02
CA ALA E 133 -18.38 48.64 12.68
C ALA E 133 -17.75 47.65 11.72
N MET E 134 -18.48 47.35 10.64
CA MET E 134 -17.96 46.51 9.57
C MET E 134 -18.53 46.98 8.25
N TYR E 135 -17.79 46.71 7.18
CA TYR E 135 -18.22 47.09 5.84
C TYR E 135 -17.78 46.03 4.85
N VAL E 136 -18.68 45.66 3.93
CA VAL E 136 -18.41 44.67 2.91
C VAL E 136 -18.30 45.38 1.56
N ALA E 137 -17.23 45.07 0.82
CA ALA E 137 -16.93 45.74 -0.43
C ALA E 137 -16.70 44.72 -1.54
N ILE E 138 -16.88 45.17 -2.77
CA ILE E 138 -16.60 44.35 -3.95
C ILE E 138 -15.11 44.39 -4.23
N GLN E 139 -14.54 43.26 -4.64
CA GLN E 139 -13.09 43.12 -4.75
C GLN E 139 -12.54 43.91 -5.93
N ALA E 140 -13.28 43.96 -7.04
CA ALA E 140 -12.81 44.64 -8.25
C ALA E 140 -12.74 46.15 -8.06
N VAL E 141 -13.67 46.71 -7.27
CA VAL E 141 -13.64 48.13 -6.93
C VAL E 141 -12.37 48.45 -6.13
N LEU E 142 -12.00 47.56 -5.20
CA LEU E 142 -10.76 47.72 -4.45
C LEU E 142 -9.53 47.59 -5.35
N SER E 143 -9.60 46.69 -6.33
CA SER E 143 -8.49 46.54 -7.28
C SER E 143 -8.31 47.81 -8.12
N LEU E 144 -9.42 48.44 -8.51
CA LEU E 144 -9.34 49.71 -9.22
C LEU E 144 -8.85 50.83 -8.30
N TYR E 145 -9.21 50.78 -7.01
CA TYR E 145 -8.70 51.72 -6.01
C TYR E 145 -7.19 51.64 -5.88
N ALA E 146 -6.64 50.42 -5.85
CA ALA E 146 -5.20 50.25 -5.71
C ALA E 146 -4.44 50.66 -6.96
N SER E 147 -5.04 50.53 -8.14
CA SER E 147 -4.39 50.92 -9.39
C SER E 147 -4.21 52.42 -9.55
N GLY E 148 -4.85 53.24 -8.72
CA GLY E 148 -4.65 54.68 -8.75
C GLY E 148 -5.55 55.44 -9.70
N ARG E 149 -6.34 54.76 -10.52
CA ARG E 149 -7.17 55.42 -11.51
C ARG E 149 -8.64 55.22 -11.20
N THR E 150 -9.48 55.90 -11.97
CA THR E 150 -10.91 55.90 -11.74
C THR E 150 -11.71 55.13 -12.80
N THR E 151 -11.26 55.11 -14.05
CA THR E 151 -11.94 54.42 -15.13
C THR E 151 -11.18 53.18 -15.54
N GLY E 152 -11.89 52.08 -15.71
CA GLY E 152 -11.27 50.84 -16.13
C GLY E 152 -12.19 49.66 -15.91
N ILE E 153 -11.81 48.55 -16.54
CA ILE E 153 -12.51 47.29 -16.39
C ILE E 153 -11.56 46.32 -15.71
N VAL E 154 -11.99 45.78 -14.58
CA VAL E 154 -11.15 44.95 -13.73
C VAL E 154 -11.51 43.49 -13.97
N LEU E 155 -10.50 42.69 -14.30
CA LEU E 155 -10.60 41.24 -14.38
C LEU E 155 -9.93 40.69 -13.14
N ASP E 156 -10.73 40.23 -12.17
CA ASP E 156 -10.21 39.69 -10.93
C ASP E 156 -10.43 38.18 -10.96
N SER E 157 -9.34 37.43 -10.96
CA SER E 157 -9.39 35.97 -10.98
C SER E 157 -8.59 35.45 -9.81
N GLY E 158 -9.23 34.68 -8.93
CA GLY E 158 -8.55 34.15 -7.78
C GLY E 158 -8.53 32.65 -7.71
N ASP E 159 -9.00 32.08 -6.61
CA ASP E 159 -9.01 30.65 -6.43
C ASP E 159 -10.39 30.03 -6.68
N GLY E 160 -11.46 30.81 -6.60
CA GLY E 160 -12.78 30.26 -6.82
C GLY E 160 -13.60 30.88 -7.92
N VAL E 161 -13.41 32.18 -8.19
CA VAL E 161 -14.23 32.92 -9.14
C VAL E 161 -13.33 33.75 -10.05
N THR E 162 -13.90 34.14 -11.20
CA THR E 162 -13.25 35.06 -12.12
C THR E 162 -14.31 36.06 -12.59
N HIS E 163 -14.20 37.31 -12.15
CA HIS E 163 -15.25 38.27 -12.43
C HIS E 163 -14.69 39.53 -13.10
N ASN E 164 -15.46 40.06 -14.04
CA ASN E 164 -15.16 41.30 -14.75
C ASN E 164 -16.15 42.35 -14.29
N VAL E 165 -15.63 43.50 -13.84
CA VAL E 165 -16.45 44.64 -13.46
C VAL E 165 -15.96 45.89 -14.19
N PRO E 166 -16.77 46.53 -15.02
CA PRO E 166 -16.36 47.82 -15.61
C PRO E 166 -16.86 49.04 -14.84
N ILE E 167 -16.00 50.06 -14.68
CA ILE E 167 -16.32 51.29 -13.95
C ILE E 167 -15.86 52.46 -14.82
N TYR E 168 -16.73 53.45 -15.01
CA TYR E 168 -16.39 54.64 -15.79
C TYR E 168 -16.65 55.88 -14.95
N GLU E 169 -15.57 56.63 -14.64
CA GLU E 169 -15.58 57.87 -13.86
C GLU E 169 -16.24 57.68 -12.48
N GLY E 170 -16.01 56.53 -11.88
CA GLY E 170 -16.52 56.23 -10.56
C GLY E 170 -17.91 55.66 -10.52
N TYR E 171 -18.56 55.51 -11.67
CA TYR E 171 -19.88 54.91 -11.75
C TYR E 171 -19.74 53.50 -12.29
N ALA E 172 -20.34 52.54 -11.60
CA ALA E 172 -20.30 51.15 -12.03
C ALA E 172 -21.52 50.83 -12.87
N LEU E 173 -21.37 49.83 -13.74
CA LEU E 173 -22.44 49.37 -14.62
C LEU E 173 -22.76 47.93 -14.24
N PRO E 174 -23.75 47.71 -13.37
CA PRO E 174 -24.02 46.35 -12.87
C PRO E 174 -24.56 45.39 -13.91
N HIS E 175 -25.15 45.88 -15.02
CA HIS E 175 -25.66 44.99 -16.04
C HIS E 175 -24.57 44.37 -16.89
N ALA E 176 -23.35 44.91 -16.85
CA ALA E 176 -22.22 44.37 -17.59
C ALA E 176 -21.24 43.62 -16.71
N ILE E 177 -21.57 43.38 -15.45
CA ILE E 177 -20.70 42.63 -14.57
C ILE E 177 -20.81 41.15 -14.92
N MET E 178 -19.68 40.52 -15.18
CA MET E 178 -19.64 39.13 -15.62
C MET E 178 -18.96 38.28 -14.56
N ARG E 179 -19.40 37.03 -14.44
CA ARG E 179 -18.85 36.10 -13.46
C ARG E 179 -18.73 34.74 -14.10
N LEU E 180 -17.54 34.14 -13.96
CA LEU E 180 -17.24 32.82 -14.47
C LEU E 180 -16.67 31.98 -13.34
N ASP E 181 -17.27 30.82 -13.09
CA ASP E 181 -16.82 29.92 -12.04
C ASP E 181 -15.68 29.02 -12.52
N LEU E 182 -14.57 29.67 -12.88
CA LEU E 182 -13.38 28.97 -13.36
C LEU E 182 -12.18 29.77 -12.87
N ALA E 183 -11.39 29.16 -12.01
CA ALA E 183 -10.29 29.86 -11.36
C ALA E 183 -9.18 28.86 -11.06
N GLY E 184 -8.32 29.20 -10.10
CA GLY E 184 -7.09 28.44 -9.85
C GLY E 184 -7.31 27.01 -9.41
N ARG E 185 -8.35 26.77 -8.59
CA ARG E 185 -8.61 25.42 -8.08
C ARG E 185 -9.04 24.48 -9.19
N ASP E 186 -9.80 24.99 -10.16
CA ASP E 186 -10.18 24.21 -11.34
C ASP E 186 -8.96 23.85 -12.17
N LEU E 187 -8.01 24.79 -12.30
CA LEU E 187 -6.76 24.51 -13.00
C LEU E 187 -5.92 23.49 -12.26
N THR E 188 -5.96 23.52 -10.92
CA THR E 188 -5.28 22.51 -10.10
C THR E 188 -5.87 21.14 -10.33
N ASP E 189 -7.21 21.04 -10.37
CA ASP E 189 -7.89 19.78 -10.62
C ASP E 189 -7.59 19.25 -12.03
N TYR E 190 -7.54 20.16 -13.02
CA TYR E 190 -7.21 19.77 -14.38
C TYR E 190 -5.77 19.29 -14.49
N LEU E 191 -4.85 19.93 -13.77
CA LEU E 191 -3.46 19.47 -13.74
C LEU E 191 -3.34 18.09 -13.09
N MET E 192 -4.11 17.85 -12.01
CA MET E 192 -4.17 16.52 -11.40
C MET E 192 -4.70 15.49 -12.38
N LYS E 193 -5.70 15.84 -13.18
CA LYS E 193 -6.24 14.94 -14.17
C LYS E 193 -5.22 14.62 -15.26
N ILE E 194 -4.50 15.64 -15.76
CA ILE E 194 -3.62 15.43 -16.91
C ILE E 194 -2.21 14.96 -16.53
N LEU E 195 -1.84 14.96 -15.25
CA LEU E 195 -0.57 14.33 -14.89
C LEU E 195 -0.63 12.81 -14.86
N THR E 196 -1.81 12.21 -14.94
CA THR E 196 -1.94 10.77 -15.05
C THR E 196 -1.48 10.22 -16.40
N GLU E 197 -1.33 11.08 -17.42
CA GLU E 197 -0.83 10.64 -18.72
C GLU E 197 0.63 10.24 -18.67
N ARG E 198 1.41 10.84 -17.77
CA ARG E 198 2.82 10.50 -17.61
C ARG E 198 3.07 9.52 -16.47
N GLY E 199 2.01 8.99 -15.88
CA GLY E 199 2.12 7.94 -14.87
C GLY E 199 2.12 8.42 -13.44
N TYR E 200 2.01 9.72 -13.19
CA TYR E 200 1.99 10.24 -11.83
C TYR E 200 0.56 10.28 -11.32
N SER E 201 0.35 9.76 -10.10
CA SER E 201 -0.98 9.68 -9.51
C SER E 201 -1.03 10.49 -8.22
N PHE E 202 -1.73 11.63 -8.27
CA PHE E 202 -2.02 12.45 -7.10
C PHE E 202 -3.51 12.40 -6.84
N VAL E 203 -3.89 11.95 -5.64
CA VAL E 203 -5.29 11.65 -5.34
C VAL E 203 -5.73 12.39 -4.09
N THR E 204 -4.96 12.24 -3.00
CA THR E 204 -5.35 12.81 -1.71
C THR E 204 -5.20 14.32 -1.70
N THR E 205 -5.88 14.95 -0.73
CA THR E 205 -5.89 16.40 -0.59
C THR E 205 -4.53 16.97 -0.19
N ALA E 206 -3.66 16.16 0.43
CA ALA E 206 -2.31 16.61 0.70
C ALA E 206 -1.49 16.74 -0.57
N GLU E 207 -1.74 15.88 -1.56
CA GLU E 207 -1.07 15.96 -2.84
C GLU E 207 -1.61 17.07 -3.74
N ARG E 208 -2.83 17.54 -3.46
CA ARG E 208 -3.40 18.68 -4.20
C ARG E 208 -2.57 19.95 -3.97
N GLU E 209 -2.04 20.12 -2.75
CA GLU E 209 -1.17 21.25 -2.47
C GLU E 209 0.16 21.13 -3.21
N ILE E 210 0.67 19.90 -3.34
CA ILE E 210 1.87 19.64 -4.13
C ILE E 210 1.65 20.02 -5.60
N VAL E 211 0.49 19.63 -6.15
CA VAL E 211 0.15 19.96 -7.54
C VAL E 211 -0.03 21.47 -7.70
N ARG E 212 -0.59 22.14 -6.68
CA ARG E 212 -0.73 23.59 -6.68
C ARG E 212 0.64 24.27 -6.71
N ASP E 213 1.59 23.74 -5.93
CA ASP E 213 2.96 24.27 -5.94
C ASP E 213 3.64 24.08 -7.30
N ILE E 214 3.42 22.91 -7.92
CA ILE E 214 3.93 22.63 -9.28
C ILE E 214 3.37 23.64 -10.27
N LYS E 215 2.06 23.92 -10.17
CA LYS E 215 1.41 24.88 -11.06
C LYS E 215 1.97 26.29 -10.85
N GLU E 216 2.18 26.69 -9.60
CA GLU E 216 2.71 28.02 -9.31
C GLU E 216 4.16 28.18 -9.77
N LYS E 217 4.95 27.10 -9.77
CA LYS E 217 6.35 27.23 -10.11
C LYS E 217 6.67 26.98 -11.58
N LEU E 218 5.94 26.11 -12.27
CA LEU E 218 6.38 25.63 -13.58
C LEU E 218 5.45 25.96 -14.74
N CYS E 219 4.24 26.43 -14.50
CA CYS E 219 3.28 26.66 -15.57
C CYS E 219 3.38 28.08 -16.13
N TYR E 220 2.97 28.23 -17.39
CA TYR E 220 3.03 29.51 -18.09
C TYR E 220 2.02 29.47 -19.23
N VAL E 221 1.70 30.65 -19.75
CA VAL E 221 0.71 30.80 -20.82
C VAL E 221 1.44 31.02 -22.14
N ALA E 222 1.12 30.19 -23.13
CA ALA E 222 1.72 30.29 -24.45
C ALA E 222 1.12 31.44 -25.25
N LEU E 223 1.96 32.10 -26.04
CA LEU E 223 1.45 33.15 -26.93
C LEU E 223 0.67 32.57 -28.10
N ASP E 224 1.14 31.45 -28.65
CA ASP E 224 0.41 30.71 -29.67
C ASP E 224 0.35 29.27 -29.20
N PHE E 225 -0.86 28.72 -29.09
CA PHE E 225 -1.03 27.39 -28.50
C PHE E 225 -0.56 26.28 -29.45
N GLU E 226 -0.96 26.36 -30.73
CA GLU E 226 -0.63 25.30 -31.69
C GLU E 226 0.86 25.23 -31.99
N ASN E 227 1.52 26.40 -32.12
CA ASN E 227 2.95 26.44 -32.35
C ASN E 227 3.73 25.87 -31.18
N GLU E 228 3.32 26.19 -29.96
CA GLU E 228 3.99 25.64 -28.78
C GLU E 228 3.73 24.15 -28.60
N MET E 229 2.54 23.68 -28.98
CA MET E 229 2.28 22.23 -28.98
C MET E 229 3.16 21.51 -29.99
N ALA E 230 3.32 22.10 -31.18
CA ALA E 230 4.20 21.51 -32.20
C ALA E 230 5.66 21.52 -31.75
N THR E 231 6.08 22.63 -31.10
CA THR E 231 7.44 22.74 -30.58
C THR E 231 7.70 21.70 -29.49
N ALA E 232 6.72 21.50 -28.60
CA ALA E 232 6.84 20.48 -27.56
C ALA E 232 6.88 19.07 -28.15
N ALA E 233 6.08 18.84 -29.20
CA ALA E 233 6.09 17.54 -29.87
C ALA E 233 7.39 17.30 -30.62
N SER E 234 8.06 18.35 -31.07
CA SER E 234 9.29 18.20 -31.83
C SER E 234 10.48 17.88 -30.95
N SER E 235 10.81 18.78 -30.02
CA SER E 235 12.01 18.67 -29.21
C SER E 235 11.65 18.77 -27.73
N SER E 236 12.55 18.24 -26.90
CA SER E 236 12.38 18.28 -25.45
C SER E 236 13.13 19.47 -24.85
N SER E 237 12.80 20.66 -25.35
CA SER E 237 13.36 21.90 -24.84
C SER E 237 12.43 22.61 -23.86
N LEU E 238 11.15 22.28 -23.87
CA LEU E 238 10.15 22.87 -22.99
C LEU E 238 9.92 22.05 -21.72
N GLU E 239 10.68 20.99 -21.51
CA GLU E 239 10.47 20.10 -20.37
C GLU E 239 11.24 20.58 -19.16
N LYS E 240 10.56 20.57 -18.01
CA LYS E 240 11.16 20.99 -16.75
C LYS E 240 10.96 19.90 -15.71
N SER E 241 11.88 19.86 -14.75
CA SER E 241 11.88 18.85 -13.70
C SER E 241 11.51 19.48 -12.36
N TYR E 242 10.76 18.74 -11.56
CA TYR E 242 10.32 19.17 -10.24
C TYR E 242 10.58 18.04 -9.25
N GLU E 243 11.10 18.39 -8.08
CA GLU E 243 11.43 17.41 -7.06
C GLU E 243 10.29 17.34 -6.05
N LEU E 244 9.76 16.15 -5.85
CA LEU E 244 8.66 15.90 -4.94
C LEU E 244 9.17 15.92 -3.50
N PRO E 245 8.27 16.06 -2.50
CA PRO E 245 8.71 16.03 -1.09
C PRO E 245 9.40 14.75 -0.64
N ASP E 246 9.16 13.61 -1.28
CA ASP E 246 9.80 12.37 -0.91
C ASP E 246 11.04 12.07 -1.75
N GLY E 247 11.55 13.05 -2.49
CA GLY E 247 12.76 12.89 -3.27
C GLY E 247 12.58 12.44 -4.70
N GLN E 248 11.36 12.08 -5.10
CA GLN E 248 11.11 11.70 -6.48
C GLN E 248 11.17 12.92 -7.40
N VAL E 249 11.65 12.70 -8.62
CA VAL E 249 11.81 13.77 -9.59
C VAL E 249 10.87 13.47 -10.75
N ILE E 250 10.04 14.45 -11.12
CA ILE E 250 9.12 14.31 -12.23
C ILE E 250 9.51 15.31 -13.32
N THR E 251 9.16 14.99 -14.55
CA THR E 251 9.42 15.85 -15.70
C THR E 251 8.11 16.11 -16.42
N ILE E 252 7.86 17.37 -16.75
CA ILE E 252 6.65 17.76 -17.47
C ILE E 252 7.02 18.57 -18.70
N GLY E 253 6.26 18.39 -19.77
CA GLY E 253 6.49 19.06 -21.03
C GLY E 253 5.39 20.01 -21.42
N ASN E 254 4.49 19.57 -22.32
CA ASN E 254 3.37 20.41 -22.78
C ASN E 254 2.36 20.73 -21.68
N GLU E 255 2.33 19.93 -20.59
CA GLU E 255 1.45 20.17 -19.44
C GLU E 255 1.71 21.50 -18.73
N ARG E 256 2.88 22.11 -18.97
CA ARG E 256 3.17 23.44 -18.45
C ARG E 256 2.20 24.47 -19.02
N PHE E 257 1.87 24.38 -20.31
CA PHE E 257 0.98 25.37 -20.89
C PHE E 257 -0.41 24.86 -21.20
N ARG E 258 -0.65 23.54 -21.13
CA ARG E 258 -2.01 23.04 -21.31
C ARG E 258 -2.89 23.38 -20.12
N CYS E 259 -2.30 23.45 -18.92
CA CYS E 259 -3.09 23.73 -17.72
C CYS E 259 -3.69 25.14 -17.68
N PRO E 260 -2.97 26.26 -17.91
CA PRO E 260 -3.67 27.55 -17.86
C PRO E 260 -4.48 27.86 -19.10
N GLU E 261 -4.33 27.09 -20.19
CA GLU E 261 -5.10 27.26 -21.42
C GLU E 261 -6.59 27.01 -21.23
N THR E 262 -6.98 26.36 -20.12
CA THR E 262 -8.39 26.21 -19.76
C THR E 262 -9.05 27.56 -19.51
N LEU E 263 -8.27 28.56 -19.06
CA LEU E 263 -8.78 29.92 -18.89
C LEU E 263 -9.21 30.57 -20.20
N PHE E 264 -8.67 30.11 -21.33
CA PHE E 264 -9.04 30.60 -22.65
C PHE E 264 -9.86 29.60 -23.44
N GLN E 265 -9.79 28.32 -23.10
CA GLN E 265 -10.62 27.27 -23.69
C GLN E 265 -11.24 26.46 -22.57
N PRO E 266 -12.38 26.92 -22.01
CA PRO E 266 -13.03 26.20 -20.89
C PRO E 266 -13.52 24.79 -21.23
N SER E 267 -13.70 24.46 -22.52
CA SER E 267 -14.17 23.15 -22.95
C SER E 267 -13.20 22.01 -22.62
N PHE E 268 -11.96 22.32 -22.24
CA PHE E 268 -11.04 21.32 -21.71
C PHE E 268 -11.57 20.65 -20.46
N ILE E 269 -12.36 21.36 -19.64
CA ILE E 269 -12.95 20.76 -18.47
C ILE E 269 -14.47 20.59 -18.63
N GLY E 270 -14.97 20.65 -19.86
CA GLY E 270 -16.35 20.37 -20.13
C GLY E 270 -17.33 21.51 -19.95
N MET E 271 -16.85 22.75 -19.81
CA MET E 271 -17.73 23.89 -19.63
C MET E 271 -18.10 24.46 -20.99
N GLU E 272 -19.34 24.92 -21.10
CA GLU E 272 -19.85 25.47 -22.35
C GLU E 272 -19.52 26.95 -22.51
N SER E 273 -18.95 27.58 -21.49
CA SER E 273 -18.75 29.02 -21.48
C SER E 273 -17.60 29.41 -22.40
N ALA E 274 -17.39 30.71 -22.51
CA ALA E 274 -16.30 31.28 -23.29
C ALA E 274 -15.11 31.62 -22.40
N GLY E 275 -13.97 31.87 -23.04
CA GLY E 275 -12.76 32.22 -22.34
C GLY E 275 -12.81 33.61 -21.71
N ILE E 276 -11.76 33.93 -20.96
CA ILE E 276 -11.70 35.20 -20.25
C ILE E 276 -11.60 36.39 -21.22
N HIS E 277 -10.91 36.21 -22.35
CA HIS E 277 -10.82 37.28 -23.35
C HIS E 277 -12.17 37.56 -24.00
N GLU E 278 -12.91 36.51 -24.35
CA GLU E 278 -14.25 36.65 -24.91
C GLU E 278 -15.21 37.25 -23.90
N THR E 279 -15.08 36.85 -22.63
CA THR E 279 -15.92 37.39 -21.56
C THR E 279 -15.64 38.88 -21.35
N THR E 280 -14.36 39.26 -21.39
CA THR E 280 -13.98 40.67 -21.27
C THR E 280 -14.51 41.49 -22.44
N TYR E 281 -14.39 40.96 -23.66
CA TYR E 281 -14.91 41.65 -24.84
C TYR E 281 -16.43 41.77 -24.80
N ASN E 282 -17.12 40.74 -24.32
CA ASN E 282 -18.57 40.78 -24.20
C ASN E 282 -19.01 41.78 -23.13
N SER E 283 -18.22 41.88 -22.04
CA SER E 283 -18.51 42.88 -21.02
C SER E 283 -18.29 44.29 -21.54
N ILE E 284 -17.28 44.47 -22.38
CA ILE E 284 -17.04 45.78 -23.01
C ILE E 284 -18.17 46.14 -23.97
N MET E 285 -18.64 45.16 -24.76
CA MET E 285 -19.69 45.44 -25.73
C MET E 285 -21.07 45.67 -25.11
N LYS E 286 -21.28 45.27 -23.86
CA LYS E 286 -22.56 45.51 -23.21
C LYS E 286 -22.64 46.88 -22.56
N CYS E 287 -21.58 47.68 -22.62
CA CYS E 287 -21.59 49.01 -22.04
C CYS E 287 -21.95 50.02 -23.14
N ASP E 288 -22.00 51.30 -22.76
CA ASP E 288 -22.31 52.33 -23.73
C ASP E 288 -21.13 52.56 -24.68
N ILE E 289 -21.45 53.04 -25.88
CA ILE E 289 -20.47 53.15 -26.96
C ILE E 289 -19.39 54.21 -26.65
N ASP E 290 -19.74 55.25 -25.91
CA ASP E 290 -18.82 56.35 -25.66
C ASP E 290 -17.78 56.07 -24.59
N ILE E 291 -17.87 54.94 -23.89
CA ILE E 291 -16.90 54.62 -22.85
C ILE E 291 -16.02 53.43 -23.18
N ARG E 292 -16.27 52.74 -24.30
CA ARG E 292 -15.54 51.52 -24.65
C ARG E 292 -14.07 51.79 -24.93
N LYS E 293 -13.78 52.95 -25.53
CA LYS E 293 -12.41 53.37 -25.81
C LYS E 293 -11.63 53.51 -24.52
N ASP E 294 -12.27 54.11 -23.49
CA ASP E 294 -11.60 54.26 -22.21
C ASP E 294 -11.48 52.93 -21.51
N LEU E 295 -12.42 52.01 -21.76
CA LEU E 295 -12.26 50.68 -21.18
C LEU E 295 -11.14 49.91 -21.88
N TYR E 296 -10.95 50.18 -23.19
CA TYR E 296 -9.93 49.48 -23.97
C TYR E 296 -8.53 49.78 -23.47
N ALA E 297 -8.28 51.04 -23.13
CA ALA E 297 -6.95 51.42 -22.70
C ALA E 297 -6.71 51.07 -21.23
N ASN E 298 -7.73 50.59 -20.50
CA ASN E 298 -7.59 50.43 -19.05
C ASN E 298 -8.02 49.05 -18.59
N ASN E 299 -7.51 48.00 -19.22
CA ASN E 299 -7.72 46.65 -18.74
C ASN E 299 -6.80 46.38 -17.55
N VAL E 300 -7.39 46.18 -16.37
CA VAL E 300 -6.65 46.02 -15.13
C VAL E 300 -6.76 44.56 -14.69
N MET E 301 -5.62 43.91 -14.47
CA MET E 301 -5.55 42.53 -14.05
C MET E 301 -5.21 42.46 -12.56
N SER E 302 -5.95 41.65 -11.82
CA SER E 302 -5.70 41.46 -10.40
C SER E 302 -5.99 40.01 -10.02
N GLY E 303 -5.34 39.55 -8.96
CA GLY E 303 -5.50 38.20 -8.48
C GLY E 303 -4.28 37.34 -8.78
N GLY E 304 -4.19 36.22 -8.05
CA GLY E 304 -3.06 35.32 -8.22
C GLY E 304 -3.12 34.49 -9.48
N THR E 305 -4.30 34.30 -10.05
CA THR E 305 -4.42 33.53 -11.28
C THR E 305 -3.92 34.31 -12.49
N THR E 306 -3.74 35.62 -12.34
CA THR E 306 -3.14 36.43 -13.38
C THR E 306 -1.62 36.49 -13.26
N MET E 307 -1.00 35.60 -12.47
CA MET E 307 0.45 35.69 -12.25
C MET E 307 1.28 34.79 -13.15
N TYR E 308 0.65 34.08 -14.10
CA TYR E 308 1.40 33.29 -15.07
C TYR E 308 2.22 34.22 -15.98
N PRO E 309 3.46 33.87 -16.32
CA PRO E 309 4.27 34.78 -17.15
C PRO E 309 4.03 34.67 -18.64
N GLY E 310 2.77 34.58 -19.06
CA GLY E 310 2.44 34.75 -20.46
C GLY E 310 1.07 35.36 -20.70
N ILE E 311 0.42 35.79 -19.64
CA ILE E 311 -1.03 36.00 -19.71
C ILE E 311 -1.39 37.40 -20.23
N ALA E 312 -0.55 38.42 -19.97
CA ALA E 312 -0.84 39.77 -20.43
C ALA E 312 -0.71 39.88 -21.95
N ASP E 313 0.36 39.31 -22.51
CA ASP E 313 0.57 39.33 -23.96
C ASP E 313 -0.50 38.53 -24.69
N ARG E 314 -0.89 37.37 -24.13
CA ARG E 314 -1.94 36.55 -24.73
C ARG E 314 -3.29 37.26 -24.71
N MET E 315 -3.62 37.91 -23.57
CA MET E 315 -4.86 38.67 -23.46
C MET E 315 -4.88 39.85 -24.42
N GLN E 316 -3.74 40.54 -24.56
CA GLN E 316 -3.63 41.67 -25.49
C GLN E 316 -3.82 41.21 -26.92
N LYS E 317 -3.19 40.08 -27.29
CA LYS E 317 -3.33 39.51 -28.64
C LYS E 317 -4.78 39.14 -28.94
N GLU E 318 -5.44 38.48 -27.99
CA GLU E 318 -6.83 38.02 -28.21
C GLU E 318 -7.80 39.19 -28.29
N ILE E 319 -7.66 40.17 -27.40
CA ILE E 319 -8.57 41.32 -27.39
C ILE E 319 -8.33 42.19 -28.62
N THR E 320 -7.06 42.35 -29.04
CA THR E 320 -6.75 43.07 -30.29
C THR E 320 -7.30 42.35 -31.51
N ALA E 321 -7.33 41.01 -31.47
CA ALA E 321 -7.99 40.25 -32.52
C ALA E 321 -9.49 40.50 -32.53
N LEU E 322 -10.11 40.62 -31.34
CA LEU E 322 -11.56 40.83 -31.30
C LEU E 322 -11.95 42.29 -31.53
N ALA E 323 -11.17 43.23 -31.03
CA ALA E 323 -11.53 44.64 -31.12
C ALA E 323 -11.16 45.20 -32.50
N PRO E 324 -11.79 46.31 -32.90
CA PRO E 324 -11.39 46.98 -34.15
C PRO E 324 -9.94 47.44 -34.13
N SER E 325 -9.32 47.45 -35.31
CA SER E 325 -7.89 47.70 -35.46
C SER E 325 -7.48 49.13 -35.16
N THR E 326 -8.42 50.07 -35.05
CA THR E 326 -8.11 51.47 -34.78
C THR E 326 -8.18 51.79 -33.30
N MET E 327 -7.96 50.81 -32.43
CA MET E 327 -8.08 50.99 -31.00
C MET E 327 -6.80 50.57 -30.29
N LYS E 328 -6.47 51.29 -29.22
CA LYS E 328 -5.30 51.01 -28.41
C LYS E 328 -5.73 50.13 -27.24
N ILE E 329 -5.31 48.87 -27.28
CA ILE E 329 -5.62 47.90 -26.23
C ILE E 329 -4.41 47.83 -25.31
N LYS E 330 -4.60 48.16 -24.04
CA LYS E 330 -3.50 48.20 -23.07
C LYS E 330 -3.89 47.36 -21.87
N ILE E 331 -3.05 46.38 -21.55
CA ILE E 331 -3.23 45.54 -20.37
C ILE E 331 -2.31 46.06 -19.27
N ILE E 332 -2.89 46.30 -18.09
CA ILE E 332 -2.17 46.84 -16.95
C ILE E 332 -1.99 45.72 -15.94
N ALA E 333 -0.76 45.22 -15.84
CA ALA E 333 -0.44 44.08 -14.97
C ALA E 333 0.71 44.49 -14.04
N PRO E 334 0.41 45.12 -12.90
CA PRO E 334 1.46 45.56 -11.98
C PRO E 334 2.10 44.38 -11.28
N PRO E 335 3.34 44.52 -10.77
CA PRO E 335 3.99 43.38 -10.09
C PRO E 335 3.32 42.96 -8.78
N GLU E 336 2.63 43.88 -8.11
CA GLU E 336 2.01 43.60 -6.81
C GLU E 336 0.52 43.32 -6.93
N ARG E 337 0.08 42.81 -8.08
CA ARG E 337 -1.35 42.61 -8.33
C ARG E 337 -1.94 41.43 -7.57
N LYS E 338 -1.14 40.60 -6.91
CA LYS E 338 -1.70 39.53 -6.10
C LYS E 338 -2.41 40.06 -4.85
N TYR E 339 -2.01 41.23 -4.34
CA TYR E 339 -2.59 41.77 -3.12
C TYR E 339 -3.26 43.12 -3.36
N SER E 340 -3.72 43.37 -4.60
CA SER E 340 -4.30 44.65 -4.98
C SER E 340 -5.58 44.95 -4.22
N VAL E 341 -6.36 43.90 -3.96
CA VAL E 341 -7.64 44.04 -3.26
C VAL E 341 -7.38 44.53 -1.86
N TRP E 342 -6.37 43.96 -1.19
CA TRP E 342 -6.03 44.36 0.17
C TRP E 342 -5.49 45.78 0.17
N ILE E 343 -4.69 46.12 -0.85
CA ILE E 343 -4.12 47.45 -0.96
C ILE E 343 -5.23 48.47 -1.14
N GLY E 344 -6.22 48.12 -1.97
CA GLY E 344 -7.38 48.99 -2.15
C GLY E 344 -8.19 49.14 -0.88
N GLY E 345 -8.29 48.05 -0.12
CA GLY E 345 -9.01 48.11 1.15
C GLY E 345 -8.31 49.02 2.14
N SER E 346 -6.96 48.99 2.12
CA SER E 346 -6.20 49.88 3.00
C SER E 346 -6.35 51.32 2.53
N ILE E 347 -6.43 51.52 1.22
CA ILE E 347 -6.68 52.85 0.69
C ILE E 347 -8.08 53.31 1.10
N LEU E 348 -9.08 52.41 0.95
CA LEU E 348 -10.49 52.79 1.18
C LEU E 348 -10.74 53.07 2.66
N ALA E 349 -10.16 52.26 3.54
CA ALA E 349 -10.37 52.44 4.96
C ALA E 349 -9.61 53.64 5.50
N SER E 350 -8.67 54.22 4.73
CA SER E 350 -7.96 55.40 5.20
C SER E 350 -8.56 56.72 4.75
N LEU E 351 -9.60 56.70 3.93
CA LEU E 351 -10.18 57.95 3.45
C LEU E 351 -11.02 58.61 4.53
N SER E 352 -10.96 59.94 4.59
CA SER E 352 -11.79 60.69 5.52
C SER E 352 -13.25 60.73 5.09
N THR E 353 -13.52 60.56 3.79
CA THR E 353 -14.88 60.56 3.26
C THR E 353 -15.57 59.21 3.39
N PHE E 354 -14.88 58.19 3.90
CA PHE E 354 -15.48 56.87 4.07
C PHE E 354 -16.02 56.62 5.47
N GLN E 355 -15.57 57.40 6.46
CA GLN E 355 -15.87 57.15 7.88
C GLN E 355 -17.35 57.29 8.23
N GLN E 356 -18.16 57.91 7.37
CA GLN E 356 -19.59 58.01 7.59
C GLN E 356 -20.37 56.89 6.88
N MET E 357 -19.68 56.00 6.19
CA MET E 357 -20.31 54.90 5.47
C MET E 357 -20.21 53.57 6.21
N TRP E 358 -19.66 53.55 7.41
CA TRP E 358 -19.62 52.34 8.21
C TRP E 358 -21.02 51.94 8.69
N ILE E 359 -21.16 50.68 9.06
CA ILE E 359 -22.38 50.16 9.66
C ILE E 359 -22.09 49.97 11.14
N THR E 360 -22.54 50.89 11.97
CA THR E 360 -22.30 50.81 13.40
C THR E 360 -23.19 49.76 14.05
N LYS E 361 -22.84 49.42 15.30
CA LYS E 361 -23.59 48.41 16.05
C LYS E 361 -25.01 48.87 16.37
N GLN E 362 -25.21 50.18 16.57
CA GLN E 362 -26.54 50.72 16.85
C GLN E 362 -27.47 50.54 15.66
N GLU E 363 -26.95 50.78 14.44
CA GLU E 363 -27.72 50.57 13.21
C GLU E 363 -28.08 49.10 13.02
N TYR E 364 -27.14 48.20 13.33
CA TYR E 364 -27.41 46.77 13.24
C TYR E 364 -28.45 46.33 14.25
N ASP E 365 -28.40 46.89 15.46
CA ASP E 365 -29.41 46.60 16.48
C ASP E 365 -30.79 47.10 16.05
N GLU E 366 -30.85 48.29 15.45
CA GLU E 366 -32.12 48.87 15.06
C GLU E 366 -32.72 48.18 13.85
N ALA E 367 -31.89 47.76 12.89
CA ALA E 367 -32.39 47.23 11.63
C ALA E 367 -32.28 45.71 11.49
N GLY E 368 -31.33 45.07 12.14
CA GLY E 368 -31.15 43.64 12.01
C GLY E 368 -30.10 43.32 10.96
N PRO E 369 -29.99 42.05 10.57
CA PRO E 369 -29.00 41.67 9.54
C PRO E 369 -29.50 41.85 8.11
N SER E 370 -30.15 42.98 7.82
CA SER E 370 -30.57 43.30 6.46
C SER E 370 -30.12 44.67 5.99
N ILE E 371 -29.56 45.51 6.87
CA ILE E 371 -29.03 46.81 6.48
C ILE E 371 -27.79 46.72 5.60
N VAL E 372 -27.15 45.54 5.52
CA VAL E 372 -25.98 45.34 4.67
C VAL E 372 -26.32 45.39 3.18
N HIS E 373 -27.61 45.29 2.82
CA HIS E 373 -28.06 45.47 1.44
C HIS E 373 -28.41 46.92 1.15
N ARG E 374 -28.93 47.63 2.15
CA ARG E 374 -29.27 49.03 2.00
C ARG E 374 -28.08 49.96 2.15
N LYS E 375 -26.94 49.45 2.62
CA LYS E 375 -25.75 50.27 2.85
C LYS E 375 -24.67 49.93 1.84
N CYS E 376 -24.27 48.68 1.74
CA CYS E 376 -23.21 48.26 0.85
C CYS E 376 -23.80 47.73 -0.45
N PHE E 377 -22.98 47.72 -1.50
CA PHE E 377 -23.41 47.13 -2.77
C PHE E 377 -23.24 45.62 -2.64
N GLU F 6 -52.69 21.65 -55.72
CA GLU F 6 -53.61 21.98 -54.64
C GLU F 6 -53.73 23.49 -54.48
N THR F 7 -52.56 24.15 -54.48
CA THR F 7 -52.38 25.60 -54.35
C THR F 7 -53.05 26.16 -53.09
N THR F 8 -52.92 25.43 -51.99
CA THR F 8 -53.41 25.89 -50.69
C THR F 8 -52.24 26.56 -49.97
N ALA F 9 -52.30 27.90 -49.91
CA ALA F 9 -51.25 28.78 -49.38
C ALA F 9 -50.75 28.35 -48.00
N LEU F 10 -49.47 28.59 -47.77
CA LEU F 10 -48.83 28.31 -46.49
C LEU F 10 -48.68 29.58 -45.69
N VAL F 11 -48.86 29.49 -44.38
CA VAL F 11 -48.65 30.61 -43.47
C VAL F 11 -47.59 30.19 -42.48
N CYS F 12 -46.47 30.91 -42.47
CA CYS F 12 -45.34 30.61 -41.60
C CYS F 12 -44.95 31.88 -40.87
N ASP F 13 -44.86 31.80 -39.55
CA ASP F 13 -44.46 32.92 -38.70
C ASP F 13 -43.17 32.50 -38.01
N ASN F 14 -42.07 33.14 -38.40
CA ASN F 14 -40.74 32.86 -37.86
C ASN F 14 -40.39 34.01 -36.92
N GLY F 15 -40.68 33.82 -35.64
CA GLY F 15 -40.31 34.78 -34.63
C GLY F 15 -38.89 34.56 -34.15
N SER F 16 -38.53 35.33 -33.12
CA SER F 16 -37.20 35.17 -32.52
C SER F 16 -37.07 33.88 -31.73
N GLY F 17 -38.18 33.37 -31.18
CA GLY F 17 -38.09 32.20 -30.33
C GLY F 17 -38.79 30.96 -30.83
N LEU F 18 -39.91 31.12 -31.54
CA LEU F 18 -40.73 29.99 -31.94
C LEU F 18 -41.10 30.12 -33.42
N VAL F 19 -41.35 28.98 -34.05
CA VAL F 19 -41.84 28.91 -35.41
C VAL F 19 -43.26 28.35 -35.38
N LYS F 20 -44.20 29.09 -35.98
CA LYS F 20 -45.59 28.68 -36.08
C LYS F 20 -45.93 28.57 -37.56
N ALA F 21 -46.06 27.34 -38.06
CA ALA F 21 -46.29 27.10 -39.47
C ALA F 21 -47.53 26.26 -39.68
N GLY F 22 -48.22 26.50 -40.78
CA GLY F 22 -49.42 25.75 -41.09
C GLY F 22 -50.02 26.16 -42.42
N PHE F 23 -51.27 25.74 -42.62
CA PHE F 23 -51.98 25.96 -43.86
C PHE F 23 -53.02 27.06 -43.69
N ALA F 24 -53.17 27.89 -44.72
CA ALA F 24 -54.13 28.97 -44.72
C ALA F 24 -55.56 28.44 -44.72
N GLY F 25 -56.45 29.19 -44.08
CA GLY F 25 -57.82 28.76 -43.89
C GLY F 25 -58.09 27.97 -42.64
N ASP F 26 -57.07 27.68 -41.85
CA ASP F 26 -57.25 26.93 -40.61
C ASP F 26 -57.50 27.89 -39.44
N ASP F 27 -57.65 27.30 -38.26
CA ASP F 27 -57.85 28.05 -37.02
C ASP F 27 -56.62 28.10 -36.14
N ALA F 28 -55.80 27.06 -36.15
CA ALA F 28 -54.59 27.00 -35.34
C ALA F 28 -53.44 26.49 -36.18
N PRO F 29 -52.20 26.92 -35.90
CA PRO F 29 -51.04 26.42 -36.65
C PRO F 29 -50.81 24.93 -36.42
N ARG F 30 -50.37 24.25 -37.48
CA ARG F 30 -50.14 22.82 -37.41
C ARG F 30 -48.86 22.50 -36.62
N ALA F 31 -47.79 23.25 -36.87
CA ALA F 31 -46.49 22.96 -36.28
C ALA F 31 -46.00 24.18 -35.52
N VAL F 32 -45.89 24.04 -34.21
CA VAL F 32 -45.36 25.07 -33.33
C VAL F 32 -44.14 24.47 -32.65
N PHE F 33 -42.95 24.93 -33.01
CA PHE F 33 -41.75 24.33 -32.44
C PHE F 33 -40.70 25.40 -32.18
N PRO F 34 -39.82 25.20 -31.18
CA PRO F 34 -38.79 26.21 -30.88
C PRO F 34 -37.80 26.40 -32.01
N SER F 35 -37.39 27.66 -32.20
CA SER F 35 -36.50 28.04 -33.29
C SER F 35 -35.04 28.00 -32.82
N ILE F 36 -34.55 26.77 -32.65
CA ILE F 36 -33.19 26.53 -32.17
C ILE F 36 -32.53 25.49 -33.05
N VAL F 37 -31.21 25.56 -33.14
CA VAL F 37 -30.38 24.54 -33.78
C VAL F 37 -29.36 24.08 -32.76
N GLY F 38 -29.27 22.76 -32.55
CA GLY F 38 -28.36 22.18 -31.58
C GLY F 38 -27.24 21.45 -32.27
N ARG F 39 -26.03 21.60 -31.73
CA ARG F 39 -24.87 20.87 -32.24
C ARG F 39 -24.12 20.23 -31.09
N PRO F 40 -23.61 19.01 -31.25
CA PRO F 40 -22.96 18.30 -30.14
C PRO F 40 -21.68 18.97 -29.69
N ARG F 41 -21.42 18.87 -28.39
CA ARG F 41 -20.24 19.47 -27.78
C ARG F 41 -19.32 18.46 -27.12
N HIS F 42 -19.72 17.20 -27.00
CA HIS F 42 -18.92 16.19 -26.35
C HIS F 42 -18.40 15.20 -27.38
N GLN F 43 -17.70 14.18 -26.87
CA GLN F 43 -17.00 13.22 -27.71
C GLN F 43 -17.88 11.99 -27.93
N GLY F 44 -18.08 11.61 -29.19
CA GLY F 44 -18.87 10.44 -29.51
C GLY F 44 -18.02 9.19 -29.44
N VAL F 45 -18.54 8.16 -28.78
CA VAL F 45 -17.79 6.93 -28.55
C VAL F 45 -18.46 5.68 -29.11
N MET F 46 -19.76 5.71 -29.38
CA MET F 46 -20.48 4.55 -29.90
C MET F 46 -20.69 4.73 -31.40
N VAL F 47 -20.20 3.76 -32.18
CA VAL F 47 -20.13 3.88 -33.63
C VAL F 47 -21.50 3.64 -34.23
N GLY F 48 -21.78 4.34 -35.34
CA GLY F 48 -23.03 4.19 -36.06
C GLY F 48 -24.20 4.85 -35.36
N MET F 49 -25.19 4.03 -34.96
CA MET F 49 -26.42 4.36 -34.19
C MET F 49 -27.18 5.60 -34.67
N GLY F 50 -27.06 5.95 -35.95
CA GLY F 50 -27.81 7.05 -36.58
C GLY F 50 -27.57 8.41 -35.96
N GLN F 51 -26.35 8.70 -35.56
CA GLN F 51 -26.03 10.00 -34.99
C GLN F 51 -25.97 11.07 -36.06
N LYS F 52 -26.60 12.21 -35.80
CA LYS F 52 -26.66 13.33 -36.71
C LYS F 52 -25.78 14.45 -36.19
N ASP F 53 -25.28 15.27 -37.12
CA ASP F 53 -24.41 16.39 -36.75
C ASP F 53 -25.18 17.60 -36.25
N SER F 54 -26.49 17.67 -36.48
CA SER F 54 -27.28 18.79 -36.03
C SER F 54 -28.71 18.34 -35.76
N TYR F 55 -29.37 19.05 -34.86
CA TYR F 55 -30.75 18.77 -34.49
C TYR F 55 -31.54 20.07 -34.48
N VAL F 56 -32.79 20.00 -34.92
CA VAL F 56 -33.62 21.18 -35.15
C VAL F 56 -34.95 20.97 -34.43
N GLY F 57 -35.35 21.95 -33.64
CA GLY F 57 -36.72 22.01 -33.15
C GLY F 57 -36.91 21.24 -31.86
N ASP F 58 -37.95 20.40 -31.83
CA ASP F 58 -38.27 19.60 -30.66
C ASP F 58 -37.20 18.55 -30.36
N GLU F 59 -36.57 18.00 -31.41
CA GLU F 59 -35.52 17.00 -31.22
C GLU F 59 -34.30 17.59 -30.55
N ALA F 60 -33.96 18.84 -30.90
CA ALA F 60 -32.85 19.52 -30.24
C ALA F 60 -33.18 19.84 -28.79
N GLN F 61 -34.43 20.20 -28.50
CA GLN F 61 -34.85 20.50 -27.14
C GLN F 61 -34.87 19.25 -26.27
N SER F 62 -35.23 18.10 -26.85
CA SER F 62 -35.28 16.87 -26.07
C SER F 62 -33.89 16.34 -25.74
N LYS F 63 -32.92 16.55 -26.62
CA LYS F 63 -31.56 16.07 -26.44
C LYS F 63 -30.59 17.17 -26.03
N ARG F 64 -31.09 18.22 -25.37
CA ARG F 64 -30.31 19.43 -25.10
C ARG F 64 -29.19 19.23 -24.08
N GLY F 65 -29.16 18.11 -23.36
CA GLY F 65 -28.15 17.86 -22.34
C GLY F 65 -26.76 17.61 -22.90
N ILE F 66 -26.65 17.25 -24.18
CA ILE F 66 -25.37 17.03 -24.82
C ILE F 66 -25.19 17.95 -26.04
N LEU F 67 -26.01 18.98 -26.15
CA LEU F 67 -25.98 19.89 -27.28
C LEU F 67 -25.76 21.32 -26.83
N THR F 68 -25.20 22.11 -27.72
CA THR F 68 -25.18 23.56 -27.62
C THR F 68 -26.26 24.10 -28.55
N LEU F 69 -27.14 24.94 -28.00
CA LEU F 69 -28.30 25.44 -28.71
C LEU F 69 -28.07 26.89 -29.14
N LYS F 70 -28.28 27.16 -30.42
CA LYS F 70 -28.13 28.50 -30.97
C LYS F 70 -29.47 28.94 -31.56
N TYR F 71 -29.81 30.20 -31.35
CA TYR F 71 -30.96 30.80 -31.98
C TYR F 71 -30.53 31.48 -33.27
N PRO F 72 -31.05 31.07 -34.43
CA PRO F 72 -30.69 31.74 -35.70
C PRO F 72 -31.13 33.19 -35.78
N ILE F 73 -32.14 33.60 -35.02
CA ILE F 73 -32.68 34.96 -35.09
C ILE F 73 -32.46 35.63 -33.75
N GLU F 74 -31.84 36.80 -33.76
CA GLU F 74 -31.63 37.58 -32.56
C GLU F 74 -32.19 38.98 -32.74
N HIC F 75 -33.14 39.35 -31.87
CA HIC F 75 -33.83 40.64 -31.85
C HIC F 75 -34.56 40.90 -33.16
O HIC F 75 -34.59 42.01 -33.72
CB HIC F 75 -32.95 41.87 -31.57
CG HIC F 75 -32.10 41.74 -30.38
ND1 HIC F 75 -30.70 41.77 -30.39
CD2 HIC F 75 -32.55 41.57 -29.06
CE1 HIC F 75 -30.32 41.62 -29.11
NE2 HIC F 75 -31.42 41.50 -28.26
CZ HIC F 75 -31.40 41.33 -26.85
N GLY F 76 -35.16 39.85 -33.68
CA GLY F 76 -35.95 39.91 -34.89
C GLY F 76 -35.14 39.97 -36.18
N ILE F 77 -33.84 39.79 -36.08
CA ILE F 77 -32.93 39.87 -37.22
C ILE F 77 -32.25 38.52 -37.38
N ILE F 78 -32.25 38.00 -38.60
CA ILE F 78 -31.63 36.71 -38.89
C ILE F 78 -30.12 36.90 -38.92
N THR F 79 -29.42 36.31 -37.96
CA THR F 79 -27.97 36.46 -37.88
C THR F 79 -27.21 35.34 -38.57
N ASN F 80 -27.74 34.12 -38.57
CA ASN F 80 -27.12 32.99 -39.25
C ASN F 80 -28.11 32.46 -40.28
N TRP F 81 -27.66 32.31 -41.52
CA TRP F 81 -28.55 31.97 -42.60
C TRP F 81 -28.58 30.48 -42.94
N ASP F 82 -27.47 29.76 -42.70
CA ASP F 82 -27.47 28.32 -42.86
C ASP F 82 -28.40 27.64 -41.87
N ASP F 83 -28.38 28.09 -40.61
CA ASP F 83 -29.30 27.58 -39.61
C ASP F 83 -30.74 27.93 -39.94
N MET F 84 -30.97 29.10 -40.54
CA MET F 84 -32.30 29.50 -40.97
C MET F 84 -32.79 28.60 -42.10
N GLU F 85 -31.89 28.24 -43.03
CA GLU F 85 -32.21 27.27 -44.06
C GLU F 85 -32.56 25.92 -43.47
N LYS F 86 -31.84 25.52 -42.42
CA LYS F 86 -32.17 24.27 -41.71
C LYS F 86 -33.57 24.32 -41.09
N ILE F 87 -33.92 25.45 -40.46
CA ILE F 87 -35.24 25.62 -39.84
C ILE F 87 -36.34 25.56 -40.90
N TRP F 88 -36.13 26.24 -42.03
CA TRP F 88 -37.13 26.25 -43.10
C TRP F 88 -37.27 24.88 -43.76
N HIS F 89 -36.15 24.17 -43.96
CA HIS F 89 -36.18 22.80 -44.49
C HIS F 89 -36.93 21.86 -43.56
N HIS F 90 -36.69 21.99 -42.25
CA HIS F 90 -37.39 21.19 -41.26
C HIS F 90 -38.89 21.48 -41.25
N THR F 91 -39.26 22.76 -41.32
CA THR F 91 -40.68 23.09 -41.25
C THR F 91 -41.40 22.84 -42.57
N PHE F 92 -40.67 22.67 -43.68
CA PHE F 92 -41.33 22.33 -44.93
C PHE F 92 -41.44 20.82 -45.13
N TYR F 93 -40.34 20.09 -44.94
CA TYR F 93 -40.32 18.68 -45.29
C TYR F 93 -40.63 17.74 -44.14
N ASN F 94 -40.29 18.10 -42.91
CA ASN F 94 -40.43 17.20 -41.78
C ASN F 94 -41.67 17.45 -40.95
N GLU F 95 -42.05 18.71 -40.74
CA GLU F 95 -43.20 19.03 -39.89
C GLU F 95 -44.49 19.14 -40.69
N LEU F 96 -44.54 20.03 -41.68
CA LEU F 96 -45.74 20.19 -42.48
C LEU F 96 -45.93 19.09 -43.51
N ARG F 97 -44.86 18.34 -43.84
CA ARG F 97 -44.86 17.20 -44.77
C ARG F 97 -45.38 17.58 -46.15
N VAL F 98 -44.86 18.70 -46.68
CA VAL F 98 -45.36 19.27 -47.92
C VAL F 98 -44.19 19.59 -48.83
N ALA F 99 -44.49 19.69 -50.12
CA ALA F 99 -43.50 20.06 -51.12
C ALA F 99 -43.64 21.53 -51.47
N PRO F 100 -42.62 22.37 -51.26
CA PRO F 100 -42.79 23.82 -51.34
C PRO F 100 -43.06 24.38 -52.73
N GLU F 101 -42.84 23.62 -53.81
CA GLU F 101 -42.88 24.18 -55.15
C GLU F 101 -44.29 24.42 -55.67
N GLU F 102 -45.32 23.96 -54.96
CA GLU F 102 -46.70 24.12 -55.39
C GLU F 102 -47.56 24.83 -54.33
N HIS F 103 -46.93 25.59 -53.43
CA HIS F 103 -47.65 26.33 -52.41
C HIS F 103 -47.08 27.73 -52.22
N PRO F 104 -47.89 28.78 -52.39
CA PRO F 104 -47.44 30.13 -52.02
C PRO F 104 -47.24 30.27 -50.52
N THR F 105 -46.30 31.13 -50.14
CA THR F 105 -45.87 31.24 -48.76
C THR F 105 -46.01 32.68 -48.26
N LEU F 106 -46.54 32.83 -47.05
CA LEU F 106 -46.65 34.11 -46.37
C LEU F 106 -45.72 34.11 -45.16
N LEU F 107 -44.82 35.08 -45.12
CA LEU F 107 -43.86 35.24 -44.03
C LEU F 107 -44.10 36.57 -43.33
N THR F 108 -43.56 36.69 -42.11
CA THR F 108 -43.79 37.84 -41.26
C THR F 108 -42.46 38.50 -40.91
N GLU F 109 -42.53 39.80 -40.61
CA GLU F 109 -41.34 40.54 -40.21
C GLU F 109 -41.73 41.70 -39.30
N ALA F 110 -40.86 41.97 -38.32
CA ALA F 110 -41.08 43.08 -37.41
C ALA F 110 -40.79 44.40 -38.12
N PRO F 111 -41.40 45.51 -37.68
CA PRO F 111 -41.08 46.82 -38.27
C PRO F 111 -39.68 47.27 -37.95
N LEU F 112 -39.16 48.16 -38.81
CA LEU F 112 -37.85 48.82 -38.69
C LEU F 112 -36.70 47.83 -38.68
N ASN F 113 -36.84 46.76 -39.42
CA ASN F 113 -35.80 45.77 -39.67
C ASN F 113 -34.92 46.22 -40.83
N PRO F 114 -33.69 45.69 -40.95
CA PRO F 114 -32.89 45.96 -42.15
C PRO F 114 -33.53 45.41 -43.42
N LYS F 115 -33.28 46.11 -44.53
CA LYS F 115 -33.80 45.70 -45.83
C LYS F 115 -33.14 44.42 -46.33
N ALA F 116 -31.87 44.20 -45.96
CA ALA F 116 -31.11 43.05 -46.42
C ALA F 116 -31.70 41.74 -45.92
N ASN F 117 -32.31 41.76 -44.73
CA ASN F 117 -32.96 40.59 -44.16
C ASN F 117 -34.13 40.14 -45.03
N ARG F 118 -34.99 41.08 -45.41
CA ARG F 118 -36.13 40.79 -46.29
C ARG F 118 -35.67 40.36 -47.68
N GLU F 119 -34.63 41.02 -48.21
CA GLU F 119 -34.10 40.66 -49.53
C GLU F 119 -33.55 39.24 -49.54
N LYS F 120 -32.79 38.86 -48.51
CA LYS F 120 -32.24 37.52 -48.47
C LYS F 120 -33.30 36.46 -48.17
N MET F 121 -34.35 36.82 -47.40
CA MET F 121 -35.49 35.92 -47.25
C MET F 121 -36.18 35.63 -48.58
N THR F 122 -36.39 36.69 -49.39
CA THR F 122 -36.98 36.54 -50.71
C THR F 122 -36.08 35.69 -51.61
N GLN F 123 -34.76 35.94 -51.58
CA GLN F 123 -33.81 35.21 -52.40
C GLN F 123 -33.77 33.72 -52.04
N ILE F 124 -33.78 33.40 -50.74
CA ILE F 124 -33.76 32.01 -50.30
C ILE F 124 -35.07 31.31 -50.66
N MET F 125 -36.21 31.99 -50.44
CA MET F 125 -37.51 31.37 -50.77
C MET F 125 -37.71 31.18 -52.27
N PHE F 126 -37.05 31.99 -53.11
CA PHE F 126 -37.24 31.84 -54.55
C PHE F 126 -36.14 31.06 -55.24
N GLU F 127 -34.98 30.85 -54.61
CA GLU F 127 -33.88 30.17 -55.28
C GLU F 127 -33.48 28.84 -54.65
N THR F 128 -33.93 28.54 -53.44
CA THR F 128 -33.56 27.27 -52.82
C THR F 128 -34.77 26.41 -52.50
N PHE F 129 -35.85 27.00 -52.00
CA PHE F 129 -37.08 26.29 -51.70
C PHE F 129 -38.20 26.75 -52.61
N ASN F 130 -37.90 26.91 -53.91
CA ASN F 130 -38.56 27.78 -54.89
C ASN F 130 -40.08 27.67 -54.91
N VAL F 131 -40.74 28.76 -54.54
CA VAL F 131 -42.19 28.82 -54.39
C VAL F 131 -42.79 29.56 -55.57
N PRO F 132 -44.05 29.29 -55.95
CA PRO F 132 -44.70 30.11 -56.98
C PRO F 132 -44.83 31.58 -56.60
N ALA F 133 -45.05 31.88 -55.32
CA ALA F 133 -45.20 33.25 -54.84
C ALA F 133 -44.91 33.29 -53.35
N MET F 134 -44.50 34.47 -52.88
CA MET F 134 -44.29 34.69 -51.47
C MET F 134 -44.65 36.13 -51.14
N TYR F 135 -45.03 36.37 -49.88
CA TYR F 135 -45.40 37.70 -49.44
C TYR F 135 -44.96 37.88 -48.00
N VAL F 136 -44.37 39.05 -47.71
CA VAL F 136 -43.88 39.39 -46.37
C VAL F 136 -44.80 40.45 -45.80
N ALA F 137 -45.25 40.25 -44.56
CA ALA F 137 -46.21 41.13 -43.93
C ALA F 137 -45.71 41.54 -42.55
N ILE F 138 -46.23 42.68 -42.09
CA ILE F 138 -45.94 43.18 -40.75
C ILE F 138 -46.82 42.44 -39.75
N GLN F 139 -46.25 42.12 -38.58
CA GLN F 139 -46.92 41.24 -37.62
C GLN F 139 -48.10 41.92 -36.96
N ALA F 140 -47.98 43.21 -36.65
CA ALA F 140 -49.03 43.94 -35.95
C ALA F 140 -50.27 44.12 -36.82
N VAL F 141 -50.08 44.28 -38.14
CA VAL F 141 -51.20 44.34 -39.08
C VAL F 141 -51.97 43.03 -39.06
N LEU F 142 -51.25 41.90 -39.00
CA LEU F 142 -51.89 40.59 -38.89
C LEU F 142 -52.61 40.42 -37.56
N SER F 143 -52.03 40.96 -36.48
CA SER F 143 -52.69 40.91 -35.17
C SER F 143 -53.99 41.70 -35.17
N LEU F 144 -54.00 42.86 -35.85
CA LEU F 144 -55.25 43.61 -35.98
C LEU F 144 -56.24 42.90 -36.90
N TYR F 145 -55.74 42.18 -37.92
CA TYR F 145 -56.60 41.36 -38.77
C TYR F 145 -57.29 40.25 -38.00
N ALA F 146 -56.57 39.59 -37.10
CA ALA F 146 -57.15 38.50 -36.32
C ALA F 146 -58.14 39.00 -35.27
N SER F 147 -57.94 40.22 -34.77
CA SER F 147 -58.85 40.80 -33.78
C SER F 147 -60.22 41.16 -34.33
N GLY F 148 -60.40 41.15 -35.65
CA GLY F 148 -61.70 41.38 -36.25
C GLY F 148 -62.04 42.84 -36.53
N ARG F 149 -61.21 43.78 -36.10
CA ARG F 149 -61.52 45.19 -36.26
C ARG F 149 -60.51 45.83 -37.20
N THR F 150 -60.78 47.10 -37.53
CA THR F 150 -59.98 47.85 -38.48
C THR F 150 -59.13 48.94 -37.84
N THR F 151 -59.62 49.55 -36.77
CA THR F 151 -58.93 50.62 -36.07
C THR F 151 -58.41 50.12 -34.72
N GLY F 152 -57.16 50.46 -34.41
CA GLY F 152 -56.57 50.07 -33.14
C GLY F 152 -55.07 50.24 -33.16
N ILE F 153 -54.50 50.21 -31.96
CA ILE F 153 -53.06 50.27 -31.77
C ILE F 153 -52.60 48.94 -31.19
N VAL F 154 -51.68 48.27 -31.89
CA VAL F 154 -51.24 46.93 -31.54
C VAL F 154 -49.90 47.02 -30.84
N LEU F 155 -49.81 46.43 -29.65
CA LEU F 155 -48.56 46.22 -28.93
C LEU F 155 -48.20 44.75 -29.09
N ASP F 156 -47.23 44.46 -29.94
CA ASP F 156 -46.81 43.09 -30.20
C ASP F 156 -45.44 42.91 -29.55
N SER F 157 -45.36 42.03 -28.55
CA SER F 157 -44.12 41.74 -27.86
C SER F 157 -43.87 40.25 -27.91
N GLY F 158 -42.74 39.84 -28.47
CA GLY F 158 -42.44 38.44 -28.57
C GLY F 158 -41.18 38.01 -27.85
N ASP F 159 -40.26 37.37 -28.56
CA ASP F 159 -39.02 36.91 -27.97
C ASP F 159 -37.84 37.83 -28.27
N GLY F 160 -37.92 38.65 -29.32
CA GLY F 160 -36.81 39.54 -29.63
C GLY F 160 -37.13 41.01 -29.67
N VAL F 161 -38.35 41.39 -30.03
CA VAL F 161 -38.73 42.78 -30.23
C VAL F 161 -40.05 43.07 -29.53
N THR F 162 -40.30 44.35 -29.29
CA THR F 162 -41.57 44.84 -28.76
C THR F 162 -41.93 46.08 -29.56
N HIS F 163 -42.96 45.99 -30.40
CA HIS F 163 -43.28 47.09 -31.29
C HIS F 163 -44.73 47.52 -31.17
N ASN F 164 -44.94 48.83 -31.25
CA ASN F 164 -46.26 49.44 -31.25
C ASN F 164 -46.54 49.98 -32.63
N VAL F 165 -47.68 49.59 -33.20
CA VAL F 165 -48.13 50.10 -34.49
C VAL F 165 -49.57 50.60 -34.37
N PRO F 166 -49.84 51.88 -34.62
CA PRO F 166 -51.23 52.34 -34.66
C PRO F 166 -51.81 52.38 -36.07
N ILE F 167 -53.07 51.94 -36.22
CA ILE F 167 -53.75 51.88 -37.51
C ILE F 167 -55.14 52.48 -37.31
N TYR F 168 -55.53 53.39 -38.19
CA TYR F 168 -56.84 54.01 -38.13
C TYR F 168 -57.54 53.83 -39.47
N GLU F 169 -58.65 53.06 -39.45
CA GLU F 169 -59.48 52.75 -40.62
C GLU F 169 -58.69 52.11 -41.76
N GLY F 170 -57.71 51.27 -41.40
CA GLY F 170 -56.94 50.56 -42.38
C GLY F 170 -55.72 51.30 -42.89
N TYR F 171 -55.52 52.53 -42.45
CA TYR F 171 -54.36 53.32 -42.84
C TYR F 171 -53.37 53.35 -41.68
N ALA F 172 -52.12 53.02 -41.97
CA ALA F 172 -51.08 53.02 -40.96
C ALA F 172 -50.35 54.35 -40.93
N LEU F 173 -49.79 54.68 -39.78
CA LEU F 173 -49.04 55.92 -39.57
C LEU F 173 -47.61 55.50 -39.25
N PRO F 174 -46.72 55.43 -40.25
CA PRO F 174 -45.36 54.91 -40.01
C PRO F 174 -44.49 55.80 -39.14
N HIS F 175 -44.79 57.10 -39.02
CA HIS F 175 -43.98 57.98 -38.18
C HIS F 175 -44.24 57.77 -36.69
N ALA F 176 -45.32 57.10 -36.33
CA ALA F 176 -45.65 56.81 -34.94
C ALA F 176 -45.39 55.35 -34.57
N ILE F 177 -44.76 54.59 -35.44
CA ILE F 177 -44.43 53.19 -35.14
C ILE F 177 -43.23 53.19 -34.21
N MET F 178 -43.35 52.50 -33.08
CA MET F 178 -42.30 52.47 -32.07
C MET F 178 -41.75 51.07 -31.94
N ARG F 179 -40.47 50.97 -31.65
CA ARG F 179 -39.80 49.68 -31.52
C ARG F 179 -38.84 49.72 -30.34
N LEU F 180 -38.94 48.73 -29.47
CA LEU F 180 -38.08 48.59 -28.31
C LEU F 180 -37.48 47.19 -28.31
N ASP F 181 -36.15 47.12 -28.24
CA ASP F 181 -35.43 45.84 -28.25
C ASP F 181 -35.37 45.25 -26.83
N LEU F 182 -36.55 44.94 -26.29
CA LEU F 182 -36.68 44.37 -24.96
C LEU F 182 -37.86 43.42 -25.02
N ALA F 183 -37.60 42.13 -24.84
CA ALA F 183 -38.64 41.12 -25.01
C ALA F 183 -38.33 39.96 -24.08
N GLY F 184 -38.86 38.78 -24.41
CA GLY F 184 -38.84 37.63 -23.51
C GLY F 184 -37.45 37.11 -23.18
N ARG F 185 -36.54 37.13 -24.17
CA ARG F 185 -35.19 36.60 -23.95
C ARG F 185 -34.40 37.48 -22.97
N ASP F 186 -34.62 38.80 -23.04
CA ASP F 186 -34.00 39.70 -22.08
C ASP F 186 -34.52 39.46 -20.67
N LEU F 187 -35.82 39.17 -20.55
CA LEU F 187 -36.40 38.82 -19.25
C LEU F 187 -35.86 37.50 -18.74
N THR F 188 -35.61 36.54 -19.65
CA THR F 188 -34.99 35.28 -19.29
C THR F 188 -33.58 35.48 -18.75
N ASP F 189 -32.79 36.34 -19.42
CA ASP F 189 -31.44 36.66 -18.97
C ASP F 189 -31.45 37.37 -17.62
N TYR F 190 -32.41 38.28 -17.42
CA TYR F 190 -32.54 38.98 -16.15
C TYR F 190 -32.93 38.03 -15.03
N LEU F 191 -33.81 37.05 -15.33
CA LEU F 191 -34.18 36.04 -14.35
C LEU F 191 -32.99 35.16 -14.00
N MET F 192 -32.16 34.81 -15.00
CA MET F 192 -30.92 34.08 -14.74
C MET F 192 -29.98 34.87 -13.83
N LYS F 193 -29.90 36.19 -14.05
CA LYS F 193 -29.07 37.04 -13.21
C LYS F 193 -29.59 37.10 -11.78
N ILE F 194 -30.91 37.24 -11.60
CA ILE F 194 -31.45 37.46 -10.25
C ILE F 194 -31.73 36.17 -9.49
N LEU F 195 -31.67 35.01 -10.13
CA LEU F 195 -31.75 33.76 -9.36
C LEU F 195 -30.46 33.44 -8.61
N THR F 196 -29.36 34.13 -8.91
CA THR F 196 -28.11 33.96 -8.17
C THR F 196 -28.17 34.53 -6.76
N GLU F 197 -29.17 35.35 -6.45
CA GLU F 197 -29.32 35.89 -5.09
C GLU F 197 -29.72 34.80 -4.10
N ARG F 198 -30.43 33.77 -4.55
CA ARG F 198 -30.83 32.67 -3.69
C ARG F 198 -29.90 31.47 -3.81
N GLY F 199 -28.79 31.61 -4.52
CA GLY F 199 -27.78 30.57 -4.59
C GLY F 199 -27.87 29.64 -5.76
N TYR F 200 -28.84 29.83 -6.66
CA TYR F 200 -28.98 28.97 -7.83
C TYR F 200 -28.14 29.53 -8.97
N SER F 201 -27.37 28.66 -9.61
CA SER F 201 -26.47 29.06 -10.69
C SER F 201 -26.87 28.35 -11.98
N PHE F 202 -27.43 29.10 -12.92
CA PHE F 202 -27.72 28.62 -14.26
C PHE F 202 -26.82 29.36 -15.24
N VAL F 203 -26.02 28.61 -16.01
CA VAL F 203 -24.95 29.20 -16.81
C VAL F 203 -25.09 28.73 -18.26
N THR F 204 -25.18 27.42 -18.47
CA THR F 204 -25.18 26.87 -19.81
C THR F 204 -26.50 27.15 -20.53
N THR F 205 -26.46 27.05 -21.86
CA THR F 205 -27.61 27.31 -22.71
C THR F 205 -28.73 26.29 -22.52
N ALA F 206 -28.42 25.08 -22.04
CA ALA F 206 -29.46 24.11 -21.71
C ALA F 206 -30.26 24.54 -20.50
N GLU F 207 -29.63 25.21 -19.54
CA GLU F 207 -30.32 25.72 -18.37
C GLU F 207 -31.11 26.99 -18.64
N ARG F 208 -30.80 27.70 -19.73
CA ARG F 208 -31.58 28.86 -20.13
C ARG F 208 -33.02 28.47 -20.48
N GLU F 209 -33.19 27.29 -21.09
CA GLU F 209 -34.53 26.79 -21.37
C GLU F 209 -35.29 26.43 -20.09
N ILE F 210 -34.57 25.92 -19.09
CA ILE F 210 -35.14 25.65 -17.76
C ILE F 210 -35.63 26.94 -17.11
N VAL F 211 -34.82 28.00 -17.18
CA VAL F 211 -35.19 29.30 -16.63
C VAL F 211 -36.38 29.90 -17.38
N ARG F 212 -36.42 29.68 -18.71
CA ARG F 212 -37.55 30.12 -19.53
C ARG F 212 -38.83 29.41 -19.12
N ASP F 213 -38.75 28.10 -18.84
CA ASP F 213 -39.89 27.34 -18.35
C ASP F 213 -40.38 27.84 -17.00
N ILE F 214 -39.43 28.15 -16.10
CA ILE F 214 -39.74 28.74 -14.79
C ILE F 214 -40.49 30.07 -14.97
N LYS F 215 -40.01 30.91 -15.90
CA LYS F 215 -40.63 32.20 -16.17
C LYS F 215 -42.05 32.02 -16.72
N GLU F 216 -42.24 31.05 -17.62
CA GLU F 216 -43.57 30.82 -18.19
C GLU F 216 -44.55 30.26 -17.17
N LYS F 217 -44.06 29.50 -16.19
CA LYS F 217 -45.00 28.87 -15.26
C LYS F 217 -45.25 29.68 -13.99
N LEU F 218 -44.28 30.44 -13.49
CA LEU F 218 -44.38 31.00 -12.15
C LEU F 218 -44.38 32.53 -12.07
N CYS F 219 -44.08 33.24 -13.15
CA CYS F 219 -43.97 34.69 -13.09
C CYS F 219 -45.31 35.36 -13.40
N TYR F 220 -45.47 36.57 -12.87
CA TYR F 220 -46.69 37.35 -13.03
C TYR F 220 -46.36 38.82 -12.81
N VAL F 221 -47.27 39.69 -13.24
CA VAL F 221 -47.08 41.13 -13.17
C VAL F 221 -47.91 41.69 -12.01
N ALA F 222 -47.24 42.41 -11.11
CA ALA F 222 -47.91 43.00 -9.97
C ALA F 222 -48.69 44.25 -10.37
N LEU F 223 -49.84 44.44 -9.73
CA LEU F 223 -50.61 45.67 -9.97
C LEU F 223 -49.95 46.89 -9.35
N ASP F 224 -49.38 46.74 -8.16
CA ASP F 224 -48.59 47.78 -7.52
C ASP F 224 -47.28 47.13 -7.10
N PHE F 225 -46.16 47.69 -7.57
CA PHE F 225 -44.86 47.06 -7.35
C PHE F 225 -44.39 47.21 -5.90
N GLU F 226 -44.51 48.41 -5.32
CA GLU F 226 -44.01 48.66 -3.98
C GLU F 226 -44.81 47.91 -2.91
N ASN F 227 -46.14 47.85 -3.07
CA ASN F 227 -46.99 47.11 -2.14
C ASN F 227 -46.68 45.61 -2.17
N GLU F 228 -46.46 45.06 -3.36
CA GLU F 228 -46.12 43.65 -3.47
C GLU F 228 -44.72 43.35 -2.96
N MET F 229 -43.77 44.27 -3.13
CA MET F 229 -42.45 44.13 -2.52
C MET F 229 -42.53 44.14 -1.01
N ALA F 230 -43.35 45.04 -0.45
CA ALA F 230 -43.55 45.08 1.01
C ALA F 230 -44.22 43.82 1.51
N THR F 231 -45.20 43.31 0.77
CA THR F 231 -45.90 42.07 1.13
C THR F 231 -44.95 40.88 1.11
N ALA F 232 -44.07 40.81 0.09
CA ALA F 232 -43.06 39.75 0.01
C ALA F 232 -42.05 39.87 1.16
N ALA F 233 -41.67 41.11 1.50
CA ALA F 233 -40.74 41.33 2.61
C ALA F 233 -41.37 40.98 3.96
N SER F 234 -42.70 41.10 4.08
CA SER F 234 -43.36 40.83 5.35
C SER F 234 -43.51 39.33 5.59
N SER F 235 -44.22 38.64 4.71
CA SER F 235 -44.57 37.24 4.92
C SER F 235 -44.15 36.42 3.70
N SER F 236 -43.99 35.12 3.92
CA SER F 236 -43.63 34.19 2.86
C SER F 236 -44.88 33.51 2.29
N SER F 237 -45.80 34.35 1.83
CA SER F 237 -47.02 33.88 1.18
C SER F 237 -46.95 33.90 -0.34
N LEU F 238 -46.00 34.67 -0.90
CA LEU F 238 -45.82 34.79 -2.34
C LEU F 238 -44.78 33.82 -2.89
N GLU F 239 -44.25 32.93 -2.07
CA GLU F 239 -43.16 32.06 -2.48
C GLU F 239 -43.75 30.78 -3.07
N LYS F 240 -43.21 30.35 -4.20
CA LYS F 240 -43.65 29.15 -4.89
C LYS F 240 -42.46 28.25 -5.15
N SER F 241 -42.72 26.95 -5.25
CA SER F 241 -41.69 25.95 -5.45
C SER F 241 -41.78 25.36 -6.84
N TYR F 242 -40.61 25.08 -7.43
CA TYR F 242 -40.49 24.50 -8.75
C TYR F 242 -39.49 23.36 -8.69
N GLU F 243 -39.82 22.24 -9.34
CA GLU F 243 -38.97 21.07 -9.33
C GLU F 243 -38.13 21.05 -10.59
N LEU F 244 -36.82 20.99 -10.43
CA LEU F 244 -35.88 20.97 -11.54
C LEU F 244 -35.87 19.60 -12.20
N PRO F 245 -35.34 19.49 -13.44
CA PRO F 245 -35.28 18.15 -14.09
C PRO F 245 -34.46 17.10 -13.37
N ASP F 246 -33.50 17.48 -12.52
CA ASP F 246 -32.71 16.51 -11.77
C ASP F 246 -33.25 16.25 -10.38
N GLY F 247 -34.49 16.68 -10.09
CA GLY F 247 -35.14 16.42 -8.82
C GLY F 247 -34.95 17.48 -7.76
N GLN F 248 -34.10 18.48 -7.99
CA GLN F 248 -33.94 19.55 -7.02
C GLN F 248 -35.15 20.47 -7.01
N VAL F 249 -35.46 21.00 -5.83
CA VAL F 249 -36.63 21.85 -5.63
C VAL F 249 -36.12 23.22 -5.24
N ILE F 250 -36.58 24.25 -5.96
CA ILE F 250 -36.22 25.63 -5.67
C ILE F 250 -37.45 26.39 -5.25
N THR F 251 -37.25 27.45 -4.48
CA THR F 251 -38.32 28.32 -4.00
C THR F 251 -37.99 29.74 -4.42
N ILE F 252 -38.97 30.44 -4.98
CA ILE F 252 -38.78 31.84 -5.40
C ILE F 252 -39.88 32.69 -4.80
N GLY F 253 -39.52 33.93 -4.46
CA GLY F 253 -40.42 34.87 -3.83
C GLY F 253 -40.71 36.09 -4.69
N ASN F 254 -40.03 37.21 -4.40
CA ASN F 254 -40.23 38.46 -5.14
C ASN F 254 -39.77 38.37 -6.60
N GLU F 255 -38.90 37.40 -6.94
CA GLU F 255 -38.43 37.18 -8.31
C GLU F 255 -39.57 36.83 -9.29
N ARG F 256 -40.73 36.41 -8.78
CA ARG F 256 -41.89 36.18 -9.62
C ARG F 256 -42.35 37.48 -10.28
N PHE F 257 -42.33 38.60 -9.55
CA PHE F 257 -42.78 39.84 -10.14
C PHE F 257 -41.68 40.84 -10.45
N ARG F 258 -40.45 40.61 -9.96
CA ARG F 258 -39.35 41.50 -10.35
C ARG F 258 -38.93 41.27 -11.80
N CYS F 259 -39.07 40.03 -12.30
CA CYS F 259 -38.66 39.74 -13.67
C CYS F 259 -39.51 40.44 -14.75
N PRO F 260 -40.85 40.39 -14.76
CA PRO F 260 -41.55 41.12 -15.84
C PRO F 260 -41.63 42.62 -15.63
N GLU F 261 -41.27 43.12 -14.44
CA GLU F 261 -41.27 44.56 -14.14
C GLU F 261 -40.25 45.33 -14.99
N THR F 262 -39.29 44.63 -15.60
CA THR F 262 -38.35 45.24 -16.55
C THR F 262 -39.10 45.78 -17.78
N LEU F 263 -40.25 45.18 -18.13
CA LEU F 263 -41.08 45.70 -19.22
C LEU F 263 -41.65 47.09 -18.93
N PHE F 264 -41.77 47.45 -17.65
CA PHE F 264 -42.25 48.76 -17.25
C PHE F 264 -41.15 49.65 -16.69
N GLN F 265 -40.06 49.07 -16.21
CA GLN F 265 -38.87 49.80 -15.75
C GLN F 265 -37.63 49.20 -16.41
N PRO F 266 -37.31 49.63 -17.65
CA PRO F 266 -36.15 49.07 -18.37
C PRO F 266 -34.79 49.33 -17.70
N SER F 267 -34.70 50.32 -16.79
CA SER F 267 -33.46 50.65 -16.09
C SER F 267 -32.95 49.54 -15.18
N PHE F 268 -33.78 48.53 -14.88
CA PHE F 268 -33.33 47.34 -14.17
C PHE F 268 -32.23 46.60 -14.94
N ILE F 269 -32.24 46.66 -16.27
CA ILE F 269 -31.18 46.04 -17.06
C ILE F 269 -30.28 47.08 -17.72
N GLY F 270 -30.32 48.32 -17.25
CA GLY F 270 -29.40 49.32 -17.73
C GLY F 270 -29.81 50.06 -18.98
N MET F 271 -31.05 49.93 -19.42
CA MET F 271 -31.50 50.61 -20.63
C MET F 271 -32.06 51.98 -20.28
N GLU F 272 -31.82 52.95 -21.14
CA GLU F 272 -32.26 54.32 -20.91
C GLU F 272 -33.70 54.55 -21.36
N SER F 273 -34.33 53.58 -22.02
CA SER F 273 -35.63 53.77 -22.63
C SER F 273 -36.73 53.80 -21.57
N ALA F 274 -37.94 54.05 -22.04
CA ALA F 274 -39.13 54.07 -21.19
C ALA F 274 -39.86 52.74 -21.27
N GLY F 275 -40.80 52.55 -20.34
CA GLY F 275 -41.59 51.34 -20.28
C GLY F 275 -42.59 51.24 -21.43
N ILE F 276 -43.27 50.09 -21.49
CA ILE F 276 -44.21 49.84 -22.58
C ILE F 276 -45.43 50.76 -22.50
N HIS F 277 -45.88 51.11 -21.28
CA HIS F 277 -47.00 52.03 -21.13
C HIS F 277 -46.64 53.44 -21.61
N GLU F 278 -45.44 53.93 -21.25
CA GLU F 278 -44.97 55.23 -21.70
C GLU F 278 -44.76 55.24 -23.21
N THR F 279 -44.24 54.14 -23.75
CA THR F 279 -44.02 54.02 -25.19
C THR F 279 -45.35 54.02 -25.95
N THR F 280 -46.36 53.31 -25.40
CA THR F 280 -47.69 53.30 -25.99
C THR F 280 -48.34 54.68 -25.95
N TYR F 281 -48.19 55.39 -24.82
CA TYR F 281 -48.73 56.75 -24.69
C TYR F 281 -48.03 57.71 -25.65
N ASN F 282 -46.71 57.55 -25.82
CA ASN F 282 -45.96 58.39 -26.75
C ASN F 282 -46.36 58.09 -28.19
N SER F 283 -46.65 56.83 -28.50
CA SER F 283 -47.13 56.47 -29.83
C SER F 283 -48.52 57.03 -30.09
N ILE F 284 -49.36 57.08 -29.06
CA ILE F 284 -50.68 57.69 -29.19
C ILE F 284 -50.56 59.20 -29.41
N MET F 285 -49.65 59.85 -28.68
CA MET F 285 -49.50 61.31 -28.77
C MET F 285 -48.86 61.76 -30.08
N LYS F 286 -48.18 60.88 -30.80
CA LYS F 286 -47.58 61.26 -32.08
C LYS F 286 -48.55 61.17 -33.25
N CYS F 287 -49.78 60.72 -33.02
CA CYS F 287 -50.77 60.64 -34.08
C CYS F 287 -51.63 61.90 -34.07
N ASP F 288 -52.60 61.95 -34.97
CA ASP F 288 -53.48 63.12 -35.04
C ASP F 288 -54.44 63.11 -33.86
N ILE F 289 -54.90 64.31 -33.49
CA ILE F 289 -55.70 64.48 -32.27
C ILE F 289 -57.08 63.83 -32.40
N ASP F 290 -57.65 63.78 -33.61
CA ASP F 290 -59.01 63.28 -33.78
C ASP F 290 -59.12 61.76 -33.77
N ILE F 291 -58.00 61.03 -33.75
CA ILE F 291 -58.04 59.58 -33.74
C ILE F 291 -57.54 58.96 -32.46
N ARG F 292 -57.00 59.77 -31.52
CA ARG F 292 -56.41 59.25 -30.28
C ARG F 292 -57.44 58.60 -29.39
N LYS F 293 -58.66 59.15 -29.39
CA LYS F 293 -59.77 58.60 -28.63
C LYS F 293 -60.11 57.20 -29.11
N ASP F 294 -60.09 57.00 -30.44
CA ASP F 294 -60.37 55.68 -30.99
C ASP F 294 -59.21 54.75 -30.71
N LEU F 295 -58.00 55.29 -30.61
CA LEU F 295 -56.87 54.46 -30.25
C LEU F 295 -56.93 54.07 -28.77
N TYR F 296 -57.50 54.97 -27.93
CA TYR F 296 -57.59 54.73 -26.49
C TYR F 296 -58.47 53.54 -26.18
N ALA F 297 -59.59 53.41 -26.88
CA ALA F 297 -60.51 52.32 -26.62
C ALA F 297 -60.04 51.02 -27.26
N ASN F 298 -58.98 51.04 -28.07
CA ASN F 298 -58.62 49.87 -28.88
C ASN F 298 -57.15 49.48 -28.70
N ASN F 299 -56.70 49.36 -27.46
CA ASN F 299 -55.36 48.82 -27.20
C ASN F 299 -55.39 47.31 -27.36
N VAL F 300 -54.67 46.79 -28.36
CA VAL F 300 -54.67 45.37 -28.69
C VAL F 300 -53.33 44.77 -28.30
N MET F 301 -53.37 43.72 -27.49
CA MET F 301 -52.17 43.03 -27.02
C MET F 301 -51.99 41.73 -27.78
N SER F 302 -50.78 41.48 -28.27
CA SER F 302 -50.47 40.23 -28.97
C SER F 302 -49.05 39.81 -28.65
N GLY F 303 -48.80 38.51 -28.76
CA GLY F 303 -47.48 37.96 -28.49
C GLY F 303 -47.45 37.18 -27.19
N GLY F 304 -46.42 36.33 -27.06
CA GLY F 304 -46.29 35.51 -25.88
C GLY F 304 -45.81 36.25 -24.65
N THR F 305 -45.16 37.41 -24.84
CA THR F 305 -44.71 38.19 -23.69
C THR F 305 -45.87 38.91 -23.02
N THR F 306 -47.01 38.99 -23.68
CA THR F 306 -48.22 39.54 -23.09
C THR F 306 -49.02 38.48 -22.35
N MET F 307 -48.46 37.30 -22.09
CA MET F 307 -49.23 36.22 -21.50
C MET F 307 -49.11 36.13 -19.98
N TYR F 308 -48.40 37.06 -19.33
CA TYR F 308 -48.34 37.08 -17.87
C TYR F 308 -49.72 37.42 -17.31
N PRO F 309 -50.15 36.77 -16.23
CA PRO F 309 -51.50 37.05 -15.70
C PRO F 309 -51.59 38.25 -14.77
N GLY F 310 -50.95 39.36 -15.13
CA GLY F 310 -51.22 40.61 -14.44
C GLY F 310 -51.06 41.84 -15.33
N ILE F 311 -50.85 41.62 -16.63
CA ILE F 311 -50.30 42.67 -17.47
C ILE F 311 -51.39 43.61 -18.03
N ALA F 312 -52.61 43.11 -18.26
CA ALA F 312 -53.68 43.92 -18.79
C ALA F 312 -54.15 44.97 -17.79
N ASP F 313 -54.36 44.56 -16.52
CA ASP F 313 -54.78 45.48 -15.47
C ASP F 313 -53.71 46.53 -15.18
N ARG F 314 -52.43 46.11 -15.17
CA ARG F 314 -51.32 47.04 -14.95
C ARG F 314 -51.22 48.05 -16.08
N MET F 315 -51.36 47.59 -17.34
CA MET F 315 -51.32 48.50 -18.49
C MET F 315 -52.49 49.47 -18.47
N GLN F 316 -53.67 48.98 -18.10
CA GLN F 316 -54.86 49.84 -18.00
C GLN F 316 -54.67 50.92 -16.93
N LYS F 317 -54.14 50.52 -15.76
CA LYS F 317 -53.88 51.47 -14.67
C LYS F 317 -52.86 52.53 -15.08
N GLU F 318 -51.76 52.12 -15.72
CA GLU F 318 -50.71 53.05 -16.11
C GLU F 318 -51.17 54.01 -17.19
N ILE F 319 -51.85 53.49 -18.23
CA ILE F 319 -52.31 54.34 -19.32
C ILE F 319 -53.41 55.29 -18.84
N THR F 320 -54.30 54.82 -17.96
CA THR F 320 -55.32 55.69 -17.36
C THR F 320 -54.69 56.76 -16.47
N ALA F 321 -53.58 56.43 -15.81
CA ALA F 321 -52.82 57.44 -15.08
C ALA F 321 -52.20 58.48 -16.00
N LEU F 322 -51.71 58.06 -17.18
CA LEU F 322 -51.09 59.01 -18.08
C LEU F 322 -52.11 59.79 -18.91
N ALA F 323 -53.19 59.15 -19.33
CA ALA F 323 -54.15 59.81 -20.20
C ALA F 323 -55.09 60.71 -19.40
N PRO F 324 -55.74 61.69 -20.05
CA PRO F 324 -56.75 62.51 -19.37
C PRO F 324 -57.91 61.66 -18.86
N SER F 325 -58.51 62.12 -17.76
CA SER F 325 -59.54 61.37 -17.03
C SER F 325 -60.86 61.25 -17.78
N THR F 326 -61.07 62.02 -18.85
CA THR F 326 -62.32 61.97 -19.61
C THR F 326 -62.23 61.04 -20.80
N MET F 327 -61.37 60.02 -20.75
CA MET F 327 -61.16 59.11 -21.85
C MET F 327 -61.40 57.68 -21.38
N LYS F 328 -61.94 56.85 -22.26
CA LYS F 328 -62.18 55.44 -21.97
C LYS F 328 -61.01 54.62 -22.46
N ILE F 329 -60.22 54.09 -21.53
CA ILE F 329 -59.06 53.27 -21.85
C ILE F 329 -59.47 51.81 -21.71
N LYS F 330 -59.38 51.05 -22.80
CA LYS F 330 -59.79 49.65 -22.84
C LYS F 330 -58.64 48.82 -23.39
N ILE F 331 -58.21 47.82 -22.63
CA ILE F 331 -57.18 46.89 -23.06
C ILE F 331 -57.86 45.61 -23.54
N ILE F 332 -57.52 45.19 -24.76
CA ILE F 332 -58.10 44.01 -25.38
C ILE F 332 -57.06 42.90 -25.37
N ALA F 333 -57.25 41.92 -24.49
CA ALA F 333 -56.30 40.82 -24.32
C ALA F 333 -57.05 39.49 -24.47
N PRO F 334 -57.22 39.00 -25.70
CA PRO F 334 -57.96 37.74 -25.91
C PRO F 334 -57.16 36.54 -25.41
N PRO F 335 -57.82 35.41 -25.10
CA PRO F 335 -57.08 34.24 -24.62
C PRO F 335 -56.15 33.60 -25.65
N GLU F 336 -56.43 33.75 -26.94
CA GLU F 336 -55.65 33.12 -28.00
C GLU F 336 -54.68 34.10 -28.66
N ARG F 337 -54.23 35.11 -27.92
CA ARG F 337 -53.38 36.15 -28.48
C ARG F 337 -51.94 35.72 -28.73
N LYS F 338 -51.54 34.53 -28.28
CA LYS F 338 -50.19 34.04 -28.60
C LYS F 338 -50.02 33.69 -30.08
N TYR F 339 -51.10 33.34 -30.78
CA TYR F 339 -51.00 32.94 -32.18
C TYR F 339 -51.81 33.86 -33.09
N SER F 340 -52.02 35.11 -32.66
CA SER F 340 -52.84 36.07 -33.40
C SER F 340 -52.27 36.41 -34.76
N VAL F 341 -50.93 36.49 -34.83
CA VAL F 341 -50.23 36.83 -36.06
C VAL F 341 -50.49 35.76 -37.10
N TRP F 342 -50.41 34.49 -36.67
CA TRP F 342 -50.66 33.37 -37.58
C TRP F 342 -52.12 33.34 -38.01
N ILE F 343 -53.02 33.66 -37.06
CA ILE F 343 -54.44 33.68 -37.36
C ILE F 343 -54.74 34.77 -38.38
N GLY F 344 -54.08 35.93 -38.20
CA GLY F 344 -54.23 37.02 -39.15
C GLY F 344 -53.67 36.65 -40.52
N GLY F 345 -52.56 35.90 -40.51
CA GLY F 345 -51.97 35.45 -41.77
C GLY F 345 -52.89 34.50 -42.50
N SER F 346 -53.58 33.63 -41.74
CA SER F 346 -54.55 32.72 -42.34
C SER F 346 -55.75 33.48 -42.85
N ILE F 347 -56.12 34.54 -42.13
CA ILE F 347 -57.19 35.40 -42.62
C ILE F 347 -56.75 36.12 -43.89
N LEU F 348 -55.51 36.66 -43.90
CA LEU F 348 -55.03 37.47 -45.02
C LEU F 348 -54.85 36.61 -46.27
N ALA F 349 -54.31 35.41 -46.10
CA ALA F 349 -54.06 34.54 -47.24
C ALA F 349 -55.36 33.94 -47.78
N SER F 350 -56.48 34.05 -47.05
CA SER F 350 -57.74 33.52 -47.55
C SER F 350 -58.61 34.53 -48.28
N LEU F 351 -58.20 35.81 -48.32
CA LEU F 351 -59.03 36.82 -48.97
C LEU F 351 -58.93 36.71 -50.49
N SER F 352 -60.07 36.92 -51.16
CA SER F 352 -60.08 36.95 -52.62
C SER F 352 -59.44 38.22 -53.18
N THR F 353 -59.41 39.29 -52.40
CA THR F 353 -58.81 40.55 -52.80
C THR F 353 -57.31 40.60 -52.58
N PHE F 354 -56.72 39.55 -52.04
CA PHE F 354 -55.28 39.51 -51.79
C PHE F 354 -54.51 38.78 -52.89
N GLN F 355 -55.19 37.96 -53.70
CA GLN F 355 -54.54 37.08 -54.67
C GLN F 355 -53.81 37.81 -55.79
N GLN F 356 -54.06 39.11 -55.98
CA GLN F 356 -53.36 39.91 -56.96
C GLN F 356 -52.17 40.67 -56.35
N MET F 357 -51.92 40.50 -55.05
CA MET F 357 -50.83 41.17 -54.37
C MET F 357 -49.62 40.28 -54.14
N TRP F 358 -49.66 39.04 -54.64
CA TRP F 358 -48.52 38.14 -54.54
C TRP F 358 -47.37 38.61 -55.44
N ILE F 359 -46.18 38.12 -55.13
CA ILE F 359 -44.99 38.35 -55.95
C ILE F 359 -44.70 37.04 -56.68
N THR F 360 -45.06 36.97 -57.96
CA THR F 360 -44.84 35.76 -58.73
C THR F 360 -43.37 35.61 -59.11
N LYS F 361 -43.04 34.40 -59.58
CA LYS F 361 -41.66 34.08 -59.97
C LYS F 361 -41.22 34.88 -61.20
N GLN F 362 -42.14 35.17 -62.11
CA GLN F 362 -41.81 35.96 -63.30
C GLN F 362 -41.40 37.38 -62.92
N GLU F 363 -42.12 37.98 -61.96
CA GLU F 363 -41.78 39.31 -61.46
C GLU F 363 -40.42 39.32 -60.76
N TYR F 364 -40.13 38.26 -59.98
CA TYR F 364 -38.84 38.16 -59.31
C TYR F 364 -37.72 37.99 -60.32
N ASP F 365 -37.95 37.21 -61.38
CA ASP F 365 -36.96 37.07 -62.44
C ASP F 365 -36.71 38.39 -63.15
N GLU F 366 -37.78 39.15 -63.42
CA GLU F 366 -37.67 40.40 -64.16
C GLU F 366 -37.02 41.50 -63.32
N ALA F 367 -37.32 41.55 -62.03
CA ALA F 367 -36.87 42.66 -61.18
C ALA F 367 -35.71 42.32 -60.25
N GLY F 368 -35.56 41.08 -59.84
CA GLY F 368 -34.52 40.70 -58.92
C GLY F 368 -35.01 40.73 -57.48
N PRO F 369 -34.09 40.62 -56.51
CA PRO F 369 -34.51 40.64 -55.10
C PRO F 369 -34.66 42.04 -54.53
N SER F 370 -35.30 42.95 -55.26
CA SER F 370 -35.61 44.28 -54.77
C SER F 370 -37.07 44.67 -54.93
N ILE F 371 -37.88 43.87 -55.64
CA ILE F 371 -39.30 44.13 -55.77
C ILE F 371 -40.08 43.94 -54.46
N VAL F 372 -39.47 43.31 -53.44
CA VAL F 372 -40.11 43.12 -52.15
C VAL F 372 -40.29 44.44 -51.38
N HIS F 373 -39.60 45.51 -51.78
CA HIS F 373 -39.79 46.83 -51.22
C HIS F 373 -40.84 47.63 -51.98
N ARG F 374 -40.93 47.41 -53.29
CA ARG F 374 -41.91 48.08 -54.14
C ARG F 374 -43.27 47.40 -54.10
N LYS F 375 -43.36 46.21 -53.52
CA LYS F 375 -44.61 45.44 -53.47
C LYS F 375 -45.19 45.39 -52.06
N CYS F 376 -44.41 44.93 -51.09
CA CYS F 376 -44.90 44.78 -49.73
C CYS F 376 -44.51 46.00 -48.91
N PHE F 377 -45.23 46.20 -47.81
CA PHE F 377 -44.91 47.27 -46.87
C PHE F 377 -43.75 46.76 -46.01
N GLU G 6 -18.22 98.92 -15.47
CA GLU G 6 -17.80 98.76 -16.86
C GLU G 6 -18.96 98.99 -17.81
N THR G 7 -20.12 98.41 -17.43
CA THR G 7 -21.42 98.53 -18.15
C THR G 7 -21.32 98.11 -19.61
N THR G 8 -20.59 97.04 -19.88
CA THR G 8 -20.51 96.46 -21.22
C THR G 8 -21.56 95.36 -21.34
N ALA G 9 -22.63 95.67 -22.08
CA ALA G 9 -23.82 94.83 -22.27
C ALA G 9 -23.48 93.39 -22.66
N LEU G 10 -24.32 92.47 -22.21
CA LEU G 10 -24.17 91.06 -22.54
C LEU G 10 -25.16 90.67 -23.62
N VAL G 11 -24.73 89.79 -24.53
CA VAL G 11 -25.59 89.26 -25.58
C VAL G 11 -25.62 87.75 -25.43
N CYS G 12 -26.80 87.20 -25.18
CA CYS G 12 -26.99 85.77 -24.96
C CYS G 12 -28.10 85.27 -25.86
N ASP G 13 -27.81 84.23 -26.63
CA ASP G 13 -28.77 83.61 -27.53
C ASP G 13 -28.98 82.18 -27.06
N ASN G 14 -30.16 81.90 -26.53
CA ASN G 14 -30.52 80.59 -25.99
C ASN G 14 -31.46 79.96 -27.02
N GLY G 15 -30.89 79.18 -27.93
CA GLY G 15 -31.67 78.44 -28.89
C GLY G 15 -32.14 77.10 -28.33
N SER G 16 -32.75 76.32 -29.21
CA SER G 16 -33.20 74.98 -28.81
C SER G 16 -32.03 74.02 -28.59
N GLY G 17 -30.92 74.22 -29.30
CA GLY G 17 -29.83 73.26 -29.21
C GLY G 17 -28.54 73.79 -28.62
N LEU G 18 -28.24 75.07 -28.86
CA LEU G 18 -26.95 75.63 -28.48
C LEU G 18 -27.17 76.97 -27.79
N VAL G 19 -26.22 77.33 -26.92
CA VAL G 19 -26.18 78.64 -26.27
C VAL G 19 -24.97 79.39 -26.79
N LYS G 20 -25.21 80.60 -27.30
CA LYS G 20 -24.15 81.48 -27.80
C LYS G 20 -24.17 82.75 -26.97
N ALA G 21 -23.19 82.91 -26.09
CA ALA G 21 -23.16 84.03 -25.16
C ALA G 21 -21.83 84.77 -25.29
N GLY G 22 -21.90 86.08 -25.09
CA GLY G 22 -20.69 86.88 -25.16
C GLY G 22 -20.97 88.34 -24.85
N PHE G 23 -20.00 89.18 -25.19
CA PHE G 23 -20.04 90.60 -24.90
C PHE G 23 -20.36 91.39 -26.17
N ALA G 24 -21.16 92.43 -26.00
CA ALA G 24 -21.53 93.31 -27.10
C ALA G 24 -20.34 94.09 -27.63
N GLY G 25 -20.36 94.35 -28.94
CA GLY G 25 -19.24 94.99 -29.60
C GLY G 25 -18.20 94.05 -30.17
N ASP G 26 -18.35 92.75 -29.97
CA ASP G 26 -17.39 91.79 -30.48
C ASP G 26 -17.81 91.32 -31.89
N ASP G 27 -17.01 90.41 -32.44
CA ASP G 27 -17.28 89.83 -33.76
C ASP G 27 -17.81 88.41 -33.68
N ALA G 28 -17.39 87.64 -32.68
CA ALA G 28 -17.82 86.26 -32.51
C ALA G 28 -18.18 86.04 -31.04
N PRO G 29 -19.14 85.14 -30.77
CA PRO G 29 -19.50 84.83 -29.38
C PRO G 29 -18.35 84.17 -28.61
N ARG G 30 -18.25 84.52 -27.32
CA ARG G 30 -17.18 83.99 -26.49
C ARG G 30 -17.43 82.54 -26.13
N ALA G 31 -18.67 82.19 -25.76
CA ALA G 31 -19.00 80.87 -25.26
C ALA G 31 -20.11 80.28 -26.13
N VAL G 32 -19.79 79.21 -26.85
CA VAL G 32 -20.74 78.47 -27.66
C VAL G 32 -20.75 77.05 -27.12
N PHE G 33 -21.84 76.66 -26.46
CA PHE G 33 -21.85 75.35 -25.85
C PHE G 33 -23.24 74.72 -26.00
N PRO G 34 -23.33 73.38 -26.05
CA PRO G 34 -24.65 72.72 -26.19
C PRO G 34 -25.55 72.96 -24.99
N SER G 35 -26.84 73.13 -25.27
CA SER G 35 -27.83 73.45 -24.24
C SER G 35 -28.46 72.16 -23.71
N ILE G 36 -27.67 71.44 -22.92
CA ILE G 36 -28.09 70.16 -22.35
C ILE G 36 -27.73 70.14 -20.87
N VAL G 37 -28.51 69.37 -20.11
CA VAL G 37 -28.21 69.06 -18.71
C VAL G 37 -28.16 67.55 -18.57
N GLY G 38 -27.07 67.05 -18.00
CA GLY G 38 -26.88 65.62 -17.84
C GLY G 38 -27.00 65.23 -16.38
N ARG G 39 -27.64 64.11 -16.12
CA ARG G 39 -27.74 63.56 -14.77
C ARG G 39 -27.39 62.08 -14.78
N PRO G 40 -26.68 61.59 -13.75
CA PRO G 40 -26.23 60.19 -13.78
C PRO G 40 -27.37 59.19 -13.69
N ARG G 41 -27.18 58.06 -14.35
CA ARG G 41 -28.16 57.00 -14.39
C ARG G 41 -27.67 55.68 -13.80
N HIS G 42 -26.40 55.57 -13.47
CA HIS G 42 -25.83 54.34 -12.95
C HIS G 42 -25.47 54.53 -11.47
N GLN G 43 -24.89 53.47 -10.90
CA GLN G 43 -24.61 53.42 -9.47
C GLN G 43 -23.18 53.87 -9.21
N GLY G 44 -23.02 54.83 -8.30
CA GLY G 44 -21.69 55.31 -7.93
C GLY G 44 -21.09 54.44 -6.86
N VAL G 45 -19.83 54.06 -7.06
CA VAL G 45 -19.15 53.13 -6.16
C VAL G 45 -17.88 53.70 -5.54
N MET G 46 -17.29 54.75 -6.11
CA MET G 46 -16.07 55.33 -5.59
C MET G 46 -16.41 56.60 -4.82
N VAL G 47 -16.02 56.64 -3.54
CA VAL G 47 -16.46 57.66 -2.61
C VAL G 47 -15.68 58.96 -2.86
N GLY G 48 -16.35 60.09 -2.66
CA GLY G 48 -15.74 61.38 -2.81
C GLY G 48 -15.55 61.76 -4.26
N MET G 49 -14.28 61.92 -4.67
CA MET G 49 -13.78 62.22 -6.05
C MET G 49 -14.54 63.32 -6.81
N GLY G 50 -15.13 64.27 -6.07
CA GLY G 50 -15.79 65.44 -6.65
C GLY G 50 -16.94 65.12 -7.59
N GLN G 51 -17.75 64.11 -7.26
CA GLN G 51 -18.90 63.76 -8.09
C GLN G 51 -20.02 64.76 -7.90
N LYS G 52 -20.58 65.21 -9.02
CA LYS G 52 -21.66 66.18 -9.04
C LYS G 52 -22.96 65.50 -9.43
N ASP G 53 -24.08 66.07 -8.96
CA ASP G 53 -25.38 65.51 -9.28
C ASP G 53 -25.87 65.90 -10.66
N SER G 54 -25.26 66.93 -11.27
CA SER G 54 -25.65 67.38 -12.59
C SER G 54 -24.45 67.99 -13.30
N TYR G 55 -24.48 67.93 -14.63
CA TYR G 55 -23.41 68.46 -15.47
C TYR G 55 -24.06 69.27 -16.59
N VAL G 56 -23.41 70.37 -16.96
CA VAL G 56 -23.98 71.33 -17.90
C VAL G 56 -22.96 71.61 -18.99
N GLY G 57 -23.39 71.51 -20.24
CA GLY G 57 -22.62 72.04 -21.36
C GLY G 57 -21.62 71.05 -21.90
N ASP G 58 -20.38 71.51 -22.08
CA ASP G 58 -19.32 70.66 -22.62
C ASP G 58 -18.92 69.54 -21.68
N GLU G 59 -19.00 69.78 -20.36
CA GLU G 59 -18.67 68.75 -19.38
C GLU G 59 -19.67 67.60 -19.43
N ALA G 60 -20.95 67.92 -19.64
CA ALA G 60 -21.97 66.89 -19.79
C ALA G 60 -21.77 66.11 -21.09
N GLN G 61 -21.38 66.80 -22.16
CA GLN G 61 -21.14 66.16 -23.44
C GLN G 61 -19.91 65.24 -23.39
N SER G 62 -18.88 65.63 -22.63
CA SER G 62 -17.68 64.80 -22.54
C SER G 62 -17.92 63.54 -21.73
N LYS G 63 -18.80 63.62 -20.73
CA LYS G 63 -19.09 62.50 -19.84
C LYS G 63 -20.43 61.85 -20.15
N ARG G 64 -20.90 61.94 -21.40
CA ARG G 64 -22.25 61.54 -21.78
C ARG G 64 -22.48 60.03 -21.72
N GLY G 65 -21.42 59.22 -21.60
CA GLY G 65 -21.55 57.78 -21.56
C GLY G 65 -22.19 57.23 -20.31
N ILE G 66 -22.21 58.01 -19.22
CA ILE G 66 -22.83 57.61 -17.97
C ILE G 66 -23.93 58.59 -17.55
N LEU G 67 -24.38 59.44 -18.46
CA LEU G 67 -25.38 60.46 -18.15
C LEU G 67 -26.59 60.33 -19.06
N THR G 68 -27.73 60.80 -18.56
CA THR G 68 -28.91 61.05 -19.35
C THR G 68 -28.98 62.55 -19.62
N LEU G 69 -29.10 62.91 -20.89
CA LEU G 69 -29.05 64.30 -21.33
C LEU G 69 -30.45 64.79 -21.65
N LYS G 70 -30.82 65.93 -21.07
CA LYS G 70 -32.11 66.55 -21.33
C LYS G 70 -31.91 67.94 -21.90
N TYR G 71 -32.73 68.29 -22.89
CA TYR G 71 -32.76 69.63 -23.43
C TYR G 71 -33.80 70.45 -22.70
N PRO G 72 -33.44 71.54 -22.01
CA PRO G 72 -34.44 72.38 -21.33
C PRO G 72 -35.42 73.08 -22.27
N ILE G 73 -35.08 73.27 -23.54
CA ILE G 73 -35.92 74.01 -24.47
C ILE G 73 -36.35 73.06 -25.59
N GLU G 74 -37.65 72.96 -25.82
CA GLU G 74 -38.18 72.15 -26.91
C GLU G 74 -39.08 73.02 -27.80
N HIC G 75 -38.73 73.09 -29.08
CA HIC G 75 -39.44 73.84 -30.11
C HIC G 75 -39.55 75.32 -29.78
O HIC G 75 -40.55 76.02 -29.98
CB HIC G 75 -40.87 73.36 -30.44
CG HIC G 75 -40.93 71.91 -30.69
ND1 HIC G 75 -41.67 70.99 -29.93
CD2 HIC G 75 -40.26 71.23 -31.73
CE1 HIC G 75 -41.45 69.79 -30.50
NE2 HIC G 75 -40.60 69.88 -31.60
CZ HIC G 75 -40.15 68.81 -32.43
N GLY G 76 -38.46 75.84 -29.21
CA GLY G 76 -38.35 77.23 -28.85
C GLY G 76 -39.07 77.63 -27.58
N ILE G 77 -39.58 76.65 -26.84
CA ILE G 77 -40.34 76.89 -25.61
C ILE G 77 -39.59 76.23 -24.46
N ILE G 78 -39.39 76.97 -23.39
CA ILE G 78 -38.70 76.46 -22.21
C ILE G 78 -39.65 75.55 -21.44
N THR G 79 -39.34 74.25 -21.41
CA THR G 79 -40.20 73.28 -20.74
C THR G 79 -39.80 73.01 -19.31
N ASN G 80 -38.50 73.04 -18.99
CA ASN G 80 -38.02 72.85 -17.63
C ASN G 80 -37.26 74.10 -17.22
N TRP G 81 -37.61 74.65 -16.06
CA TRP G 81 -37.08 75.94 -15.64
C TRP G 81 -35.89 75.84 -14.69
N ASP G 82 -35.82 74.77 -13.88
CA ASP G 82 -34.65 74.55 -13.04
C ASP G 82 -33.40 74.29 -13.87
N ASP G 83 -33.54 73.47 -14.93
CA ASP G 83 -32.43 73.25 -15.86
C ASP G 83 -32.06 74.51 -16.61
N MET G 84 -33.05 75.36 -16.93
CA MET G 84 -32.78 76.64 -17.57
C MET G 84 -32.01 77.57 -16.66
N GLU G 85 -32.35 77.57 -15.36
CA GLU G 85 -31.59 78.31 -14.36
C GLU G 85 -30.16 77.79 -14.26
N LYS G 86 -29.98 76.47 -14.36
CA LYS G 86 -28.64 75.88 -14.38
C LYS G 86 -27.83 76.35 -15.59
N ILE G 87 -28.46 76.38 -16.77
CA ILE G 87 -27.80 76.82 -18.01
C ILE G 87 -27.39 78.30 -17.89
N TRP G 88 -28.29 79.14 -17.37
CA TRP G 88 -27.99 80.56 -17.25
C TRP G 88 -26.93 80.83 -16.20
N HIS G 89 -26.96 80.09 -15.08
CA HIS G 89 -25.92 80.19 -14.05
C HIS G 89 -24.56 79.77 -14.59
N HIS G 90 -24.52 78.68 -15.37
CA HIS G 90 -23.28 78.24 -16.00
C HIS G 90 -22.74 79.26 -16.99
N THR G 91 -23.62 79.84 -17.82
CA THR G 91 -23.15 80.77 -18.83
C THR G 91 -22.83 82.15 -18.24
N PHE G 92 -23.30 82.45 -17.02
CA PHE G 92 -22.93 83.71 -16.41
C PHE G 92 -21.66 83.59 -15.55
N TYR G 93 -21.58 82.59 -14.68
CA TYR G 93 -20.50 82.54 -13.71
C TYR G 93 -19.32 81.68 -14.14
N ASN G 94 -19.55 80.64 -14.93
CA ASN G 94 -18.50 79.69 -15.30
C ASN G 94 -17.91 79.93 -16.67
N GLU G 95 -18.73 80.30 -17.66
CA GLU G 95 -18.24 80.49 -19.02
C GLU G 95 -17.79 81.92 -19.28
N LEU G 96 -18.70 82.88 -19.12
CA LEU G 96 -18.34 84.28 -19.36
C LEU G 96 -17.51 84.89 -18.25
N ARG G 97 -17.51 84.28 -17.05
CA ARG G 97 -16.73 84.70 -15.87
C ARG G 97 -17.04 86.14 -15.46
N VAL G 98 -18.33 86.46 -15.38
CA VAL G 98 -18.78 87.82 -15.15
C VAL G 98 -19.83 87.80 -14.04
N ALA G 99 -20.01 88.96 -13.41
CA ALA G 99 -21.02 89.14 -12.38
C ALA G 99 -22.24 89.82 -12.98
N PRO G 100 -23.41 89.18 -12.94
CA PRO G 100 -24.58 89.68 -13.72
C PRO G 100 -25.17 91.00 -13.24
N GLU G 101 -24.87 91.46 -12.03
CA GLU G 101 -25.58 92.60 -11.46
C GLU G 101 -25.14 93.95 -12.04
N GLU G 102 -24.08 93.97 -12.85
CA GLU G 102 -23.58 95.21 -13.44
C GLU G 102 -23.52 95.15 -14.96
N HIS G 103 -24.29 94.25 -15.58
CA HIS G 103 -24.32 94.15 -17.04
C HIS G 103 -25.74 93.97 -17.56
N PRO G 104 -26.21 94.85 -18.44
CA PRO G 104 -27.48 94.62 -19.12
C PRO G 104 -27.40 93.42 -20.06
N THR G 105 -28.54 92.74 -20.24
CA THR G 105 -28.58 91.48 -20.95
C THR G 105 -29.58 91.55 -22.10
N LEU G 106 -29.18 91.03 -23.26
CA LEU G 106 -30.04 90.92 -24.42
C LEU G 106 -30.31 89.44 -24.70
N LEU G 107 -31.58 89.08 -24.74
CA LEU G 107 -32.02 87.72 -25.00
C LEU G 107 -32.85 87.68 -26.27
N THR G 108 -33.01 86.49 -26.83
CA THR G 108 -33.68 86.31 -28.11
C THR G 108 -34.86 85.36 -27.93
N GLU G 109 -35.85 85.50 -28.81
CA GLU G 109 -37.02 84.62 -28.79
C GLU G 109 -37.59 84.49 -30.18
N ALA G 110 -38.09 83.29 -30.49
CA ALA G 110 -38.72 83.04 -31.77
C ALA G 110 -40.11 83.69 -31.82
N PRO G 111 -40.61 84.04 -33.01
CA PRO G 111 -41.97 84.58 -33.11
C PRO G 111 -43.03 83.53 -32.78
N LEU G 112 -44.21 84.04 -32.38
CA LEU G 112 -45.42 83.26 -32.09
C LEU G 112 -45.20 82.25 -30.95
N ASN G 113 -44.39 82.63 -29.99
CA ASN G 113 -44.17 81.89 -28.75
C ASN G 113 -45.23 82.27 -27.72
N PRO G 114 -45.46 81.43 -26.70
CA PRO G 114 -46.34 81.83 -25.59
C PRO G 114 -45.81 83.03 -24.83
N LYS G 115 -46.75 83.84 -24.31
CA LYS G 115 -46.40 85.02 -23.52
C LYS G 115 -45.78 84.64 -22.18
N ALA G 116 -46.19 83.50 -21.62
CA ALA G 116 -45.73 83.06 -20.30
C ALA G 116 -44.23 82.79 -20.27
N ASN G 117 -43.68 82.33 -21.41
CA ASN G 117 -42.25 82.07 -21.54
C ASN G 117 -41.46 83.36 -21.38
N ARG G 118 -41.87 84.42 -22.09
CA ARG G 118 -41.21 85.73 -21.99
C ARG G 118 -41.38 86.34 -20.60
N GLU G 119 -42.58 86.19 -20.00
CA GLU G 119 -42.83 86.70 -18.66
C GLU G 119 -41.93 86.04 -17.63
N LYS G 120 -41.80 84.71 -17.71
CA LYS G 120 -40.96 84.01 -16.74
C LYS G 120 -39.48 84.24 -17.01
N MET G 121 -39.07 84.46 -18.27
CA MET G 121 -37.70 84.88 -18.56
C MET G 121 -37.37 86.22 -17.92
N THR G 122 -38.29 87.18 -18.03
CA THR G 122 -38.12 88.49 -17.40
C THR G 122 -38.05 88.36 -15.87
N GLN G 123 -38.93 87.53 -15.30
CA GLN G 123 -38.98 87.33 -13.85
C GLN G 123 -37.70 86.69 -13.33
N ILE G 124 -37.17 85.68 -14.05
CA ILE G 124 -35.94 85.02 -13.62
C ILE G 124 -34.74 85.95 -13.77
N MET G 125 -34.65 86.70 -14.88
CA MET G 125 -33.54 87.62 -15.08
C MET G 125 -33.56 88.80 -14.11
N PHE G 126 -34.74 89.18 -13.59
CA PHE G 126 -34.81 90.30 -12.68
C PHE G 126 -34.86 89.91 -11.20
N GLU G 127 -35.17 88.66 -10.87
CA GLU G 127 -35.32 88.29 -9.48
C GLU G 127 -34.31 87.26 -8.97
N THR G 128 -33.58 86.59 -9.86
CA THR G 128 -32.60 85.61 -9.40
C THR G 128 -31.19 85.95 -9.84
N PHE G 129 -31.01 86.42 -11.06
CA PHE G 129 -29.70 86.82 -11.59
C PHE G 129 -29.68 88.32 -11.87
N ASN G 130 -30.24 89.10 -10.92
CA ASN G 130 -30.80 90.45 -11.10
C ASN G 130 -29.92 91.43 -11.86
N VAL G 131 -30.41 91.83 -13.03
CA VAL G 131 -29.67 92.68 -13.96
C VAL G 131 -30.22 94.10 -13.88
N PRO G 132 -29.41 95.13 -14.18
CA PRO G 132 -29.96 96.49 -14.27
C PRO G 132 -31.03 96.65 -15.34
N ALA G 133 -30.89 95.93 -16.45
CA ALA G 133 -31.85 96.00 -17.55
C ALA G 133 -31.72 94.73 -18.39
N MET G 134 -32.81 94.39 -19.07
CA MET G 134 -32.80 93.26 -20.00
C MET G 134 -33.74 93.59 -21.15
N TYR G 135 -33.48 92.99 -22.30
CA TYR G 135 -34.31 93.20 -23.48
C TYR G 135 -34.41 91.93 -24.28
N VAL G 136 -35.62 91.61 -24.73
CA VAL G 136 -35.89 90.42 -25.53
C VAL G 136 -36.18 90.87 -26.95
N ALA G 137 -35.53 90.22 -27.92
CA ALA G 137 -35.63 90.60 -29.32
C ALA G 137 -35.97 89.39 -30.17
N ILE G 138 -36.54 89.68 -31.35
CA ILE G 138 -36.85 88.66 -32.34
C ILE G 138 -35.58 88.32 -33.11
N GLN G 139 -35.40 87.02 -33.42
CA GLN G 139 -34.15 86.52 -33.98
C GLN G 139 -33.96 86.98 -35.43
N ALA G 140 -35.06 87.00 -36.20
CA ALA G 140 -34.99 87.35 -37.62
C ALA G 140 -34.63 88.81 -37.83
N VAL G 141 -35.08 89.69 -36.93
CA VAL G 141 -34.69 91.10 -36.97
C VAL G 141 -33.18 91.24 -36.77
N LEU G 142 -32.61 90.45 -35.84
CA LEU G 142 -31.17 90.44 -35.63
C LEU G 142 -30.43 89.89 -36.85
N SER G 143 -31.01 88.86 -37.49
CA SER G 143 -30.40 88.31 -38.70
C SER G 143 -30.38 89.33 -39.84
N LEU G 144 -31.44 90.11 -39.97
CA LEU G 144 -31.45 91.19 -40.95
C LEU G 144 -30.50 92.33 -40.57
N TYR G 145 -30.34 92.59 -39.27
CA TYR G 145 -29.35 93.55 -38.78
C TYR G 145 -27.93 93.15 -39.14
N ALA G 146 -27.60 91.86 -38.99
CA ALA G 146 -26.25 91.39 -39.29
C ALA G 146 -25.98 91.38 -40.79
N SER G 147 -27.00 91.19 -41.61
CA SER G 147 -26.83 91.19 -43.06
C SER G 147 -26.51 92.56 -43.64
N GLY G 148 -26.63 93.64 -42.87
CA GLY G 148 -26.26 94.96 -43.30
C GLY G 148 -27.33 95.74 -44.02
N ARG G 149 -28.47 95.13 -44.32
CA ARG G 149 -29.53 95.80 -45.08
C ARG G 149 -30.76 95.98 -44.21
N THR G 150 -31.75 96.69 -44.76
CA THR G 150 -32.97 97.04 -44.05
C THR G 150 -34.19 96.28 -44.55
N THR G 151 -34.24 95.96 -45.84
CA THR G 151 -35.37 95.26 -46.44
C THR G 151 -34.96 93.83 -46.79
N GLY G 152 -35.83 92.88 -46.46
CA GLY G 152 -35.57 91.49 -46.77
C GLY G 152 -36.50 90.58 -46.00
N ILE G 153 -36.54 89.33 -46.45
CA ILE G 153 -37.30 88.28 -45.81
C ILE G 153 -36.33 87.25 -45.24
N VAL G 154 -36.41 87.02 -43.94
CA VAL G 154 -35.47 86.17 -43.22
C VAL G 154 -36.10 84.81 -42.99
N LEU G 155 -35.40 83.76 -43.43
CA LEU G 155 -35.71 82.37 -43.11
C LEU G 155 -34.72 81.91 -42.05
N ASP G 156 -35.17 81.82 -40.80
CA ASP G 156 -34.31 81.40 -39.70
C ASP G 156 -34.72 80.01 -39.28
N SER G 157 -33.81 79.05 -39.45
CA SER G 157 -34.06 77.66 -39.07
C SER G 157 -32.96 77.21 -38.13
N GLY G 158 -33.34 76.77 -36.93
CA GLY G 158 -32.35 76.34 -35.97
C GLY G 158 -32.51 74.90 -35.54
N ASP G 159 -32.61 74.67 -34.23
CA ASP G 159 -32.75 73.32 -33.70
C ASP G 159 -34.20 72.99 -33.33
N GLY G 160 -35.04 73.98 -33.10
CA GLY G 160 -36.42 73.69 -32.74
C GLY G 160 -37.49 74.27 -33.63
N VAL G 161 -37.23 75.42 -34.27
CA VAL G 161 -38.24 76.12 -35.06
C VAL G 161 -37.63 76.55 -36.39
N THR G 162 -38.52 76.83 -37.35
CA THR G 162 -38.15 77.39 -38.64
C THR G 162 -39.16 78.49 -38.97
N HIS G 163 -38.74 79.74 -38.92
CA HIS G 163 -39.68 80.84 -39.09
C HIS G 163 -39.25 81.80 -40.18
N ASN G 164 -40.23 82.29 -40.92
CA ASN G 164 -40.04 83.29 -41.97
C ASN G 164 -40.65 84.60 -41.49
N VAL G 165 -39.84 85.67 -41.52
CA VAL G 165 -40.30 87.00 -41.18
C VAL G 165 -39.92 87.98 -42.29
N PRO G 166 -40.88 88.63 -42.97
CA PRO G 166 -40.51 89.67 -43.93
C PRO G 166 -40.54 91.08 -43.34
N ILE G 167 -39.55 91.91 -43.68
CA ILE G 167 -39.42 93.28 -43.19
C ILE G 167 -39.12 94.15 -44.39
N TYR G 168 -39.83 95.26 -44.55
CA TYR G 168 -39.61 96.19 -45.64
C TYR G 168 -39.36 97.58 -45.08
N GLU G 169 -38.15 98.10 -45.29
CA GLU G 169 -37.68 99.42 -44.83
C GLU G 169 -37.82 99.60 -43.33
N GLY G 170 -37.57 98.54 -42.57
CA GLY G 170 -37.61 98.58 -41.13
C GLY G 170 -38.97 98.35 -40.52
N TYR G 171 -40.00 98.18 -41.35
CA TYR G 171 -41.34 97.89 -40.88
C TYR G 171 -41.63 96.41 -41.09
N ALA G 172 -42.10 95.74 -40.04
CA ALA G 172 -42.43 94.33 -40.12
C ALA G 172 -43.91 94.15 -40.43
N LEU G 173 -44.22 93.00 -41.04
CA LEU G 173 -45.59 92.64 -41.42
C LEU G 173 -45.95 91.39 -40.63
N PRO G 174 -46.58 91.54 -39.44
CA PRO G 174 -46.85 90.37 -38.58
C PRO G 174 -47.85 89.38 -39.15
N HIS G 175 -48.72 89.81 -40.08
CA HIS G 175 -49.69 88.89 -40.66
C HIS G 175 -49.09 87.92 -41.66
N ALA G 176 -47.88 88.18 -42.14
CA ALA G 176 -47.18 87.29 -43.05
C ALA G 176 -46.06 86.51 -42.39
N ILE G 177 -45.95 86.57 -41.07
CA ILE G 177 -44.93 85.80 -40.37
C ILE G 177 -45.37 84.34 -40.29
N MET G 178 -44.50 83.44 -40.74
CA MET G 178 -44.81 82.02 -40.79
C MET G 178 -43.90 81.26 -39.84
N ARG G 179 -44.43 80.19 -39.26
CA ARG G 179 -43.67 79.39 -38.31
C ARG G 179 -43.97 77.92 -38.56
N LEU G 180 -42.92 77.12 -38.69
CA LEU G 180 -43.01 75.68 -38.90
C LEU G 180 -42.17 74.97 -37.84
N ASP G 181 -42.79 74.05 -37.11
CA ASP G 181 -42.11 73.28 -36.07
C ASP G 181 -41.38 72.08 -36.65
N LEU G 182 -40.41 72.37 -37.51
CA LEU G 182 -39.59 71.36 -38.17
C LEU G 182 -38.19 71.92 -38.32
N ALA G 183 -37.23 71.31 -37.64
CA ALA G 183 -35.87 71.86 -37.59
C ALA G 183 -34.89 70.70 -37.45
N GLY G 184 -33.70 71.02 -36.94
CA GLY G 184 -32.58 70.07 -36.95
C GLY G 184 -32.81 68.82 -36.12
N ARG G 185 -33.50 68.96 -34.97
CA ARG G 185 -33.72 67.82 -34.09
C ARG G 185 -34.67 66.80 -34.73
N ASP G 186 -35.66 67.29 -35.48
CA ASP G 186 -36.57 66.41 -36.23
C ASP G 186 -35.80 65.65 -37.31
N LEU G 187 -34.85 66.32 -37.97
CA LEU G 187 -34.01 65.66 -38.96
C LEU G 187 -33.10 64.63 -38.31
N THR G 188 -32.62 64.92 -37.09
CA THR G 188 -31.84 63.95 -36.33
C THR G 188 -32.65 62.71 -35.99
N ASP G 189 -33.90 62.91 -35.55
CA ASP G 189 -34.79 61.79 -35.25
C ASP G 189 -35.11 60.97 -36.50
N TYR G 190 -35.32 61.65 -37.63
CA TYR G 190 -35.59 60.95 -38.89
C TYR G 190 -34.36 60.16 -39.36
N LEU G 191 -33.16 60.72 -39.15
CA LEU G 191 -31.94 60.00 -39.48
C LEU G 191 -31.77 58.77 -38.58
N MET G 192 -32.11 58.89 -37.29
CA MET G 192 -32.11 57.74 -36.38
C MET G 192 -33.08 56.66 -36.85
N LYS G 193 -34.26 57.09 -37.34
CA LYS G 193 -35.23 56.12 -37.86
C LYS G 193 -34.72 55.41 -39.11
N ILE G 194 -34.10 56.15 -40.04
CA ILE G 194 -33.74 55.56 -41.33
C ILE G 194 -32.36 54.90 -41.34
N LEU G 195 -31.55 55.07 -40.30
CA LEU G 195 -30.32 54.28 -40.22
C LEU G 195 -30.56 52.83 -39.81
N THR G 196 -31.77 52.48 -39.34
CA THR G 196 -32.10 51.10 -39.05
C THR G 196 -32.25 50.23 -40.29
N GLU G 197 -32.34 50.83 -41.48
CA GLU G 197 -32.40 50.05 -42.72
C GLU G 197 -31.09 49.37 -43.03
N ARG G 198 -29.97 49.93 -42.60
CA ARG G 198 -28.66 49.32 -42.82
C ARG G 198 -28.15 48.54 -41.62
N GLY G 199 -28.99 48.37 -40.59
CA GLY G 199 -28.65 47.53 -39.46
C GLY G 199 -28.05 48.25 -38.27
N TYR G 200 -27.90 49.57 -38.34
CA TYR G 200 -27.33 50.33 -37.23
C TYR G 200 -28.46 50.75 -36.28
N SER G 201 -28.26 50.54 -34.99
CA SER G 201 -29.27 50.85 -33.98
C SER G 201 -28.72 51.89 -33.01
N PHE G 202 -29.26 53.10 -33.10
CA PHE G 202 -28.99 54.18 -32.15
C PHE G 202 -30.27 54.48 -31.40
N VAL G 203 -30.24 54.35 -30.07
CA VAL G 203 -31.44 54.39 -29.25
C VAL G 203 -31.30 55.43 -28.15
N THR G 204 -30.22 55.34 -27.37
CA THR G 204 -30.03 56.19 -26.20
C THR G 204 -29.72 57.63 -26.62
N THR G 205 -29.93 58.54 -25.66
CA THR G 205 -29.70 59.97 -25.89
C THR G 205 -28.23 60.32 -26.13
N ALA G 206 -27.29 59.48 -25.65
CA ALA G 206 -25.89 59.69 -25.96
C ALA G 206 -25.59 59.40 -27.42
N GLU G 207 -26.29 58.45 -28.02
CA GLU G 207 -26.14 58.14 -29.44
C GLU G 207 -26.83 59.14 -30.35
N ARG G 208 -27.80 59.90 -29.83
CA ARG G 208 -28.43 60.96 -30.59
C ARG G 208 -27.42 62.05 -30.98
N GLU G 209 -26.47 62.34 -30.10
CA GLU G 209 -25.41 63.29 -30.42
C GLU G 209 -24.48 62.74 -31.51
N ILE G 210 -24.23 61.42 -31.48
CA ILE G 210 -23.44 60.77 -32.53
C ILE G 210 -24.14 60.90 -33.89
N VAL G 211 -25.46 60.66 -33.91
CA VAL G 211 -26.24 60.78 -35.14
C VAL G 211 -26.25 62.24 -35.62
N ARG G 212 -26.31 63.19 -34.66
CA ARG G 212 -26.25 64.61 -34.98
C ARG G 212 -24.91 64.97 -35.62
N ASP G 213 -23.82 64.41 -35.09
CA ASP G 213 -22.50 64.63 -35.67
C ASP G 213 -22.39 64.06 -37.08
N ILE G 214 -22.96 62.86 -37.30
CA ILE G 214 -23.03 62.26 -38.64
C ILE G 214 -23.77 63.17 -39.61
N LYS G 215 -24.90 63.73 -39.16
CA LYS G 215 -25.70 64.64 -39.98
C LYS G 215 -24.94 65.91 -40.30
N GLU G 216 -24.23 66.48 -39.32
CA GLU G 216 -23.47 67.70 -39.55
C GLU G 216 -22.27 67.48 -40.48
N LYS G 217 -21.69 66.29 -40.47
CA LYS G 217 -20.49 66.07 -41.27
C LYS G 217 -20.74 65.51 -42.66
N LEU G 218 -21.77 64.68 -42.85
CA LEU G 218 -21.91 63.91 -44.08
C LEU G 218 -23.15 64.19 -44.91
N CYS G 219 -24.13 64.94 -44.40
CA CYS G 219 -25.37 65.15 -45.13
C CYS G 219 -25.30 66.39 -46.00
N TYR G 220 -26.10 66.38 -47.07
CA TYR G 220 -26.15 67.48 -48.04
C TYR G 220 -27.49 67.42 -48.74
N VAL G 221 -27.83 68.52 -49.42
CA VAL G 221 -29.12 68.68 -50.10
C VAL G 221 -28.92 68.48 -51.59
N ALA G 222 -29.69 67.57 -52.18
CA ALA G 222 -29.60 67.29 -53.60
C ALA G 222 -30.31 68.38 -54.40
N LEU G 223 -29.77 68.70 -55.57
CA LEU G 223 -30.44 69.65 -56.46
C LEU G 223 -31.67 69.05 -57.11
N ASP G 224 -31.60 67.78 -57.50
CA ASP G 224 -32.74 67.03 -58.00
C ASP G 224 -32.81 65.72 -57.21
N PHE G 225 -33.95 65.47 -56.57
CA PHE G 225 -34.06 64.32 -55.68
C PHE G 225 -34.13 63.01 -56.44
N GLU G 226 -34.95 62.94 -57.50
CA GLU G 226 -35.14 61.70 -58.25
C GLU G 226 -33.88 61.29 -59.01
N ASN G 227 -33.18 62.27 -59.62
CA ASN G 227 -31.94 61.98 -60.33
C ASN G 227 -30.86 61.48 -59.40
N GLU G 228 -30.75 62.07 -58.20
CA GLU G 228 -29.76 61.61 -57.23
C GLU G 228 -30.13 60.25 -56.65
N MET G 229 -31.42 59.97 -56.47
CA MET G 229 -31.84 58.63 -56.06
C MET G 229 -31.50 57.58 -57.12
N ALA G 230 -31.71 57.92 -58.39
CA ALA G 230 -31.34 57.02 -59.48
C ALA G 230 -29.83 56.82 -59.56
N THR G 231 -29.07 57.89 -59.35
CA THR G 231 -27.60 57.81 -59.35
C THR G 231 -27.10 56.94 -58.20
N ALA G 232 -27.70 57.08 -57.01
CA ALA G 232 -27.37 56.25 -55.86
C ALA G 232 -27.73 54.79 -56.10
N ALA G 233 -28.87 54.56 -56.76
CA ALA G 233 -29.30 53.20 -57.08
C ALA G 233 -28.39 52.56 -58.14
N SER G 234 -27.78 53.38 -59.00
CA SER G 234 -26.93 52.85 -60.05
C SER G 234 -25.56 52.44 -59.52
N SER G 235 -24.81 53.37 -58.97
CA SER G 235 -23.44 53.13 -58.57
C SER G 235 -23.23 53.54 -57.11
N SER G 236 -22.20 52.95 -56.51
CA SER G 236 -21.82 53.27 -55.13
C SER G 236 -20.73 54.33 -55.09
N SER G 237 -21.03 55.47 -55.71
CA SER G 237 -20.14 56.61 -55.71
C SER G 237 -20.53 57.66 -54.67
N LEU G 238 -21.76 57.63 -54.19
CA LEU G 238 -22.27 58.55 -53.20
C LEU G 238 -22.14 58.03 -51.77
N GLU G 239 -21.50 56.88 -51.58
CA GLU G 239 -21.43 56.27 -50.26
C GLU G 239 -20.20 56.78 -49.51
N LYS G 240 -20.39 57.14 -48.25
CA LYS G 240 -19.31 57.64 -47.41
C LYS G 240 -19.25 56.85 -46.12
N SER G 241 -18.05 56.80 -45.54
CA SER G 241 -17.79 56.05 -44.33
C SER G 241 -17.54 56.98 -43.14
N TYR G 242 -18.04 56.57 -41.98
CA TYR G 242 -17.90 57.32 -40.74
C TYR G 242 -17.45 56.37 -39.64
N GLU G 243 -16.49 56.81 -38.83
CA GLU G 243 -15.95 55.98 -37.76
C GLU G 243 -16.63 56.34 -36.45
N LEU G 244 -17.20 55.34 -35.80
CA LEU G 244 -17.91 55.50 -34.53
C LEU G 244 -16.91 55.67 -33.39
N PRO G 245 -17.35 56.18 -32.22
CA PRO G 245 -16.44 56.32 -31.07
C PRO G 245 -15.82 55.02 -30.56
N ASP G 246 -16.44 53.86 -30.79
CA ASP G 246 -15.89 52.59 -30.36
C ASP G 246 -15.10 51.89 -31.46
N GLY G 247 -14.76 52.59 -32.54
CA GLY G 247 -13.95 52.04 -33.60
C GLY G 247 -14.70 51.39 -34.75
N GLN G 248 -16.01 51.23 -34.64
CA GLN G 248 -16.80 50.67 -35.73
C GLN G 248 -16.92 51.66 -36.88
N VAL G 249 -16.96 51.14 -38.10
CA VAL G 249 -17.02 51.94 -39.32
C VAL G 249 -18.35 51.64 -39.99
N ILE G 250 -19.11 52.70 -40.30
CA ILE G 250 -20.38 52.58 -40.98
C ILE G 250 -20.30 53.24 -42.34
N THR G 251 -21.14 52.79 -43.27
CA THR G 251 -21.21 53.32 -44.61
C THR G 251 -22.64 53.74 -44.89
N ILE G 252 -22.83 54.93 -45.42
CA ILE G 252 -24.15 55.45 -45.76
C ILE G 252 -24.18 55.90 -47.21
N GLY G 253 -25.33 55.71 -47.87
CA GLY G 253 -25.50 56.07 -49.26
C GLY G 253 -26.52 57.16 -49.48
N ASN G 254 -27.75 56.78 -49.87
CA ASN G 254 -28.82 57.75 -50.12
C ASN G 254 -29.28 58.49 -48.87
N GLU G 255 -29.01 57.94 -47.67
CA GLU G 255 -29.34 58.59 -46.39
C GLU G 255 -28.64 59.94 -46.19
N ARG G 256 -27.59 60.21 -46.94
CA ARG G 256 -26.93 61.52 -46.92
C ARG G 256 -27.89 62.61 -47.39
N PHE G 257 -28.68 62.35 -48.43
CA PHE G 257 -29.57 63.37 -48.94
C PHE G 257 -31.05 63.13 -48.64
N ARG G 258 -31.42 61.94 -48.17
CA ARG G 258 -32.81 61.72 -47.78
C ARG G 258 -33.16 62.47 -46.49
N CYS G 259 -32.18 62.63 -45.59
CA CYS G 259 -32.44 63.30 -44.32
C CYS G 259 -32.79 64.79 -44.44
N PRO G 260 -32.04 65.66 -45.15
CA PRO G 260 -32.50 67.07 -45.20
C PRO G 260 -33.65 67.31 -46.16
N GLU G 261 -34.00 66.33 -47.00
CA GLU G 261 -35.13 66.43 -47.93
C GLU G 261 -36.48 66.55 -47.21
N THR G 262 -36.53 66.21 -45.91
CA THR G 262 -37.73 66.43 -45.10
C THR G 262 -38.06 67.92 -44.99
N LEU G 263 -37.04 68.79 -45.09
CA LEU G 263 -37.26 70.24 -45.09
C LEU G 263 -38.04 70.71 -46.33
N PHE G 264 -38.01 69.94 -47.41
CA PHE G 264 -38.75 70.24 -48.63
C PHE G 264 -39.94 69.33 -48.83
N GLN G 265 -39.94 68.15 -48.23
CA GLN G 265 -41.07 67.22 -48.24
C GLN G 265 -41.36 66.79 -46.80
N PRO G 266 -42.13 67.59 -46.04
CA PRO G 266 -42.44 67.25 -44.64
C PRO G 266 -43.22 65.94 -44.45
N SER G 267 -43.90 65.44 -45.49
CA SER G 267 -44.68 64.22 -45.43
C SER G 267 -43.84 62.97 -45.17
N PHE G 268 -42.51 63.05 -45.30
CA PHE G 268 -41.60 61.99 -44.89
C PHE G 268 -41.74 61.67 -43.40
N ILE G 269 -42.06 62.67 -42.57
CA ILE G 269 -42.27 62.42 -41.15
C ILE G 269 -43.75 62.55 -40.77
N GLY G 270 -44.65 62.52 -41.74
CA GLY G 270 -46.06 62.49 -41.44
C GLY G 270 -46.72 63.84 -41.22
N MET G 271 -46.05 64.94 -41.55
CA MET G 271 -46.63 66.26 -41.36
C MET G 271 -47.38 66.68 -42.61
N GLU G 272 -48.49 67.38 -42.40
CA GLU G 272 -49.35 67.82 -43.50
C GLU G 272 -48.87 69.12 -44.12
N SER G 273 -47.87 69.78 -43.53
CA SER G 273 -47.47 71.12 -43.96
C SER G 273 -46.71 71.06 -45.28
N ALA G 274 -46.36 72.24 -45.77
CA ALA G 274 -45.58 72.40 -46.99
C ALA G 274 -44.11 72.62 -46.67
N GLY G 275 -43.28 72.51 -47.71
CA GLY G 275 -41.84 72.70 -47.56
C GLY G 275 -41.47 74.14 -47.30
N ILE G 276 -40.18 74.36 -47.05
CA ILE G 276 -39.68 75.70 -46.73
C ILE G 276 -39.78 76.66 -47.92
N HIS G 277 -39.59 76.15 -49.14
CA HIS G 277 -39.73 76.98 -50.33
C HIS G 277 -41.18 77.43 -50.54
N GLU G 278 -42.14 76.50 -50.36
CA GLU G 278 -43.55 76.84 -50.47
C GLU G 278 -43.99 77.80 -49.37
N THR G 279 -43.46 77.61 -48.16
CA THR G 279 -43.77 78.49 -47.03
C THR G 279 -43.22 79.89 -47.27
N THR G 280 -41.99 79.97 -47.82
CA THR G 280 -41.40 81.26 -48.16
C THR G 280 -42.18 81.97 -49.26
N TYR G 281 -42.61 81.23 -50.28
CA TYR G 281 -43.41 81.79 -51.36
C TYR G 281 -44.78 82.26 -50.86
N ASN G 282 -45.38 81.51 -49.94
CA ASN G 282 -46.66 81.91 -49.35
C ASN G 282 -46.51 83.15 -48.47
N SER G 283 -45.37 83.26 -47.76
CA SER G 283 -45.10 84.45 -46.97
C SER G 283 -44.87 85.67 -47.87
N ILE G 284 -44.24 85.47 -49.02
CA ILE G 284 -44.04 86.55 -49.98
C ILE G 284 -45.39 87.00 -50.57
N MET G 285 -46.26 86.03 -50.89
CA MET G 285 -47.55 86.37 -51.50
C MET G 285 -48.54 87.02 -50.54
N LYS G 286 -48.31 86.92 -49.23
CA LYS G 286 -49.20 87.56 -48.26
C LYS G 286 -48.82 89.01 -47.98
N CYS G 287 -47.75 89.51 -48.59
CA CYS G 287 -47.32 90.88 -48.42
C CYS G 287 -47.90 91.73 -49.54
N ASP G 288 -47.60 93.03 -49.54
CA ASP G 288 -48.11 93.91 -50.59
C ASP G 288 -47.38 93.64 -51.89
N ILE G 289 -48.06 93.94 -53.00
CA ILE G 289 -47.57 93.59 -54.33
C ILE G 289 -46.32 94.40 -54.72
N ASP G 290 -46.21 95.64 -54.24
CA ASP G 290 -45.11 96.51 -54.66
C ASP G 290 -43.79 96.21 -53.96
N ILE G 291 -43.77 95.32 -52.96
CA ILE G 291 -42.52 95.00 -52.26
C ILE G 291 -42.05 93.58 -52.49
N ARG G 292 -42.83 92.75 -53.21
CA ARG G 292 -42.49 91.34 -53.41
C ARG G 292 -41.22 91.17 -54.24
N LYS G 293 -41.02 92.07 -55.22
CA LYS G 293 -39.82 92.08 -56.04
C LYS G 293 -38.60 92.31 -55.18
N ASP G 294 -38.72 93.24 -54.21
CA ASP G 294 -37.61 93.52 -53.30
C ASP G 294 -37.42 92.36 -52.34
N LEU G 295 -38.50 91.64 -52.03
CA LEU G 295 -38.34 90.45 -51.20
C LEU G 295 -37.66 89.34 -51.98
N TYR G 296 -37.90 89.28 -53.30
CA TYR G 296 -37.33 88.23 -54.16
C TYR G 296 -35.83 88.32 -54.21
N ALA G 297 -35.30 89.54 -54.30
CA ALA G 297 -33.86 89.70 -54.40
C ALA G 297 -33.19 89.61 -53.03
N ASN G 298 -33.96 89.52 -51.94
CA ASN G 298 -33.36 89.62 -50.60
C ASN G 298 -33.79 88.47 -49.71
N ASN G 299 -33.66 87.24 -50.19
CA ASN G 299 -33.86 86.07 -49.35
C ASN G 299 -32.64 85.86 -48.47
N VAL G 300 -32.80 85.99 -47.16
CA VAL G 300 -31.68 85.92 -46.22
C VAL G 300 -31.81 84.62 -45.42
N MET G 301 -30.76 83.81 -45.45
CA MET G 301 -30.72 82.53 -44.73
C MET G 301 -29.87 82.67 -43.49
N SER G 302 -30.38 82.17 -42.36
CA SER G 302 -29.64 82.19 -41.10
C SER G 302 -29.95 80.93 -40.31
N GLY G 303 -29.02 80.55 -39.45
CA GLY G 303 -29.19 79.37 -38.62
C GLY G 303 -28.30 78.23 -39.08
N GLY G 304 -28.10 77.26 -38.17
CA GLY G 304 -27.26 76.12 -38.46
C GLY G 304 -27.91 75.10 -39.38
N THR G 305 -29.24 75.11 -39.47
CA THR G 305 -29.91 74.18 -40.36
C THR G 305 -29.78 74.59 -41.81
N THR G 306 -29.35 75.82 -42.07
CA THR G 306 -29.04 76.28 -43.41
C THR G 306 -27.59 75.99 -43.80
N MET G 307 -26.88 75.14 -43.06
CA MET G 307 -25.46 74.92 -43.33
C MET G 307 -25.17 73.72 -44.21
N TYR G 308 -26.19 73.03 -44.71
CA TYR G 308 -25.96 71.93 -45.64
C TYR G 308 -25.40 72.47 -46.96
N PRO G 309 -24.42 71.79 -47.57
CA PRO G 309 -23.83 72.32 -48.81
C PRO G 309 -24.59 71.99 -50.07
N GLY G 310 -25.92 72.10 -50.06
CA GLY G 310 -26.70 72.07 -51.29
C GLY G 310 -27.96 72.91 -51.22
N ILE G 311 -28.13 73.66 -50.14
CA ILE G 311 -29.46 74.16 -49.80
C ILE G 311 -29.77 75.49 -50.51
N ALA G 312 -28.75 76.32 -50.78
CA ALA G 312 -28.96 77.60 -51.45
C ALA G 312 -29.38 77.42 -52.90
N ASP G 313 -28.69 76.54 -53.63
CA ASP G 313 -29.02 76.26 -55.03
C ASP G 313 -30.39 75.60 -55.17
N ARG G 314 -30.71 74.67 -54.26
CA ARG G 314 -32.03 74.02 -54.27
C ARG G 314 -33.15 75.01 -53.97
N MET G 315 -32.94 75.89 -52.98
CA MET G 315 -33.94 76.92 -52.65
C MET G 315 -34.11 77.90 -53.80
N GLN G 316 -33.02 78.30 -54.46
CA GLN G 316 -33.09 79.19 -55.60
C GLN G 316 -33.85 78.57 -56.75
N LYS G 317 -33.57 77.27 -57.04
CA LYS G 317 -34.26 76.55 -58.11
C LYS G 317 -35.76 76.43 -57.82
N GLU G 318 -36.12 76.09 -56.57
CA GLU G 318 -37.52 75.90 -56.22
C GLU G 318 -38.29 77.22 -56.25
N ILE G 319 -37.71 78.28 -55.68
CA ILE G 319 -38.40 79.58 -55.64
C ILE G 319 -38.51 80.17 -57.05
N THR G 320 -37.47 79.99 -57.89
CA THR G 320 -37.53 80.43 -59.29
C THR G 320 -38.57 79.62 -60.08
N ALA G 321 -38.75 78.35 -59.73
CA ALA G 321 -39.82 77.55 -60.31
C ALA G 321 -41.20 78.06 -59.89
N LEU G 322 -41.33 78.49 -58.62
CA LEU G 322 -42.64 78.97 -58.16
C LEU G 322 -42.92 80.41 -58.58
N ALA G 323 -41.91 81.26 -58.59
CA ALA G 323 -42.14 82.67 -58.89
C ALA G 323 -42.24 82.90 -60.39
N PRO G 324 -42.86 84.00 -60.82
CA PRO G 324 -42.87 84.35 -62.25
C PRO G 324 -41.47 84.54 -62.81
N SER G 325 -41.32 84.23 -64.10
CA SER G 325 -40.03 84.20 -64.78
C SER G 325 -39.40 85.58 -64.96
N THR G 326 -40.15 86.67 -64.77
CA THR G 326 -39.63 88.02 -64.94
C THR G 326 -39.15 88.62 -63.62
N MET G 327 -38.72 87.78 -62.68
CA MET G 327 -38.31 88.21 -61.36
C MET G 327 -36.90 87.72 -61.08
N LYS G 328 -36.12 88.53 -60.37
CA LYS G 328 -34.76 88.17 -59.99
C LYS G 328 -34.79 87.56 -58.59
N ILE G 329 -34.54 86.26 -58.50
CA ILE G 329 -34.52 85.54 -57.23
C ILE G 329 -33.07 85.40 -56.80
N LYS G 330 -32.73 85.96 -55.64
CA LYS G 330 -31.37 85.94 -55.13
C LYS G 330 -31.39 85.40 -53.70
N ILE G 331 -30.65 84.33 -53.46
CA ILE G 331 -30.50 83.75 -52.12
C ILE G 331 -29.20 84.25 -51.51
N ILE G 332 -29.27 84.81 -50.31
CA ILE G 332 -28.11 85.36 -49.62
C ILE G 332 -27.74 84.41 -48.49
N ALA G 333 -26.65 83.67 -48.67
CA ALA G 333 -26.19 82.66 -47.71
C ALA G 333 -24.74 82.96 -47.36
N PRO G 334 -24.50 83.84 -46.38
CA PRO G 334 -23.10 84.20 -46.02
C PRO G 334 -22.41 83.05 -45.32
N PRO G 335 -21.07 83.00 -45.33
CA PRO G 335 -20.36 81.90 -44.65
C PRO G 335 -20.52 81.89 -43.13
N GLU G 336 -20.77 83.04 -42.50
CA GLU G 336 -20.87 83.15 -41.05
C GLU G 336 -22.31 83.19 -40.57
N ARG G 337 -23.23 82.58 -41.32
CA ARG G 337 -24.65 82.66 -41.01
C ARG G 337 -25.09 81.81 -39.83
N LYS G 338 -24.22 80.96 -39.27
CA LYS G 338 -24.61 80.22 -38.07
C LYS G 338 -24.73 81.11 -36.84
N TYR G 339 -24.01 82.23 -36.79
CA TYR G 339 -24.04 83.11 -35.61
C TYR G 339 -24.52 84.51 -35.95
N SER G 340 -25.34 84.63 -37.01
CA SER G 340 -25.81 85.94 -37.50
C SER G 340 -26.70 86.63 -36.48
N VAL G 341 -27.49 85.85 -35.75
CA VAL G 341 -28.41 86.37 -34.74
C VAL G 341 -27.60 87.05 -33.63
N TRP G 342 -26.52 86.38 -33.22
CA TRP G 342 -25.65 86.92 -32.17
C TRP G 342 -24.94 88.16 -32.67
N ILE G 343 -24.53 88.14 -33.95
CA ILE G 343 -23.86 89.28 -34.56
C ILE G 343 -24.80 90.46 -34.61
N GLY G 344 -26.08 90.19 -34.96
CA GLY G 344 -27.09 91.24 -34.97
C GLY G 344 -27.35 91.77 -33.58
N GLY G 345 -27.31 90.88 -32.57
CA GLY G 345 -27.49 91.33 -31.20
C GLY G 345 -26.35 92.22 -30.75
N SER G 346 -25.13 91.92 -31.21
CA SER G 346 -23.99 92.77 -30.90
C SER G 346 -24.11 94.10 -31.62
N ILE G 347 -24.68 94.06 -32.84
CA ILE G 347 -24.94 95.30 -33.55
C ILE G 347 -26.00 96.12 -32.81
N LEU G 348 -27.08 95.43 -32.38
CA LEU G 348 -28.22 96.12 -31.75
C LEU G 348 -27.82 96.71 -30.40
N ALA G 349 -27.05 95.96 -29.62
CA ALA G 349 -26.65 96.41 -28.31
C ALA G 349 -25.59 97.51 -28.39
N SER G 350 -24.98 97.74 -29.56
CA SER G 350 -23.99 98.80 -29.69
C SER G 350 -24.55 100.12 -30.18
N LEU G 351 -25.84 100.18 -30.54
CA LEU G 351 -26.39 101.43 -31.06
C LEU G 351 -26.62 102.44 -29.95
N SER G 352 -26.35 103.71 -30.24
CA SER G 352 -26.63 104.79 -29.30
C SER G 352 -28.12 105.08 -29.20
N THR G 353 -28.89 104.74 -30.22
CA THR G 353 -30.34 104.94 -30.26
C THR G 353 -31.11 103.83 -29.57
N PHE G 354 -30.43 102.81 -29.07
CA PHE G 354 -31.10 101.69 -28.39
C PHE G 354 -31.10 101.84 -26.87
N GLN G 355 -30.21 102.68 -26.31
CA GLN G 355 -30.01 102.76 -24.86
C GLN G 355 -31.23 103.28 -24.09
N GLN G 356 -32.19 103.91 -24.76
CA GLN G 356 -33.43 104.36 -24.15
C GLN G 356 -34.56 103.34 -24.28
N MET G 357 -34.30 102.20 -24.92
CA MET G 357 -35.30 101.17 -25.12
C MET G 357 -35.15 100.00 -24.15
N TRP G 358 -34.22 100.07 -23.21
CA TRP G 358 -34.07 99.04 -22.19
C TRP G 358 -35.25 99.06 -21.21
N ILE G 359 -35.42 97.95 -20.51
CA ILE G 359 -36.41 97.83 -19.46
C ILE G 359 -35.63 97.84 -18.15
N THR G 360 -35.63 98.97 -17.46
CA THR G 360 -34.89 99.11 -16.20
C THR G 360 -35.62 98.40 -15.07
N LYS G 361 -34.91 98.22 -13.96
CA LYS G 361 -35.46 97.54 -12.78
C LYS G 361 -36.59 98.34 -12.14
N GLN G 362 -36.52 99.67 -12.20
CA GLN G 362 -37.57 100.52 -11.64
C GLN G 362 -38.88 100.34 -12.39
N GLU G 363 -38.81 100.24 -13.72
CA GLU G 363 -40.00 99.99 -14.55
C GLU G 363 -40.59 98.61 -14.25
N TYR G 364 -39.73 97.61 -14.06
CA TYR G 364 -40.21 96.26 -13.72
C TYR G 364 -40.86 96.23 -12.35
N ASP G 365 -40.30 96.98 -11.39
CA ASP G 365 -40.90 97.10 -10.07
C ASP G 365 -42.25 97.79 -10.14
N GLU G 366 -42.36 98.85 -10.95
CA GLU G 366 -43.59 99.62 -11.03
C GLU G 366 -44.69 98.87 -11.78
N ALA G 367 -44.34 98.12 -12.82
CA ALA G 367 -45.34 97.50 -13.68
C ALA G 367 -45.51 96.00 -13.47
N GLY G 368 -44.47 95.30 -13.03
CA GLY G 368 -44.56 93.87 -12.85
C GLY G 368 -44.04 93.15 -14.07
N PRO G 369 -44.26 91.82 -14.15
CA PRO G 369 -43.79 91.06 -15.32
C PRO G 369 -44.75 91.09 -16.50
N SER G 370 -45.30 92.24 -16.83
CA SER G 370 -46.13 92.41 -18.01
C SER G 370 -45.71 93.54 -18.92
N ILE G 371 -44.77 94.39 -18.50
CA ILE G 371 -44.24 95.46 -19.36
C ILE G 371 -43.42 94.94 -20.53
N VAL G 372 -43.01 93.67 -20.51
CA VAL G 372 -42.25 93.08 -21.62
C VAL G 372 -43.09 92.91 -22.89
N HIS G 373 -44.42 92.99 -22.78
CA HIS G 373 -45.31 92.99 -23.94
C HIS G 373 -45.58 94.40 -24.45
N ARG G 374 -45.62 95.38 -23.54
CA ARG G 374 -45.82 96.77 -23.90
C ARG G 374 -44.55 97.45 -24.37
N LYS G 375 -43.39 96.81 -24.18
CA LYS G 375 -42.11 97.40 -24.53
C LYS G 375 -41.50 96.68 -25.74
N CYS G 376 -41.34 95.36 -25.67
CA CYS G 376 -40.74 94.60 -26.75
C CYS G 376 -41.82 94.02 -27.65
N PHE G 377 -41.43 93.68 -28.87
CA PHE G 377 -42.34 93.02 -29.79
C PHE G 377 -42.36 91.54 -29.41
N PRO H 58 64.36 -66.34 53.50
CA PRO H 58 63.76 -66.44 54.84
C PRO H 58 63.59 -67.89 55.33
N THR H 59 62.68 -68.64 54.71
CA THR H 59 62.45 -70.05 55.06
C THR H 59 62.86 -70.99 53.93
N GLY H 60 63.65 -70.51 52.97
CA GLY H 60 64.09 -71.33 51.88
C GLY H 60 63.04 -71.54 50.81
N PRO H 61 63.24 -72.54 49.95
CA PRO H 61 62.25 -72.85 48.91
C PRO H 61 60.88 -73.24 49.46
N PHE H 62 59.85 -72.81 48.72
CA PHE H 62 58.45 -73.09 49.05
C PHE H 62 58.18 -74.59 49.11
N LYS H 63 57.64 -75.04 50.23
CA LYS H 63 57.25 -76.43 50.45
C LYS H 63 55.73 -76.54 50.40
N ARG H 64 55.22 -76.82 49.19
CA ARG H 64 53.78 -76.81 48.92
C ARG H 64 53.04 -77.89 49.71
N GLU H 65 53.67 -79.08 49.86
CA GLU H 65 53.06 -80.21 50.56
C GLU H 65 52.76 -79.89 52.02
N GLU H 66 53.68 -79.18 52.69
CA GLU H 66 53.50 -78.78 54.08
C GLU H 66 52.29 -77.86 54.22
N LEU H 67 52.20 -76.88 53.33
CA LEU H 67 51.08 -75.93 53.29
C LEU H 67 49.75 -76.67 53.10
N LEU H 68 49.71 -77.59 52.12
CA LEU H 68 48.48 -78.33 51.82
C LEU H 68 48.05 -79.18 53.01
N ASP H 69 49.02 -79.85 53.67
CA ASP H 69 48.74 -80.65 54.86
C ASP H 69 48.16 -79.79 55.97
N HIS H 70 48.80 -78.63 56.23
CA HIS H 70 48.33 -77.67 57.23
C HIS H 70 46.89 -77.23 56.92
N LEU H 71 46.64 -76.84 55.67
CA LEU H 71 45.32 -76.35 55.25
C LEU H 71 44.25 -77.42 55.41
N GLU H 72 44.60 -78.68 55.10
CA GLU H 72 43.63 -79.76 55.21
C GLU H 72 43.35 -80.06 56.68
N LYS H 73 44.40 -80.02 57.51
CA LYS H 73 44.26 -80.13 58.96
C LYS H 73 43.33 -79.03 59.51
N GLN H 74 43.55 -77.79 59.05
CA GLN H 74 42.71 -76.63 59.41
C GLN H 74 41.26 -76.85 59.01
N ALA H 75 41.03 -77.39 57.81
CA ALA H 75 39.67 -77.61 57.32
C ALA H 75 38.97 -78.70 58.14
N LYS H 76 39.70 -79.78 58.46
CA LYS H 76 39.18 -80.89 59.27
C LYS H 76 38.65 -80.43 60.63
N GLU H 77 39.24 -79.40 61.22
CA GLU H 77 38.95 -78.94 62.57
C GLU H 77 37.80 -77.94 62.65
N PHE H 78 37.26 -77.50 61.51
CA PHE H 78 36.08 -76.62 61.50
C PHE H 78 34.88 -77.44 61.02
N LYS H 79 34.19 -78.06 61.96
CA LYS H 79 32.88 -78.65 61.71
C LYS H 79 31.80 -77.59 61.78
N ASP H 80 30.70 -77.85 61.08
CA ASP H 80 29.61 -76.88 61.00
C ASP H 80 28.84 -76.82 62.31
N ARG H 81 28.19 -75.68 62.52
CA ARG H 81 27.38 -75.45 63.71
C ARG H 81 25.93 -75.88 63.47
N GLU H 82 25.22 -76.13 64.57
CA GLU H 82 23.87 -76.69 64.52
C GLU H 82 22.79 -75.69 64.90
N ASP H 83 23.10 -74.40 64.87
CA ASP H 83 22.13 -73.36 65.23
C ASP H 83 21.32 -72.87 64.03
N LEU H 84 21.36 -73.58 62.90
CA LEU H 84 20.69 -73.11 61.69
C LEU H 84 19.19 -73.36 61.78
N VAL H 85 18.41 -72.30 61.61
CA VAL H 85 16.97 -72.42 61.42
C VAL H 85 16.76 -72.93 60.00
N PRO H 86 16.11 -74.08 59.81
CA PRO H 86 16.06 -74.70 58.49
C PRO H 86 15.11 -73.99 57.53
N TYR H 87 15.46 -74.03 56.25
CA TYR H 87 14.65 -73.43 55.21
C TYR H 87 13.58 -74.42 54.75
N THR H 88 12.32 -74.07 55.01
CA THR H 88 11.19 -74.93 54.68
C THR H 88 10.32 -74.37 53.57
N GLY H 89 10.59 -73.15 53.10
CA GLY H 89 9.74 -72.54 52.10
C GLY H 89 8.41 -72.07 52.61
N GLU H 90 8.30 -71.80 53.91
CA GLU H 90 7.03 -71.42 54.50
C GLU H 90 6.67 -69.98 54.14
N LYS H 91 5.44 -69.78 53.67
CA LYS H 91 4.93 -68.47 53.32
C LYS H 91 4.14 -67.95 54.52
N ARG H 92 4.66 -66.90 55.16
CA ARG H 92 4.03 -66.36 56.36
C ARG H 92 3.20 -65.11 56.08
N GLY H 93 3.36 -64.48 54.92
CA GLY H 93 2.59 -63.30 54.58
C GLY H 93 1.33 -63.63 53.79
N LYS H 94 0.67 -62.58 53.33
CA LYS H 94 -0.54 -62.71 52.54
C LYS H 94 -0.20 -62.80 51.07
N VAL H 95 -0.71 -63.85 50.41
CA VAL H 95 -0.52 -64.02 48.97
C VAL H 95 -1.47 -63.08 48.25
N TRP H 96 -0.93 -62.23 47.39
CA TRP H 96 -1.74 -61.24 46.69
C TRP H 96 -2.55 -61.90 45.58
N VAL H 97 -3.83 -61.58 45.52
CA VAL H 97 -4.75 -62.09 44.51
C VAL H 97 -5.24 -60.90 43.70
N PRO H 98 -5.14 -60.93 42.37
CA PRO H 98 -5.68 -59.83 41.57
C PRO H 98 -7.20 -59.79 41.58
N LYS H 99 -7.74 -58.58 41.49
CA LYS H 99 -9.18 -58.37 41.58
C LYS H 99 -9.81 -58.34 40.19
N LEU H 161 5.12 -73.30 13.12
CA LEU H 161 6.39 -73.97 12.95
C LEU H 161 7.52 -73.18 13.59
N ASN H 162 8.22 -73.79 14.54
CA ASN H 162 9.36 -73.17 15.21
C ASN H 162 10.64 -73.84 14.72
N SER H 163 11.52 -73.04 14.12
CA SER H 163 12.80 -73.54 13.62
C SER H 163 13.93 -72.62 14.07
N VAL H 164 15.05 -73.22 14.44
CA VAL H 164 16.21 -72.48 14.91
C VAL H 164 17.03 -72.01 13.72
N ILE H 165 16.91 -70.73 13.38
CA ILE H 165 17.68 -70.10 12.31
C ILE H 165 19.07 -69.77 12.80
N LYS H 166 20.06 -70.52 12.32
CA LYS H 166 21.47 -70.45 12.67
C LYS H 166 22.18 -69.65 11.59
N PRO H 167 23.24 -68.90 11.94
CA PRO H 167 23.88 -68.06 10.91
C PRO H 167 24.96 -68.86 10.19
N THR H 168 25.22 -68.54 8.92
CA THR H 168 26.31 -69.16 8.18
C THR H 168 26.97 -68.21 7.19
N GLN H 169 27.09 -66.93 7.55
CA GLN H 169 27.77 -65.96 6.71
C GLN H 169 29.29 -66.15 6.71
N TYR H 170 29.81 -66.98 7.61
CA TYR H 170 31.26 -67.15 7.75
C TYR H 170 31.75 -68.00 6.59
N LYS H 171 32.09 -67.36 5.47
CA LYS H 171 32.75 -68.09 4.39
C LYS H 171 34.23 -68.20 4.71
N PRO H 172 34.73 -69.43 5.00
CA PRO H 172 36.08 -69.54 5.56
C PRO H 172 37.19 -69.37 4.54
N VAL H 173 37.46 -68.12 4.17
CA VAL H 173 38.57 -67.72 3.30
C VAL H 173 39.82 -68.19 4.04
N PRO H 174 40.75 -68.89 3.36
CA PRO H 174 41.94 -69.44 4.04
C PRO H 174 42.84 -68.42 4.71
N ASP H 175 43.80 -68.99 5.43
CA ASP H 175 44.77 -68.25 6.22
C ASP H 175 45.94 -67.88 5.32
N GLU H 176 47.05 -67.47 5.93
CA GLU H 176 48.23 -67.10 5.16
C GLU H 176 49.42 -67.86 5.72
N GLU H 177 50.60 -67.39 5.39
CA GLU H 177 51.81 -68.00 5.88
C GLU H 177 52.50 -67.06 6.87
N PRO H 178 52.92 -67.55 8.05
CA PRO H 178 53.61 -66.70 9.04
C PRO H 178 54.81 -65.99 8.44
N ASN H 179 54.95 -64.70 8.79
CA ASN H 179 55.99 -63.76 8.33
C ASN H 179 57.37 -64.40 8.51
N SER H 180 58.01 -64.72 7.39
CA SER H 180 59.28 -65.45 7.35
C SER H 180 60.52 -64.57 7.45
N THR H 181 60.35 -63.25 7.65
CA THR H 181 61.46 -62.31 7.76
C THR H 181 62.42 -62.70 8.89
N ASP H 182 63.72 -62.66 8.60
CA ASP H 182 64.77 -62.97 9.55
C ASP H 182 65.25 -61.65 10.13
N VAL H 183 64.92 -61.44 11.42
CA VAL H 183 65.08 -60.15 12.10
C VAL H 183 66.55 -59.72 12.13
N GLU H 184 67.43 -60.63 12.53
CA GLU H 184 68.88 -60.40 12.57
C GLU H 184 69.44 -60.07 11.19
N GLU H 185 69.15 -60.93 10.20
CA GLU H 185 69.57 -60.73 8.81
C GLU H 185 69.10 -59.38 8.26
N THR H 186 67.82 -59.04 8.51
CA THR H 186 67.25 -57.81 7.98
C THR H 186 67.93 -56.60 8.62
N LEU H 187 68.15 -56.67 9.94
CA LEU H 187 68.82 -55.60 10.68
C LEU H 187 70.24 -55.40 10.16
N GLU H 188 70.91 -56.52 9.83
CA GLU H 188 72.26 -56.49 9.26
C GLU H 188 72.26 -55.80 7.90
N ARG H 189 71.26 -56.11 7.06
CA ARG H 189 71.12 -55.46 5.75
C ARG H 189 70.87 -53.96 5.89
N ILE H 190 70.01 -53.56 6.84
CA ILE H 190 69.76 -52.13 7.07
C ILE H 190 71.02 -51.42 7.56
N LYS H 191 71.80 -52.09 8.43
CA LYS H 191 73.09 -51.56 8.86
C LYS H 191 74.09 -51.45 7.71
N ASN H 192 74.15 -52.47 6.85
CA ASN H 192 75.04 -52.44 5.68
C ASN H 192 74.59 -51.51 4.56
N ASN H 193 73.44 -50.83 4.69
CA ASN H 193 72.81 -49.99 3.66
C ASN H 193 72.64 -50.72 2.32
N ASP H 194 71.93 -51.85 2.39
CA ASP H 194 71.79 -52.77 1.26
C ASP H 194 70.85 -52.15 0.23
N PRO H 195 71.31 -51.90 -1.01
CA PRO H 195 70.43 -51.31 -2.05
C PRO H 195 69.22 -52.15 -2.42
N LYS H 196 69.30 -53.47 -2.27
CA LYS H 196 68.22 -54.37 -2.65
C LYS H 196 67.09 -54.43 -1.63
N LEU H 197 67.20 -53.75 -0.50
CA LEU H 197 66.22 -53.85 0.58
C LEU H 197 65.42 -52.55 0.63
N GLU H 198 64.17 -52.63 0.19
CA GLU H 198 63.27 -51.49 0.13
C GLU H 198 62.06 -51.65 1.04
N GLU H 199 61.63 -52.88 1.30
CA GLU H 199 60.44 -53.18 2.07
C GLU H 199 60.84 -54.01 3.29
N VAL H 200 60.51 -53.51 4.48
CA VAL H 200 60.77 -54.21 5.73
C VAL H 200 59.43 -54.33 6.43
N ASN H 201 58.93 -55.56 6.54
CA ASN H 201 57.63 -55.83 7.11
C ASN H 201 57.86 -56.77 8.29
N LEU H 202 57.72 -56.26 9.51
CA LEU H 202 57.94 -57.04 10.72
C LEU H 202 56.64 -57.36 11.44
N ASN H 203 55.50 -57.20 10.76
CA ASN H 203 54.16 -57.47 11.27
C ASN H 203 53.99 -58.86 11.87
N ASN H 204 53.40 -58.91 13.07
CA ASN H 204 52.97 -60.13 13.76
C ASN H 204 54.11 -61.13 14.01
N ILE H 205 55.33 -60.66 14.21
CA ILE H 205 56.42 -61.55 14.57
C ILE H 205 56.53 -61.57 16.10
N ARG H 206 56.51 -62.78 16.65
CA ARG H 206 56.54 -62.98 18.10
C ARG H 206 57.91 -62.73 18.72
N ASN H 207 57.89 -62.08 19.89
CA ASN H 207 59.03 -61.95 20.81
C ASN H 207 60.22 -61.19 20.23
N ILE H 208 59.98 -60.04 19.62
CA ILE H 208 61.05 -59.14 19.18
C ILE H 208 61.41 -58.26 20.37
N PRO H 209 62.65 -58.32 20.87
CA PRO H 209 63.04 -57.50 22.03
C PRO H 209 62.97 -56.00 21.77
N ILE H 210 62.68 -55.25 22.84
CA ILE H 210 62.65 -53.78 22.74
C ILE H 210 63.98 -53.17 22.35
N PRO H 211 65.17 -53.61 22.85
CA PRO H 211 66.44 -53.11 22.27
C PRO H 211 66.67 -53.47 20.82
N THR H 212 66.10 -54.59 20.34
CA THR H 212 66.20 -54.93 18.92
C THR H 212 65.42 -53.94 18.06
N LEU H 213 64.21 -53.57 18.49
CA LEU H 213 63.42 -52.57 17.77
C LEU H 213 64.11 -51.20 17.81
N LYS H 214 64.68 -50.85 18.97
CA LYS H 214 65.44 -49.61 19.10
C LYS H 214 66.65 -49.61 18.16
N ALA H 215 67.34 -50.75 18.05
CA ALA H 215 68.45 -50.91 17.11
C ALA H 215 68.00 -50.72 15.66
N TYR H 216 66.81 -51.28 15.32
CA TYR H 216 66.21 -51.05 14.00
C TYR H 216 66.02 -49.56 13.74
N ALA H 217 65.53 -48.84 14.75
CA ALA H 217 65.21 -47.42 14.57
C ALA H 217 66.49 -46.62 14.44
N GLU H 218 67.55 -47.02 15.17
CA GLU H 218 68.83 -46.34 15.07
C GLU H 218 69.47 -46.60 13.71
N ALA H 219 69.37 -47.84 13.21
CA ALA H 219 69.96 -48.19 11.92
C ALA H 219 69.24 -47.49 10.77
N LEU H 220 67.93 -47.25 10.90
CA LEU H 220 67.16 -46.65 9.81
C LEU H 220 67.49 -45.17 9.60
N LYS H 221 68.11 -44.52 10.60
CA LYS H 221 68.50 -43.11 10.54
C LYS H 221 69.36 -42.79 9.31
N GLU H 222 70.35 -43.63 9.02
CA GLU H 222 71.29 -43.39 7.94
C GLU H 222 71.02 -44.26 6.72
N ASN H 223 70.04 -45.15 6.79
CA ASN H 223 69.72 -46.01 5.65
C ASN H 223 69.09 -45.19 4.53
N SER H 224 69.56 -45.42 3.30
CA SER H 224 69.18 -44.66 2.12
C SER H 224 68.15 -45.38 1.25
N TYR H 225 67.62 -46.53 1.69
CA TYR H 225 66.94 -47.42 0.76
C TYR H 225 65.61 -48.00 1.25
N VAL H 226 65.33 -48.05 2.54
CA VAL H 226 64.06 -48.62 3.00
C VAL H 226 62.96 -47.56 2.88
N LYS H 227 61.93 -47.88 2.10
CA LYS H 227 60.82 -46.96 1.84
C LYS H 227 59.56 -47.30 2.61
N LYS H 228 59.38 -48.56 3.02
CA LYS H 228 58.22 -48.95 3.81
C LYS H 228 58.69 -49.71 5.04
N PHE H 229 58.13 -49.36 6.19
CA PHE H 229 58.46 -49.99 7.46
C PHE H 229 57.18 -50.14 8.27
N SER H 230 56.88 -51.37 8.70
CA SER H 230 55.73 -51.59 9.55
C SER H 230 56.05 -52.59 10.64
N ILE H 231 55.45 -52.37 11.81
CA ILE H 231 55.69 -53.13 13.03
C ILE H 231 54.37 -53.39 13.77
N VAL H 232 53.33 -53.74 13.01
CA VAL H 232 52.01 -54.06 13.57
C VAL H 232 52.11 -55.26 14.50
N GLY H 233 51.49 -55.16 15.67
CA GLY H 233 51.26 -56.25 16.62
C GLY H 233 52.52 -56.94 17.09
N THR H 234 53.55 -56.15 17.39
CA THR H 234 54.79 -56.67 17.97
C THR H 234 54.99 -56.28 19.43
N ARG H 235 53.93 -55.78 20.10
CA ARG H 235 53.95 -55.33 21.51
C ARG H 235 54.92 -54.17 21.74
N SER H 236 55.09 -53.32 20.74
CA SER H 236 55.96 -52.15 20.86
C SER H 236 55.36 -51.11 21.79
N ASN H 237 56.23 -50.48 22.58
CA ASN H 237 55.85 -49.43 23.53
C ASN H 237 56.61 -48.12 23.31
N ASP H 238 56.59 -47.27 24.35
CA ASP H 238 57.08 -45.89 24.23
C ASP H 238 58.57 -45.73 23.88
N PRO H 239 59.55 -46.49 24.45
CA PRO H 239 60.94 -46.41 23.93
C PRO H 239 61.08 -46.58 22.42
N VAL H 240 60.33 -47.52 21.84
CA VAL H 240 60.34 -47.76 20.39
C VAL H 240 59.84 -46.53 19.65
N ALA H 241 58.74 -45.93 20.14
CA ALA H 241 58.17 -44.75 19.50
C ALA H 241 59.09 -43.55 19.61
N TYR H 242 59.74 -43.40 20.77
CA TYR H 242 60.73 -42.35 21.00
C TYR H 242 61.90 -42.47 20.02
N ALA H 243 62.44 -43.69 19.87
CA ALA H 243 63.53 -43.95 18.94
C ALA H 243 63.12 -43.68 17.50
N LEU H 244 61.94 -44.17 17.09
CA LEU H 244 61.40 -43.90 15.75
C LEU H 244 61.23 -42.40 15.50
N ALA H 245 60.76 -41.66 16.53
CA ALA H 245 60.65 -40.21 16.48
C ALA H 245 61.98 -39.55 16.20
N GLU H 246 63.03 -39.90 16.97
CA GLU H 246 64.39 -39.44 16.70
C GLU H 246 64.82 -39.75 15.27
N MET H 247 64.49 -40.97 14.79
CA MET H 247 64.91 -41.41 13.46
C MET H 247 64.25 -40.54 12.38
N LEU H 248 62.99 -40.15 12.60
CA LEU H 248 62.24 -39.41 11.59
C LEU H 248 62.77 -38.00 11.36
N LYS H 249 63.46 -37.42 12.34
CA LYS H 249 64.08 -36.11 12.17
C LYS H 249 65.26 -36.13 11.21
N GLU H 250 65.85 -37.30 10.97
CA GLU H 250 67.09 -37.42 10.22
C GLU H 250 66.93 -38.16 8.90
N ASN H 251 66.15 -39.24 8.90
CA ASN H 251 65.95 -40.06 7.71
C ASN H 251 65.18 -39.27 6.64
N LYS H 252 65.65 -39.37 5.40
CA LYS H 252 65.12 -38.61 4.28
C LYS H 252 64.56 -39.48 3.15
N VAL H 253 64.32 -40.78 3.39
CA VAL H 253 63.93 -41.68 2.30
C VAL H 253 62.63 -42.43 2.62
N LEU H 254 62.38 -42.70 3.92
CA LEU H 254 61.21 -43.49 4.35
C LEU H 254 59.87 -42.84 3.98
N LYS H 255 59.00 -43.62 3.35
CA LYS H 255 57.71 -43.14 2.86
C LYS H 255 56.54 -43.57 3.73
N THR H 256 56.58 -44.78 4.30
CA THR H 256 55.44 -45.36 4.98
C THR H 256 55.86 -45.86 6.36
N LEU H 257 55.12 -45.45 7.39
CA LEU H 257 55.38 -45.87 8.76
C LEU H 257 54.04 -46.33 9.32
N ASN H 258 53.97 -47.60 9.74
CA ASN H 258 52.74 -48.16 10.29
C ASN H 258 53.07 -48.76 11.65
N VAL H 259 52.52 -48.16 12.72
CA VAL H 259 52.75 -48.63 14.08
C VAL H 259 51.45 -49.03 14.76
N GLU H 260 50.45 -49.44 13.96
CA GLU H 260 49.14 -49.88 14.43
C GLU H 260 49.24 -51.08 15.37
N SER H 261 48.26 -51.17 16.28
CA SER H 261 47.94 -52.37 17.07
C SER H 261 49.06 -52.73 18.04
N ASN H 262 49.67 -51.71 18.66
CA ASN H 262 50.71 -51.94 19.65
C ASN H 262 50.31 -51.36 21.00
N PHE H 263 51.28 -51.19 21.89
CA PHE H 263 51.01 -50.66 23.22
C PHE H 263 51.76 -49.34 23.41
N ILE H 264 51.62 -48.44 22.46
CA ILE H 264 52.26 -47.13 22.52
C ILE H 264 51.30 -46.13 23.13
N SER H 265 51.77 -45.42 24.16
CA SER H 265 50.97 -44.44 24.87
C SER H 265 50.91 -43.12 24.09
N GLY H 266 50.09 -42.21 24.62
CA GLY H 266 49.99 -40.85 24.10
C GLY H 266 51.30 -40.08 24.03
N ALA H 267 52.22 -40.32 24.97
CA ALA H 267 53.51 -39.64 24.98
C ALA H 267 54.38 -40.03 23.78
N GLY H 268 54.46 -41.33 23.49
CA GLY H 268 55.15 -41.79 22.28
C GLY H 268 54.59 -41.24 20.99
N ILE H 269 53.26 -41.21 20.87
CA ILE H 269 52.60 -40.67 19.68
C ILE H 269 52.86 -39.18 19.58
N LEU H 270 52.78 -38.47 20.72
CA LEU H 270 53.09 -37.04 20.79
C LEU H 270 54.49 -36.75 20.30
N ARG H 271 55.47 -37.54 20.76
CA ARG H 271 56.87 -37.36 20.38
C ARG H 271 57.06 -37.58 18.88
N LEU H 272 56.42 -38.66 18.36
CA LEU H 272 56.33 -38.94 16.93
C LEU H 272 55.83 -37.75 16.14
N VAL H 273 54.69 -37.15 16.55
CA VAL H 273 54.14 -36.11 15.70
C VAL H 273 54.92 -34.81 15.91
N GLU H 274 55.54 -34.62 17.09
CA GLU H 274 56.48 -33.51 17.32
C GLU H 274 57.73 -33.61 16.45
N ALA H 275 58.00 -34.79 15.87
CA ALA H 275 59.13 -34.93 14.96
C ALA H 275 58.79 -34.48 13.54
N LEU H 276 57.50 -34.43 13.19
CA LEU H 276 57.04 -34.17 11.82
C LEU H 276 57.54 -32.89 11.12
N PRO H 277 57.65 -31.69 11.75
CA PRO H 277 58.17 -30.53 10.99
C PRO H 277 59.65 -30.62 10.60
N TYR H 278 60.40 -31.59 11.14
CA TYR H 278 61.79 -31.81 10.74
C TYR H 278 61.89 -32.93 9.72
N ASN H 279 60.77 -33.33 9.14
CA ASN H 279 60.68 -34.44 8.19
C ASN H 279 59.90 -33.95 6.98
N THR H 280 60.41 -34.24 5.78
CA THR H 280 59.76 -33.89 4.51
C THR H 280 59.72 -35.08 3.56
N SER H 281 59.69 -36.30 4.09
CA SER H 281 59.70 -37.46 3.21
C SER H 281 58.59 -38.46 3.50
N LEU H 282 58.17 -38.56 4.77
CA LEU H 282 57.09 -39.48 5.12
C LEU H 282 55.75 -38.96 4.62
N VAL H 283 54.96 -39.85 4.02
CA VAL H 283 53.65 -39.50 3.50
C VAL H 283 52.50 -40.22 4.18
N GLU H 284 52.74 -41.36 4.85
CA GLU H 284 51.70 -42.10 5.56
C GLU H 284 52.17 -42.43 6.97
N MET H 285 51.35 -42.09 7.96
CA MET H 285 51.54 -42.52 9.34
C MET H 285 50.27 -43.17 9.85
N LYS H 286 50.35 -44.45 10.19
CA LYS H 286 49.20 -45.20 10.68
C LYS H 286 49.46 -45.50 12.15
N ILE H 287 48.60 -44.97 13.03
CA ILE H 287 48.82 -45.10 14.46
C ILE H 287 47.59 -45.70 15.15
N ASP H 288 46.61 -46.13 14.36
CA ASP H 288 45.29 -46.49 14.90
C ASP H 288 45.35 -47.78 15.71
N ASN H 289 44.30 -47.96 16.53
CA ASN H 289 44.03 -49.17 17.34
C ASN H 289 45.15 -49.40 18.36
N GLN H 290 45.67 -48.32 18.95
CA GLN H 290 46.47 -48.48 20.15
C GLN H 290 45.61 -48.97 21.32
N SER H 291 46.28 -49.58 22.30
CA SER H 291 45.60 -50.20 23.42
C SER H 291 44.88 -49.21 24.33
N GLN H 292 45.30 -47.94 24.33
CA GLN H 292 44.67 -46.89 25.13
C GLN H 292 44.36 -45.68 24.27
N PRO H 293 43.19 -45.03 24.49
CA PRO H 293 42.91 -43.74 23.85
C PRO H 293 43.99 -42.69 24.15
N LEU H 294 44.27 -41.86 23.14
CA LEU H 294 45.39 -40.93 23.24
C LEU H 294 45.11 -39.77 24.19
N GLY H 295 43.84 -39.42 24.39
CA GLY H 295 43.51 -38.31 25.26
C GLY H 295 43.33 -37.00 24.52
N ASN H 296 42.27 -36.26 24.86
CA ASN H 296 41.86 -35.04 24.17
C ASN H 296 42.97 -33.99 24.06
N LYS H 297 43.74 -33.81 25.14
CA LYS H 297 44.81 -32.81 25.18
C LYS H 297 45.88 -33.17 24.16
N VAL H 298 46.31 -34.44 24.19
CA VAL H 298 47.28 -34.99 23.26
C VAL H 298 46.78 -34.82 21.83
N GLU H 299 45.50 -35.17 21.58
CA GLU H 299 44.83 -34.97 20.28
C GLU H 299 44.94 -33.53 19.77
N MET H 300 44.88 -32.56 20.71
CA MET H 300 44.95 -31.15 20.34
C MET H 300 46.37 -30.83 19.89
N GLU H 301 47.36 -31.29 20.66
CA GLU H 301 48.76 -31.03 20.29
C GLU H 301 49.11 -31.74 18.98
N ILE H 302 48.45 -32.87 18.70
CA ILE H 302 48.74 -33.65 17.48
C ILE H 302 48.25 -32.88 16.27
N VAL H 303 46.99 -32.37 16.31
CA VAL H 303 46.46 -31.66 15.15
C VAL H 303 47.22 -30.35 14.96
N SER H 304 47.60 -29.70 16.08
CA SER H 304 48.43 -28.49 16.04
C SER H 304 49.74 -28.74 15.29
N MET H 305 50.38 -29.89 15.54
CA MET H 305 51.59 -30.26 14.80
C MET H 305 51.29 -30.60 13.34
N LEU H 306 50.17 -31.28 13.09
CA LEU H 306 49.71 -31.61 11.73
C LEU H 306 49.51 -30.36 10.88
N GLU H 307 49.03 -29.27 11.48
CA GLU H 307 48.92 -27.99 10.79
C GLU H 307 50.28 -27.34 10.51
N LYS H 308 51.38 -27.87 11.04
CA LYS H 308 52.73 -27.38 10.83
C LYS H 308 53.57 -28.32 9.98
N ASN H 309 52.92 -29.18 9.18
CA ASN H 309 53.63 -29.99 8.20
C ASN H 309 52.80 -30.04 6.92
N ALA H 310 53.48 -29.84 5.79
CA ALA H 310 52.88 -29.78 4.46
C ALA H 310 53.11 -31.04 3.65
N THR H 311 53.68 -32.09 4.23
CA THR H 311 54.11 -33.27 3.49
C THR H 311 53.22 -34.49 3.69
N LEU H 312 52.77 -34.74 4.92
CA LEU H 312 51.94 -35.91 5.23
C LEU H 312 50.60 -35.88 4.49
N LEU H 313 50.28 -37.00 3.82
CA LEU H 313 49.06 -37.09 3.03
C LEU H 313 47.99 -38.00 3.61
N LYS H 314 48.35 -38.95 4.47
CA LYS H 314 47.38 -39.84 5.12
C LYS H 314 47.76 -39.94 6.58
N PHE H 315 46.76 -39.83 7.46
CA PHE H 315 46.96 -40.01 8.90
C PHE H 315 45.90 -40.96 9.44
N GLY H 316 46.33 -42.17 9.82
CA GLY H 316 45.42 -43.23 10.24
C GLY H 316 45.15 -43.16 11.72
N TYR H 317 44.02 -42.57 12.11
CA TYR H 317 43.62 -42.42 13.50
C TYR H 317 42.15 -42.03 13.61
N HIS H 318 41.41 -42.74 14.46
CA HIS H 318 40.01 -42.41 14.73
C HIS H 318 39.97 -41.41 15.88
N PHE H 319 39.80 -40.13 15.52
CA PHE H 319 39.62 -39.05 16.48
C PHE H 319 38.32 -39.20 17.26
N THR H 320 38.29 -38.61 18.45
CA THR H 320 37.11 -38.61 19.29
C THR H 320 36.36 -37.28 19.24
N GLN H 321 37.09 -36.17 19.36
CA GLN H 321 36.53 -34.82 19.33
C GLN H 321 36.45 -34.28 17.90
N GLN H 322 35.32 -33.64 17.59
CA GLN H 322 35.02 -33.18 16.24
C GLN H 322 35.93 -32.03 15.80
N GLY H 323 36.33 -31.17 16.74
CA GLY H 323 37.26 -30.07 16.55
C GLY H 323 38.58 -30.46 15.88
N PRO H 324 39.40 -31.27 16.59
CA PRO H 324 40.63 -31.80 15.97
C PRO H 324 40.35 -32.64 14.72
N ARG H 325 39.27 -33.41 14.71
CA ARG H 325 38.84 -34.22 13.56
C ARG H 325 38.78 -33.37 12.30
N LEU H 326 38.13 -32.20 12.42
CA LEU H 326 37.98 -31.29 11.28
C LEU H 326 39.29 -30.58 10.97
N ARG H 327 40.06 -30.18 12.01
CA ARG H 327 41.40 -29.62 11.79
C ARG H 327 42.31 -30.56 11.00
N ALA H 328 42.25 -31.86 11.32
CA ALA H 328 43.08 -32.88 10.67
C ALA H 328 42.62 -33.04 9.22
N SER H 329 41.29 -33.11 9.04
CA SER H 329 40.67 -33.28 7.74
C SER H 329 41.02 -32.12 6.80
N ASN H 330 40.98 -30.90 7.32
CA ASN H 330 41.37 -29.72 6.55
C ASN H 330 42.86 -29.71 6.23
N ALA H 331 43.71 -30.12 7.20
CA ALA H 331 45.15 -30.19 6.97
C ALA H 331 45.49 -31.17 5.84
N MET H 332 44.86 -32.35 5.85
CA MET H 332 45.13 -33.36 4.84
C MET H 332 44.63 -32.93 3.46
N MET H 333 43.43 -32.31 3.43
CA MET H 333 42.88 -31.77 2.19
C MET H 333 43.76 -30.65 1.62
N ASN H 334 44.27 -29.78 2.51
CA ASN H 334 45.22 -28.73 2.15
C ASN H 334 46.48 -29.29 1.51
N ASN H 335 47.13 -30.27 2.17
CA ASN H 335 48.35 -30.89 1.65
C ASN H 335 48.12 -31.55 0.29
N ASN H 336 46.98 -32.26 0.16
CA ASN H 336 46.65 -32.87 -1.13
C ASN H 336 46.37 -31.81 -2.19
N ASP H 337 45.86 -30.63 -1.78
CA ASP H 337 45.63 -29.61 -2.78
C ASP H 337 46.94 -28.96 -3.21
N LEU H 338 47.92 -28.87 -2.28
CA LEU H 338 49.27 -28.47 -2.66
C LEU H 338 49.87 -29.40 -3.70
N VAL H 339 49.60 -30.72 -3.55
CA VAL H 339 49.99 -31.71 -4.55
C VAL H 339 49.33 -31.42 -5.89
N ARG H 340 48.00 -31.20 -5.88
CA ARG H 340 47.21 -30.89 -7.07
C ARG H 340 47.74 -29.65 -7.79
N LYS H 341 47.96 -28.57 -7.03
CA LYS H 341 48.45 -27.30 -7.57
C LYS H 341 49.84 -27.43 -8.17
N ARG H 342 50.72 -28.24 -7.54
CA ARG H 342 52.03 -28.39 -8.17
C ARG H 342 51.97 -29.33 -9.38
N ARG H 343 51.02 -30.27 -9.42
CA ARG H 343 50.80 -31.07 -10.63
C ARG H 343 50.26 -30.20 -11.77
N LEU H 344 49.49 -29.16 -11.42
CA LEU H 344 48.95 -28.23 -12.40
C LEU H 344 49.99 -27.22 -12.87
N ALA H 345 50.87 -26.77 -11.99
CA ALA H 345 51.87 -25.77 -12.37
C ALA H 345 52.96 -26.37 -13.24
N ASP H 346 53.45 -27.57 -12.92
CA ASP H 346 54.44 -28.26 -13.74
C ASP H 346 53.94 -28.72 -15.11
N LEU H 347 52.67 -28.48 -15.48
CA LEU H 347 52.11 -28.89 -16.76
C LEU H 347 52.37 -27.88 -17.87
N THR H 348 53.49 -27.14 -17.81
CA THR H 348 53.91 -26.07 -18.72
C THR H 348 52.85 -24.97 -18.94
PB ADP I . 29.89 -55.88 46.38
O1B ADP I . 29.29 -54.53 46.06
O2B ADP I . 29.14 -56.65 47.43
O3B ADP I . 30.20 -56.72 45.16
PA ADP I . 32.07 -56.09 48.28
O1A ADP I . 32.03 -54.98 49.31
O2A ADP I . 31.55 -57.45 48.68
O3A ADP I . 31.35 -55.52 46.96
O5' ADP I . 33.59 -56.26 47.84
C5' ADP I . 34.39 -57.19 48.55
C4' ADP I . 35.55 -57.66 47.68
O4' ADP I . 36.54 -56.65 47.62
C3' ADP I . 36.21 -58.91 48.23
O3' ADP I . 35.83 -60.05 47.43
C2' ADP I . 37.69 -58.67 48.10
O2' ADP I . 38.21 -59.53 47.09
C1' ADP I . 37.84 -57.22 47.66
N9 ADP I . 38.66 -56.50 48.66
C8 ADP I . 38.26 -56.20 49.91
N7 ADP I . 39.23 -55.53 50.59
C5 ADP I . 40.27 -55.38 49.75
C6 ADP I . 41.61 -54.77 49.82
N6 ADP I . 42.04 -54.16 50.96
N1 ADP I . 42.39 -54.83 48.74
C2 ADP I . 41.98 -55.44 47.60
N3 ADP I . 40.78 -56.01 47.47
C4 ADP I . 39.89 -56.03 48.49
MG MG J . 27.77 -54.23 47.50
PB ADP K . 23.46 -48.89 4.85
O1B ADP K . 23.13 -48.09 3.62
O2B ADP K . 24.92 -49.26 4.99
O3B ADP K . 22.83 -48.38 6.11
PA ADP K . 21.16 -50.47 4.45
O1A ADP K . 20.51 -49.11 4.51
O2A ADP K . 20.90 -51.37 3.26
O3A ADP K . 22.75 -50.32 4.59
O5' ADP K . 20.76 -51.29 5.78
C5' ADP K . 21.70 -51.48 6.83
C4' ADP K . 20.98 -51.88 8.10
O4' ADP K . 19.74 -52.52 7.79
C3' ADP K . 21.78 -52.88 8.93
O3' ADP K . 22.30 -52.22 10.08
C2' ADP K . 20.80 -53.94 9.34
O2' ADP K . 20.74 -54.02 10.76
C1' ADP K . 19.45 -53.47 8.81
N9 ADP K . 18.66 -54.61 8.29
C8 ADP K . 18.98 -55.36 7.23
N7 ADP K . 18.05 -56.32 6.99
C5 ADP K . 17.10 -56.18 7.93
C6 ADP K . 15.83 -56.86 8.27
N6 ADP K . 15.39 -57.91 7.53
N1 ADP K . 15.13 -56.41 9.32
C2 ADP K . 15.56 -55.37 10.06
N3 ADP K . 16.70 -54.71 9.81
C4 ADP K . 17.50 -55.05 8.78
MG MG L . 22.06 -45.61 2.78
PB ADP M . 12.38 -10.71 23.59
O1B ADP M . 11.64 -9.42 23.85
O2B ADP M . 11.99 -11.87 24.48
O3B ADP M . 12.50 -11.09 22.14
PA ADP M . 14.80 -9.29 23.36
O1A ADP M . 14.00 -8.61 22.29
O2A ADP M . 15.46 -8.48 24.44
O3A ADP M . 13.89 -10.40 24.06
O5' ADP M . 15.94 -10.19 22.65
C5' ADP M . 15.82 -11.61 22.59
C4' ADP M . 16.78 -12.15 21.54
O4' ADP M . 17.88 -11.26 21.36
C3' ADP M . 17.37 -13.49 21.93
O3' ADP M . 16.78 -14.53 21.14
C2' ADP M . 18.85 -13.39 21.62
O2' ADP M . 19.23 -14.41 20.69
C1' ADP M . 19.03 -12.02 20.98
N9 ADP M . 20.28 -11.38 21.43
C8 ADP M . 20.53 -10.99 22.69
N7 ADP M . 21.76 -10.41 22.79
C5 ADP M . 22.30 -10.43 21.56
C6 ADP M . 23.58 -9.99 20.96
N6 ADP M . 24.54 -9.40 21.70
N1 ADP M . 23.75 -10.20 19.63
C2 ADP M . 22.81 -10.79 18.88
N3 ADP M . 21.63 -11.21 19.36
C4 ADP M . 21.32 -11.06 20.67
MG MG N . 10.78 -7.92 22.65
PB ADP O . -9.97 -8.34 -14.46
O1B ADP O . -10.56 -7.77 -15.73
O2B ADP O . -8.62 -8.99 -14.63
O3B ADP O . -10.04 -7.42 -13.28
PA ADP O . -12.48 -9.41 -13.73
O1A ADP O . -12.85 -7.96 -13.87
O2A ADP O . -13.25 -10.45 -14.51
O3A ADP O . -10.92 -9.59 -14.10
O5' ADP O . -12.53 -9.82 -12.18
C5' ADP O . -11.31 -10.00 -11.44
C4' ADP O . -11.60 -9.97 -9.96
O4' ADP O . -12.95 -10.35 -9.68
C3' ADP O . -10.71 -10.91 -9.16
O3' ADP O . -9.73 -10.18 -8.43
C2' ADP O . -11.65 -11.62 -8.19
O2' ADP O . -11.21 -11.39 -6.86
C1' ADP O . -13.01 -10.97 -8.41
N9 ADP O . -14.07 -11.99 -8.34
C8 ADP O . -14.24 -13.02 -9.18
N7 ADP O . -15.31 -13.77 -8.85
C5 ADP O . -15.85 -13.23 -7.75
C6 ADP O . -17.01 -13.51 -6.88
N6 ADP O . -17.81 -14.58 -7.12
N1 ADP O . -17.24 -12.68 -5.83
C2 ADP O . -16.44 -11.62 -5.59
N3 ADP O . -15.38 -11.30 -6.34
C4 ADP O . -15.04 -12.05 -7.42
MG MG P . -12.15 -6.05 -16.24
PB ADP Q . -7.67 34.27 -3.30
O1B ADP Q . -8.07 35.72 -3.19
O2B ADP Q . -7.83 33.46 -2.04
O3B ADP Q . -8.17 33.58 -4.54
PA ADP Q . -5.36 35.02 -4.76
O1A ADP Q . -6.42 35.64 -5.63
O2A ADP Q . -4.22 35.85 -4.24
O3A ADP Q . -6.07 34.31 -3.49
O5' ADP Q . -4.73 33.77 -5.54
C5' ADP Q . -5.06 32.43 -5.18
C4' ADP Q . -4.67 31.50 -6.31
O4' ADP Q . -3.62 32.07 -7.08
C3' ADP Q . -4.17 30.15 -5.82
O3' ADP Q . -5.16 29.15 -6.07
C2' ADP Q . -2.93 29.86 -6.65
O2' ADP Q . -3.10 28.64 -7.35
C1' ADP Q . -2.83 31.01 -7.63
N9 ADP Q . -1.42 31.42 -7.81
C8 ADP Q . -0.63 31.95 -6.84
N7 ADP Q . 0.61 32.22 -7.32
C5 ADP Q . 0.62 31.86 -8.61
C6 ADP Q . 1.62 31.89 -9.71
N6 ADP Q . 2.87 32.35 -9.50
N1 ADP Q . 1.23 31.42 -10.92
C2 ADP Q . -0.01 30.97 -11.13
N3 ADP Q . -0.96 30.92 -10.19
C4 ADP Q . -0.71 31.34 -8.93
MG MG R . -9.31 37.04 -4.30
PB ADP S . -42.15 34.59 -31.09
O1B ADP S . -43.12 35.09 -32.12
O2B ADP S . -41.14 33.60 -31.62
O3B ADP S . -41.55 35.66 -30.22
PA ADP S . -44.23 34.31 -29.22
O1A ADP S . -44.38 35.76 -29.55
O2A ADP S . -45.42 33.39 -29.34
O3A ADP S . -43.04 33.68 -30.10
O5' ADP S . -43.67 34.17 -27.72
C5' ADP S . -42.31 33.80 -27.48
C4' ADP S . -41.96 34.15 -26.04
O4' ADP S . -43.14 34.18 -25.23
C3' ADP S . -41.00 33.15 -25.41
O3' ADP S . -39.70 33.73 -25.29
C2' ADP S . -41.57 32.88 -24.03
O2' ADP S . -40.60 33.20 -23.04
C1' ADP S . -42.77 33.80 -23.90
N9 ADP S . -43.90 33.14 -23.21
C8 ADP S . -44.58 32.09 -23.66
N7 ADP S . -45.56 31.71 -22.80
C5 ADP S . -45.49 32.56 -21.75
C6 ADP S . -46.24 32.74 -20.48
N6 ADP S . -47.26 31.91 -20.15
N1 ADP S . -45.86 33.75 -19.67
C2 ADP S . -44.85 34.56 -19.99
N3 ADP S . -44.13 34.46 -21.12
C4 ADP S . -44.41 33.49 -22.02
MG MG T . -43.60 37.14 -32.34
PB ADP U . -29.90 77.05 -32.08
O1B ADP U . -30.00 78.56 -32.10
O2B ADP U . -29.74 76.44 -30.71
O3B ADP U . -30.91 76.35 -32.94
PA ADP U . -28.16 77.12 -34.31
O1A ADP U . -29.35 77.84 -34.90
O2A ADP U . -26.81 77.76 -34.34
O3A ADP U . -28.48 76.74 -32.78
O5' ADP U . -28.04 75.67 -35.00
C5' ADP U . -28.42 74.50 -34.29
C4' ADP U . -28.61 73.33 -35.25
O4' ADP U . -27.82 73.49 -36.42
C3' ADP U . -28.20 72.01 -34.63
O3' ADP U . -29.35 71.23 -34.31
C2' ADP U . -27.38 71.31 -35.70
O2' ADP U . -27.96 70.03 -35.99
C1' ADP U . -27.46 72.20 -36.91
N9 ADP U . -26.14 72.22 -37.59
C8 ADP U . -25.00 72.71 -37.07
N7 ADP U . -23.97 72.59 -37.96
C5 ADP U . -24.45 72.00 -39.06
C6 ADP U . -23.91 71.58 -40.37
N6 ADP U . -22.61 71.76 -40.68
N1 ADP U . -24.76 71.00 -41.25
C2 ADP U . -26.06 70.82 -40.96
N3 ADP U . -26.62 71.18 -39.79
C4 ADP U . -25.89 71.77 -38.82
MG MG V . -30.83 79.34 -33.88
#